data_5ENY
#
_entry.id   5ENY
#
_cell.length_a   63.106
_cell.length_b   112.732
_cell.length_c   211.441
_cell.angle_alpha   104.96
_cell.angle_beta   90.07
_cell.angle_gamma   106.32
#
_symmetry.space_group_name_H-M   'P 1'
#
_entity_poly.entity_id   1
_entity_poly.type   'polypeptide(L)'
_entity_poly.pdbx_seq_one_letter_code
;MGSSHHHHHHSSGLVPRGSSAEETIQYAAAEISASRQYTVAIETLHENLRESIADVLYMEPYEVDIDEAFIDIGMDSITG
LEWIKAVNKQYGTSFTVTRVYDYPTIRDFAEMLKSELGTHLDRKIEHTDSFEAAQQKPAASSHPKPAERPLQPVQHPIKK
EHEKKTVPVLQDRPEDAIAIVGMSGRYPGARNVREYWDNLVHARNAIRDIPTSRWDVDKYYDPVLNKKGKVYCKSMGMLD
DIEHFDPLFFNIPPSEAELMDPQHRIFLQEGYKAFEDAGYNARTLNEKKCGVYLGIMSNEYGVMLNRQSRANATGNSFAI
AAARIPYFLNLKGPAIPIDTACSSSLVGTHLARQALINKEIDMALVGGVSLYLTPESYMSMCEAGMLSPDGQCKAFDNGA
NGFVPGEGAGALVLKRLKDAEADRDHIYGIIIGSGINQDGKTNGITAPSAKSQMDLERDIYETYGIHPESISYVEMHGTG
TKQGDPIELEALSTVFQEKTDKKQFCAIGSVKSNIGHTSAAAGVAGVQKVLLCMNHKTLVPTLNFTTPNEHFEFEHSPLY
VNTELKPWETADGKPRRACVSSFGYSGTNAHIVIEEYQPEKRNDRLTKQHRSALFVLSAKKEKQLKAYAEAMKDFVTSNE
DIDLEDMAYTLQTGREAMDYRMAFLADSREMLIKALDDYLAEMPNGSIFAAHVKTKKSEIKLFETDHDAKALLQTWIEKK
RLEKVAELWVKGLQIDWNKLYGEYTPRRISLPAYPFAEEYYWLP
;
_entity_poly.pdbx_strand_id   A,B,C,D,E,F,G,H
#
# COMPACT_ATOMS: atom_id res chain seq x y z
N ASP A 176 74.64 -44.57 -35.19
CA ASP A 176 75.41 -43.37 -34.73
C ASP A 176 75.06 -42.13 -35.55
N ALA A 177 75.96 -41.74 -36.44
CA ALA A 177 75.79 -40.52 -37.22
C ALA A 177 74.98 -40.81 -38.47
N ILE A 178 74.18 -39.82 -38.88
CA ILE A 178 73.40 -39.94 -40.11
C ILE A 178 73.88 -38.95 -41.16
N ALA A 179 74.30 -39.46 -42.31
CA ALA A 179 74.85 -38.63 -43.38
C ALA A 179 73.73 -38.13 -44.29
N ILE A 180 73.72 -36.82 -44.56
CA ILE A 180 72.82 -36.28 -45.57
C ILE A 180 73.56 -36.27 -46.91
N VAL A 181 73.10 -37.10 -47.84
CA VAL A 181 73.86 -37.37 -49.06
C VAL A 181 73.21 -36.77 -50.31
N GLY A 182 72.01 -36.23 -50.15
CA GLY A 182 71.30 -35.58 -51.24
C GLY A 182 70.33 -34.52 -50.73
N MET A 183 70.14 -33.47 -51.53
CA MET A 183 69.18 -32.44 -51.19
C MET A 183 68.57 -31.79 -52.44
N SER A 184 67.31 -31.38 -52.32
CA SER A 184 66.67 -30.55 -53.33
C SER A 184 65.67 -29.64 -52.63
N GLY A 185 65.58 -28.40 -53.11
CA GLY A 185 64.76 -27.40 -52.44
C GLY A 185 64.08 -26.48 -53.44
N ARG A 186 62.90 -25.99 -53.07
CA ARG A 186 62.16 -25.05 -53.89
C ARG A 186 61.41 -24.07 -53.00
N TYR A 187 61.95 -22.86 -52.87
CA TYR A 187 61.43 -21.89 -51.90
C TYR A 187 61.15 -20.57 -52.61
N PRO A 188 60.46 -19.64 -51.91
CA PRO A 188 60.22 -18.32 -52.49
C PRO A 188 61.49 -17.68 -53.01
N GLY A 189 61.49 -17.29 -54.28
CA GLY A 189 62.63 -16.60 -54.87
C GLY A 189 63.78 -17.52 -55.27
N ALA A 190 63.55 -18.82 -55.14
CA ALA A 190 64.61 -19.81 -55.38
C ALA A 190 64.07 -21.13 -55.94
N ARG A 191 64.36 -21.38 -57.22
CA ARG A 191 63.89 -22.57 -57.90
C ARG A 191 64.71 -23.80 -57.53
N ASN A 192 65.88 -23.57 -56.95
CA ASN A 192 66.72 -24.64 -56.42
C ASN A 192 67.61 -24.14 -55.31
N VAL A 193 68.37 -25.06 -54.70
CA VAL A 193 69.18 -24.74 -53.53
C VAL A 193 70.37 -23.85 -53.85
N ARG A 194 70.76 -23.79 -55.12
CA ARG A 194 71.81 -22.89 -55.57
C ARG A 194 71.38 -21.42 -55.63
N GLU A 195 70.19 -21.17 -56.17
CA GLU A 195 69.55 -19.86 -56.09
C GLU A 195 69.23 -19.47 -54.64
N TYR A 196 68.77 -20.44 -53.86
CA TYR A 196 68.52 -20.29 -52.43
C TYR A 196 69.76 -19.75 -51.72
N TRP A 197 70.88 -20.43 -51.92
CA TRP A 197 72.14 -19.99 -51.36
C TRP A 197 72.51 -18.60 -51.76
N ASP A 198 72.39 -18.30 -53.06
CA ASP A 198 72.71 -16.98 -53.57
C ASP A 198 71.85 -15.91 -52.89
N ASN A 199 70.56 -16.19 -52.74
CA ASN A 199 69.63 -15.27 -52.10
C ASN A 199 69.98 -15.02 -50.64
N LEU A 200 70.44 -16.06 -49.95
CA LEU A 200 70.83 -15.95 -48.55
C LEU A 200 72.08 -15.10 -48.37
N VAL A 201 73.08 -15.37 -49.19
CA VAL A 201 74.33 -14.61 -49.21
C VAL A 201 74.09 -13.12 -49.43
N HIS A 202 73.16 -12.80 -50.33
CA HIS A 202 72.88 -11.42 -50.70
C HIS A 202 71.81 -10.81 -49.85
N ALA A 203 71.40 -11.53 -48.81
CA ALA A 203 70.41 -11.04 -47.85
C ALA A 203 69.10 -10.63 -48.52
N ARG A 204 68.63 -11.45 -49.45
CA ARG A 204 67.44 -11.11 -50.23
C ARG A 204 66.16 -11.55 -49.52
N ASN A 205 65.16 -10.68 -49.51
CA ASN A 205 63.86 -11.03 -48.97
C ASN A 205 62.89 -11.31 -50.12
N ALA A 206 62.25 -12.47 -50.06
CA ALA A 206 61.44 -12.95 -51.18
C ALA A 206 59.96 -12.62 -51.05
N ILE A 207 59.59 -12.00 -49.93
CA ILE A 207 58.18 -11.75 -49.61
C ILE A 207 57.56 -10.70 -50.52
N ARG A 208 56.53 -11.09 -51.25
CA ARG A 208 55.83 -10.17 -52.16
C ARG A 208 54.38 -10.00 -51.75
N ASP A 209 53.75 -8.93 -52.25
CA ASP A 209 52.30 -8.81 -52.22
C ASP A 209 51.65 -9.94 -53.02
N ILE A 210 50.54 -10.45 -52.50
CA ILE A 210 49.79 -11.50 -53.17
C ILE A 210 49.09 -10.98 -54.41
N PRO A 211 49.41 -11.55 -55.59
CA PRO A 211 48.80 -11.09 -56.83
C PRO A 211 47.37 -11.59 -56.99
N THR A 212 46.61 -10.95 -57.86
CA THR A 212 45.22 -11.33 -58.10
C THR A 212 45.12 -12.67 -58.81
N SER A 213 46.19 -13.08 -59.48
CA SER A 213 46.28 -14.40 -60.10
C SER A 213 46.22 -15.52 -59.05
N ARG A 214 46.50 -15.17 -57.80
CA ARG A 214 46.29 -16.08 -56.69
C ARG A 214 44.91 -15.88 -56.06
N TRP A 215 44.75 -14.75 -55.40
CA TRP A 215 43.42 -14.22 -55.08
C TRP A 215 43.44 -12.73 -54.92
N ASP A 216 42.26 -12.12 -54.88
CA ASP A 216 42.13 -10.68 -54.72
C ASP A 216 42.14 -10.32 -53.23
N VAL A 217 43.27 -9.79 -52.77
CA VAL A 217 43.42 -9.37 -51.38
C VAL A 217 42.47 -8.23 -51.00
N ASP A 218 42.09 -7.42 -51.98
CA ASP A 218 41.16 -6.31 -51.76
C ASP A 218 39.78 -6.80 -51.35
N LYS A 219 39.43 -8.00 -51.79
CA LYS A 219 38.14 -8.61 -51.47
C LYS A 219 38.13 -9.26 -50.09
N TYR A 220 39.30 -9.35 -49.46
CA TYR A 220 39.41 -10.00 -48.16
C TYR A 220 40.06 -9.09 -47.14
N TYR A 221 40.71 -8.03 -47.62
CA TYR A 221 41.52 -7.17 -46.75
C TYR A 221 40.65 -6.27 -45.86
N ASP A 222 40.92 -6.36 -44.56
CA ASP A 222 40.52 -5.34 -43.59
C ASP A 222 41.69 -5.11 -42.65
N PRO A 223 42.01 -3.83 -42.35
CA PRO A 223 43.18 -3.54 -41.53
C PRO A 223 43.03 -3.84 -40.03
N VAL A 224 41.81 -4.01 -39.55
CA VAL A 224 41.56 -4.14 -38.12
C VAL A 224 41.79 -5.56 -37.60
N LYS A 230 37.81 -11.91 -42.76
CA LYS A 230 38.68 -10.93 -43.40
C LYS A 230 40.14 -11.23 -43.12
N VAL A 231 41.02 -10.73 -43.97
CA VAL A 231 42.46 -10.87 -43.78
C VAL A 231 43.10 -9.52 -43.50
N TYR A 232 44.11 -9.51 -42.63
CA TYR A 232 44.86 -8.29 -42.36
C TYR A 232 46.30 -8.36 -42.83
N CYS A 233 46.65 -9.45 -43.50
CA CYS A 233 47.93 -9.58 -44.18
C CYS A 233 47.74 -9.76 -45.69
N LYS A 234 48.54 -9.04 -46.47
CA LYS A 234 48.42 -9.07 -47.94
C LYS A 234 49.69 -9.63 -48.59
N SER A 235 50.57 -10.20 -47.78
CA SER A 235 51.89 -10.60 -48.24
C SER A 235 52.10 -12.11 -48.06
N MET A 236 52.99 -12.68 -48.87
CA MET A 236 53.30 -14.10 -48.83
C MET A 236 54.67 -14.37 -49.43
N GLY A 237 55.41 -15.32 -48.86
CA GLY A 237 56.50 -15.94 -49.57
C GLY A 237 55.97 -16.99 -50.53
N MET A 238 55.92 -16.66 -51.83
CA MET A 238 55.25 -17.51 -52.80
C MET A 238 56.21 -18.30 -53.67
N LEU A 239 55.84 -19.54 -53.98
CA LEU A 239 56.48 -20.27 -55.07
C LEU A 239 55.97 -19.78 -56.43
N ASP A 240 56.82 -19.86 -57.44
CA ASP A 240 56.41 -19.62 -58.82
C ASP A 240 55.95 -20.92 -59.47
N ASP A 241 54.98 -20.82 -60.37
CA ASP A 241 54.57 -21.94 -61.21
C ASP A 241 54.20 -23.17 -60.39
N ILE A 242 53.29 -23.01 -59.44
CA ILE A 242 52.83 -24.12 -58.62
C ILE A 242 51.93 -25.07 -59.41
N GLU A 243 51.60 -24.69 -60.65
CA GLU A 243 50.70 -25.48 -61.47
C GLU A 243 51.47 -26.42 -62.40
N HIS A 244 52.78 -26.23 -62.48
CA HIS A 244 53.62 -26.94 -63.43
C HIS A 244 53.95 -28.32 -62.96
N PHE A 245 53.93 -29.28 -63.87
CA PHE A 245 54.14 -30.69 -63.56
C PHE A 245 54.53 -31.44 -64.84
N ASP A 246 55.30 -32.51 -64.69
CA ASP A 246 55.67 -33.36 -65.81
C ASP A 246 55.12 -34.76 -65.63
N PRO A 247 53.80 -34.94 -65.85
CA PRO A 247 53.13 -36.19 -65.50
C PRO A 247 53.64 -37.38 -66.31
N LEU A 248 54.04 -37.14 -67.56
CA LEU A 248 54.53 -38.21 -68.42
C LEU A 248 55.83 -38.83 -67.90
N PHE A 249 56.70 -37.99 -67.35
CA PHE A 249 57.89 -38.48 -66.66
C PHE A 249 57.55 -39.54 -65.62
N PHE A 250 56.45 -39.33 -64.90
CA PHE A 250 56.10 -40.17 -63.76
C PHE A 250 55.07 -41.22 -64.14
N ASN A 251 54.88 -41.44 -65.43
CA ASN A 251 53.90 -42.41 -65.93
C ASN A 251 52.49 -42.12 -65.47
N ILE A 252 52.19 -40.83 -65.33
CA ILE A 252 50.87 -40.34 -64.93
C ILE A 252 50.14 -39.79 -66.15
N PRO A 253 48.92 -40.26 -66.40
CA PRO A 253 48.12 -39.67 -67.46
C PRO A 253 47.85 -38.19 -67.21
N PRO A 254 48.11 -37.34 -68.22
CA PRO A 254 47.88 -35.90 -68.13
C PRO A 254 46.58 -35.50 -67.46
N SER A 255 45.52 -36.26 -67.67
CA SER A 255 44.20 -35.96 -67.11
C SER A 255 44.14 -36.18 -65.61
N GLU A 256 44.93 -37.14 -65.11
CA GLU A 256 45.02 -37.37 -63.68
C GLU A 256 45.77 -36.25 -62.97
N ALA A 257 46.65 -35.57 -63.70
CA ALA A 257 47.45 -34.48 -63.16
C ALA A 257 46.60 -33.33 -62.65
N GLU A 258 45.51 -33.04 -63.35
CA GLU A 258 44.58 -32.00 -62.93
C GLU A 258 43.93 -32.32 -61.59
N LEU A 259 43.83 -33.60 -61.27
CA LEU A 259 43.11 -34.04 -60.08
C LEU A 259 44.07 -34.20 -58.89
N MET A 260 45.37 -34.00 -59.15
CA MET A 260 46.39 -34.14 -58.11
C MET A 260 46.61 -32.81 -57.40
N ASP A 261 46.56 -32.84 -56.08
CA ASP A 261 47.06 -31.74 -55.26
C ASP A 261 48.45 -31.33 -55.75
N PRO A 262 48.66 -30.03 -56.01
CA PRO A 262 49.97 -29.56 -56.46
C PRO A 262 51.07 -29.75 -55.41
N GLN A 263 50.68 -29.86 -54.15
CA GLN A 263 51.62 -30.27 -53.11
C GLN A 263 52.24 -31.64 -53.40
N HIS A 264 51.41 -32.59 -53.84
CA HIS A 264 51.88 -33.91 -54.23
C HIS A 264 52.79 -33.86 -55.42
N ARG A 265 52.36 -33.13 -56.45
CA ARG A 265 53.10 -33.01 -57.71
C ARG A 265 54.46 -32.38 -57.46
N ILE A 266 54.47 -31.28 -56.70
CA ILE A 266 55.69 -30.54 -56.41
C ILE A 266 56.70 -31.36 -55.60
N PHE A 267 56.21 -32.06 -54.58
CA PHE A 267 57.10 -32.93 -53.80
C PHE A 267 57.60 -34.09 -54.64
N LEU A 268 56.70 -34.70 -55.42
CA LEU A 268 57.07 -35.78 -56.31
C LEU A 268 58.27 -35.40 -57.16
N GLN A 269 58.31 -34.15 -57.60
CA GLN A 269 59.43 -33.63 -58.36
C GLN A 269 60.66 -33.41 -57.49
N GLU A 270 60.48 -32.69 -56.39
CA GLU A 270 61.58 -32.31 -55.51
C GLU A 270 62.24 -33.52 -54.84
N GLY A 271 61.43 -34.42 -54.30
CA GLY A 271 61.94 -35.72 -53.87
C GLY A 271 62.79 -36.41 -54.92
N TYR A 272 62.27 -36.53 -56.13
CA TYR A 272 62.96 -37.26 -57.18
C TYR A 272 64.33 -36.64 -57.44
N LYS A 273 64.36 -35.31 -57.44
CA LYS A 273 65.60 -34.57 -57.69
C LYS A 273 66.62 -34.71 -56.57
N ALA A 274 66.14 -34.82 -55.33
CA ALA A 274 67.01 -35.08 -54.19
C ALA A 274 67.84 -36.36 -54.37
N PHE A 275 67.17 -37.42 -54.81
CA PHE A 275 67.84 -38.66 -55.18
C PHE A 275 68.89 -38.41 -56.26
N GLU A 276 68.52 -37.67 -57.30
CA GLU A 276 69.43 -37.38 -58.39
C GLU A 276 70.61 -36.52 -57.93
N ASP A 277 70.34 -35.60 -57.01
CA ASP A 277 71.39 -34.80 -56.41
C ASP A 277 72.43 -35.71 -55.76
N ALA A 278 71.95 -36.74 -55.07
CA ALA A 278 72.82 -37.70 -54.40
C ALA A 278 73.61 -38.56 -55.39
N GLY A 279 73.06 -38.69 -56.60
CA GLY A 279 73.68 -39.53 -57.63
C GLY A 279 73.06 -40.91 -57.71
N TYR A 280 71.79 -41.02 -57.31
CA TYR A 280 71.04 -42.27 -57.40
C TYR A 280 69.96 -42.15 -58.48
N ASN A 281 69.69 -43.26 -59.15
CA ASN A 281 68.70 -43.28 -60.23
C ASN A 281 67.74 -44.46 -60.11
N ALA A 282 66.77 -44.51 -61.01
CA ALA A 282 65.69 -45.48 -60.93
C ALA A 282 66.22 -46.89 -60.75
N ARG A 283 67.25 -47.22 -61.54
CA ARG A 283 67.90 -48.52 -61.47
C ARG A 283 68.48 -48.78 -60.08
N THR A 284 69.20 -47.81 -59.55
CA THR A 284 69.96 -48.04 -58.32
C THR A 284 69.09 -47.94 -57.08
N LEU A 285 67.86 -47.44 -57.26
CA LEU A 285 66.94 -47.32 -56.13
C LEU A 285 65.92 -48.45 -56.08
N ASN A 286 65.75 -49.14 -57.21
CA ASN A 286 64.80 -50.24 -57.30
C ASN A 286 64.92 -51.23 -56.15
N GLU A 287 63.82 -51.43 -55.43
CA GLU A 287 63.77 -52.38 -54.33
C GLU A 287 64.57 -51.97 -53.09
N LYS A 288 65.14 -50.78 -53.09
CA LYS A 288 65.85 -50.27 -51.93
C LYS A 288 64.91 -50.11 -50.74
N LYS A 289 65.39 -50.48 -49.55
CA LYS A 289 64.65 -50.25 -48.32
C LYS A 289 64.73 -48.79 -47.90
N CYS A 290 64.16 -47.92 -48.71
CA CYS A 290 64.15 -46.48 -48.45
C CYS A 290 62.82 -46.02 -47.87
N GLY A 291 62.85 -45.50 -46.66
CA GLY A 291 61.69 -44.89 -46.05
C GLY A 291 61.40 -43.51 -46.62
N VAL A 292 60.14 -43.13 -46.64
CA VAL A 292 59.75 -41.79 -47.07
C VAL A 292 58.94 -41.11 -45.98
N TYR A 293 59.44 -39.98 -45.49
CA TYR A 293 58.78 -39.27 -44.40
C TYR A 293 58.46 -37.84 -44.82
N LEU A 294 57.19 -37.58 -45.11
CA LEU A 294 56.78 -36.34 -45.75
C LEU A 294 55.97 -35.44 -44.82
N GLY A 295 56.49 -34.25 -44.54
CA GLY A 295 55.74 -33.23 -43.81
C GLY A 295 54.71 -32.56 -44.71
N ILE A 296 53.46 -32.60 -44.28
CA ILE A 296 52.34 -32.04 -45.04
C ILE A 296 51.19 -31.77 -44.08
N MET A 297 50.51 -30.63 -44.24
CA MET A 297 49.55 -30.18 -43.23
C MET A 297 48.27 -29.56 -43.76
N SER A 298 48.06 -29.58 -45.07
CA SER A 298 46.91 -28.92 -45.67
C SER A 298 46.30 -29.69 -46.84
N ASN A 299 45.01 -29.44 -47.11
CA ASN A 299 44.24 -30.21 -48.09
C ASN A 299 43.58 -29.37 -49.17
N GLU A 300 43.95 -28.09 -49.26
CA GLU A 300 43.17 -27.09 -49.98
C GLU A 300 42.66 -27.54 -51.34
N TYR A 301 43.54 -28.12 -52.15
CA TYR A 301 43.22 -28.51 -53.51
C TYR A 301 42.13 -29.58 -53.57
N GLY A 302 42.25 -30.59 -52.71
CA GLY A 302 41.23 -31.63 -52.58
C GLY A 302 39.85 -31.06 -52.32
N VAL A 303 39.78 -30.10 -51.40
CA VAL A 303 38.54 -29.41 -51.06
C VAL A 303 38.00 -28.62 -52.25
N MET A 304 38.88 -27.82 -52.86
CA MET A 304 38.54 -27.08 -54.06
C MET A 304 37.87 -27.95 -55.11
N LEU A 305 38.36 -29.18 -55.26
CA LEU A 305 37.83 -30.13 -56.23
C LEU A 305 36.37 -30.50 -55.97
N ASN A 306 35.99 -30.50 -54.70
CA ASN A 306 34.62 -30.78 -54.29
C ASN A 306 33.82 -29.51 -53.98
N GLY A 315 42.48 -39.95 -53.86
CA GLY A 315 43.71 -39.63 -54.57
C GLY A 315 44.58 -38.64 -53.82
N ASN A 316 43.94 -37.76 -53.05
CA ASN A 316 44.62 -36.61 -52.43
C ASN A 316 44.74 -36.70 -50.91
N SER A 317 44.76 -37.91 -50.38
CA SER A 317 45.04 -38.14 -48.98
C SER A 317 46.53 -37.97 -48.65
N PHE A 318 46.84 -37.60 -47.42
CA PHE A 318 48.23 -37.53 -46.95
C PHE A 318 48.95 -38.85 -47.19
N ALA A 319 48.23 -39.95 -47.01
CA ALA A 319 48.80 -41.28 -47.18
C ALA A 319 49.33 -41.51 -48.59
N ILE A 320 48.58 -41.00 -49.58
CA ILE A 320 48.96 -41.16 -50.98
C ILE A 320 50.08 -40.20 -51.40
N ALA A 321 50.06 -38.99 -50.84
CA ALA A 321 51.14 -38.03 -51.03
C ALA A 321 52.50 -38.62 -50.73
N ALA A 322 52.62 -39.30 -49.59
CA ALA A 322 53.87 -39.89 -49.16
C ALA A 322 54.26 -41.08 -50.03
N ALA A 323 53.25 -41.70 -50.64
CA ALA A 323 53.38 -43.00 -51.30
C ALA A 323 53.67 -42.88 -52.80
N ARG A 324 53.56 -41.67 -53.33
CA ARG A 324 53.86 -41.43 -54.74
C ARG A 324 55.26 -41.92 -55.12
N ILE A 325 56.25 -41.41 -54.40
CA ILE A 325 57.66 -41.68 -54.70
C ILE A 325 58.02 -43.15 -54.56
N PRO A 326 57.62 -43.79 -53.45
CA PRO A 326 57.82 -45.23 -53.34
C PRO A 326 57.20 -46.00 -54.50
N TYR A 327 55.99 -45.61 -54.89
CA TYR A 327 55.28 -46.27 -55.98
C TYR A 327 56.03 -46.12 -57.30
N PHE A 328 56.56 -44.92 -57.54
CA PHE A 328 57.26 -44.64 -58.79
C PHE A 328 58.59 -45.37 -58.86
N LEU A 329 59.32 -45.37 -57.75
CA LEU A 329 60.71 -45.83 -57.74
C LEU A 329 60.83 -47.25 -57.18
N ASN A 330 59.71 -47.81 -56.76
CA ASN A 330 59.69 -49.16 -56.21
C ASN A 330 60.54 -49.27 -54.94
N LEU A 331 60.38 -48.29 -54.05
CA LEU A 331 61.01 -48.33 -52.74
C LEU A 331 60.20 -49.19 -51.78
N LYS A 332 60.84 -49.71 -50.74
CA LYS A 332 60.22 -50.73 -49.92
C LYS A 332 60.15 -50.34 -48.44
N GLY A 333 60.76 -49.21 -48.11
CA GLY A 333 60.67 -48.67 -46.76
C GLY A 333 59.33 -48.01 -46.53
N PRO A 334 58.90 -47.89 -45.27
CA PRO A 334 57.58 -47.37 -44.98
C PRO A 334 57.41 -45.97 -45.54
N ALA A 335 56.19 -45.66 -45.98
CA ALA A 335 55.85 -44.33 -46.49
C ALA A 335 54.81 -43.66 -45.59
N ILE A 336 55.25 -42.66 -44.83
CA ILE A 336 54.43 -42.07 -43.78
C ILE A 336 54.36 -40.55 -43.92
N PRO A 337 53.14 -40.00 -44.00
CA PRO A 337 52.99 -38.55 -43.90
C PRO A 337 52.99 -38.07 -42.46
N ILE A 338 53.64 -36.95 -42.19
CA ILE A 338 53.71 -36.38 -40.85
C ILE A 338 53.03 -35.03 -40.82
N ASP A 339 51.90 -34.93 -40.11
CA ASP A 339 51.29 -33.63 -39.85
C ASP A 339 51.39 -33.25 -38.38
N THR A 340 52.49 -32.61 -38.00
CA THR A 340 52.57 -31.93 -36.71
C THR A 340 52.67 -30.43 -36.92
N ALA A 341 51.92 -29.94 -37.90
CA ALA A 341 52.02 -28.54 -38.32
C ALA A 341 53.45 -28.18 -38.77
N CYS A 342 53.99 -27.12 -38.16
CA CYS A 342 55.22 -26.52 -38.64
C CYS A 342 56.49 -27.29 -38.26
N SER A 343 56.36 -28.26 -37.38
CA SER A 343 57.49 -29.11 -37.03
C SER A 343 57.57 -30.36 -37.90
N SER A 344 56.67 -30.45 -38.87
CA SER A 344 56.42 -31.70 -39.58
C SER A 344 57.66 -32.34 -40.20
N SER A 345 58.39 -31.59 -41.00
CA SER A 345 59.55 -32.14 -41.70
C SER A 345 60.70 -32.51 -40.77
N LEU A 346 60.81 -31.81 -39.64
CA LEU A 346 61.86 -32.11 -38.67
C LEU A 346 61.53 -33.32 -37.80
N VAL A 347 60.25 -33.49 -37.48
CA VAL A 347 59.80 -34.72 -36.83
C VAL A 347 60.05 -35.92 -37.75
N GLY A 348 59.74 -35.76 -39.03
CA GLY A 348 60.03 -36.79 -40.03
C GLY A 348 61.50 -37.13 -40.06
N THR A 349 62.34 -36.11 -39.92
CA THR A 349 63.78 -36.31 -39.90
C THR A 349 64.21 -37.16 -38.71
N HIS A 350 63.60 -36.90 -37.56
CA HIS A 350 63.91 -37.65 -36.35
C HIS A 350 63.53 -39.09 -36.51
N LEU A 351 62.36 -39.33 -37.09
CA LEU A 351 61.84 -40.68 -37.24
C LEU A 351 62.66 -41.48 -38.25
N ALA A 352 63.05 -40.83 -39.34
CA ALA A 352 63.93 -41.45 -40.33
C ALA A 352 65.27 -41.81 -39.70
N ARG A 353 65.78 -40.92 -38.86
CA ARG A 353 67.05 -41.12 -38.18
C ARG A 353 67.00 -42.36 -37.29
N GLN A 354 65.93 -42.48 -36.52
CA GLN A 354 65.78 -43.61 -35.60
C GLN A 354 65.60 -44.94 -36.33
N ALA A 355 64.92 -44.91 -37.47
CA ALA A 355 64.77 -46.09 -38.30
C ALA A 355 66.10 -46.52 -38.91
N LEU A 356 66.87 -45.54 -39.36
CA LEU A 356 68.19 -45.79 -39.91
C LEU A 356 69.13 -46.36 -38.87
N ILE A 357 69.13 -45.78 -37.67
CA ILE A 357 69.96 -46.26 -36.59
C ILE A 357 69.58 -47.68 -36.15
N ASN A 358 68.28 -47.99 -36.16
CA ASN A 358 67.81 -49.31 -35.80
C ASN A 358 67.86 -50.31 -36.95
N LYS A 359 68.39 -49.86 -38.08
CA LYS A 359 68.63 -50.72 -39.23
C LYS A 359 67.33 -51.25 -39.84
N GLU A 360 66.22 -50.54 -39.62
CA GLU A 360 64.95 -50.91 -40.22
C GLU A 360 64.88 -50.51 -41.69
N ILE A 361 65.53 -49.41 -42.02
CA ILE A 361 65.69 -48.98 -43.40
C ILE A 361 67.18 -48.77 -43.69
N ASP A 362 67.52 -48.63 -44.97
CA ASP A 362 68.90 -48.42 -45.39
C ASP A 362 69.10 -47.03 -45.97
N MET A 363 67.97 -46.36 -46.24
CA MET A 363 67.98 -45.01 -46.78
C MET A 363 66.67 -44.34 -46.38
N ALA A 364 66.68 -43.02 -46.27
CA ALA A 364 65.45 -42.27 -46.05
C ALA A 364 65.36 -41.05 -46.97
N LEU A 365 64.18 -40.82 -47.52
CA LEU A 365 63.85 -39.52 -48.09
C LEU A 365 62.94 -38.77 -47.14
N VAL A 366 63.45 -37.69 -46.55
CA VAL A 366 62.65 -36.86 -45.66
C VAL A 366 62.40 -35.50 -46.29
N GLY A 367 61.22 -34.94 -46.03
CA GLY A 367 60.82 -33.71 -46.70
C GLY A 367 59.61 -33.03 -46.09
N GLY A 368 59.22 -31.92 -46.70
CA GLY A 368 57.98 -31.22 -46.36
C GLY A 368 57.55 -30.35 -47.52
N VAL A 369 56.24 -30.11 -47.59
CA VAL A 369 55.67 -29.28 -48.65
C VAL A 369 54.50 -28.49 -48.08
N SER A 370 54.47 -27.19 -48.37
CA SER A 370 53.33 -26.36 -47.99
C SER A 370 53.00 -25.33 -49.07
N LEU A 371 51.74 -25.29 -49.46
CA LEU A 371 51.23 -24.21 -50.30
C LEU A 371 50.08 -23.51 -49.58
N TYR A 372 49.84 -22.26 -49.95
CA TYR A 372 48.69 -21.52 -49.47
C TYR A 372 47.78 -21.11 -50.61
N LEU A 373 46.77 -21.92 -50.89
CA LEU A 373 46.05 -21.85 -52.16
C LEU A 373 44.80 -20.98 -52.06
N THR A 374 44.26 -20.86 -50.85
CA THR A 374 42.99 -20.15 -50.69
C THR A 374 43.11 -18.96 -49.74
N PRO A 375 42.25 -17.95 -49.92
CA PRO A 375 42.17 -16.88 -48.93
C PRO A 375 41.76 -17.40 -47.56
N GLU A 376 41.00 -18.49 -47.52
CA GLU A 376 40.46 -19.03 -46.28
C GLU A 376 41.54 -19.56 -45.35
N SER A 377 42.50 -20.30 -45.91
CA SER A 377 43.48 -21.01 -45.11
C SER A 377 44.72 -20.22 -44.69
N TYR A 378 45.39 -19.63 -45.68
CA TYR A 378 46.37 -18.57 -45.42
C TYR A 378 45.77 -17.59 -44.43
N MET A 379 44.46 -17.38 -44.55
CA MET A 379 43.76 -16.34 -43.82
C MET A 379 44.01 -16.47 -42.31
N SER A 380 43.66 -17.62 -41.74
CA SER A 380 43.51 -17.69 -40.30
C SER A 380 44.68 -16.87 -39.75
N MET A 381 44.31 -15.77 -39.10
CA MET A 381 45.22 -14.68 -38.83
C MET A 381 45.84 -14.98 -37.47
N ALA A 384 42.95 -15.78 -35.82
CA ALA A 384 43.62 -16.44 -34.70
C ALA A 384 44.76 -15.57 -34.17
N GLY A 385 45.04 -14.49 -34.89
CA GLY A 385 46.02 -13.51 -34.45
C GLY A 385 47.46 -13.85 -34.80
N MET A 386 47.65 -14.79 -35.72
CA MET A 386 48.95 -15.36 -35.99
C MET A 386 49.83 -14.51 -36.88
N LEU A 387 49.22 -13.79 -37.82
CA LEU A 387 49.96 -13.14 -38.89
C LEU A 387 50.43 -11.73 -38.54
N SER A 388 51.49 -11.28 -39.20
CA SER A 388 51.96 -9.90 -39.09
C SER A 388 51.21 -9.01 -40.08
N PRO A 389 50.74 -7.84 -39.61
CA PRO A 389 50.12 -6.88 -40.51
C PRO A 389 51.12 -6.23 -41.46
N ASP A 390 52.40 -6.30 -41.12
CA ASP A 390 53.47 -5.75 -41.95
C ASP A 390 54.01 -6.77 -42.95
N GLY A 391 53.57 -8.01 -42.81
CA GLY A 391 53.93 -9.07 -43.74
C GLY A 391 55.39 -9.50 -43.68
N GLN A 392 55.99 -9.34 -42.50
CA GLN A 392 57.37 -9.80 -42.32
C GLN A 392 57.50 -10.61 -41.04
N CYS A 393 58.33 -11.66 -41.10
CA CYS A 393 58.78 -12.33 -39.90
C CYS A 393 59.98 -11.60 -39.29
N LYS A 394 59.69 -10.77 -38.29
CA LYS A 394 60.72 -9.96 -37.63
C LYS A 394 61.40 -10.72 -36.49
N ALA A 395 62.11 -11.79 -36.85
CA ALA A 395 62.67 -12.69 -35.86
C ALA A 395 63.64 -11.98 -34.90
N PHE A 396 63.40 -12.15 -33.60
CA PHE A 396 64.28 -11.64 -32.57
C PHE A 396 64.14 -10.15 -32.30
N ASP A 397 63.35 -9.48 -33.13
CA ASP A 397 63.21 -8.02 -33.11
C ASP A 397 62.07 -7.61 -32.17
N ASN A 398 62.21 -6.44 -31.54
CA ASN A 398 61.21 -5.98 -30.60
C ASN A 398 59.86 -5.68 -31.26
N GLY A 399 59.88 -5.42 -32.56
CA GLY A 399 58.68 -5.12 -33.32
C GLY A 399 58.04 -6.35 -33.94
N ALA A 400 58.50 -7.52 -33.50
CA ALA A 400 57.89 -8.79 -33.88
C ALA A 400 56.39 -8.76 -33.57
N ASN A 401 55.58 -9.12 -34.57
CA ASN A 401 54.12 -9.06 -34.42
C ASN A 401 53.38 -10.14 -35.20
N GLY A 402 54.01 -11.30 -35.37
CA GLY A 402 53.44 -12.40 -36.13
C GLY A 402 54.26 -12.77 -37.34
N PHE A 403 53.92 -13.89 -37.96
CA PHE A 403 54.63 -14.36 -39.15
C PHE A 403 53.90 -14.09 -40.45
N VAL A 404 54.64 -14.11 -41.56
CA VAL A 404 54.03 -14.09 -42.88
C VAL A 404 54.13 -15.49 -43.48
N PRO A 405 52.99 -16.01 -43.98
CA PRO A 405 52.98 -17.35 -44.55
C PRO A 405 53.89 -17.49 -45.76
N GLY A 406 54.51 -18.66 -45.89
CA GLY A 406 55.41 -18.94 -47.00
C GLY A 406 55.14 -20.32 -47.56
N GLU A 407 55.45 -20.50 -48.84
CA GLU A 407 55.35 -21.81 -49.47
C GLU A 407 56.75 -22.36 -49.70
N GLY A 408 56.88 -23.69 -49.73
CA GLY A 408 58.17 -24.32 -49.96
C GLY A 408 58.02 -25.82 -50.07
N ALA A 409 58.92 -26.44 -50.82
CA ALA A 409 59.04 -27.90 -50.85
C ALA A 409 60.52 -28.26 -50.82
N GLY A 410 60.89 -29.12 -49.88
CA GLY A 410 62.28 -29.53 -49.72
C GLY A 410 62.44 -31.00 -49.39
N ALA A 411 63.55 -31.59 -49.82
CA ALA A 411 63.82 -33.00 -49.55
C ALA A 411 65.28 -33.22 -49.19
N LEU A 412 65.52 -34.19 -48.31
CA LEU A 412 66.88 -34.65 -48.02
C LEU A 412 66.95 -36.17 -48.20
N VAL A 413 68.11 -36.65 -48.60
CA VAL A 413 68.37 -38.09 -48.62
C VAL A 413 69.34 -38.46 -47.50
N LEU A 414 68.91 -39.37 -46.64
CA LEU A 414 69.70 -39.71 -45.46
C LEU A 414 70.23 -41.14 -45.57
N LYS A 415 71.43 -41.36 -45.06
CA LYS A 415 71.95 -42.71 -44.85
C LYS A 415 72.73 -42.77 -43.55
N ARG A 416 72.96 -43.98 -43.05
CA ARG A 416 73.96 -44.19 -42.01
C ARG A 416 75.33 -43.76 -42.54
N LEU A 417 76.10 -43.08 -41.71
CA LEU A 417 77.36 -42.48 -42.13
C LEU A 417 78.32 -43.54 -42.68
N LYS A 418 78.38 -44.67 -41.98
CA LYS A 418 79.25 -45.78 -42.37
C LYS A 418 78.94 -46.26 -43.78
N ASP A 419 77.65 -46.31 -44.10
CA ASP A 419 77.21 -46.73 -45.43
C ASP A 419 77.54 -45.66 -46.47
N ALA A 420 77.32 -44.41 -46.11
CA ALA A 420 77.61 -43.28 -47.00
C ALA A 420 79.09 -43.26 -47.39
N GLU A 421 79.95 -43.65 -46.46
CA GLU A 421 81.38 -43.64 -46.68
C GLU A 421 81.85 -44.82 -47.52
N ALA A 422 81.30 -45.99 -47.23
CA ALA A 422 81.59 -47.19 -48.02
C ALA A 422 81.06 -47.07 -49.45
N ASP A 423 79.94 -46.37 -49.62
CA ASP A 423 79.33 -46.22 -50.94
C ASP A 423 79.87 -45.02 -51.69
N ARG A 424 80.77 -44.26 -51.05
CA ARG A 424 81.43 -43.13 -51.69
C ARG A 424 80.45 -42.05 -52.10
N ASP A 425 79.36 -41.92 -51.35
CA ASP A 425 78.44 -40.79 -51.51
C ASP A 425 79.16 -39.48 -51.25
N HIS A 426 78.67 -38.40 -51.84
CA HIS A 426 79.05 -37.06 -51.37
C HIS A 426 78.18 -36.64 -50.23
N ILE A 427 78.81 -36.10 -49.19
CA ILE A 427 78.14 -35.89 -47.90
C ILE A 427 78.11 -34.41 -47.51
N TYR A 428 76.91 -33.88 -47.32
CA TYR A 428 76.72 -32.45 -47.02
C TYR A 428 77.03 -32.16 -45.57
N GLY A 429 76.84 -33.15 -44.72
CA GLY A 429 76.85 -32.96 -43.27
C GLY A 429 76.30 -34.19 -42.56
N ILE A 430 76.40 -34.20 -41.24
CA ILE A 430 75.90 -35.33 -40.46
C ILE A 430 75.03 -34.90 -39.28
N ILE A 431 73.94 -35.63 -39.08
CA ILE A 431 73.07 -35.44 -37.92
C ILE A 431 73.60 -36.28 -36.76
N ILE A 432 73.94 -35.60 -35.68
CA ILE A 432 74.59 -36.23 -34.53
C ILE A 432 73.70 -36.24 -33.29
N GLY A 433 72.53 -35.60 -33.41
CA GLY A 433 71.52 -35.66 -32.36
C GLY A 433 70.18 -35.12 -32.82
N SER A 434 69.10 -35.72 -32.32
CA SER A 434 67.76 -35.23 -32.59
C SER A 434 66.79 -35.70 -31.51
N GLY A 435 65.73 -34.93 -31.29
CA GLY A 435 64.69 -35.29 -30.33
C GLY A 435 63.39 -34.55 -30.60
N ILE A 436 62.29 -35.15 -30.18
CA ILE A 436 60.98 -34.51 -30.30
C ILE A 436 60.24 -34.66 -28.98
N ASN A 437 59.44 -33.65 -28.64
CA ASN A 437 58.54 -33.72 -27.49
C ASN A 437 57.29 -32.87 -27.62
N GLN A 438 56.51 -32.77 -26.55
CA GLN A 438 55.27 -32.00 -26.54
C GLN A 438 55.31 -30.84 -25.55
N ASP A 439 54.60 -29.77 -25.89
CA ASP A 439 54.36 -28.66 -24.98
C ASP A 439 53.50 -29.11 -23.81
N GLY A 440 52.56 -30.01 -24.07
CA GLY A 440 51.58 -30.42 -23.08
C GLY A 440 50.57 -29.32 -22.80
N LYS A 441 50.23 -29.15 -21.53
CA LYS A 441 49.26 -28.14 -21.12
C LYS A 441 49.92 -26.75 -21.15
N THR A 442 49.50 -25.94 -22.10
CA THR A 442 49.92 -24.54 -22.16
C THR A 442 48.71 -23.64 -21.94
N ASN A 443 48.97 -22.33 -21.96
CA ASN A 443 47.90 -21.34 -21.99
C ASN A 443 47.38 -21.13 -23.41
N GLY A 444 46.44 -21.97 -23.83
CA GLY A 444 45.97 -22.00 -25.21
C GLY A 444 46.75 -23.07 -25.95
N ILE A 445 46.05 -23.92 -26.71
CA ILE A 445 46.72 -25.08 -27.27
C ILE A 445 47.80 -24.70 -28.28
N THR A 446 47.80 -23.43 -28.68
CA THR A 446 48.74 -22.94 -29.68
C THR A 446 49.87 -22.13 -29.06
N ALA A 447 49.85 -21.96 -27.74
CA ALA A 447 50.92 -21.27 -27.04
C ALA A 447 52.12 -22.19 -26.84
N PRO A 448 53.32 -21.62 -26.78
CA PRO A 448 54.53 -22.42 -26.58
C PRO A 448 54.83 -22.63 -25.09
N SER A 449 55.67 -23.62 -24.80
CA SER A 449 56.10 -23.87 -23.43
C SER A 449 57.62 -23.73 -23.31
N ALA A 450 58.04 -22.76 -22.50
CA ALA A 450 59.46 -22.56 -22.21
C ALA A 450 60.08 -23.84 -21.65
N LYS A 451 59.37 -24.46 -20.71
CA LYS A 451 59.88 -25.65 -20.03
C LYS A 451 60.10 -26.81 -21.00
N SER A 452 59.17 -27.01 -21.92
CA SER A 452 59.26 -28.09 -22.89
C SER A 452 60.43 -27.92 -23.85
N GLN A 453 60.61 -26.69 -24.34
CA GLN A 453 61.72 -26.38 -25.22
C GLN A 453 63.06 -26.61 -24.52
N MET A 454 63.15 -26.20 -23.26
CA MET A 454 64.37 -26.40 -22.48
C MET A 454 64.67 -27.88 -22.27
N ASP A 455 63.64 -28.62 -21.87
CA ASP A 455 63.77 -30.07 -21.70
C ASP A 455 64.22 -30.75 -23.00
N LEU A 456 63.54 -30.42 -24.09
CA LEU A 456 63.87 -30.97 -25.40
C LEU A 456 65.36 -30.82 -25.71
N GLU A 457 65.85 -29.59 -25.59
CA GLU A 457 67.22 -29.26 -25.95
C GLU A 457 68.23 -29.87 -24.97
N ARG A 458 67.93 -29.78 -23.69
CA ARG A 458 68.80 -30.33 -22.65
C ARG A 458 68.94 -31.83 -22.80
N ASP A 459 67.82 -32.51 -23.00
CA ASP A 459 67.80 -33.97 -23.13
C ASP A 459 68.59 -34.46 -24.34
N ILE A 460 68.45 -33.75 -25.46
CA ILE A 460 69.22 -34.05 -26.67
C ILE A 460 70.72 -33.94 -26.41
N TYR A 461 71.14 -32.81 -25.85
CA TYR A 461 72.54 -32.56 -25.59
C TYR A 461 73.14 -33.58 -24.62
N GLU A 462 72.38 -33.93 -23.59
CA GLU A 462 72.86 -34.89 -22.59
C GLU A 462 72.92 -36.31 -23.16
N THR A 463 71.87 -36.71 -23.87
CA THR A 463 71.82 -38.05 -24.45
C THR A 463 72.98 -38.29 -25.40
N TYR A 464 73.31 -37.29 -26.20
CA TYR A 464 74.25 -37.48 -27.29
C TYR A 464 75.62 -36.89 -27.00
N GLY A 465 75.80 -36.43 -25.77
CA GLY A 465 77.08 -35.88 -25.32
C GLY A 465 77.52 -34.67 -26.11
N ILE A 466 76.60 -33.73 -26.32
CA ILE A 466 76.88 -32.52 -27.06
C ILE A 466 76.96 -31.32 -26.11
N HIS A 467 78.12 -30.67 -26.08
CA HIS A 467 78.31 -29.51 -25.23
C HIS A 467 77.92 -28.25 -25.95
N PRO A 468 77.12 -27.40 -25.29
CA PRO A 468 76.65 -26.17 -25.92
C PRO A 468 77.76 -25.28 -26.47
N GLU A 469 78.94 -25.34 -25.86
CA GLU A 469 80.09 -24.55 -26.31
C GLU A 469 80.53 -24.96 -27.71
N SER A 470 80.21 -26.18 -28.11
CA SER A 470 80.61 -26.71 -29.41
C SER A 470 79.73 -26.21 -30.54
N ILE A 471 78.62 -25.57 -30.18
CA ILE A 471 77.65 -25.08 -31.15
C ILE A 471 77.85 -23.60 -31.45
N SER A 472 77.89 -23.26 -32.74
CA SER A 472 78.21 -21.91 -33.15
C SER A 472 77.11 -21.22 -33.96
N TYR A 473 76.11 -21.98 -34.41
CA TYR A 473 74.94 -21.39 -35.04
C TYR A 473 73.69 -22.19 -34.72
N VAL A 474 72.58 -21.49 -34.47
CA VAL A 474 71.28 -22.13 -34.32
C VAL A 474 70.28 -21.51 -35.29
N GLU A 475 69.69 -22.33 -36.15
CA GLU A 475 68.56 -21.88 -36.96
C GLU A 475 67.27 -21.98 -36.14
N MET A 476 66.85 -20.87 -35.57
CA MET A 476 65.68 -20.83 -34.70
C MET A 476 64.39 -21.10 -35.45
N HIS A 477 63.36 -21.53 -34.72
CA HIS A 477 61.99 -21.52 -35.20
C HIS A 477 61.63 -20.12 -35.59
N GLY A 478 61.95 -19.17 -34.71
CA GLY A 478 62.08 -17.77 -35.08
C GLY A 478 61.02 -17.27 -36.05
N THR A 479 59.77 -17.36 -35.63
CA THR A 479 58.64 -17.04 -36.48
C THR A 479 58.25 -15.56 -36.41
N GLY A 480 58.85 -14.84 -35.47
CA GLY A 480 58.59 -13.41 -35.32
C GLY A 480 57.26 -13.10 -34.67
N THR A 481 56.81 -13.99 -33.79
CA THR A 481 55.64 -13.72 -32.95
C THR A 481 56.09 -13.13 -31.62
N LYS A 482 55.29 -12.21 -31.09
CA LYS A 482 55.71 -11.38 -29.97
C LYS A 482 55.98 -12.17 -28.69
N GLN A 483 55.14 -13.14 -28.38
CA GLN A 483 55.36 -13.96 -27.20
C GLN A 483 56.17 -15.22 -27.48
N GLY A 484 56.23 -15.64 -28.74
CA GLY A 484 56.95 -16.85 -29.11
C GLY A 484 58.45 -16.67 -29.15
N ASP A 485 58.89 -15.57 -29.76
CA ASP A 485 60.31 -15.29 -29.95
C ASP A 485 61.09 -15.26 -28.64
N PRO A 486 60.63 -14.46 -27.66
CA PRO A 486 61.36 -14.34 -26.41
C PRO A 486 61.39 -15.63 -25.60
N ILE A 487 60.34 -16.43 -25.72
CA ILE A 487 60.31 -17.73 -25.05
C ILE A 487 61.34 -18.67 -25.64
N GLU A 488 61.45 -18.70 -26.97
CA GLU A 488 62.46 -19.52 -27.63
C GLU A 488 63.87 -19.09 -27.24
N LEU A 489 64.11 -17.77 -27.27
CA LEU A 489 65.40 -17.21 -26.92
C LEU A 489 65.80 -17.56 -25.49
N GLU A 490 64.87 -17.34 -24.57
CA GLU A 490 65.14 -17.58 -23.15
C GLU A 490 65.42 -19.05 -22.90
N ALA A 491 64.59 -19.90 -23.49
CA ALA A 491 64.78 -21.35 -23.36
C ALA A 491 66.18 -21.77 -23.79
N LEU A 492 66.54 -21.44 -25.03
CA LEU A 492 67.82 -21.86 -25.59
C LEU A 492 69.00 -21.28 -24.82
N SER A 493 68.92 -19.97 -24.57
CA SER A 493 69.93 -19.27 -23.77
C SER A 493 70.15 -19.98 -22.44
N THR A 494 69.06 -20.29 -21.74
CA THR A 494 69.14 -20.90 -20.42
C THR A 494 69.84 -22.25 -20.45
N VAL A 495 69.52 -23.08 -21.43
CA VAL A 495 70.13 -24.40 -21.54
C VAL A 495 71.62 -24.31 -21.84
N PHE A 496 71.99 -23.36 -22.71
CA PHE A 496 73.39 -23.10 -23.01
C PHE A 496 74.13 -22.60 -21.78
N GLN A 497 73.48 -21.70 -21.03
CA GLN A 497 74.11 -21.07 -19.87
C GLN A 497 74.31 -22.01 -18.69
N GLU A 498 73.56 -23.11 -18.67
CA GLU A 498 73.74 -24.13 -17.63
C GLU A 498 75.10 -24.81 -17.72
N LYS A 499 75.74 -24.69 -18.88
CA LYS A 499 76.92 -25.49 -19.19
C LYS A 499 78.16 -24.63 -19.43
N THR A 500 77.95 -23.33 -19.60
CA THR A 500 79.04 -22.42 -19.97
C THR A 500 78.82 -20.98 -19.52
N ASP A 501 79.91 -20.32 -19.16
CA ASP A 501 79.89 -18.89 -18.86
C ASP A 501 80.26 -18.05 -20.07
N LYS A 502 80.74 -18.71 -21.12
CA LYS A 502 81.12 -18.03 -22.35
C LYS A 502 79.95 -17.22 -22.92
N LYS A 503 80.27 -16.06 -23.49
CA LYS A 503 79.26 -15.11 -23.92
C LYS A 503 79.34 -14.90 -25.43
N GLN A 504 78.17 -14.74 -26.06
CA GLN A 504 78.05 -14.34 -27.45
C GLN A 504 78.93 -15.12 -28.42
N PHE A 505 78.94 -16.44 -28.26
CA PHE A 505 79.70 -17.33 -29.13
C PHE A 505 78.83 -18.04 -30.16
N CYS A 506 77.53 -18.05 -29.92
CA CYS A 506 76.60 -18.76 -30.80
C CYS A 506 75.68 -17.81 -31.57
N ALA A 507 75.89 -17.74 -32.88
CA ALA A 507 75.04 -16.95 -33.77
C ALA A 507 73.66 -17.60 -33.90
N ILE A 508 72.64 -16.76 -33.94
CA ILE A 508 71.27 -17.23 -34.19
C ILE A 508 70.66 -16.49 -35.38
N GLY A 509 69.79 -17.19 -36.11
CA GLY A 509 69.12 -16.61 -37.26
C GLY A 509 67.87 -17.39 -37.60
N SER A 510 67.11 -16.89 -38.58
CA SER A 510 65.94 -17.63 -39.05
C SER A 510 65.71 -17.26 -40.51
N VAL A 511 65.73 -18.27 -41.38
CA VAL A 511 65.47 -18.07 -42.80
C VAL A 511 64.04 -17.63 -43.07
N LYS A 512 63.16 -17.77 -42.08
CA LYS A 512 61.81 -17.25 -42.20
C LYS A 512 61.80 -15.74 -42.40
N SER A 513 62.88 -15.08 -41.96
CA SER A 513 63.10 -13.67 -42.26
C SER A 513 63.31 -13.41 -43.75
N ASN A 514 63.81 -14.42 -44.46
CA ASN A 514 64.00 -14.33 -45.90
C ASN A 514 62.79 -14.75 -46.74
N ILE A 515 62.21 -15.90 -46.39
CA ILE A 515 61.28 -16.59 -47.26
C ILE A 515 59.86 -16.69 -46.70
N GLY A 516 59.67 -16.21 -45.47
CA GLY A 516 58.41 -16.40 -44.77
C GLY A 516 58.37 -17.73 -44.04
N HIS A 517 57.24 -18.03 -43.41
CA HIS A 517 57.08 -19.26 -42.64
C HIS A 517 56.53 -20.37 -43.49
N THR A 518 57.41 -21.25 -43.95
CA THR A 518 57.03 -22.25 -44.95
C THR A 518 56.40 -23.50 -44.35
N SER A 519 55.97 -23.39 -43.09
CA SER A 519 55.05 -24.34 -42.48
C SER A 519 55.58 -25.76 -42.45
N ALA A 520 54.94 -26.71 -43.13
CA ALA A 520 55.40 -28.09 -43.12
C ALA A 520 56.80 -28.28 -43.68
N ALA A 521 57.24 -27.34 -44.52
CA ALA A 521 58.57 -27.38 -45.13
C ALA A 521 59.60 -26.56 -44.37
N ALA A 522 59.20 -26.02 -43.22
CA ALA A 522 60.03 -25.09 -42.47
C ALA A 522 61.32 -25.76 -41.99
N GLY A 523 61.16 -26.96 -41.43
CA GLY A 523 62.30 -27.72 -40.93
C GLY A 523 63.36 -28.01 -41.99
N VAL A 524 62.92 -28.48 -43.15
CA VAL A 524 63.84 -28.86 -44.22
C VAL A 524 64.52 -27.63 -44.83
N ALA A 525 63.80 -26.53 -44.93
CA ALA A 525 64.38 -25.27 -45.40
C ALA A 525 65.49 -24.80 -44.46
N GLY A 526 65.29 -24.96 -43.16
CA GLY A 526 66.27 -24.57 -42.17
C GLY A 526 67.51 -25.45 -42.17
N VAL A 527 67.30 -26.75 -42.24
CA VAL A 527 68.40 -27.71 -42.33
C VAL A 527 69.24 -27.45 -43.57
N GLN A 528 68.58 -27.15 -44.70
CA GLN A 528 69.27 -26.89 -45.95
C GLN A 528 70.08 -25.60 -45.92
N LYS A 529 69.55 -24.57 -45.28
CA LYS A 529 70.33 -23.36 -45.02
C LYS A 529 71.61 -23.70 -44.25
N VAL A 530 71.47 -24.44 -43.16
CA VAL A 530 72.61 -24.76 -42.30
C VAL A 530 73.67 -25.55 -43.05
N LEU A 531 73.24 -26.53 -43.85
CA LEU A 531 74.17 -27.33 -44.62
C LEU A 531 74.93 -26.50 -45.64
N LEU A 532 74.24 -25.57 -46.30
CA LEU A 532 74.86 -24.67 -47.27
C LEU A 532 75.88 -23.75 -46.58
N CYS A 533 75.51 -23.24 -45.42
CA CYS A 533 76.42 -22.44 -44.60
C CYS A 533 77.69 -23.22 -44.26
N MET A 534 77.52 -24.44 -43.77
CA MET A 534 78.66 -25.30 -43.48
C MET A 534 79.55 -25.57 -44.70
N ASN A 535 78.94 -25.92 -45.82
CA ASN A 535 79.68 -26.21 -47.05
C ASN A 535 80.56 -25.05 -47.49
N HIS A 536 80.03 -23.83 -47.37
CA HIS A 536 80.71 -22.63 -47.84
C HIS A 536 81.46 -21.95 -46.74
N LYS A 537 81.45 -22.57 -45.56
CA LYS A 537 82.05 -21.99 -44.36
C LYS A 537 81.72 -20.51 -44.14
N THR A 538 80.43 -20.20 -44.24
CA THR A 538 79.94 -18.83 -44.31
C THR A 538 78.66 -18.70 -43.48
N LEU A 539 78.61 -17.69 -42.63
CA LEU A 539 77.35 -17.31 -42.00
C LEU A 539 76.69 -16.17 -42.77
N VAL A 540 75.37 -16.24 -42.90
CA VAL A 540 74.63 -15.24 -43.67
C VAL A 540 73.73 -14.43 -42.74
N PRO A 541 73.28 -13.24 -43.20
CA PRO A 541 72.47 -12.38 -42.34
C PRO A 541 71.09 -12.97 -42.08
N THR A 542 70.58 -12.73 -40.88
CA THR A 542 69.14 -12.79 -40.64
C THR A 542 68.54 -11.39 -40.80
N LEU A 543 67.36 -11.31 -41.41
CA LEU A 543 66.80 -10.03 -41.82
C LEU A 543 65.82 -9.44 -40.82
N ASN A 544 65.38 -8.22 -41.11
CA ASN A 544 64.31 -7.56 -40.35
C ASN A 544 64.64 -7.33 -38.87
N PHE A 545 65.93 -7.35 -38.54
CA PHE A 545 66.36 -7.14 -37.17
C PHE A 545 66.95 -5.75 -36.94
N THR A 546 66.22 -4.89 -36.23
CA THR A 546 66.67 -3.55 -35.91
C THR A 546 67.04 -3.40 -34.45
N THR A 547 66.10 -3.73 -33.57
CA THR A 547 66.31 -3.60 -32.12
C THR A 547 65.93 -4.91 -31.41
N PRO A 548 66.80 -5.38 -30.51
CA PRO A 548 66.53 -6.66 -29.84
C PRO A 548 65.21 -6.63 -29.08
N ASN A 549 64.50 -7.75 -29.10
CA ASN A 549 63.30 -7.92 -28.29
C ASN A 549 63.56 -7.50 -26.84
N GLU A 550 62.74 -6.59 -26.34
CA GLU A 550 62.94 -6.04 -24.99
C GLU A 550 62.89 -7.11 -23.91
N HIS A 551 62.20 -8.21 -24.17
CA HIS A 551 61.95 -9.23 -23.16
C HIS A 551 63.08 -10.20 -23.05
N PHE A 552 64.18 -9.93 -23.75
CA PHE A 552 65.38 -10.76 -23.66
C PHE A 552 66.65 -9.92 -23.76
N GLU A 553 67.56 -10.14 -22.82
CA GLU A 553 68.86 -9.45 -22.83
C GLU A 553 70.00 -10.29 -23.41
N PHE A 554 70.52 -9.82 -24.54
CA PHE A 554 71.50 -10.55 -25.33
C PHE A 554 72.91 -10.44 -24.74
N GLU A 555 73.20 -9.31 -24.12
CA GLU A 555 74.57 -8.91 -23.81
C GLU A 555 75.30 -9.96 -22.98
N HIS A 556 74.58 -10.58 -22.06
CA HIS A 556 75.17 -11.59 -21.19
C HIS A 556 74.71 -12.97 -21.56
N SER A 557 74.29 -13.12 -22.80
CA SER A 557 73.84 -14.40 -23.33
C SER A 557 74.97 -15.11 -24.09
N PRO A 558 74.89 -16.45 -24.18
CA PRO A 558 75.71 -17.16 -25.14
C PRO A 558 75.30 -16.86 -26.58
N LEU A 559 74.16 -16.20 -26.76
CA LEU A 559 73.60 -15.98 -28.08
C LEU A 559 73.84 -14.57 -28.60
N TYR A 560 74.02 -14.45 -29.91
CA TYR A 560 73.95 -13.15 -30.58
C TYR A 560 73.29 -13.27 -31.95
N VAL A 561 72.48 -12.28 -32.31
CA VAL A 561 71.85 -12.23 -33.62
C VAL A 561 72.86 -11.83 -34.70
N ASN A 562 73.11 -12.71 -35.66
CA ASN A 562 74.00 -12.39 -36.77
C ASN A 562 73.28 -11.72 -37.94
N THR A 563 73.74 -10.53 -38.29
CA THR A 563 73.16 -9.77 -39.40
C THR A 563 74.21 -9.52 -40.48
N GLU A 564 75.34 -10.19 -40.35
CA GLU A 564 76.48 -9.99 -41.25
C GLU A 564 76.69 -11.19 -42.18
N LEU A 565 77.08 -10.91 -43.42
CA LEU A 565 77.70 -11.91 -44.26
C LEU A 565 79.18 -12.05 -43.89
N LYS A 566 79.54 -13.16 -43.26
CA LYS A 566 80.89 -13.30 -42.72
C LYS A 566 81.37 -14.74 -42.75
N PRO A 567 82.69 -14.95 -42.65
CA PRO A 567 83.26 -16.28 -42.48
C PRO A 567 82.74 -16.96 -41.22
N TRP A 568 82.31 -18.21 -41.36
CA TRP A 568 82.02 -19.06 -40.22
C TRP A 568 83.30 -19.61 -39.66
N GLU A 569 83.78 -18.99 -38.57
CA GLU A 569 85.05 -19.39 -37.98
C GLU A 569 84.90 -20.58 -37.05
N THR A 570 85.88 -21.48 -37.09
CA THR A 570 85.99 -22.56 -36.11
C THR A 570 87.39 -22.58 -35.52
N ALA A 571 87.49 -22.97 -34.26
CA ALA A 571 88.78 -23.06 -33.58
C ALA A 571 89.44 -24.42 -33.81
N ASP A 572 90.77 -24.41 -33.87
CA ASP A 572 91.54 -25.64 -33.94
C ASP A 572 91.14 -26.47 -35.16
N GLY A 573 91.03 -27.79 -34.98
CA GLY A 573 90.61 -28.68 -36.05
C GLY A 573 89.10 -28.83 -36.18
N LYS A 574 88.37 -28.31 -35.21
CA LYS A 574 87.02 -28.78 -34.91
C LYS A 574 85.98 -28.50 -36.00
N PRO A 575 85.15 -29.50 -36.31
CA PRO A 575 84.05 -29.31 -37.25
C PRO A 575 83.02 -28.35 -36.67
N ARG A 576 82.44 -27.53 -37.55
CA ARG A 576 81.34 -26.66 -37.15
C ARG A 576 80.11 -27.47 -36.75
N ARG A 577 79.41 -26.98 -35.74
CA ARG A 577 78.15 -27.57 -35.32
C ARG A 577 77.03 -26.52 -35.28
N ALA A 578 75.83 -26.94 -35.66
CA ALA A 578 74.67 -26.07 -35.63
C ALA A 578 73.43 -26.86 -35.23
N CYS A 579 72.43 -26.17 -34.69
CA CYS A 579 71.14 -26.78 -34.41
C CYS A 579 70.03 -26.15 -35.24
N VAL A 580 68.97 -26.92 -35.49
CA VAL A 580 67.75 -26.37 -36.06
C VAL A 580 66.58 -26.71 -35.15
N SER A 581 65.77 -25.71 -34.83
CA SER A 581 64.56 -25.92 -34.04
C SER A 581 63.31 -25.74 -34.91
N SER A 582 62.30 -26.56 -34.68
CA SER A 582 61.00 -26.35 -35.32
C SER A 582 59.86 -26.71 -34.37
N PHE A 583 59.01 -25.72 -34.08
CA PHE A 583 57.89 -25.90 -33.18
C PHE A 583 56.53 -25.72 -33.86
N GLY A 584 55.61 -26.63 -33.58
CA GLY A 584 54.32 -26.62 -34.25
C GLY A 584 53.24 -25.97 -33.40
N TYR A 585 52.18 -25.50 -34.05
CA TYR A 585 51.06 -24.90 -33.33
C TYR A 585 50.28 -25.90 -32.48
N SER A 586 50.47 -27.19 -32.75
CA SER A 586 49.80 -28.24 -31.99
C SER A 586 50.64 -28.69 -30.80
N GLY A 587 51.88 -28.19 -30.74
CA GLY A 587 52.70 -28.32 -29.55
C GLY A 587 53.73 -29.44 -29.62
N THR A 588 53.84 -30.07 -30.78
CA THR A 588 54.88 -31.08 -30.98
C THR A 588 56.16 -30.42 -31.48
N ASN A 589 57.23 -30.55 -30.69
CA ASN A 589 58.49 -29.87 -30.97
C ASN A 589 59.56 -30.81 -31.54
N ALA A 590 60.49 -30.25 -32.29
CA ALA A 590 61.64 -31.00 -32.78
C ALA A 590 62.90 -30.14 -32.81
N HIS A 591 64.05 -30.78 -32.60
CA HIS A 591 65.34 -30.11 -32.47
C HIS A 591 66.44 -31.06 -32.83
N ILE A 592 67.19 -30.73 -33.88
CA ILE A 592 68.29 -31.56 -34.35
C ILE A 592 69.64 -30.86 -34.31
N VAL A 593 70.71 -31.64 -34.15
CA VAL A 593 72.06 -31.12 -34.13
C VAL A 593 72.89 -31.65 -35.30
N ILE A 594 73.40 -30.74 -36.12
CA ILE A 594 74.12 -31.08 -37.34
C ILE A 594 75.60 -30.74 -37.19
N GLU A 595 76.46 -31.64 -37.67
CA GLU A 595 77.90 -31.40 -37.62
C GLU A 595 78.50 -31.39 -39.03
N GLU A 596 79.41 -30.46 -39.28
CA GLU A 596 80.16 -30.42 -40.52
C GLU A 596 80.86 -31.75 -40.78
N TYR A 597 80.82 -32.22 -42.02
CA TYR A 597 81.56 -33.41 -42.40
C TYR A 597 82.96 -33.08 -42.90
N GLN A 598 83.96 -33.77 -42.38
CA GLN A 598 85.35 -33.52 -42.75
C GLN A 598 85.97 -34.74 -43.43
N PRO A 599 85.95 -34.76 -44.77
CA PRO A 599 86.41 -35.92 -45.53
C PRO A 599 87.93 -36.08 -45.47
N GLU A 600 88.39 -37.33 -45.51
CA GLU A 600 89.82 -37.63 -45.43
C GLU A 600 90.61 -37.02 -46.58
N SER A 612 91.10 -35.86 -71.27
CA SER A 612 89.72 -35.60 -71.66
C SER A 612 88.74 -36.47 -70.88
N ALA A 613 87.60 -35.88 -70.52
CA ALA A 613 86.51 -36.62 -69.90
C ALA A 613 85.32 -36.73 -70.85
N LEU A 614 84.50 -37.75 -70.65
CA LEU A 614 83.35 -37.98 -71.52
C LEU A 614 82.05 -37.57 -70.83
N PHE A 615 81.46 -36.48 -71.30
CA PHE A 615 80.22 -35.96 -70.72
C PHE A 615 79.00 -36.52 -71.44
N VAL A 616 78.07 -37.05 -70.65
CA VAL A 616 76.84 -37.62 -71.18
C VAL A 616 75.59 -37.08 -70.51
N LEU A 617 74.60 -36.72 -71.33
CA LEU A 617 73.34 -36.15 -70.86
C LEU A 617 72.19 -36.85 -71.58
N SER A 618 71.06 -36.99 -70.88
CA SER A 618 69.88 -37.61 -71.46
C SER A 618 68.58 -37.18 -70.80
N ALA A 619 67.51 -37.12 -71.59
CA ALA A 619 66.19 -36.79 -71.07
C ALA A 619 65.10 -37.55 -71.84
N LYS A 620 63.87 -37.46 -71.35
CA LYS A 620 62.78 -38.24 -71.90
C LYS A 620 62.18 -37.59 -73.15
N LYS A 621 62.39 -36.28 -73.29
CA LYS A 621 62.04 -35.54 -74.50
C LYS A 621 63.18 -34.61 -74.91
N GLU A 622 63.28 -34.33 -76.21
CA GLU A 622 64.39 -33.54 -76.72
C GLU A 622 64.38 -32.13 -76.12
N LYS A 623 63.20 -31.61 -75.88
CA LYS A 623 63.04 -30.28 -75.29
C LYS A 623 63.69 -30.20 -73.92
N GLN A 624 63.55 -31.28 -73.15
CA GLN A 624 64.09 -31.35 -71.79
C GLN A 624 65.59 -31.62 -71.82
N LEU A 625 66.07 -32.29 -72.86
CA LEU A 625 67.50 -32.45 -73.06
C LEU A 625 68.15 -31.10 -73.27
N LYS A 626 67.51 -30.26 -74.09
CA LYS A 626 68.00 -28.91 -74.35
C LYS A 626 68.04 -28.10 -73.06
N ALA A 627 67.00 -28.24 -72.26
CA ALA A 627 66.94 -27.56 -70.96
C ALA A 627 68.02 -28.09 -70.03
N TYR A 628 68.31 -29.39 -70.11
CA TYR A 628 69.33 -30.01 -69.28
C TYR A 628 70.71 -29.46 -69.65
N ALA A 629 70.95 -29.30 -70.95
CA ALA A 629 72.20 -28.74 -71.43
C ALA A 629 72.36 -27.28 -70.97
N GLU A 630 71.26 -26.54 -70.98
CA GLU A 630 71.26 -25.16 -70.48
C GLU A 630 71.60 -25.09 -68.99
N ALA A 631 70.98 -25.96 -68.20
CA ALA A 631 71.21 -25.99 -66.76
C ALA A 631 72.66 -26.33 -66.42
N MET A 632 73.23 -27.28 -67.16
CA MET A 632 74.61 -27.69 -66.97
C MET A 632 75.58 -26.57 -67.34
N LYS A 633 75.28 -25.87 -68.43
CA LYS A 633 76.12 -24.75 -68.86
C LYS A 633 76.13 -23.63 -67.83
N ASP A 634 74.94 -23.27 -67.34
CA ASP A 634 74.82 -22.28 -66.28
C ASP A 634 75.59 -22.70 -65.03
N PHE A 635 75.44 -23.98 -64.68
CA PHE A 635 76.14 -24.53 -63.52
C PHE A 635 77.66 -24.45 -63.68
N VAL A 636 78.15 -24.85 -64.84
CA VAL A 636 79.59 -24.86 -65.10
C VAL A 636 80.15 -23.45 -65.19
N THR A 637 79.40 -22.55 -65.82
CA THR A 637 79.71 -21.13 -65.84
C THR A 637 79.81 -20.53 -64.44
N SER A 638 78.87 -20.90 -63.57
CA SER A 638 78.80 -20.34 -62.22
C SER A 638 79.82 -20.94 -61.26
N ASN A 639 80.30 -22.15 -61.59
CA ASN A 639 81.18 -22.89 -60.70
C ASN A 639 82.54 -23.15 -61.35
N GLU A 640 83.43 -22.18 -61.19
CA GLU A 640 84.67 -22.15 -61.96
C GLU A 640 85.64 -23.25 -61.54
N ASP A 641 85.40 -23.84 -60.38
CA ASP A 641 86.31 -24.82 -59.80
C ASP A 641 85.84 -26.26 -59.89
N ILE A 642 84.81 -26.52 -60.70
CA ILE A 642 84.25 -27.87 -60.80
C ILE A 642 85.30 -28.88 -61.25
N ASP A 643 85.35 -30.03 -60.58
CA ASP A 643 86.19 -31.13 -61.00
C ASP A 643 85.55 -31.86 -62.18
N LEU A 644 86.19 -31.76 -63.34
CA LEU A 644 85.59 -32.26 -64.58
C LEU A 644 85.44 -33.78 -64.59
N GLU A 645 86.38 -34.48 -63.97
CA GLU A 645 86.34 -35.94 -63.89
C GLU A 645 85.22 -36.46 -62.99
N ASP A 646 85.04 -35.80 -61.85
CA ASP A 646 83.92 -36.09 -60.97
C ASP A 646 82.58 -35.85 -61.67
N MET A 647 82.46 -34.71 -62.36
CA MET A 647 81.23 -34.34 -63.04
C MET A 647 80.82 -35.36 -64.10
N ALA A 648 81.76 -35.71 -64.98
CA ALA A 648 81.51 -36.72 -66.00
C ALA A 648 81.09 -38.03 -65.34
N TYR A 649 81.85 -38.45 -64.34
CA TYR A 649 81.56 -39.68 -63.61
C TYR A 649 80.14 -39.68 -63.06
N THR A 650 79.71 -38.52 -62.57
CA THR A 650 78.36 -38.35 -62.05
C THR A 650 77.30 -38.45 -63.14
N LEU A 651 77.58 -37.88 -64.31
CA LEU A 651 76.66 -37.98 -65.44
C LEU A 651 76.59 -39.41 -65.95
N GLN A 652 77.72 -40.11 -65.89
CA GLN A 652 77.79 -41.50 -66.32
C GLN A 652 77.02 -42.43 -65.39
N THR A 653 77.41 -42.45 -64.11
CA THR A 653 76.95 -43.49 -63.20
C THR A 653 75.76 -43.09 -62.32
N GLY A 654 75.50 -41.79 -62.25
CA GLY A 654 74.55 -41.27 -61.27
C GLY A 654 73.34 -40.63 -61.92
N ARG A 655 73.19 -40.84 -63.22
CA ARG A 655 71.99 -40.44 -63.94
C ARG A 655 71.50 -41.59 -64.81
N GLU A 656 70.18 -41.70 -64.90
CA GLU A 656 69.56 -42.70 -65.77
C GLU A 656 69.73 -42.30 -67.24
N ALA A 657 70.22 -43.24 -68.03
CA ALA A 657 70.28 -43.06 -69.47
C ALA A 657 68.88 -43.15 -70.06
N MET A 658 68.31 -42.00 -70.43
CA MET A 658 66.99 -41.98 -71.04
C MET A 658 67.08 -41.87 -72.56
N ASP A 659 65.94 -41.67 -73.20
CA ASP A 659 65.81 -41.99 -74.63
C ASP A 659 66.47 -40.98 -75.57
N TYR A 660 66.48 -39.71 -75.17
CA TYR A 660 67.14 -38.67 -75.93
C TYR A 660 68.50 -38.35 -75.35
N ARG A 661 69.55 -38.50 -76.15
CA ARG A 661 70.92 -38.49 -75.64
C ARG A 661 71.81 -37.51 -76.38
N MET A 662 72.73 -36.92 -75.63
CA MET A 662 73.89 -36.27 -76.22
C MET A 662 75.15 -36.55 -75.39
N ALA A 663 76.30 -36.47 -76.05
CA ALA A 663 77.59 -36.66 -75.37
C ALA A 663 78.70 -35.95 -76.12
N PHE A 664 79.77 -35.65 -75.39
CA PHE A 664 80.91 -34.92 -75.95
C PHE A 664 82.13 -35.08 -75.04
N LEU A 665 83.30 -34.82 -75.61
CA LEU A 665 84.55 -34.81 -74.85
C LEU A 665 84.91 -33.37 -74.49
N ALA A 666 85.60 -33.21 -73.37
CA ALA A 666 86.19 -31.93 -72.99
C ALA A 666 87.31 -32.19 -72.00
N ASP A 667 88.38 -31.41 -72.07
CA ASP A 667 89.43 -31.51 -71.08
C ASP A 667 89.55 -30.27 -70.21
N SER A 668 88.64 -29.31 -70.42
CA SER A 668 88.68 -28.06 -69.69
C SER A 668 87.30 -27.42 -69.59
N ARG A 669 87.13 -26.58 -68.57
CA ARG A 669 85.88 -25.84 -68.36
C ARG A 669 85.46 -25.08 -69.61
N GLU A 670 86.42 -24.41 -70.25
CA GLU A 670 86.15 -23.61 -71.44
C GLU A 670 85.67 -24.49 -72.59
N MET A 671 86.30 -25.64 -72.75
CA MET A 671 85.93 -26.59 -73.79
C MET A 671 84.53 -27.14 -73.52
N LEU A 672 84.25 -27.42 -72.26
CA LEU A 672 82.96 -27.94 -71.83
C LEU A 672 81.85 -26.92 -72.12
N ILE A 673 82.08 -25.68 -71.72
CA ILE A 673 81.10 -24.62 -71.97
C ILE A 673 80.85 -24.43 -73.46
N LYS A 674 81.92 -24.50 -74.25
CA LYS A 674 81.81 -24.30 -75.69
C LYS A 674 80.99 -25.39 -76.35
N ALA A 675 81.26 -26.64 -75.97
CA ALA A 675 80.51 -27.78 -76.51
C ALA A 675 79.02 -27.59 -76.27
N LEU A 676 78.66 -27.27 -75.04
CA LEU A 676 77.25 -27.12 -74.67
C LEU A 676 76.63 -25.95 -75.43
N ASP A 677 77.41 -24.88 -75.60
CA ASP A 677 76.98 -23.77 -76.44
C ASP A 677 76.74 -24.24 -77.87
N ASP A 678 77.70 -24.98 -78.42
CA ASP A 678 77.60 -25.48 -79.79
C ASP A 678 76.35 -26.36 -79.94
N TYR A 679 76.14 -27.23 -78.97
CA TYR A 679 74.96 -28.09 -78.95
C TYR A 679 73.68 -27.26 -79.00
N LEU A 680 73.60 -26.26 -78.12
CA LEU A 680 72.41 -25.44 -77.99
C LEU A 680 72.15 -24.59 -79.23
N ALA A 681 73.23 -24.07 -79.82
CA ALA A 681 73.12 -23.22 -80.99
C ALA A 681 73.00 -24.03 -82.27
N GLU A 682 73.08 -25.36 -82.13
CA GLU A 682 73.06 -26.26 -83.28
C GLU A 682 74.15 -25.96 -84.29
N MET A 683 75.29 -25.47 -83.80
CA MET A 683 76.41 -25.10 -84.65
C MET A 683 77.47 -26.20 -84.65
N PRO A 684 77.85 -26.67 -85.85
CA PRO A 684 78.55 -27.94 -86.01
C PRO A 684 79.81 -28.05 -85.14
N ASN A 685 79.92 -29.18 -84.45
CA ASN A 685 81.07 -29.47 -83.60
C ASN A 685 81.34 -30.97 -83.68
N GLY A 686 82.54 -31.32 -84.15
CA GLY A 686 82.86 -32.71 -84.48
C GLY A 686 83.00 -33.63 -83.28
N SER A 687 83.02 -33.04 -82.09
CA SER A 687 83.11 -33.80 -80.85
C SER A 687 81.78 -33.93 -80.12
N ILE A 688 80.71 -33.44 -80.74
CA ILE A 688 79.37 -33.57 -80.18
C ILE A 688 78.54 -34.64 -80.89
N PHE A 689 77.99 -35.54 -80.09
CA PHE A 689 77.14 -36.62 -80.60
C PHE A 689 75.76 -36.52 -79.97
N ALA A 690 74.73 -36.83 -80.76
CA ALA A 690 73.35 -36.81 -80.27
C ALA A 690 72.46 -37.73 -81.09
N ALA A 691 71.50 -38.36 -80.41
CA ALA A 691 70.56 -39.27 -81.06
C ALA A 691 69.35 -39.56 -80.18
N HIS A 692 68.26 -39.95 -80.82
CA HIS A 692 67.13 -40.57 -80.15
C HIS A 692 67.24 -42.06 -80.25
N VAL A 693 67.25 -42.73 -79.09
CA VAL A 693 67.65 -44.13 -78.99
C VAL A 693 66.77 -45.08 -79.79
N LYS A 694 65.48 -44.77 -79.85
CA LYS A 694 64.51 -45.63 -80.53
C LYS A 694 64.73 -45.66 -82.04
N THR A 695 65.51 -44.70 -82.53
CA THR A 695 65.73 -44.53 -83.96
C THR A 695 66.95 -45.32 -84.44
N LYS A 696 67.75 -45.80 -83.50
CA LYS A 696 69.10 -46.25 -83.78
C LYS A 696 69.32 -47.73 -83.49
N LYS A 697 68.23 -48.47 -83.25
CA LYS A 697 68.33 -49.84 -82.76
C LYS A 697 69.18 -50.76 -83.63
N SER A 698 69.02 -50.64 -84.95
CA SER A 698 69.73 -51.48 -85.90
C SER A 698 71.23 -51.22 -85.93
N GLU A 699 71.63 -49.96 -85.76
CA GLU A 699 73.04 -49.57 -85.83
C GLU A 699 73.82 -50.02 -84.60
N ILE A 700 73.11 -50.56 -83.61
CA ILE A 700 73.68 -50.90 -82.32
C ILE A 700 73.73 -52.42 -82.12
N LYS A 701 72.79 -53.11 -82.76
CA LYS A 701 72.59 -54.53 -82.54
C LYS A 701 73.86 -55.35 -82.68
N LEU A 702 74.72 -54.92 -83.61
CA LEU A 702 75.99 -55.57 -83.89
C LEU A 702 76.85 -55.72 -82.63
N PHE A 703 76.85 -54.68 -81.81
CA PHE A 703 77.68 -54.65 -80.62
C PHE A 703 77.05 -55.37 -79.44
N GLU A 704 75.80 -55.77 -79.61
CA GLU A 704 75.04 -56.44 -78.55
C GLU A 704 75.02 -57.96 -78.69
N THR A 705 75.31 -58.45 -79.89
CA THR A 705 75.15 -59.87 -80.20
C THR A 705 76.43 -60.56 -80.64
N ASP A 706 77.23 -59.86 -81.45
CA ASP A 706 78.52 -60.39 -81.89
C ASP A 706 79.52 -60.47 -80.75
N HIS A 707 80.26 -61.57 -80.71
CA HIS A 707 81.24 -61.80 -79.66
C HIS A 707 82.49 -60.98 -79.88
N ASP A 708 82.85 -60.78 -81.14
CA ASP A 708 84.06 -60.05 -81.49
C ASP A 708 83.86 -58.53 -81.44
N ALA A 709 82.62 -58.11 -81.71
CA ALA A 709 82.23 -56.71 -81.58
C ALA A 709 82.26 -56.27 -80.13
N LYS A 710 81.66 -57.09 -79.26
CA LYS A 710 81.69 -56.85 -77.82
C LYS A 710 83.11 -56.77 -77.29
N ALA A 711 83.99 -57.62 -77.80
CA ALA A 711 85.38 -57.64 -77.38
C ALA A 711 86.11 -56.38 -77.86
N LEU A 712 85.70 -55.87 -79.02
CA LEU A 712 86.23 -54.62 -79.53
C LEU A 712 85.71 -53.40 -78.78
N LEU A 713 84.42 -53.40 -78.46
CA LEU A 713 83.87 -52.37 -77.60
C LEU A 713 84.51 -52.38 -76.22
N GLN A 714 84.70 -53.56 -75.64
CA GLN A 714 85.33 -53.68 -74.33
C GLN A 714 86.77 -53.17 -74.33
N THR A 715 87.48 -53.43 -75.43
CA THR A 715 88.82 -52.88 -75.60
C THR A 715 88.80 -51.37 -75.75
N TRP A 716 87.81 -50.85 -76.46
CA TRP A 716 87.63 -49.41 -76.60
C TRP A 716 87.47 -48.73 -75.28
N ILE A 717 86.59 -49.26 -74.44
CA ILE A 717 86.36 -48.68 -73.12
C ILE A 717 87.68 -48.54 -72.37
N GLU A 718 88.63 -49.42 -72.70
CA GLU A 718 89.94 -49.40 -72.07
C GLU A 718 90.98 -48.94 -73.08
N LYS A 719 90.72 -49.16 -74.35
CA LYS A 719 91.64 -48.76 -75.42
C LYS A 719 91.89 -47.26 -75.35
N LYS A 720 91.16 -46.58 -74.49
CA LYS A 720 91.29 -45.14 -74.31
C LYS A 720 90.60 -44.35 -75.40
N ARG A 721 89.54 -44.93 -75.98
CA ARG A 721 88.80 -44.25 -77.04
C ARG A 721 87.45 -43.76 -76.54
N LEU A 722 87.35 -42.46 -76.28
CA LEU A 722 86.12 -41.87 -75.79
C LEU A 722 85.15 -41.50 -76.91
N GLU A 723 85.68 -41.04 -78.04
CA GLU A 723 84.82 -40.68 -79.17
C GLU A 723 83.95 -41.86 -79.56
N LYS A 724 84.56 -43.05 -79.61
CA LYS A 724 83.88 -44.26 -80.04
C LYS A 724 82.80 -44.66 -79.03
N VAL A 725 83.16 -44.65 -77.75
CA VAL A 725 82.19 -44.95 -76.70
C VAL A 725 81.04 -43.96 -76.77
N ALA A 726 81.37 -42.70 -77.07
CA ALA A 726 80.38 -41.63 -77.09
C ALA A 726 79.35 -41.84 -78.19
N GLU A 727 79.83 -42.09 -79.40
CA GLU A 727 78.95 -42.27 -80.55
C GLU A 727 77.97 -43.42 -80.29
N LEU A 728 78.48 -44.49 -79.70
CA LEU A 728 77.68 -45.69 -79.47
C LEU A 728 76.70 -45.46 -78.33
N TRP A 729 77.16 -44.83 -77.25
CA TRP A 729 76.29 -44.58 -76.11
C TRP A 729 75.06 -43.78 -76.45
N VAL A 730 75.21 -42.74 -77.27
CA VAL A 730 74.07 -41.89 -77.61
C VAL A 730 73.05 -42.66 -78.46
N LYS A 731 73.52 -43.67 -79.18
CA LYS A 731 72.64 -44.47 -80.02
C LYS A 731 71.92 -45.55 -79.23
N GLY A 732 72.32 -45.74 -77.97
CA GLY A 732 71.58 -46.61 -77.06
C GLY A 732 72.35 -47.79 -76.51
N LEU A 733 73.62 -47.91 -76.91
CA LEU A 733 74.46 -49.01 -76.43
C LEU A 733 74.75 -48.85 -74.94
N GLN A 734 74.54 -49.92 -74.18
CA GLN A 734 74.86 -49.91 -72.77
C GLN A 734 76.37 -49.98 -72.55
N ILE A 735 76.90 -48.99 -71.84
CA ILE A 735 78.33 -48.91 -71.58
C ILE A 735 78.62 -49.24 -70.12
N ASP A 736 79.51 -50.21 -69.89
CA ASP A 736 79.97 -50.50 -68.54
C ASP A 736 80.98 -49.45 -68.08
N TRP A 737 80.48 -48.42 -67.41
CA TRP A 737 81.26 -47.23 -67.09
C TRP A 737 82.44 -47.49 -66.18
N ASN A 738 82.27 -48.45 -65.28
CA ASN A 738 83.33 -48.87 -64.37
C ASN A 738 84.63 -49.24 -65.09
N LYS A 739 84.49 -49.81 -66.29
CA LYS A 739 85.65 -50.25 -67.06
C LYS A 739 86.49 -49.08 -67.55
N LEU A 740 85.90 -47.89 -67.55
CA LEU A 740 86.58 -46.67 -67.96
C LEU A 740 87.66 -46.26 -66.96
N TYR A 741 87.63 -46.86 -65.77
CA TYR A 741 88.49 -46.41 -64.68
C TYR A 741 89.30 -47.57 -64.11
N GLY A 742 90.59 -47.32 -63.88
CA GLY A 742 91.48 -48.36 -63.38
C GLY A 742 91.83 -48.17 -61.91
N GLU A 743 93.01 -47.62 -61.66
CA GLU A 743 93.50 -47.40 -60.31
C GLU A 743 92.73 -46.26 -59.64
N TYR A 744 92.33 -45.29 -60.44
CA TYR A 744 91.66 -44.09 -59.95
C TYR A 744 90.21 -44.03 -60.42
N THR A 745 89.29 -44.03 -59.46
CA THR A 745 87.88 -43.80 -59.75
C THR A 745 87.48 -42.44 -59.19
N PRO A 746 86.84 -41.61 -60.02
CA PRO A 746 86.30 -40.34 -59.55
C PRO A 746 85.11 -40.51 -58.62
N ARG A 747 84.63 -39.42 -58.04
CA ARG A 747 83.54 -39.46 -57.09
C ARG A 747 82.30 -38.73 -57.59
N ARG A 748 81.13 -39.24 -57.21
CA ARG A 748 79.87 -38.56 -57.48
C ARG A 748 79.87 -37.19 -56.77
N ILE A 749 79.36 -36.18 -57.46
CA ILE A 749 79.14 -34.87 -56.85
C ILE A 749 77.75 -34.31 -57.16
N SER A 750 77.39 -33.22 -56.48
CA SER A 750 76.14 -32.53 -56.75
C SER A 750 76.15 -31.86 -58.12
N LEU A 751 75.17 -32.20 -58.95
CA LEU A 751 74.95 -31.49 -60.20
C LEU A 751 73.47 -31.16 -60.31
N PRO A 752 73.13 -30.26 -61.24
CA PRO A 752 71.74 -29.96 -61.59
C PRO A 752 70.96 -31.23 -61.90
N ALA A 753 69.74 -31.32 -61.37
CA ALA A 753 68.91 -32.50 -61.57
C ALA A 753 68.01 -32.32 -62.78
N TYR A 754 67.24 -33.38 -63.10
CA TYR A 754 66.33 -33.36 -64.23
C TYR A 754 65.51 -32.07 -64.29
N PRO A 755 65.46 -31.46 -65.48
CA PRO A 755 64.64 -30.27 -65.69
C PRO A 755 63.25 -30.63 -66.20
N PHE A 756 62.31 -30.84 -65.30
CA PHE A 756 60.99 -31.33 -65.66
C PHE A 756 60.30 -30.44 -66.68
N ALA A 757 59.54 -31.06 -67.59
CA ALA A 757 58.63 -30.33 -68.46
C ALA A 757 57.72 -29.40 -67.67
N GLU A 758 57.55 -28.19 -68.16
CA GLU A 758 56.83 -27.16 -67.41
C GLU A 758 55.39 -27.00 -67.90
N GLU A 759 54.64 -28.10 -67.83
CA GLU A 759 53.28 -28.14 -68.34
C GLU A 759 52.29 -27.75 -67.26
N TYR A 760 51.32 -26.94 -67.63
CA TYR A 760 50.36 -26.35 -66.69
C TYR A 760 49.19 -27.32 -66.48
N TYR A 761 48.90 -27.64 -65.22
CA TYR A 761 47.70 -28.39 -64.88
C TYR A 761 47.03 -27.78 -63.66
N TRP A 762 45.73 -27.56 -63.77
CA TRP A 762 44.94 -27.06 -62.65
C TRP A 762 43.57 -27.69 -62.68
N LEU A 763 42.63 -27.11 -61.95
CA LEU A 763 41.33 -27.72 -61.72
C LEU A 763 40.63 -28.06 -63.04
N PRO A 764 40.03 -29.26 -63.13
CA PRO A 764 39.32 -29.66 -64.33
C PRO A 764 37.92 -29.04 -64.43
N ASP B 176 63.43 -54.08 -25.39
CA ASP B 176 63.00 -55.49 -25.57
C ASP B 176 61.48 -55.60 -25.70
N ALA B 177 60.82 -56.11 -24.66
CA ALA B 177 59.38 -56.35 -24.69
C ALA B 177 58.58 -55.11 -24.35
N ILE B 178 57.45 -54.94 -25.02
CA ILE B 178 56.53 -53.84 -24.70
C ILE B 178 55.24 -54.39 -24.12
N ALA B 179 54.92 -53.93 -22.91
CA ALA B 179 53.71 -54.36 -22.21
C ALA B 179 52.54 -53.46 -22.59
N ILE B 180 51.39 -54.06 -22.83
CA ILE B 180 50.15 -53.30 -22.99
C ILE B 180 49.37 -53.31 -21.67
N VAL B 181 49.26 -52.14 -21.05
CA VAL B 181 48.86 -52.07 -19.65
C VAL B 181 47.48 -51.41 -19.47
N GLY B 182 46.91 -50.98 -20.59
CA GLY B 182 45.55 -50.44 -20.58
C GLY B 182 44.97 -50.43 -21.98
N MET B 183 43.65 -50.60 -22.06
CA MET B 183 42.95 -50.51 -23.33
C MET B 183 41.56 -49.92 -23.18
N SER B 184 41.04 -49.36 -24.27
CA SER B 184 39.66 -48.92 -24.33
C SER B 184 39.24 -49.01 -25.80
N GLY B 185 38.02 -49.46 -26.04
CA GLY B 185 37.52 -49.66 -27.39
C GLY B 185 36.07 -49.24 -27.52
N ARG B 186 35.71 -48.72 -28.68
CA ARG B 186 34.33 -48.39 -29.01
C ARG B 186 34.09 -48.72 -30.49
N TYR B 187 33.37 -49.81 -30.73
CA TYR B 187 33.22 -50.33 -32.08
C TYR B 187 31.74 -50.57 -32.35
N PRO B 188 31.37 -50.89 -33.60
CA PRO B 188 29.98 -51.18 -33.90
C PRO B 188 29.45 -52.28 -33.00
N GLY B 189 28.34 -52.00 -32.32
CA GLY B 189 27.69 -52.97 -31.46
C GLY B 189 28.33 -53.13 -30.09
N ALA B 190 29.37 -52.33 -29.83
CA ALA B 190 30.09 -52.45 -28.56
C ALA B 190 30.55 -51.09 -28.04
N ARG B 191 29.96 -50.67 -26.93
CA ARG B 191 30.29 -49.38 -26.32
C ARG B 191 31.63 -49.44 -25.58
N ASN B 192 32.07 -50.65 -25.30
CA ASN B 192 33.33 -50.88 -24.60
C ASN B 192 33.91 -52.25 -24.90
N VAL B 193 35.10 -52.50 -24.35
CA VAL B 193 35.88 -53.69 -24.67
C VAL B 193 35.25 -54.94 -24.09
N ARG B 194 34.41 -54.76 -23.07
CA ARG B 194 33.72 -55.88 -22.45
C ARG B 194 32.54 -56.35 -23.28
N GLU B 195 31.81 -55.40 -23.85
CA GLU B 195 30.74 -55.70 -24.80
C GLU B 195 31.30 -56.27 -26.10
N TYR B 196 32.42 -55.71 -26.53
CA TYR B 196 33.16 -56.20 -27.69
C TYR B 196 33.47 -57.68 -27.56
N TRP B 197 34.07 -58.05 -26.43
CA TRP B 197 34.37 -59.44 -26.15
C TRP B 197 33.16 -60.30 -26.20
N ASP B 198 32.09 -59.84 -25.55
CA ASP B 198 30.84 -60.59 -25.50
C ASP B 198 30.30 -60.84 -26.90
N ASN B 199 30.35 -59.80 -27.73
CA ASN B 199 29.89 -59.92 -29.11
C ASN B 199 30.73 -60.91 -29.91
N LEU B 200 32.03 -60.96 -29.63
CA LEU B 200 32.94 -61.84 -30.35
C LEU B 200 32.71 -63.29 -29.99
N VAL B 201 32.58 -63.54 -28.68
CA VAL B 201 32.29 -64.87 -28.16
C VAL B 201 31.00 -65.42 -28.74
N HIS B 202 30.01 -64.54 -28.89
CA HIS B 202 28.70 -64.92 -29.40
C HIS B 202 28.59 -64.75 -30.89
N ALA B 203 29.73 -64.60 -31.56
CA ALA B 203 29.79 -64.53 -33.01
C ALA B 203 28.77 -63.56 -33.61
N ARG B 204 28.64 -62.39 -32.99
CA ARG B 204 27.66 -61.39 -33.41
C ARG B 204 28.19 -60.47 -34.52
N ASN B 205 27.31 -60.18 -35.47
CA ASN B 205 27.61 -59.30 -36.59
C ASN B 205 26.93 -57.96 -36.41
N ALA B 206 27.70 -56.87 -36.47
CA ALA B 206 27.23 -55.56 -36.05
C ALA B 206 26.90 -54.64 -37.22
N ILE B 207 27.03 -55.16 -38.43
CA ILE B 207 26.69 -54.41 -39.64
C ILE B 207 25.18 -54.20 -39.75
N ARG B 208 24.79 -52.94 -39.96
CA ARG B 208 23.38 -52.60 -40.17
C ARG B 208 23.19 -51.77 -41.44
N ASP B 209 21.95 -51.68 -41.90
CA ASP B 209 21.59 -50.73 -42.96
C ASP B 209 21.78 -49.29 -42.49
N ILE B 210 22.27 -48.44 -43.37
CA ILE B 210 22.52 -47.04 -43.05
C ILE B 210 21.20 -46.28 -42.92
N PRO B 211 20.91 -45.75 -41.72
CA PRO B 211 19.63 -45.08 -41.55
C PRO B 211 19.63 -43.67 -42.15
N THR B 212 18.43 -43.13 -42.34
CA THR B 212 18.25 -41.79 -42.91
C THR B 212 18.78 -40.69 -42.01
N SER B 213 18.86 -40.97 -40.70
CA SER B 213 19.41 -40.03 -39.74
C SER B 213 20.90 -39.76 -39.98
N ARG B 214 21.54 -40.65 -40.73
CA ARG B 214 22.92 -40.44 -41.16
C ARG B 214 22.98 -39.82 -42.55
N TRP B 215 22.54 -40.58 -43.55
CA TRP B 215 22.11 -40.01 -44.82
C TRP B 215 21.14 -40.93 -45.53
N ASP B 216 20.50 -40.42 -46.57
CA ASP B 216 19.46 -41.15 -47.29
C ASP B 216 20.05 -41.99 -48.41
N VAL B 217 20.18 -43.29 -48.19
CA VAL B 217 20.78 -44.20 -49.16
C VAL B 217 19.91 -44.33 -50.41
N CYS B 233 26.27 -50.22 -52.07
CA CYS B 233 26.31 -50.65 -50.68
C CYS B 233 25.46 -49.74 -49.79
N LYS B 234 24.55 -50.34 -49.02
CA LYS B 234 23.68 -49.59 -48.13
C LYS B 234 23.95 -49.93 -46.67
N SER B 235 25.11 -50.55 -46.42
CA SER B 235 25.41 -51.12 -45.11
C SER B 235 26.66 -50.51 -44.49
N MET B 236 26.71 -50.46 -43.16
CA MET B 236 27.85 -49.94 -42.44
C MET B 236 27.92 -50.53 -41.03
N GLY B 237 29.13 -50.79 -40.56
CA GLY B 237 29.37 -50.98 -39.13
C GLY B 237 29.44 -49.63 -38.45
N MET B 238 28.36 -49.26 -37.76
CA MET B 238 28.19 -47.90 -37.26
C MET B 238 28.37 -47.81 -35.75
N LEU B 239 29.01 -46.73 -35.30
CA LEU B 239 28.93 -46.34 -33.89
C LEU B 239 27.60 -45.66 -33.60
N ASP B 240 27.16 -45.75 -32.34
CA ASP B 240 25.95 -45.06 -31.91
C ASP B 240 26.32 -43.71 -31.30
N ASP B 241 25.44 -42.73 -31.50
CA ASP B 241 25.53 -41.44 -30.82
C ASP B 241 26.91 -40.80 -30.95
N ILE B 242 27.36 -40.62 -32.19
CA ILE B 242 28.68 -40.06 -32.47
C ILE B 242 28.73 -38.57 -32.15
N GLU B 243 27.55 -38.01 -31.89
CA GLU B 243 27.42 -36.59 -31.60
C GLU B 243 27.67 -36.29 -30.12
N HIS B 244 27.70 -37.33 -29.30
CA HIS B 244 27.75 -37.17 -27.85
C HIS B 244 29.13 -36.86 -27.38
N PHE B 245 29.23 -35.92 -26.45
CA PHE B 245 30.51 -35.48 -25.89
C PHE B 245 30.30 -34.87 -24.51
N ASP B 246 31.35 -34.92 -23.68
CA ASP B 246 31.34 -34.28 -22.37
C ASP B 246 32.40 -33.18 -22.33
N PRO B 247 32.12 -32.03 -22.96
CA PRO B 247 33.15 -31.02 -23.13
C PRO B 247 33.59 -30.39 -21.82
N LEU B 248 32.70 -30.28 -20.85
CA LEU B 248 33.03 -29.70 -19.55
C LEU B 248 34.09 -30.51 -18.80
N PHE B 249 34.01 -31.83 -18.90
CA PHE B 249 35.04 -32.71 -18.34
C PHE B 249 36.42 -32.33 -18.82
N PHE B 250 36.51 -31.91 -20.08
CA PHE B 250 37.79 -31.65 -20.72
C PHE B 250 38.15 -30.17 -20.74
N ASN B 251 37.42 -29.38 -19.96
CA ASN B 251 37.62 -27.93 -19.89
C ASN B 251 37.44 -27.25 -21.25
N ILE B 252 36.54 -27.79 -22.05
CA ILE B 252 36.24 -27.22 -23.36
C ILE B 252 34.88 -26.54 -23.29
N PRO B 253 34.79 -25.30 -23.79
CA PRO B 253 33.50 -24.62 -23.84
C PRO B 253 32.51 -25.34 -24.75
N PRO B 254 31.27 -25.50 -24.27
CA PRO B 254 30.22 -26.21 -25.00
C PRO B 254 30.10 -25.78 -26.47
N SER B 255 30.31 -24.48 -26.71
CA SER B 255 30.20 -23.94 -28.06
C SER B 255 31.36 -24.35 -28.95
N GLU B 256 32.51 -24.62 -28.34
CA GLU B 256 33.67 -25.13 -29.08
C GLU B 256 33.46 -26.57 -29.50
N ALA B 257 32.67 -27.29 -28.73
CA ALA B 257 32.39 -28.70 -28.99
C ALA B 257 31.70 -28.92 -30.33
N GLU B 258 30.82 -28.00 -30.70
CA GLU B 258 30.13 -28.06 -31.99
C GLU B 258 31.09 -27.93 -33.16
N LEU B 259 32.21 -27.27 -32.92
CA LEU B 259 33.20 -26.99 -33.96
C LEU B 259 34.30 -28.05 -34.03
N MET B 260 34.20 -29.06 -33.17
CA MET B 260 35.17 -30.15 -33.15
C MET B 260 34.68 -31.35 -33.96
N ASP B 261 35.53 -31.81 -34.88
CA ASP B 261 35.40 -33.14 -35.48
C ASP B 261 35.07 -34.17 -34.39
N PRO B 262 33.97 -34.92 -34.58
CA PRO B 262 33.61 -35.94 -33.60
C PRO B 262 34.64 -37.05 -33.48
N GLN B 263 35.47 -37.20 -34.51
CA GLN B 263 36.63 -38.07 -34.43
C GLN B 263 37.57 -37.66 -33.30
N HIS B 264 37.81 -36.35 -33.18
CA HIS B 264 38.62 -35.81 -32.09
C HIS B 264 37.98 -36.06 -30.76
N ARG B 265 36.68 -35.78 -30.69
CA ARG B 265 35.93 -35.84 -29.44
C ARG B 265 35.91 -37.28 -28.91
N ILE B 266 35.62 -38.21 -29.81
CA ILE B 266 35.47 -39.62 -29.43
C ILE B 266 36.80 -40.21 -29.00
N PHE B 267 37.87 -39.89 -29.73
CA PHE B 267 39.19 -40.37 -29.33
C PHE B 267 39.64 -39.77 -28.00
N LEU B 268 39.38 -38.48 -27.81
CA LEU B 268 39.64 -37.83 -26.53
C LEU B 268 39.02 -38.62 -25.38
N GLN B 269 37.81 -39.13 -25.58
CA GLN B 269 37.13 -39.92 -24.56
C GLN B 269 37.75 -41.30 -24.38
N GLU B 270 37.91 -42.03 -25.48
CA GLU B 270 38.48 -43.37 -25.42
C GLU B 270 39.92 -43.36 -24.91
N GLY B 271 40.71 -42.43 -25.42
CA GLY B 271 42.10 -42.28 -25.00
C GLY B 271 42.22 -42.08 -23.51
N TYR B 272 41.45 -41.15 -22.98
CA TYR B 272 41.38 -40.91 -21.54
C TYR B 272 41.04 -42.22 -20.82
N LYS B 273 40.06 -42.94 -21.35
CA LYS B 273 39.53 -44.11 -20.66
C LYS B 273 40.54 -45.24 -20.63
N ALA B 274 41.38 -45.28 -21.67
CA ALA B 274 42.48 -46.23 -21.72
C ALA B 274 43.43 -46.02 -20.54
N PHE B 275 43.76 -44.77 -20.27
CA PHE B 275 44.61 -44.45 -19.12
C PHE B 275 43.97 -44.91 -17.82
N GLU B 276 42.68 -44.66 -17.69
CA GLU B 276 41.94 -45.06 -16.49
C GLU B 276 41.84 -46.57 -16.39
N ASP B 277 41.66 -47.23 -17.52
CA ASP B 277 41.74 -48.69 -17.57
C ASP B 277 43.05 -49.19 -16.96
N ALA B 278 44.15 -48.53 -17.30
CA ALA B 278 45.46 -48.93 -16.78
C ALA B 278 45.59 -48.61 -15.30
N GLY B 279 44.79 -47.67 -14.82
CA GLY B 279 44.84 -47.25 -13.43
C GLY B 279 45.66 -45.98 -13.22
N TYR B 280 45.73 -45.16 -14.26
CA TYR B 280 46.44 -43.90 -14.20
C TYR B 280 45.45 -42.73 -14.24
N ASN B 281 45.76 -41.66 -13.53
CA ASN B 281 44.90 -40.49 -13.48
C ASN B 281 45.64 -39.19 -13.77
N ALA B 282 44.90 -38.10 -13.90
CA ALA B 282 45.49 -36.81 -14.25
C ALA B 282 46.72 -36.50 -13.39
N ARG B 283 46.61 -36.77 -12.10
CA ARG B 283 47.70 -36.50 -11.17
C ARG B 283 48.95 -37.30 -11.51
N THR B 284 48.77 -38.60 -11.77
CA THR B 284 49.89 -39.49 -11.97
C THR B 284 50.46 -39.35 -13.38
N LEU B 285 49.70 -38.72 -14.27
CA LEU B 285 50.12 -38.58 -15.66
C LEU B 285 50.77 -37.22 -15.92
N ASN B 286 50.51 -36.27 -15.04
CA ASN B 286 51.09 -34.93 -15.16
C ASN B 286 52.59 -34.95 -15.44
N GLU B 287 52.98 -34.33 -16.54
CA GLU B 287 54.39 -34.22 -16.93
C GLU B 287 55.06 -35.51 -17.36
N LYS B 288 54.28 -36.59 -17.48
CA LYS B 288 54.82 -37.86 -17.98
C LYS B 288 55.30 -37.74 -19.42
N LYS B 289 56.44 -38.36 -19.71
CA LYS B 289 56.93 -38.46 -21.08
C LYS B 289 56.14 -39.52 -21.83
N CYS B 290 54.87 -39.24 -22.07
CA CYS B 290 54.00 -40.14 -22.82
C CYS B 290 53.73 -39.65 -24.23
N GLY B 291 54.21 -40.42 -25.20
CA GLY B 291 53.89 -40.15 -26.61
C GLY B 291 52.46 -40.52 -26.94
N VAL B 292 51.89 -39.78 -27.89
CA VAL B 292 50.56 -40.12 -28.40
C VAL B 292 50.58 -40.28 -29.91
N TYR B 293 50.30 -41.48 -30.38
CA TYR B 293 50.36 -41.79 -31.81
C TYR B 293 48.99 -42.22 -32.33
N LEU B 294 48.35 -41.35 -33.09
CA LEU B 294 46.93 -41.50 -33.41
C LEU B 294 46.71 -41.76 -34.89
N GLY B 295 46.14 -42.93 -35.19
CA GLY B 295 45.70 -43.24 -36.54
C GLY B 295 44.45 -42.48 -36.92
N ILE B 296 44.51 -41.75 -38.03
CA ILE B 296 43.38 -40.95 -38.48
C ILE B 296 43.55 -40.62 -39.96
N MET B 297 42.46 -40.71 -40.73
CA MET B 297 42.57 -40.70 -42.18
C MET B 297 41.47 -39.95 -42.93
N SER B 298 40.68 -39.15 -42.23
CA SER B 298 39.58 -38.43 -42.87
C SER B 298 39.27 -37.08 -42.23
N ASN B 299 38.69 -36.16 -43.01
CA ASN B 299 38.46 -34.80 -42.56
C ASN B 299 37.02 -34.31 -42.73
N GLU B 300 36.07 -35.24 -42.79
CA GLU B 300 34.72 -34.94 -43.24
C GLU B 300 34.04 -33.78 -42.51
N TYR B 301 34.13 -33.77 -41.19
CA TYR B 301 33.46 -32.76 -40.37
C TYR B 301 33.99 -31.35 -40.63
N GLY B 302 35.32 -31.22 -40.71
CA GLY B 302 35.94 -29.95 -41.02
C GLY B 302 35.43 -29.36 -42.32
N VAL B 303 35.30 -30.21 -43.34
CA VAL B 303 34.79 -29.79 -44.64
C VAL B 303 33.32 -29.40 -44.56
N MET B 304 32.50 -30.24 -43.94
CA MET B 304 31.11 -29.94 -43.67
C MET B 304 30.96 -28.55 -43.05
N LEU B 305 31.83 -28.24 -42.10
CA LEU B 305 31.83 -26.94 -41.45
C LEU B 305 32.16 -25.83 -42.44
N GLY B 315 41.27 -25.78 -35.99
CA GLY B 315 40.87 -26.60 -34.86
C GLY B 315 40.84 -28.08 -35.21
N ASN B 316 40.59 -28.37 -36.48
CA ASN B 316 40.27 -29.73 -36.90
C ASN B 316 41.36 -30.41 -37.74
N SER B 317 42.61 -30.04 -37.50
CA SER B 317 43.74 -30.65 -38.17
C SER B 317 44.05 -32.01 -37.53
N PHE B 318 44.69 -32.89 -38.30
CA PHE B 318 45.23 -34.12 -37.74
C PHE B 318 46.19 -33.82 -36.58
N ALA B 319 46.97 -32.75 -36.72
CA ALA B 319 47.98 -32.38 -35.73
C ALA B 319 47.35 -32.08 -34.38
N ILE B 320 46.22 -31.37 -34.39
CA ILE B 320 45.50 -31.06 -33.17
C ILE B 320 44.77 -32.26 -32.60
N ALA B 321 44.25 -33.13 -33.46
CA ALA B 321 43.60 -34.36 -33.04
C ALA B 321 44.50 -35.16 -32.11
N ALA B 322 45.77 -35.27 -32.48
CA ALA B 322 46.75 -35.99 -31.69
C ALA B 322 47.08 -35.25 -30.40
N ALA B 323 46.98 -33.92 -30.46
CA ALA B 323 47.48 -33.08 -29.39
C ALA B 323 46.45 -32.87 -28.29
N ARG B 324 45.22 -33.26 -28.55
CA ARG B 324 44.13 -33.03 -27.61
C ARG B 324 44.47 -33.59 -26.24
N ILE B 325 44.88 -34.85 -26.23
CA ILE B 325 45.11 -35.58 -24.98
C ILE B 325 46.32 -35.05 -24.21
N PRO B 326 47.45 -34.86 -24.90
CA PRO B 326 48.61 -34.28 -24.24
C PRO B 326 48.29 -32.94 -23.60
N TYR B 327 47.52 -32.11 -24.30
CA TYR B 327 47.17 -30.78 -23.82
C TYR B 327 46.32 -30.88 -22.55
N PHE B 328 45.37 -31.81 -22.56
CA PHE B 328 44.49 -32.01 -21.41
C PHE B 328 45.23 -32.55 -20.20
N LEU B 329 46.12 -33.51 -20.41
CA LEU B 329 46.74 -34.23 -19.30
C LEU B 329 48.13 -33.72 -18.96
N ASN B 330 48.63 -32.78 -19.77
CA ASN B 330 50.00 -32.31 -19.66
C ASN B 330 51.01 -33.42 -19.87
N LEU B 331 50.85 -34.18 -20.95
CA LEU B 331 51.88 -35.14 -21.36
C LEU B 331 52.97 -34.46 -22.19
N LYS B 332 54.15 -35.07 -22.21
CA LYS B 332 55.33 -34.38 -22.70
C LYS B 332 56.01 -35.15 -23.85
N GLY B 333 55.52 -36.34 -24.12
CA GLY B 333 56.00 -37.11 -25.27
C GLY B 333 55.37 -36.60 -26.55
N PRO B 334 55.99 -36.90 -27.70
CA PRO B 334 55.50 -36.34 -28.96
C PRO B 334 54.05 -36.72 -29.23
N ALA B 335 53.30 -35.84 -29.88
CA ALA B 335 51.96 -36.15 -30.32
C ALA B 335 51.85 -36.11 -31.84
N ILE B 336 51.80 -37.28 -32.46
CA ILE B 336 51.90 -37.41 -33.91
C ILE B 336 50.69 -38.14 -34.46
N PRO B 337 49.98 -37.53 -35.42
CA PRO B 337 48.94 -38.27 -36.13
C PRO B 337 49.52 -39.10 -37.26
N ILE B 338 48.97 -40.28 -37.48
CA ILE B 338 49.44 -41.15 -38.56
C ILE B 338 48.32 -41.44 -39.56
N ASP B 339 48.49 -40.99 -40.80
CA ASP B 339 47.59 -41.42 -41.85
C ASP B 339 48.32 -42.26 -42.90
N THR B 340 48.40 -43.56 -42.65
CA THR B 340 48.77 -44.49 -43.70
C THR B 340 47.55 -45.31 -44.10
N ALA B 341 46.41 -44.64 -44.16
CA ALA B 341 45.14 -45.31 -44.40
C ALA B 341 44.91 -46.39 -43.34
N CYS B 342 44.70 -47.62 -43.80
CA CYS B 342 44.11 -48.66 -42.97
C CYS B 342 45.12 -49.30 -42.02
N SER B 343 46.40 -49.02 -42.27
CA SER B 343 47.45 -49.58 -41.43
C SER B 343 47.81 -48.63 -40.30
N SER B 344 47.08 -47.52 -40.21
CA SER B 344 47.52 -46.36 -39.45
C SER B 344 47.83 -46.69 -38.00
N SER B 345 46.87 -47.31 -37.32
CA SER B 345 47.00 -47.52 -35.89
C SER B 345 48.08 -48.53 -35.55
N LEU B 346 48.37 -49.42 -36.50
CA LEU B 346 49.44 -50.39 -36.31
C LEU B 346 50.81 -49.78 -36.58
N VAL B 347 50.89 -48.94 -37.60
CA VAL B 347 52.10 -48.15 -37.85
C VAL B 347 52.45 -47.31 -36.62
N GLY B 348 51.43 -46.74 -35.99
CA GLY B 348 51.63 -45.95 -34.78
C GLY B 348 52.19 -46.82 -33.66
N THR B 349 51.64 -48.02 -33.54
CA THR B 349 52.11 -48.97 -32.54
C THR B 349 53.58 -49.31 -32.72
N HIS B 350 54.01 -49.42 -33.97
CA HIS B 350 55.41 -49.67 -34.27
C HIS B 350 56.29 -48.53 -33.85
N LEU B 351 55.87 -47.31 -34.18
CA LEU B 351 56.64 -46.11 -33.86
C LEU B 351 56.75 -45.91 -32.36
N ALA B 352 55.64 -46.15 -31.66
CA ALA B 352 55.62 -46.02 -30.20
C ALA B 352 56.55 -47.04 -29.57
N ARG B 353 56.53 -48.26 -30.12
CA ARG B 353 57.38 -49.34 -29.64
C ARG B 353 58.87 -48.97 -29.76
N GLN B 354 59.24 -48.42 -30.91
CA GLN B 354 60.62 -48.03 -31.15
C GLN B 354 61.08 -46.88 -30.25
N ALA B 355 60.18 -45.95 -29.98
CA ALA B 355 60.48 -44.82 -29.10
C ALA B 355 60.65 -45.28 -27.65
N LEU B 356 59.84 -46.25 -27.24
CA LEU B 356 59.93 -46.80 -25.90
C LEU B 356 61.22 -47.59 -25.69
N ILE B 357 61.56 -48.43 -26.67
CA ILE B 357 62.79 -49.20 -26.62
C ILE B 357 64.02 -48.31 -26.61
N ASN B 358 63.97 -47.21 -27.35
CA ASN B 358 65.06 -46.24 -27.39
C ASN B 358 65.04 -45.26 -26.22
N LYS B 359 64.07 -45.45 -25.32
CA LYS B 359 63.98 -44.65 -24.10
C LYS B 359 63.72 -43.18 -24.34
N GLU B 360 63.14 -42.86 -25.50
CA GLU B 360 62.77 -41.49 -25.82
C GLU B 360 61.50 -41.07 -25.09
N ILE B 361 60.62 -42.04 -24.86
CA ILE B 361 59.44 -41.85 -24.02
C ILE B 361 59.36 -42.96 -22.99
N ASP B 362 58.51 -42.77 -21.98
CA ASP B 362 58.39 -43.74 -20.89
C ASP B 362 57.01 -44.40 -20.92
N MET B 363 56.15 -43.88 -21.78
CA MET B 363 54.80 -44.40 -21.96
C MET B 363 54.28 -43.98 -23.33
N ALA B 364 53.31 -44.72 -23.85
CA ALA B 364 52.76 -44.41 -25.17
C ALA B 364 51.25 -44.68 -25.17
N LEU B 365 50.48 -43.69 -25.62
CA LEU B 365 49.08 -43.93 -25.98
C LEU B 365 48.96 -44.06 -27.50
N VAL B 366 48.67 -45.28 -27.97
CA VAL B 366 48.50 -45.51 -29.39
C VAL B 366 47.03 -45.86 -29.68
N GLY B 367 46.55 -45.44 -30.84
CA GLY B 367 45.15 -45.68 -31.18
C GLY B 367 44.82 -45.30 -32.61
N GLY B 368 43.56 -45.53 -32.98
CA GLY B 368 43.02 -45.05 -34.24
C GLY B 368 41.56 -44.67 -34.10
N VAL B 369 41.08 -43.81 -34.99
CA VAL B 369 39.67 -43.43 -35.02
C VAL B 369 39.21 -43.25 -36.46
N SER B 370 38.06 -43.82 -36.80
CA SER B 370 37.47 -43.61 -38.11
C SER B 370 35.94 -43.49 -38.07
N LEU B 371 35.44 -42.39 -38.61
CA LEU B 371 34.00 -42.22 -38.81
C LEU B 371 33.72 -42.03 -40.30
N TYR B 372 32.51 -42.40 -40.71
CA TYR B 372 32.05 -42.19 -42.09
C TYR B 372 30.81 -41.31 -42.14
N LEU B 373 31.03 -40.00 -42.28
CA LEU B 373 30.00 -39.01 -42.00
C LEU B 373 29.20 -38.61 -43.23
N THR B 374 29.79 -38.75 -44.42
CA THR B 374 29.15 -38.28 -45.64
C THR B 374 28.90 -39.40 -46.64
N PRO B 375 27.84 -39.26 -47.45
CA PRO B 375 27.60 -40.16 -48.57
C PRO B 375 28.77 -40.15 -49.56
N GLU B 376 29.45 -39.01 -49.65
CA GLU B 376 30.48 -38.81 -50.67
C GLU B 376 31.68 -39.73 -50.44
N SER B 377 32.05 -39.91 -49.17
CA SER B 377 33.23 -40.66 -48.81
C SER B 377 32.94 -42.17 -48.77
N TYR B 378 31.98 -42.60 -49.57
CA TYR B 378 31.38 -43.92 -49.40
C TYR B 378 30.48 -44.26 -50.57
N GLY B 399 33.60 -66.29 -52.10
CA GLY B 399 32.45 -65.41 -51.87
C GLY B 399 32.85 -63.95 -51.73
N ALA B 400 34.14 -63.73 -51.48
CA ALA B 400 34.65 -62.41 -51.13
C ALA B 400 34.36 -61.38 -52.23
N ASN B 401 33.84 -60.23 -51.82
CA ASN B 401 33.18 -59.31 -52.75
C ASN B 401 33.50 -57.85 -52.50
N GLY B 402 34.54 -57.60 -51.70
CA GLY B 402 34.81 -56.25 -51.20
C GLY B 402 34.48 -56.14 -49.73
N PHE B 403 34.80 -54.99 -49.13
CA PHE B 403 34.56 -54.77 -47.71
C PHE B 403 33.35 -53.89 -47.41
N VAL B 404 32.85 -53.98 -46.18
CA VAL B 404 31.86 -53.03 -45.68
C VAL B 404 32.56 -52.09 -44.70
N PRO B 405 32.52 -50.78 -45.00
CA PRO B 405 33.12 -49.77 -44.13
C PRO B 405 32.60 -49.85 -42.70
N GLY B 406 33.52 -49.76 -41.73
CA GLY B 406 33.15 -49.74 -40.32
C GLY B 406 33.70 -48.51 -39.63
N GLU B 407 33.03 -48.10 -38.56
CA GLU B 407 33.55 -47.03 -37.71
C GLU B 407 34.16 -47.64 -36.46
N GLY B 408 35.09 -46.93 -35.84
CA GLY B 408 35.75 -47.43 -34.64
C GLY B 408 36.65 -46.40 -33.99
N ALA B 409 36.85 -46.53 -32.68
CA ALA B 409 37.84 -45.75 -31.95
C ALA B 409 38.44 -46.59 -30.83
N GLY B 410 39.75 -46.79 -30.87
CA GLY B 410 40.42 -47.67 -29.92
C GLY B 410 41.79 -47.15 -29.51
N ALA B 411 42.15 -47.40 -28.25
CA ALA B 411 43.42 -46.92 -27.72
C ALA B 411 44.10 -48.00 -26.88
N LEU B 412 45.42 -48.01 -26.91
CA LEU B 412 46.21 -48.86 -26.03
C LEU B 412 47.15 -48.00 -25.20
N VAL B 413 47.51 -48.49 -24.01
CA VAL B 413 48.59 -47.88 -23.24
C VAL B 413 49.80 -48.80 -23.22
N LEU B 414 50.95 -48.28 -23.65
CA LEU B 414 52.16 -49.08 -23.79
C LEU B 414 53.27 -48.61 -22.85
N LYS B 415 54.02 -49.56 -22.31
CA LYS B 415 55.22 -49.27 -21.53
C LYS B 415 56.26 -50.36 -21.80
N ARG B 416 57.52 -50.07 -21.50
CA ARG B 416 58.53 -51.11 -21.40
C ARG B 416 58.14 -52.13 -20.34
N LEU B 417 58.32 -53.42 -20.62
CA LEU B 417 57.84 -54.46 -19.73
C LEU B 417 58.46 -54.37 -18.34
N LYS B 418 59.75 -54.06 -18.28
CA LYS B 418 60.48 -53.89 -17.04
C LYS B 418 59.84 -52.82 -16.15
N ASP B 419 59.41 -51.73 -16.76
CA ASP B 419 58.74 -50.64 -16.04
C ASP B 419 57.37 -51.07 -15.54
N ALA B 420 56.62 -51.75 -16.41
CA ALA B 420 55.28 -52.22 -16.08
C ALA B 420 55.29 -53.18 -14.90
N GLU B 421 56.32 -54.03 -14.82
CA GLU B 421 56.44 -54.97 -13.73
C GLU B 421 56.89 -54.31 -12.43
N ALA B 422 57.80 -53.36 -12.54
CA ALA B 422 58.23 -52.54 -11.41
C ALA B 422 57.09 -51.70 -10.85
N ASP B 423 56.26 -51.15 -11.73
CA ASP B 423 55.16 -50.29 -11.30
C ASP B 423 53.91 -51.08 -10.92
N ARG B 424 53.98 -52.40 -11.07
CA ARG B 424 52.88 -53.29 -10.71
C ARG B 424 51.60 -53.01 -11.49
N ASP B 425 51.76 -52.57 -12.74
CA ASP B 425 50.65 -52.45 -13.68
C ASP B 425 50.04 -53.83 -13.92
N HIS B 426 48.78 -53.84 -14.34
CA HIS B 426 48.20 -55.04 -14.92
C HIS B 426 48.47 -55.09 -16.40
N ILE B 427 48.87 -56.27 -16.87
CA ILE B 427 49.44 -56.40 -18.21
C ILE B 427 48.57 -57.34 -19.04
N TYR B 428 48.08 -56.83 -20.18
CA TYR B 428 47.21 -57.60 -21.05
C TYR B 428 47.98 -58.58 -21.91
N GLY B 429 49.21 -58.20 -22.27
CA GLY B 429 50.03 -58.97 -23.21
C GLY B 429 51.23 -58.13 -23.62
N ILE B 430 52.23 -58.76 -24.21
CA ILE B 430 53.46 -58.08 -24.56
C ILE B 430 53.75 -58.12 -26.06
N ILE B 431 54.24 -57.00 -26.58
CA ILE B 431 54.65 -56.94 -27.98
C ILE B 431 56.12 -57.32 -28.13
N ILE B 432 56.36 -58.42 -28.83
CA ILE B 432 57.70 -59.00 -28.93
C ILE B 432 58.32 -58.80 -30.30
N GLY B 433 57.56 -58.26 -31.24
CA GLY B 433 58.08 -57.92 -32.55
C GLY B 433 57.14 -57.09 -33.38
N SER B 434 57.68 -56.14 -34.14
CA SER B 434 56.88 -55.32 -35.06
C SER B 434 57.73 -54.80 -36.21
N GLY B 435 57.08 -54.54 -37.34
CA GLY B 435 57.79 -53.98 -38.49
C GLY B 435 56.82 -53.36 -39.46
N ILE B 436 57.30 -52.38 -40.23
CA ILE B 436 56.48 -51.76 -41.27
C ILE B 436 57.31 -51.74 -42.55
N ASN B 437 56.64 -51.80 -43.70
CA ASN B 437 57.29 -51.60 -44.99
C ASN B 437 56.35 -51.10 -46.06
N GLN B 438 56.84 -51.01 -47.29
CA GLN B 438 56.05 -50.52 -48.41
C GLN B 438 55.86 -51.58 -49.50
N ASP B 439 54.74 -51.51 -50.19
CA ASP B 439 54.48 -52.37 -51.34
C ASP B 439 55.40 -51.97 -52.49
N GLY B 440 55.69 -50.68 -52.57
CA GLY B 440 56.45 -50.13 -53.68
C GLY B 440 55.64 -50.11 -54.96
N LYS B 441 56.29 -50.41 -56.08
CA LYS B 441 55.62 -50.44 -57.37
C LYS B 441 54.73 -51.67 -57.53
N THR B 442 53.43 -51.43 -57.53
CA THR B 442 52.45 -52.48 -57.79
C THR B 442 51.69 -52.15 -59.08
N ASN B 443 50.80 -53.06 -59.49
CA ASN B 443 49.90 -52.80 -60.60
C ASN B 443 48.73 -51.92 -60.16
N GLY B 444 48.97 -50.61 -60.07
CA GLY B 444 48.01 -49.71 -59.47
C GLY B 444 48.31 -49.50 -57.99
N ILE B 445 48.23 -48.26 -57.54
CA ILE B 445 48.80 -47.87 -56.25
C ILE B 445 48.09 -48.53 -55.07
N THR B 446 46.90 -49.06 -55.30
CA THR B 446 46.11 -49.66 -54.23
C THR B 446 46.12 -51.18 -54.25
N ALA B 447 46.80 -51.77 -55.23
CA ALA B 447 47.00 -53.21 -55.25
C ALA B 447 48.07 -53.66 -54.26
N PRO B 448 47.94 -54.89 -53.74
CA PRO B 448 48.89 -55.40 -52.75
C PRO B 448 50.06 -56.12 -53.39
N SER B 449 51.15 -56.25 -52.64
CA SER B 449 52.34 -56.95 -53.11
C SER B 449 52.59 -58.18 -52.25
N ALA B 450 52.46 -59.36 -52.84
CA ALA B 450 52.75 -60.61 -52.15
C ALA B 450 54.16 -60.58 -51.55
N LYS B 451 55.10 -60.10 -52.35
CA LYS B 451 56.51 -60.12 -51.99
C LYS B 451 56.80 -59.23 -50.77
N SER B 452 56.20 -58.04 -50.76
CA SER B 452 56.38 -57.11 -49.65
C SER B 452 55.81 -57.67 -48.35
N GLN B 453 54.67 -58.33 -48.46
CA GLN B 453 54.02 -58.93 -47.28
C GLN B 453 54.89 -60.05 -46.72
N MET B 454 55.47 -60.85 -47.62
CA MET B 454 56.39 -61.91 -47.20
C MET B 454 57.64 -61.34 -46.56
N ASP B 455 58.25 -60.37 -47.21
CA ASP B 455 59.45 -59.73 -46.67
C ASP B 455 59.20 -59.13 -45.29
N LEU B 456 58.10 -58.38 -45.17
CA LEU B 456 57.73 -57.81 -43.88
C LEU B 456 57.70 -58.87 -42.79
N GLU B 457 57.01 -59.97 -43.03
CA GLU B 457 56.78 -60.98 -42.01
C GLU B 457 58.04 -61.78 -41.70
N ARG B 458 58.78 -62.13 -42.75
CA ARG B 458 60.05 -62.82 -42.63
C ARG B 458 61.04 -61.98 -41.82
N ASP B 459 61.17 -60.72 -42.20
CA ASP B 459 62.14 -59.82 -41.58
C ASP B 459 61.87 -59.62 -40.10
N ILE B 460 60.59 -59.54 -39.74
CA ILE B 460 60.21 -59.44 -38.34
C ILE B 460 60.59 -60.70 -37.58
N TYR B 461 60.22 -61.87 -38.11
CA TYR B 461 60.46 -63.12 -37.41
C TYR B 461 61.96 -63.37 -37.22
N GLU B 462 62.74 -63.01 -38.24
CA GLU B 462 64.19 -63.20 -38.17
C GLU B 462 64.86 -62.19 -37.26
N THR B 463 64.47 -60.93 -37.36
CA THR B 463 65.02 -59.88 -36.50
C THR B 463 64.82 -60.21 -35.01
N TYR B 464 63.65 -60.75 -34.67
CA TYR B 464 63.28 -60.92 -33.27
C TYR B 464 63.29 -62.37 -32.83
N GLY B 465 63.78 -63.26 -33.68
CA GLY B 465 63.97 -64.65 -33.32
C GLY B 465 62.68 -65.36 -33.00
N ILE B 466 61.68 -65.16 -33.85
CA ILE B 466 60.36 -65.77 -33.67
C ILE B 466 60.15 -66.89 -34.68
N HIS B 467 59.94 -68.10 -34.19
CA HIS B 467 59.67 -69.25 -35.05
C HIS B 467 58.20 -69.35 -35.33
N PRO B 468 57.84 -69.49 -36.61
CA PRO B 468 56.42 -69.50 -36.99
C PRO B 468 55.63 -70.61 -36.28
N GLU B 469 56.30 -71.68 -35.89
CA GLU B 469 55.64 -72.78 -35.18
C GLU B 469 55.11 -72.34 -33.82
N SER B 470 55.69 -71.27 -33.28
CA SER B 470 55.26 -70.75 -31.98
C SER B 470 53.98 -69.92 -32.07
N ILE B 471 53.55 -69.62 -33.29
CA ILE B 471 52.37 -68.79 -33.51
C ILE B 471 51.14 -69.64 -33.76
N SER B 472 50.06 -69.33 -33.04
CA SER B 472 48.86 -70.16 -33.11
C SER B 472 47.62 -69.40 -33.55
N TYR B 473 47.73 -68.08 -33.65
CA TYR B 473 46.67 -67.28 -34.25
C TYR B 473 47.22 -66.08 -35.01
N VAL B 474 46.58 -65.75 -36.13
CA VAL B 474 46.88 -64.50 -36.83
C VAL B 474 45.59 -63.75 -37.13
N GLU B 475 45.49 -62.53 -36.62
CA GLU B 475 44.42 -61.63 -37.00
C GLU B 475 44.75 -60.96 -38.33
N MET B 476 44.18 -61.49 -39.41
CA MET B 476 44.55 -61.04 -40.75
C MET B 476 44.00 -59.65 -41.04
N HIS B 477 44.59 -58.99 -42.03
CA HIS B 477 44.00 -57.78 -42.62
C HIS B 477 42.63 -58.10 -43.14
N GLY B 478 42.55 -59.16 -43.95
CA GLY B 478 41.30 -59.89 -44.16
C GLY B 478 40.10 -59.01 -44.39
N THR B 479 40.13 -58.23 -45.47
CA THR B 479 39.08 -57.26 -45.75
C THR B 479 37.94 -57.86 -46.59
N GLY B 480 38.17 -59.07 -47.09
CA GLY B 480 37.15 -59.76 -47.87
C GLY B 480 37.10 -59.29 -49.31
N THR B 481 38.26 -58.93 -49.85
CA THR B 481 38.37 -58.55 -51.26
C THR B 481 38.90 -59.73 -52.07
N GLY B 484 42.58 -59.62 -52.76
CA GLY B 484 43.51 -59.27 -51.70
C GLY B 484 43.63 -60.37 -50.65
N ASP B 485 42.52 -61.05 -50.40
CA ASP B 485 42.49 -62.15 -49.44
C ASP B 485 43.47 -63.26 -49.77
N PRO B 486 43.45 -63.76 -51.01
CA PRO B 486 44.32 -64.88 -51.40
C PRO B 486 45.81 -64.54 -51.40
N ILE B 487 46.14 -63.29 -51.75
CA ILE B 487 47.51 -62.82 -51.69
C ILE B 487 48.04 -62.83 -50.25
N GLU B 488 47.24 -62.31 -49.32
CA GLU B 488 47.61 -62.33 -47.90
C GLU B 488 47.82 -63.76 -47.42
N LEU B 489 46.88 -64.65 -47.78
CA LEU B 489 46.92 -66.04 -47.34
C LEU B 489 48.18 -66.72 -47.82
N GLU B 490 48.47 -66.54 -49.10
CA GLU B 490 49.63 -67.17 -49.73
C GLU B 490 50.92 -66.68 -49.10
N ALA B 491 51.01 -65.36 -48.90
CA ALA B 491 52.20 -64.75 -48.32
C ALA B 491 52.53 -65.37 -46.97
N LEU B 492 51.56 -65.31 -46.06
CA LEU B 492 51.76 -65.77 -44.69
C LEU B 492 52.06 -67.27 -44.69
N SER B 493 51.28 -68.01 -45.46
CA SER B 493 51.46 -69.45 -45.56
C SER B 493 52.88 -69.76 -46.03
N THR B 494 53.31 -69.04 -47.06
CA THR B 494 54.63 -69.27 -47.65
C THR B 494 55.73 -69.04 -46.62
N VAL B 495 55.61 -67.96 -45.87
CA VAL B 495 56.64 -67.58 -44.91
C VAL B 495 56.72 -68.60 -43.77
N PHE B 496 55.56 -69.05 -43.31
CA PHE B 496 55.47 -70.07 -42.27
C PHE B 496 56.10 -71.36 -42.78
N GLN B 497 55.83 -71.71 -44.03
CA GLN B 497 56.20 -73.00 -44.58
C GLN B 497 57.70 -73.10 -44.83
N GLU B 498 58.35 -71.93 -44.92
CA GLU B 498 59.80 -71.86 -45.04
C GLU B 498 60.50 -72.45 -43.83
N LYS B 499 59.78 -72.53 -42.71
CA LYS B 499 60.40 -72.89 -41.45
C LYS B 499 59.85 -74.18 -40.86
N THR B 500 58.64 -74.53 -41.25
CA THR B 500 57.96 -75.69 -40.68
C THR B 500 57.15 -76.50 -41.68
N ASP B 501 57.06 -77.80 -41.41
CA ASP B 501 56.22 -78.71 -42.19
C ASP B 501 54.84 -78.89 -41.55
N LYS B 502 54.73 -78.51 -40.28
CA LYS B 502 53.49 -78.71 -39.52
C LYS B 502 52.29 -78.09 -40.23
N LYS B 503 51.17 -78.79 -40.19
CA LYS B 503 49.97 -78.41 -40.94
C LYS B 503 48.82 -78.03 -40.01
N GLN B 504 48.11 -76.97 -40.40
CA GLN B 504 46.88 -76.55 -39.73
C GLN B 504 47.02 -76.36 -38.22
N PHE B 505 48.12 -75.72 -37.80
CA PHE B 505 48.36 -75.44 -36.40
C PHE B 505 48.04 -73.99 -36.04
N CYS B 506 47.91 -73.14 -37.07
CA CYS B 506 47.70 -71.72 -36.84
C CYS B 506 46.34 -71.24 -37.33
N ALA B 507 45.49 -70.88 -36.37
CA ALA B 507 44.16 -70.37 -36.69
C ALA B 507 44.28 -68.96 -37.26
N ILE B 508 43.44 -68.65 -38.25
CA ILE B 508 43.35 -67.29 -38.77
C ILE B 508 41.92 -66.78 -38.67
N GLY B 509 41.78 -65.46 -38.53
CA GLY B 509 40.47 -64.83 -38.46
C GLY B 509 40.56 -63.36 -38.81
N SER B 510 39.40 -62.72 -38.89
CA SER B 510 39.35 -61.27 -39.07
C SER B 510 38.09 -60.71 -38.41
N VAL B 511 38.29 -59.82 -37.45
CA VAL B 511 37.17 -59.16 -36.77
C VAL B 511 36.38 -58.24 -37.70
N LYS B 512 36.93 -57.97 -38.88
CA LYS B 512 36.22 -57.17 -39.87
C LYS B 512 34.97 -57.91 -40.31
N SER B 513 34.99 -59.22 -40.13
CA SER B 513 33.80 -60.04 -40.37
C SER B 513 32.69 -59.72 -39.38
N ASN B 514 33.07 -59.18 -38.22
CA ASN B 514 32.10 -58.83 -37.20
C ASN B 514 31.64 -57.38 -37.28
N ILE B 515 32.59 -56.46 -37.44
CA ILE B 515 32.32 -55.05 -37.22
C ILE B 515 32.57 -54.20 -38.47
N GLY B 516 33.01 -54.86 -39.55
CA GLY B 516 33.34 -54.16 -40.78
C GLY B 516 34.78 -53.66 -40.78
N HIS B 517 35.14 -52.91 -41.81
CA HIS B 517 36.50 -52.42 -41.96
C HIS B 517 36.67 -51.07 -41.34
N THR B 518 37.17 -51.04 -40.10
CA THR B 518 37.18 -49.81 -39.31
C THR B 518 38.37 -48.91 -39.64
N SER B 519 39.00 -49.17 -40.77
CA SER B 519 39.95 -48.24 -41.39
C SER B 519 41.10 -47.86 -40.48
N ALA B 520 41.21 -46.58 -40.14
CA ALA B 520 42.32 -46.10 -39.32
C ALA B 520 42.40 -46.80 -37.97
N ALA B 521 41.27 -47.32 -37.51
CA ALA B 521 41.19 -48.00 -36.21
C ALA B 521 41.25 -49.52 -36.35
N ALA B 522 41.47 -49.99 -37.57
CA ALA B 522 41.43 -51.42 -37.85
C ALA B 522 42.47 -52.18 -37.04
N GLY B 523 43.68 -51.62 -36.96
CA GLY B 523 44.78 -52.27 -36.27
C GLY B 523 44.51 -52.46 -34.79
N VAL B 524 44.07 -51.39 -34.12
CA VAL B 524 43.81 -51.43 -32.68
C VAL B 524 42.64 -52.35 -32.36
N ALA B 525 41.67 -52.41 -33.28
CA ALA B 525 40.53 -53.30 -33.13
C ALA B 525 41.02 -54.75 -33.14
N GLY B 526 41.97 -55.03 -34.02
CA GLY B 526 42.53 -56.37 -34.17
C GLY B 526 43.40 -56.76 -32.99
N VAL B 527 44.24 -55.83 -32.55
CA VAL B 527 45.10 -56.07 -31.39
C VAL B 527 44.27 -56.32 -30.13
N GLN B 528 43.19 -55.58 -29.96
CA GLN B 528 42.35 -55.73 -28.77
C GLN B 528 41.61 -57.07 -28.74
N LYS B 529 41.13 -57.51 -29.89
CA LYS B 529 40.59 -58.84 -30.03
C LYS B 529 41.59 -59.90 -29.57
N VAL B 530 42.81 -59.83 -30.08
CA VAL B 530 43.81 -60.83 -29.75
C VAL B 530 44.15 -60.85 -28.27
N LEU B 531 44.30 -59.67 -27.68
CA LEU B 531 44.57 -59.59 -26.25
C LEU B 531 43.42 -60.19 -25.44
N LEU B 532 42.19 -59.91 -25.87
CA LEU B 532 41.01 -60.43 -25.19
C LEU B 532 40.93 -61.96 -25.31
N CYS B 533 41.24 -62.47 -26.49
CA CYS B 533 41.33 -63.92 -26.68
C CYS B 533 42.38 -64.52 -25.75
N MET B 534 43.55 -63.91 -25.69
CA MET B 534 44.63 -64.38 -24.82
C MET B 534 44.21 -64.40 -23.36
N ASN B 535 43.64 -63.29 -22.89
CA ASN B 535 43.21 -63.17 -21.51
C ASN B 535 42.22 -64.26 -21.10
N HIS B 536 41.34 -64.63 -22.03
CA HIS B 536 40.30 -65.62 -21.75
C HIS B 536 40.68 -66.97 -22.27
N LYS B 537 41.91 -67.10 -22.76
CA LYS B 537 42.40 -68.35 -23.34
C LYS B 537 41.38 -69.02 -24.28
N THR B 538 40.82 -68.22 -25.18
CA THR B 538 39.69 -68.63 -25.99
C THR B 538 39.87 -68.10 -27.41
N LEU B 539 39.67 -68.95 -28.41
CA LEU B 539 39.55 -68.49 -29.78
C LEU B 539 38.08 -68.33 -30.16
N VAL B 540 37.77 -67.29 -30.93
CA VAL B 540 36.39 -66.99 -31.27
C VAL B 540 36.19 -67.16 -32.77
N PRO B 541 34.93 -67.29 -33.21
CA PRO B 541 34.67 -67.52 -34.63
C PRO B 541 35.00 -66.31 -35.49
N THR B 542 35.55 -66.55 -36.67
CA THR B 542 35.47 -65.58 -37.76
C THR B 542 34.24 -65.85 -38.61
N LEU B 543 33.58 -64.79 -39.05
CA LEU B 543 32.24 -64.90 -39.61
C LEU B 543 32.22 -64.95 -41.14
N ASN B 544 31.05 -65.22 -41.70
CA ASN B 544 30.84 -65.14 -43.15
C ASN B 544 31.68 -66.11 -43.98
N PHE B 545 32.15 -67.18 -43.35
CA PHE B 545 32.96 -68.18 -44.02
C PHE B 545 32.18 -69.46 -44.25
N THR B 546 31.83 -69.73 -45.51
CA THR B 546 31.17 -70.98 -45.87
C THR B 546 32.11 -71.92 -46.61
N THR B 547 32.72 -71.44 -47.69
CA THR B 547 33.68 -72.22 -48.46
C THR B 547 34.96 -71.44 -48.70
N PRO B 548 36.12 -72.12 -48.62
CA PRO B 548 37.41 -71.46 -48.80
C PRO B 548 37.56 -70.77 -50.16
N ASN B 549 38.26 -69.65 -50.17
CA ASN B 549 38.64 -69.00 -51.42
C ASN B 549 39.31 -69.98 -52.37
N GLU B 550 38.84 -70.00 -53.61
CA GLU B 550 39.29 -70.96 -54.61
C GLU B 550 40.79 -70.85 -54.89
N HIS B 551 41.34 -69.66 -54.70
CA HIS B 551 42.71 -69.37 -55.13
C HIS B 551 43.73 -69.72 -54.08
N PHE B 552 43.28 -70.30 -52.97
CA PHE B 552 44.18 -70.78 -51.94
C PHE B 552 43.77 -72.14 -51.39
N GLU B 553 44.75 -73.02 -51.21
CA GLU B 553 44.51 -74.37 -50.73
C GLU B 553 44.94 -74.57 -49.28
N PHE B 554 43.97 -74.75 -48.40
CA PHE B 554 44.19 -74.74 -46.96
C PHE B 554 44.75 -76.06 -46.43
N GLU B 555 44.39 -77.16 -47.09
CA GLU B 555 44.55 -78.48 -46.53
C GLU B 555 45.99 -78.78 -46.12
N HIS B 556 46.93 -78.34 -46.94
CA HIS B 556 48.35 -78.58 -46.67
C HIS B 556 49.05 -77.32 -46.25
N SER B 557 48.28 -76.39 -45.69
CA SER B 557 48.81 -75.14 -45.18
C SER B 557 49.02 -75.24 -43.67
N PRO B 558 49.90 -74.39 -43.12
CA PRO B 558 49.99 -74.24 -41.67
C PRO B 558 48.75 -73.57 -41.10
N LEU B 559 47.93 -73.00 -41.99
CA LEU B 559 46.82 -72.15 -41.57
C LEU B 559 45.48 -72.89 -41.67
N TYR B 560 44.57 -72.57 -40.75
CA TYR B 560 43.18 -72.97 -40.88
C TYR B 560 42.24 -71.88 -40.37
N VAL B 561 41.13 -71.70 -41.06
CA VAL B 561 40.11 -70.75 -40.65
C VAL B 561 39.34 -71.28 -39.45
N ASN B 562 39.43 -70.59 -38.32
CA ASN B 562 38.65 -70.96 -37.15
C ASN B 562 37.26 -70.34 -37.16
N THR B 563 36.25 -71.21 -37.14
CA THR B 563 34.85 -70.78 -37.10
C THR B 563 34.16 -71.26 -35.83
N GLU B 564 34.95 -71.73 -34.87
CA GLU B 564 34.42 -72.27 -33.62
C GLU B 564 34.74 -71.36 -32.44
N LEU B 565 33.82 -71.32 -31.46
CA LEU B 565 34.16 -70.85 -30.12
C LEU B 565 34.75 -71.98 -29.28
N LYS B 566 36.06 -71.95 -29.10
CA LYS B 566 36.77 -73.08 -28.49
C LYS B 566 37.95 -72.58 -27.66
N PRO B 567 38.41 -73.43 -26.72
CA PRO B 567 39.58 -73.07 -25.92
C PRO B 567 40.85 -72.95 -26.75
N TRP B 568 41.61 -71.89 -26.48
CA TRP B 568 42.88 -71.66 -27.16
C TRP B 568 43.93 -72.51 -26.51
N GLU B 569 44.26 -73.63 -27.16
CA GLU B 569 45.18 -74.60 -26.57
C GLU B 569 46.64 -74.24 -26.82
N THR B 570 47.47 -74.50 -25.81
CA THR B 570 48.91 -74.34 -25.93
C THR B 570 49.61 -75.56 -25.35
N ALA B 571 50.82 -75.83 -25.83
CA ALA B 571 51.55 -77.03 -25.46
C ALA B 571 52.54 -76.75 -24.32
N ASP B 572 52.59 -77.65 -23.35
CA ASP B 572 53.51 -77.55 -22.22
C ASP B 572 53.76 -76.13 -21.71
N GLY B 573 52.69 -75.44 -21.32
CA GLY B 573 52.81 -74.14 -20.70
C GLY B 573 53.77 -73.19 -21.41
N LYS B 574 53.72 -73.18 -22.73
CA LYS B 574 54.29 -72.09 -23.52
C LYS B 574 53.26 -70.97 -23.64
N PRO B 575 53.72 -69.71 -23.59
CA PRO B 575 52.78 -68.61 -23.76
C PRO B 575 52.20 -68.58 -25.18
N ARG B 576 50.91 -68.31 -25.29
CA ARG B 576 50.27 -68.17 -26.60
C ARG B 576 50.87 -66.99 -27.36
N ARG B 577 51.09 -67.18 -28.65
CA ARG B 577 51.56 -66.11 -29.53
C ARG B 577 50.63 -65.90 -30.72
N ALA B 578 50.44 -64.64 -31.10
CA ALA B 578 49.60 -64.29 -32.22
C ALA B 578 50.20 -63.11 -32.99
N CYS B 579 49.79 -62.98 -34.25
CA CYS B 579 50.16 -61.81 -35.05
C CYS B 579 48.93 -61.00 -35.46
N VAL B 580 49.16 -59.72 -35.74
CA VAL B 580 48.15 -58.89 -36.36
C VAL B 580 48.75 -58.21 -37.58
N SER B 581 48.05 -58.31 -38.71
CA SER B 581 48.46 -57.64 -39.94
C SER B 581 47.53 -56.49 -40.28
N SER B 582 48.09 -55.40 -40.77
CA SER B 582 47.26 -54.31 -41.29
C SER B 582 47.94 -53.67 -42.48
N PHE B 583 47.25 -53.70 -43.61
CA PHE B 583 47.76 -53.15 -44.86
C PHE B 583 46.91 -51.97 -45.33
N GLY B 584 47.57 -50.91 -45.80
CA GLY B 584 46.87 -49.71 -46.22
C GLY B 584 46.75 -49.64 -47.74
N TYR B 585 45.79 -48.85 -48.22
CA TYR B 585 45.60 -48.69 -49.65
C TYR B 585 46.73 -47.92 -50.32
N SER B 586 47.49 -47.18 -49.52
CA SER B 586 48.63 -46.43 -50.04
C SER B 586 49.89 -47.29 -50.07
N GLY B 587 49.80 -48.51 -49.53
CA GLY B 587 50.86 -49.50 -49.70
C GLY B 587 51.80 -49.62 -48.51
N THR B 588 51.50 -48.89 -47.44
CA THR B 588 52.32 -48.97 -46.23
C THR B 588 51.78 -50.05 -45.30
N ASN B 589 52.59 -51.09 -45.08
CA ASN B 589 52.16 -52.29 -44.36
C ASN B 589 52.69 -52.33 -42.93
N ALA B 590 51.97 -53.04 -42.08
CA ALA B 590 52.39 -53.24 -40.69
C ALA B 590 52.06 -54.65 -40.23
N HIS B 591 52.89 -55.18 -39.34
CA HIS B 591 52.71 -56.52 -38.79
C HIS B 591 53.34 -56.59 -37.44
N ILE B 592 52.56 -56.94 -36.41
CA ILE B 592 53.11 -57.09 -35.07
C ILE B 592 52.93 -58.49 -34.49
N VAL B 593 53.80 -58.86 -33.58
CA VAL B 593 53.70 -60.13 -32.86
C VAL B 593 53.44 -59.93 -31.38
N ILE B 594 52.37 -60.54 -30.88
CA ILE B 594 51.97 -60.39 -29.49
C ILE B 594 52.13 -61.71 -28.75
N GLU B 595 52.67 -61.65 -27.54
CA GLU B 595 52.80 -62.83 -26.69
C GLU B 595 51.97 -62.69 -25.43
N GLU B 596 51.26 -63.75 -25.05
CA GLU B 596 50.60 -63.83 -23.76
C GLU B 596 51.57 -63.51 -22.63
N TYR B 597 51.13 -62.72 -21.66
CA TYR B 597 51.93 -62.44 -20.47
C TYR B 597 51.63 -63.44 -19.37
N GLN B 598 52.68 -63.98 -18.76
CA GLN B 598 52.53 -65.00 -17.73
C GLN B 598 53.10 -64.51 -16.40
N PRO B 599 52.23 -64.01 -15.51
CA PRO B 599 52.68 -63.37 -14.28
C PRO B 599 53.12 -64.41 -13.24
N GLU B 600 53.98 -64.00 -12.32
CA GLU B 600 54.48 -64.90 -11.28
C GLU B 600 53.38 -65.31 -10.29
N ARG B 611 37.31 -59.67 6.10
CA ARG B 611 37.95 -58.35 6.09
C ARG B 611 37.22 -57.40 5.16
N SER B 612 36.93 -56.21 5.65
CA SER B 612 36.20 -55.21 4.86
C SER B 612 37.14 -54.35 4.03
N ALA B 613 36.74 -54.07 2.80
CA ALA B 613 37.47 -53.18 1.92
C ALA B 613 36.70 -51.87 1.74
N LEU B 614 37.42 -50.79 1.49
CA LEU B 614 36.80 -49.48 1.36
C LEU B 614 36.68 -49.05 -0.10
N PHE B 615 35.45 -49.01 -0.60
CA PHE B 615 35.20 -48.68 -1.99
C PHE B 615 34.86 -47.20 -2.14
N VAL B 616 35.55 -46.53 -3.05
CA VAL B 616 35.30 -45.12 -3.30
C VAL B 616 35.03 -44.83 -4.78
N LEU B 617 34.02 -43.98 -5.01
CA LEU B 617 33.71 -43.53 -6.37
C LEU B 617 33.58 -42.01 -6.39
N SER B 618 33.88 -41.41 -7.53
CA SER B 618 33.69 -39.97 -7.66
C SER B 618 33.52 -39.55 -9.12
N ALA B 619 32.78 -38.48 -9.34
CA ALA B 619 32.65 -37.90 -10.67
C ALA B 619 32.49 -36.39 -10.58
N LYS B 620 32.46 -35.74 -11.74
CA LYS B 620 32.44 -34.27 -11.77
C LYS B 620 31.02 -33.73 -11.63
N LYS B 621 30.02 -34.57 -11.91
CA LYS B 621 28.63 -34.24 -11.63
C LYS B 621 27.94 -35.41 -10.94
N GLU B 622 26.89 -35.13 -10.17
CA GLU B 622 26.17 -36.20 -9.47
C GLU B 622 25.55 -37.22 -10.42
N LYS B 623 25.03 -36.74 -11.55
CA LYS B 623 24.41 -37.62 -12.54
C LYS B 623 25.39 -38.67 -13.06
N GLN B 624 26.64 -38.26 -13.24
CA GLN B 624 27.69 -39.17 -13.70
C GLN B 624 28.15 -40.11 -12.60
N LEU B 625 28.12 -39.64 -11.35
CA LEU B 625 28.39 -40.48 -10.21
C LEU B 625 27.41 -41.64 -10.15
N LYS B 626 26.14 -41.34 -10.38
CA LYS B 626 25.10 -42.37 -10.45
C LYS B 626 25.38 -43.34 -11.60
N ALA B 627 25.75 -42.78 -12.75
CA ALA B 627 26.12 -43.60 -13.90
C ALA B 627 27.33 -44.49 -13.61
N TYR B 628 28.28 -43.96 -12.85
CA TYR B 628 29.47 -44.70 -12.45
C TYR B 628 29.10 -45.89 -11.59
N ALA B 629 28.22 -45.67 -10.62
CA ALA B 629 27.81 -46.72 -9.69
C ALA B 629 27.09 -47.85 -10.41
N GLU B 630 26.26 -47.48 -11.39
CA GLU B 630 25.56 -48.45 -12.21
C GLU B 630 26.55 -49.31 -13.00
N ALA B 631 27.58 -48.65 -13.54
CA ALA B 631 28.60 -49.34 -14.32
C ALA B 631 29.38 -50.33 -13.47
N MET B 632 29.68 -49.94 -12.23
CA MET B 632 30.39 -50.81 -11.30
C MET B 632 29.53 -52.00 -10.88
N LYS B 633 28.26 -51.76 -10.61
CA LYS B 633 27.35 -52.83 -10.20
C LYS B 633 27.21 -53.88 -11.29
N ASP B 634 27.02 -53.42 -12.52
CA ASP B 634 26.96 -54.31 -13.68
C ASP B 634 28.24 -55.13 -13.79
N PHE B 635 29.38 -54.46 -13.57
CA PHE B 635 30.67 -55.12 -13.70
C PHE B 635 30.86 -56.21 -12.65
N VAL B 636 30.53 -55.91 -11.40
CA VAL B 636 30.67 -56.88 -10.32
C VAL B 636 29.68 -58.03 -10.50
N THR B 637 28.48 -57.69 -10.93
CA THR B 637 27.45 -58.68 -11.21
C THR B 637 27.93 -59.66 -12.27
N SER B 638 28.64 -59.14 -13.28
CA SER B 638 29.06 -59.95 -14.42
C SER B 638 30.33 -60.75 -14.11
N ASN B 639 31.05 -60.31 -13.09
CA ASN B 639 32.35 -60.89 -12.77
C ASN B 639 32.40 -61.49 -11.36
N GLU B 640 32.01 -62.76 -11.25
CA GLU B 640 31.79 -63.39 -9.95
C GLU B 640 33.10 -63.61 -9.19
N ASP B 641 34.22 -63.52 -9.91
CA ASP B 641 35.51 -63.86 -9.33
C ASP B 641 36.38 -62.64 -9.03
N ILE B 642 35.77 -61.45 -9.04
CA ILE B 642 36.52 -60.22 -8.83
C ILE B 642 37.20 -60.22 -7.46
N ASP B 643 38.46 -59.80 -7.43
CA ASP B 643 39.17 -59.63 -6.17
C ASP B 643 38.76 -58.30 -5.55
N LEU B 644 38.07 -58.35 -4.41
CA LEU B 644 37.51 -57.16 -3.80
C LEU B 644 38.58 -56.17 -3.35
N GLU B 645 39.68 -56.68 -2.82
CA GLU B 645 40.79 -55.85 -2.36
C GLU B 645 41.46 -55.12 -3.52
N ASP B 646 41.67 -55.84 -4.62
CA ASP B 646 42.26 -55.26 -5.82
C ASP B 646 41.36 -54.14 -6.36
N MET B 647 40.06 -54.41 -6.39
CA MET B 647 39.11 -53.45 -6.95
C MET B 647 39.09 -52.18 -6.13
N ALA B 648 38.97 -52.32 -4.82
CA ALA B 648 38.98 -51.17 -3.92
C ALA B 648 40.27 -50.39 -4.09
N TYR B 649 41.38 -51.13 -4.13
CA TYR B 649 42.70 -50.52 -4.30
C TYR B 649 42.77 -49.69 -5.56
N THR B 650 42.17 -50.19 -6.63
CA THR B 650 42.20 -49.50 -7.91
C THR B 650 41.34 -48.23 -7.86
N LEU B 651 40.21 -48.31 -7.19
CA LEU B 651 39.34 -47.15 -7.05
C LEU B 651 39.99 -46.08 -6.19
N GLN B 652 40.75 -46.52 -5.18
CA GLN B 652 41.48 -45.60 -4.31
C GLN B 652 42.61 -44.91 -5.07
N THR B 653 43.51 -45.72 -5.64
CA THR B 653 44.79 -45.22 -6.12
C THR B 653 44.81 -44.92 -7.61
N GLY B 654 43.84 -45.46 -8.34
CA GLY B 654 43.88 -45.44 -9.79
C GLY B 654 42.78 -44.62 -10.41
N ARG B 655 42.10 -43.83 -9.58
CA ARG B 655 41.09 -42.90 -10.07
C ARG B 655 41.26 -41.56 -9.37
N GLU B 656 41.04 -40.48 -10.12
CA GLU B 656 41.09 -39.13 -9.56
C GLU B 656 39.90 -38.88 -8.63
N ALA B 657 40.18 -38.40 -7.43
CA ALA B 657 39.12 -37.97 -6.53
C ALA B 657 38.50 -36.68 -7.03
N MET B 658 37.30 -36.78 -7.58
CA MET B 658 36.59 -35.60 -8.07
C MET B 658 35.55 -35.10 -7.06
N ASP B 659 34.71 -34.16 -7.49
CA ASP B 659 33.99 -33.31 -6.55
C ASP B 659 32.78 -33.98 -5.91
N TYR B 660 32.09 -34.83 -6.68
CA TYR B 660 30.96 -35.60 -6.17
C TYR B 660 31.37 -37.02 -5.79
N ARG B 661 31.25 -37.34 -4.50
CA ARG B 661 31.85 -38.55 -3.94
C ARG B 661 30.83 -39.45 -3.25
N MET B 662 30.98 -40.76 -3.44
CA MET B 662 30.41 -41.74 -2.53
C MET B 662 31.41 -42.82 -2.15
N ALA B 663 31.25 -43.38 -0.96
CA ALA B 663 32.13 -44.45 -0.47
C ALA B 663 31.33 -45.42 0.38
N PHE B 664 31.82 -46.65 0.48
CA PHE B 664 31.18 -47.64 1.34
C PHE B 664 32.12 -48.79 1.67
N LEU B 665 31.82 -49.50 2.75
CA LEU B 665 32.51 -50.73 3.11
C LEU B 665 31.77 -51.95 2.57
N ALA B 666 32.54 -52.98 2.20
CA ALA B 666 31.96 -54.28 1.88
C ALA B 666 33.00 -55.36 2.16
N ASP B 667 32.56 -56.50 2.68
CA ASP B 667 33.46 -57.62 2.90
C ASP B 667 33.16 -58.80 1.97
N SER B 668 32.20 -58.61 1.07
CA SER B 668 31.88 -59.63 0.09
C SER B 668 31.27 -59.05 -1.18
N ARG B 669 31.33 -59.83 -2.25
CA ARG B 669 30.66 -59.48 -3.50
C ARG B 669 29.19 -59.12 -3.27
N GLU B 670 28.53 -59.90 -2.43
CA GLU B 670 27.09 -59.75 -2.18
C GLU B 670 26.79 -58.44 -1.47
N MET B 671 27.62 -58.13 -0.48
CA MET B 671 27.55 -56.86 0.23
C MET B 671 27.86 -55.68 -0.68
N LEU B 672 28.88 -55.83 -1.52
CA LEU B 672 29.24 -54.82 -2.51
C LEU B 672 28.06 -54.50 -3.43
N ILE B 673 27.45 -55.54 -3.98
CA ILE B 673 26.34 -55.35 -4.91
C ILE B 673 25.16 -54.69 -4.19
N LYS B 674 24.94 -55.11 -2.95
CA LYS B 674 23.84 -54.56 -2.15
C LYS B 674 24.07 -53.08 -1.87
N ALA B 675 25.31 -52.72 -1.57
CA ALA B 675 25.65 -51.33 -1.27
C ALA B 675 25.34 -50.43 -2.46
N LEU B 676 25.79 -50.84 -3.65
CA LEU B 676 25.55 -50.08 -4.87
C LEU B 676 24.08 -50.01 -5.23
N ASP B 677 23.37 -51.11 -5.07
CA ASP B 677 21.92 -51.13 -5.23
C ASP B 677 21.24 -50.13 -4.30
N ASP B 678 21.58 -50.20 -3.01
CA ASP B 678 21.06 -49.27 -2.02
C ASP B 678 21.31 -47.82 -2.42
N TYR B 679 22.54 -47.52 -2.84
CA TYR B 679 22.89 -46.18 -3.26
C TYR B 679 22.00 -45.72 -4.41
N LEU B 680 21.86 -46.58 -5.41
CA LEU B 680 21.07 -46.26 -6.60
C LEU B 680 19.59 -46.11 -6.30
N ALA B 681 19.07 -47.00 -5.45
CA ALA B 681 17.65 -47.00 -5.12
C ALA B 681 17.32 -46.05 -3.97
N GLU B 682 18.34 -45.34 -3.49
CA GLU B 682 18.22 -44.42 -2.36
C GLU B 682 17.60 -45.04 -1.10
N MET B 683 17.90 -46.33 -0.89
CA MET B 683 17.54 -47.00 0.35
C MET B 683 18.61 -46.73 1.40
N PRO B 684 18.21 -46.18 2.56
CA PRO B 684 19.16 -45.91 3.63
C PRO B 684 20.03 -47.13 3.97
N ASN B 685 21.32 -46.90 4.13
CA ASN B 685 22.30 -47.94 4.38
C ASN B 685 23.43 -47.32 5.18
N GLY B 686 23.69 -47.85 6.36
CA GLY B 686 24.67 -47.25 7.27
C GLY B 686 26.11 -47.35 6.81
N SER B 687 26.32 -48.16 5.78
CA SER B 687 27.66 -48.39 5.24
C SER B 687 27.98 -47.39 4.13
N ILE B 688 26.99 -46.60 3.74
CA ILE B 688 27.11 -45.72 2.58
C ILE B 688 27.29 -44.26 2.97
N PHE B 689 28.33 -43.63 2.42
CA PHE B 689 28.55 -42.20 2.61
C PHE B 689 28.59 -41.49 1.26
N ALA B 690 28.17 -40.23 1.26
CA ALA B 690 28.07 -39.47 0.02
C ALA B 690 28.10 -37.97 0.33
N ALA B 691 28.86 -37.21 -0.46
CA ALA B 691 28.91 -35.77 -0.27
C ALA B 691 29.38 -35.06 -1.54
N HIS B 692 29.00 -33.78 -1.65
CA HIS B 692 29.62 -32.86 -2.60
C HIS B 692 30.68 -32.06 -1.90
N VAL B 693 31.91 -32.16 -2.38
CA VAL B 693 33.08 -31.72 -1.61
C VAL B 693 33.08 -30.22 -1.32
N LYS B 694 32.51 -29.43 -2.23
CA LYS B 694 32.49 -27.98 -2.09
C LYS B 694 31.61 -27.52 -0.94
N THR B 695 30.77 -28.43 -0.46
CA THR B 695 29.75 -28.10 0.54
C THR B 695 30.23 -28.37 1.95
N LYS B 696 31.37 -29.05 2.09
CA LYS B 696 31.78 -29.60 3.37
C LYS B 696 33.14 -29.07 3.82
N LYS B 697 33.60 -28.00 3.18
CA LYS B 697 34.96 -27.49 3.37
C LYS B 697 35.26 -27.19 4.83
N SER B 698 34.32 -26.50 5.47
CA SER B 698 34.47 -26.08 6.85
C SER B 698 34.61 -27.29 7.77
N GLU B 699 34.06 -28.41 7.33
CA GLU B 699 33.87 -29.59 8.18
C GLU B 699 35.12 -30.46 8.24
N ILE B 700 36.01 -30.28 7.26
CA ILE B 700 37.21 -31.11 7.14
C ILE B 700 38.49 -30.35 7.46
N LYS B 701 38.38 -29.02 7.57
CA LYS B 701 39.51 -28.19 7.98
C LYS B 701 40.13 -28.67 9.28
N LEU B 702 39.28 -29.17 10.18
CA LEU B 702 39.71 -29.65 11.49
C LEU B 702 40.78 -30.72 11.40
N PHE B 703 40.88 -31.41 10.27
CA PHE B 703 41.80 -32.53 10.11
C PHE B 703 43.06 -32.22 9.29
N GLU B 704 43.05 -31.08 8.62
CA GLU B 704 44.02 -30.80 7.56
C GLU B 704 45.32 -30.20 8.07
N THR B 705 45.26 -29.55 9.23
CA THR B 705 46.34 -28.67 9.67
C THR B 705 46.85 -29.03 11.06
N ASP B 706 45.96 -29.55 11.90
CA ASP B 706 46.33 -29.91 13.25
C ASP B 706 47.13 -31.21 13.31
N HIS B 707 48.07 -31.26 14.25
CA HIS B 707 49.02 -32.35 14.36
C HIS B 707 48.44 -33.56 15.03
N ASP B 708 47.55 -33.34 16.00
CA ASP B 708 46.88 -34.43 16.70
C ASP B 708 45.71 -35.01 15.89
N ALA B 709 45.14 -34.19 15.02
CA ALA B 709 44.04 -34.61 14.15
C ALA B 709 44.55 -35.56 13.07
N LYS B 710 45.63 -35.13 12.41
CA LYS B 710 46.39 -35.99 11.49
C LYS B 710 46.80 -37.30 12.13
N ALA B 711 47.27 -37.23 13.38
CA ALA B 711 47.66 -38.41 14.13
C ALA B 711 46.48 -39.33 14.41
N LEU B 712 45.31 -38.75 14.61
CA LEU B 712 44.07 -39.50 14.75
C LEU B 712 43.64 -40.15 13.43
N LEU B 713 43.62 -39.33 12.40
CA LEU B 713 43.37 -39.80 11.05
C LEU B 713 44.36 -40.90 10.69
N GLN B 714 45.62 -40.68 11.01
CA GLN B 714 46.65 -41.68 10.75
C GLN B 714 46.42 -42.94 11.57
N THR B 715 45.97 -42.77 12.81
CA THR B 715 45.58 -43.89 13.66
C THR B 715 44.39 -44.63 13.05
N TRP B 716 43.44 -43.86 12.54
CA TRP B 716 42.27 -44.44 11.90
C TRP B 716 42.67 -45.20 10.66
N ILE B 717 43.46 -44.53 9.82
CA ILE B 717 43.96 -45.09 8.56
C ILE B 717 45.06 -46.12 8.79
N GLU B 718 45.55 -46.17 10.02
CA GLU B 718 46.57 -47.14 10.41
C GLU B 718 45.80 -48.18 9.58
N LYS B 719 44.57 -48.54 9.98
CA LYS B 719 43.90 -48.01 11.15
C LYS B 719 42.91 -48.66 12.13
N LYS B 720 42.31 -49.76 11.70
CA LYS B 720 41.34 -50.51 12.49
C LYS B 720 39.93 -49.94 12.34
N ARG B 721 39.79 -48.91 11.50
CA ARG B 721 38.49 -48.29 11.25
C ARG B 721 37.90 -47.58 10.04
N LEU B 722 37.88 -48.28 8.90
CA LEU B 722 37.35 -47.71 7.67
C LEU B 722 36.21 -46.69 7.58
N GLU B 723 35.18 -46.90 8.39
CA GLU B 723 34.03 -46.00 8.40
C GLU B 723 34.46 -44.55 8.51
N LYS B 724 35.31 -44.27 9.50
CA LYS B 724 35.81 -42.91 9.71
C LYS B 724 36.48 -42.36 8.46
N VAL B 725 37.44 -43.11 7.93
CA VAL B 725 38.16 -42.70 6.73
C VAL B 725 37.18 -42.39 5.60
N ALA B 726 36.15 -43.22 5.47
CA ALA B 726 35.18 -43.08 4.40
C ALA B 726 34.38 -41.79 4.51
N GLU B 727 33.83 -41.53 5.68
CA GLU B 727 33.06 -40.31 5.93
C GLU B 727 33.88 -39.08 5.57
N LEU B 728 35.15 -39.08 5.99
CA LEU B 728 36.03 -37.94 5.80
C LEU B 728 36.40 -37.78 4.33
N TRP B 729 36.69 -38.89 3.67
CA TRP B 729 37.10 -38.84 2.27
C TRP B 729 36.03 -38.26 1.39
N VAL B 730 34.78 -38.69 1.59
CA VAL B 730 33.68 -38.19 0.77
C VAL B 730 33.48 -36.69 0.97
N LYS B 731 33.90 -36.19 2.13
CA LYS B 731 33.75 -34.78 2.45
C LYS B 731 34.90 -33.94 1.89
N GLY B 732 35.96 -34.60 1.46
CA GLY B 732 37.02 -33.92 0.71
C GLY B 732 38.41 -34.11 1.27
N LEU B 733 38.50 -34.76 2.42
CA LEU B 733 39.79 -34.98 3.08
C LEU B 733 40.67 -35.89 2.23
N GLN B 734 41.90 -35.43 1.99
CA GLN B 734 42.87 -36.23 1.25
C GLN B 734 43.44 -37.37 2.09
N ILE B 735 43.32 -38.59 1.57
CA ILE B 735 43.77 -39.78 2.30
C ILE B 735 45.03 -40.33 1.66
N ASP B 736 46.02 -40.65 2.47
CA ASP B 736 47.21 -41.36 2.02
C ASP B 736 46.96 -42.86 1.93
N TRP B 737 46.55 -43.33 0.76
CA TRP B 737 45.98 -44.67 0.62
C TRP B 737 46.97 -45.75 0.92
N ASN B 738 48.25 -45.44 0.70
CA ASN B 738 49.34 -46.36 1.00
C ASN B 738 49.35 -46.82 2.45
N LYS B 739 48.95 -45.93 3.35
CA LYS B 739 48.98 -46.23 4.78
C LYS B 739 47.97 -47.31 5.15
N LEU B 740 47.04 -47.58 4.24
CA LEU B 740 45.99 -48.56 4.48
C LEU B 740 46.57 -49.98 4.40
N TYR B 741 47.80 -50.08 3.92
CA TYR B 741 48.37 -51.36 3.55
C TYR B 741 49.77 -51.56 4.14
N GLY B 742 49.93 -52.62 4.93
CA GLY B 742 51.21 -52.96 5.52
C GLY B 742 52.18 -53.52 4.50
N GLU B 743 52.29 -54.84 4.44
CA GLU B 743 53.17 -55.49 3.50
C GLU B 743 52.48 -56.59 2.69
N TYR B 744 51.15 -56.62 2.75
CA TYR B 744 50.36 -57.00 1.59
C TYR B 744 49.72 -55.77 0.97
N THR B 745 50.17 -55.43 -0.25
CA THR B 745 49.54 -54.39 -1.04
C THR B 745 48.85 -55.03 -2.25
N PRO B 746 47.56 -54.72 -2.45
CA PRO B 746 46.82 -55.26 -3.58
C PRO B 746 47.27 -54.63 -4.89
N ARG B 747 46.72 -55.10 -6.00
CA ARG B 747 47.17 -54.67 -7.32
C ARG B 747 46.05 -53.97 -8.09
N ARG B 748 46.42 -52.97 -8.87
CA ARG B 748 45.47 -52.33 -9.78
C ARG B 748 44.96 -53.35 -10.79
N ILE B 749 43.67 -53.27 -11.11
CA ILE B 749 43.09 -54.11 -12.14
C ILE B 749 42.23 -53.26 -13.07
N SER B 750 41.82 -53.86 -14.18
CA SER B 750 40.89 -53.24 -15.10
C SER B 750 39.52 -53.09 -14.45
N LEU B 751 39.01 -51.87 -14.40
CA LEU B 751 37.63 -51.61 -14.04
C LEU B 751 37.01 -50.68 -15.09
N PRO B 752 35.67 -50.56 -15.08
CA PRO B 752 35.01 -49.59 -15.95
C PRO B 752 35.54 -48.18 -15.73
N ALA B 753 35.68 -47.41 -16.80
CA ALA B 753 36.23 -46.06 -16.72
C ALA B 753 35.13 -45.01 -16.65
N TYR B 754 35.51 -43.74 -16.65
CA TYR B 754 34.55 -42.66 -16.43
C TYR B 754 33.37 -42.78 -17.37
N PRO B 755 32.15 -42.58 -16.84
CA PRO B 755 30.96 -42.55 -17.70
C PRO B 755 30.62 -41.13 -18.13
N PHE B 756 31.19 -40.69 -19.26
CA PHE B 756 31.06 -39.30 -19.68
C PHE B 756 29.61 -38.90 -19.84
N ALA B 757 29.30 -37.65 -19.52
CA ALA B 757 28.01 -37.07 -19.85
C ALA B 757 27.74 -37.21 -21.34
N GLU B 758 26.50 -37.54 -21.67
CA GLU B 758 26.12 -37.85 -23.04
C GLU B 758 25.33 -36.71 -23.68
N GLU B 759 26.05 -35.61 -23.95
CA GLU B 759 25.44 -34.39 -24.44
C GLU B 759 25.67 -34.24 -25.94
N TYR B 760 24.62 -33.80 -26.64
CA TYR B 760 24.61 -33.77 -28.10
C TYR B 760 25.26 -32.48 -28.61
N TYR B 761 26.26 -32.62 -29.47
CA TYR B 761 26.83 -31.48 -30.18
C TYR B 761 27.07 -31.82 -31.64
N TRP B 762 26.57 -30.95 -32.52
CA TRP B 762 26.77 -31.14 -33.95
C TRP B 762 26.95 -29.80 -34.61
N LEU B 763 26.85 -29.76 -35.93
CA LEU B 763 27.13 -28.55 -36.69
C LEU B 763 26.30 -27.36 -36.18
N PRO B 764 26.94 -26.19 -36.03
CA PRO B 764 26.28 -25.03 -35.43
C PRO B 764 25.28 -24.36 -36.36
N ASP C 176 -17.72 -18.19 21.09
CA ASP C 176 -17.20 -16.85 21.47
C ASP C 176 -17.74 -15.74 20.56
N ALA C 177 -16.89 -15.24 19.67
CA ALA C 177 -17.29 -14.18 18.75
C ALA C 177 -17.99 -14.75 17.52
N ILE C 178 -18.99 -14.04 17.03
CA ILE C 178 -19.69 -14.42 15.82
C ILE C 178 -19.37 -13.47 14.67
N ALA C 179 -18.87 -14.03 13.57
CA ALA C 179 -18.50 -13.25 12.40
C ALA C 179 -19.71 -13.05 11.48
N ILE C 180 -19.91 -11.82 11.02
CA ILE C 180 -20.87 -11.55 9.97
C ILE C 180 -20.16 -11.55 8.62
N VAL C 181 -20.47 -12.53 7.79
CA VAL C 181 -19.65 -12.80 6.60
C VAL C 181 -20.39 -12.51 5.29
N GLY C 182 -21.65 -12.13 5.41
CA GLY C 182 -22.47 -11.78 4.25
C GLY C 182 -23.59 -10.85 4.67
N MET C 183 -23.98 -9.95 3.78
CA MET C 183 -25.12 -9.08 4.02
C MET C 183 -25.83 -8.67 2.74
N SER C 184 -27.13 -8.45 2.84
CA SER C 184 -27.91 -7.89 1.75
C SER C 184 -29.04 -7.07 2.35
N GLY C 185 -29.39 -5.97 1.69
CA GLY C 185 -30.34 -5.01 2.23
C GLY C 185 -31.12 -4.31 1.14
N ARG C 186 -32.38 -3.99 1.44
CA ARG C 186 -33.25 -3.31 0.50
C ARG C 186 -34.18 -2.40 1.30
N TYR C 187 -33.87 -1.11 1.30
CA TYR C 187 -34.53 -0.14 2.16
C TYR C 187 -35.05 1.04 1.34
N PRO C 188 -35.86 1.92 1.97
CA PRO C 188 -36.36 3.06 1.23
C PRO C 188 -35.22 3.87 0.63
N GLY C 189 -35.28 4.10 -0.69
CA GLY C 189 -34.26 4.86 -1.38
C GLY C 189 -33.01 4.06 -1.70
N ALA C 190 -33.02 2.78 -1.37
CA ALA C 190 -31.81 1.96 -1.50
C ALA C 190 -32.13 0.54 -1.94
N ARG C 191 -31.73 0.20 -3.17
CA ARG C 191 -31.98 -1.13 -3.70
C ARG C 191 -30.97 -2.15 -3.19
N ASN C 192 -29.84 -1.66 -2.69
CA ASN C 192 -28.83 -2.49 -2.07
C ASN C 192 -28.00 -1.72 -1.06
N VAL C 193 -27.12 -2.41 -0.35
CA VAL C 193 -26.40 -1.84 0.77
C VAL C 193 -25.37 -0.80 0.33
N ARG C 194 -25.01 -0.83 -0.95
CA ARG C 194 -24.12 0.18 -1.51
C ARG C 194 -24.83 1.52 -1.71
N GLU C 195 -26.07 1.47 -2.19
CA GLU C 195 -26.91 2.66 -2.30
C GLU C 195 -27.33 3.18 -0.92
N TYR C 196 -27.64 2.26 -0.02
CA TYR C 196 -27.86 2.55 1.39
C TYR C 196 -26.73 3.38 1.99
N TRP C 197 -25.49 2.88 1.85
CA TRP C 197 -24.32 3.59 2.35
C TRP C 197 -24.20 4.96 1.78
N ASP C 198 -24.33 5.06 0.46
CA ASP C 198 -24.26 6.36 -0.23
C ASP C 198 -25.30 7.34 0.31
N ASN C 199 -26.52 6.85 0.52
CA ASN C 199 -27.59 7.68 1.08
C ASN C 199 -27.29 8.17 2.49
N LEU C 200 -26.68 7.31 3.30
CA LEU C 200 -26.29 7.64 4.66
C LEU C 200 -25.18 8.69 4.72
N VAL C 201 -24.16 8.48 3.89
CA VAL C 201 -23.06 9.44 3.76
C VAL C 201 -23.53 10.83 3.37
N HIS C 202 -24.53 10.89 2.50
CA HIS C 202 -25.05 12.15 1.99
C HIS C 202 -26.25 12.65 2.74
N ALA C 203 -26.51 12.04 3.90
CA ALA C 203 -27.58 12.46 4.79
C ALA C 203 -28.92 12.57 4.09
N ARG C 204 -29.23 11.58 3.26
CA ARG C 204 -30.47 11.61 2.48
C ARG C 204 -31.65 11.06 3.25
N ASN C 205 -32.79 11.73 3.13
CA ASN C 205 -34.03 11.29 3.75
C ASN C 205 -34.95 10.68 2.70
N ALA C 206 -35.37 9.44 2.93
CA ALA C 206 -36.04 8.65 1.90
C ALA C 206 -37.56 8.62 2.07
N ILE C 207 -38.05 9.34 3.08
CA ILE C 207 -39.47 9.43 3.35
C ILE C 207 -40.20 10.22 2.27
N ARG C 208 -41.24 9.62 1.69
CA ARG C 208 -42.06 10.32 0.71
C ARG C 208 -43.53 10.30 1.08
N ASP C 209 -44.30 11.18 0.45
CA ASP C 209 -45.75 11.09 0.49
C ASP C 209 -46.19 9.77 -0.16
N ILE C 210 -47.15 9.10 0.47
CA ILE C 210 -47.74 7.87 -0.05
C ILE C 210 -48.54 8.14 -1.33
N PRO C 211 -48.11 7.55 -2.46
CA PRO C 211 -48.79 7.78 -3.72
C PRO C 211 -50.11 7.01 -3.80
N THR C 212 -50.94 7.36 -4.77
CA THR C 212 -52.25 6.73 -4.93
C THR C 212 -52.13 5.31 -5.47
N SER C 213 -50.99 5.00 -6.09
CA SER C 213 -50.71 3.65 -6.55
C SER C 213 -50.59 2.64 -5.41
N ARG C 214 -50.38 3.15 -4.20
CA ARG C 214 -50.47 2.33 -2.99
C ARG C 214 -51.88 2.41 -2.41
N TRP C 215 -52.22 3.56 -1.85
CA TRP C 215 -53.61 3.91 -1.55
C TRP C 215 -53.82 5.39 -1.55
N ASP C 216 -55.07 5.81 -1.58
CA ASP C 216 -55.41 7.23 -1.62
C ASP C 216 -55.49 7.81 -0.21
N VAL C 217 -54.47 8.58 0.16
CA VAL C 217 -54.37 9.16 1.50
C VAL C 217 -55.51 10.16 1.78
N ASP C 218 -56.04 10.76 0.71
CA ASP C 218 -57.14 11.70 0.84
C ASP C 218 -58.42 11.04 1.32
N LYS C 219 -58.57 9.74 1.04
CA LYS C 219 -59.73 8.97 1.45
C LYS C 219 -59.64 8.48 2.90
N TYR C 220 -58.47 8.67 3.52
CA TYR C 220 -58.24 8.22 4.89
C TYR C 220 -57.78 9.36 5.79
N TYR C 221 -57.31 10.45 5.19
CA TYR C 221 -56.69 11.54 5.94
C TYR C 221 -57.69 12.39 6.72
N ASP C 222 -57.43 12.51 8.01
CA ASP C 222 -58.01 13.57 8.84
C ASP C 222 -56.91 14.06 9.78
N PRO C 223 -56.77 15.39 9.92
CA PRO C 223 -55.66 15.95 10.67
C PRO C 223 -55.76 15.79 12.19
N VAL C 224 -56.94 15.49 12.71
CA VAL C 224 -57.17 15.48 14.15
C VAL C 224 -56.72 14.19 14.84
N LYS C 230 -59.60 6.67 10.35
CA LYS C 230 -58.89 7.76 9.70
C LYS C 230 -57.40 7.78 10.05
N VAL C 231 -56.59 8.28 9.11
CA VAL C 231 -55.16 8.41 9.30
C VAL C 231 -54.74 9.87 9.42
N TYR C 232 -53.77 10.16 10.28
CA TYR C 232 -53.23 11.51 10.38
C TYR C 232 -51.81 11.63 9.85
N CYS C 233 -51.28 10.54 9.32
CA CYS C 233 -49.97 10.56 8.66
C CYS C 233 -50.11 10.17 7.19
N LYS C 234 -49.44 10.92 6.33
CA LYS C 234 -49.54 10.73 4.88
C LYS C 234 -48.21 10.33 4.26
N SER C 235 -47.24 10.00 5.11
CA SER C 235 -45.88 9.72 4.66
C SER C 235 -45.44 8.29 4.99
N MET C 236 -44.48 7.80 4.24
CA MET C 236 -43.93 6.47 4.45
C MET C 236 -42.52 6.36 3.87
N GLY C 237 -41.66 5.59 4.53
CA GLY C 237 -40.44 5.10 3.89
C GLY C 237 -40.73 3.86 3.07
N MET C 238 -40.84 4.04 1.75
CA MET C 238 -41.34 2.97 0.88
C MET C 238 -40.22 2.27 0.12
N LEU C 239 -40.36 0.96 -0.02
CA LEU C 239 -39.62 0.21 -1.03
C LEU C 239 -40.18 0.46 -2.42
N ASP C 240 -39.32 0.34 -3.43
CA ASP C 240 -39.77 0.36 -4.82
C ASP C 240 -40.05 -1.05 -5.32
N ASP C 241 -41.07 -1.17 -6.16
CA ASP C 241 -41.32 -2.40 -6.92
C ASP C 241 -41.49 -3.60 -6.00
N ILE C 242 -42.42 -3.50 -5.05
CA ILE C 242 -42.64 -4.56 -4.08
C ILE C 242 -43.32 -5.76 -4.72
N GLU C 243 -43.72 -5.60 -5.98
CA GLU C 243 -44.46 -6.64 -6.69
C GLU C 243 -43.55 -7.52 -7.54
N HIS C 244 -42.31 -7.08 -7.73
CA HIS C 244 -41.35 -7.78 -8.57
C HIS C 244 -40.80 -9.03 -7.94
N PHE C 245 -40.70 -10.10 -8.72
CA PHE C 245 -40.20 -11.38 -8.24
C PHE C 245 -39.69 -12.19 -9.42
N ASP C 246 -38.75 -13.09 -9.16
CA ASP C 246 -38.23 -14.00 -10.18
C ASP C 246 -38.54 -15.44 -9.81
N PRO C 247 -39.80 -15.87 -10.01
CA PRO C 247 -40.26 -17.15 -9.48
C PRO C 247 -39.58 -18.34 -10.16
N LEU C 248 -39.25 -18.18 -11.43
CA LEU C 248 -38.54 -19.22 -12.18
C LEU C 248 -37.18 -19.54 -11.58
N PHE C 249 -36.46 -18.51 -11.13
CA PHE C 249 -35.20 -18.69 -10.43
C PHE C 249 -35.34 -19.67 -9.28
N PHE C 250 -36.46 -19.60 -8.57
CA PHE C 250 -36.65 -20.36 -7.35
C PHE C 250 -37.49 -21.61 -7.57
N ASN C 251 -37.65 -22.00 -8.83
CA ASN C 251 -38.45 -23.16 -9.20
C ASN C 251 -39.89 -23.06 -8.72
N ILE C 252 -40.42 -21.83 -8.75
CA ILE C 252 -41.79 -21.55 -8.38
C ILE C 252 -42.61 -21.24 -9.64
N PRO C 253 -43.75 -21.93 -9.82
CA PRO C 253 -44.64 -21.62 -10.93
C PRO C 253 -45.14 -20.18 -10.87
N PRO C 254 -45.07 -19.45 -12.00
CA PRO C 254 -45.48 -18.06 -12.04
C PRO C 254 -46.84 -17.78 -11.40
N SER C 255 -47.74 -18.76 -11.49
CA SER C 255 -49.09 -18.61 -10.95
C SER C 255 -49.11 -18.68 -9.43
N GLU C 256 -48.16 -19.41 -8.86
CA GLU C 256 -48.00 -19.46 -7.41
C GLU C 256 -47.46 -18.14 -6.85
N ALA C 257 -46.74 -17.40 -7.67
CA ALA C 257 -46.14 -16.13 -7.28
C ALA C 257 -47.19 -15.09 -6.90
N GLU C 258 -48.29 -15.07 -7.63
CA GLU C 258 -49.41 -14.17 -7.32
C GLU C 258 -50.02 -14.48 -5.96
N LEU C 259 -49.88 -15.72 -5.50
CA LEU C 259 -50.48 -16.15 -4.24
C LEU C 259 -49.52 -16.02 -3.05
N MET C 260 -48.30 -15.57 -3.33
CA MET C 260 -47.28 -15.38 -2.31
C MET C 260 -47.28 -13.95 -1.75
N ASP C 261 -47.38 -13.84 -0.43
CA ASP C 261 -47.03 -12.61 0.25
C ASP C 261 -45.72 -12.05 -0.30
N PRO C 262 -45.72 -10.79 -0.75
CA PRO C 262 -44.50 -10.19 -1.28
C PRO C 262 -43.41 -10.06 -0.23
N GLN C 263 -43.79 -10.07 1.04
CA GLN C 263 -42.82 -10.16 2.12
C GLN C 263 -42.00 -11.44 1.99
N HIS C 264 -42.67 -12.54 1.66
CA HIS C 264 -42.00 -13.82 1.44
C HIS C 264 -41.08 -13.72 0.26
N ARG C 265 -41.58 -13.11 -0.81
CA ARG C 265 -40.89 -13.09 -2.09
C ARG C 265 -39.63 -12.25 -1.98
N ILE C 266 -39.76 -11.08 -1.36
CA ILE C 266 -38.65 -10.15 -1.26
C ILE C 266 -37.56 -10.67 -0.33
N PHE C 267 -37.95 -11.30 0.77
CA PHE C 267 -36.94 -11.88 1.65
C PHE C 267 -36.21 -13.05 1.01
N LEU C 268 -36.97 -13.91 0.34
CA LEU C 268 -36.40 -15.02 -0.44
C LEU C 268 -35.26 -14.51 -1.30
N GLN C 269 -35.48 -13.37 -1.95
CA GLN C 269 -34.47 -12.77 -2.81
C GLN C 269 -33.31 -12.22 -1.99
N GLU C 270 -33.63 -11.46 -0.94
CA GLU C 270 -32.60 -10.77 -0.17
C GLU C 270 -31.77 -11.75 0.63
N GLY C 271 -32.43 -12.73 1.23
CA GLY C 271 -31.73 -13.85 1.87
C GLY C 271 -30.74 -14.51 0.94
N TYR C 272 -31.21 -14.91 -0.24
CA TYR C 272 -30.36 -15.59 -1.21
C TYR C 272 -29.12 -14.74 -1.53
N LYS C 273 -29.35 -13.44 -1.70
CA LYS C 273 -28.28 -12.53 -2.09
C LYS C 273 -27.25 -12.34 -0.97
N ALA C 274 -27.70 -12.46 0.27
CA ALA C 274 -26.80 -12.40 1.41
C ALA C 274 -25.79 -13.54 1.34
N PHE C 275 -26.27 -14.72 0.99
CA PHE C 275 -25.40 -15.88 0.80
C PHE C 275 -24.39 -15.61 -0.31
N GLU C 276 -24.88 -15.09 -1.43
CA GLU C 276 -24.00 -14.78 -2.55
C GLU C 276 -22.99 -13.69 -2.21
N ASP C 277 -23.43 -12.72 -1.41
CA ASP C 277 -22.53 -11.69 -0.91
C ASP C 277 -21.35 -12.32 -0.17
N ALA C 278 -21.65 -13.30 0.67
CA ALA C 278 -20.63 -14.00 1.44
C ALA C 278 -19.72 -14.83 0.54
N GLY C 279 -20.24 -15.22 -0.63
CA GLY C 279 -19.47 -16.04 -1.56
C GLY C 279 -19.85 -17.51 -1.51
N TYR C 280 -21.06 -17.78 -1.06
CA TYR C 280 -21.58 -19.15 -1.04
C TYR C 280 -22.66 -19.35 -2.10
N ASN C 281 -22.75 -20.56 -2.62
CA ASN C 281 -23.72 -20.85 -3.67
C ASN C 281 -24.48 -22.13 -3.37
N ALA C 282 -25.46 -22.45 -4.21
CA ALA C 282 -26.33 -23.60 -4.00
C ALA C 282 -25.52 -24.84 -3.69
N ARG C 283 -24.42 -25.02 -4.43
CA ARG C 283 -23.59 -26.19 -4.28
C ARG C 283 -22.96 -26.25 -2.89
N THR C 284 -22.43 -25.11 -2.44
CA THR C 284 -21.66 -25.09 -1.20
C THR C 284 -22.55 -25.04 0.03
N LEU C 285 -23.83 -24.72 -0.16
CA LEU C 285 -24.76 -24.62 0.95
C LEU C 285 -25.57 -25.89 1.14
N ASN C 286 -25.60 -26.74 0.11
CA ASN C 286 -26.36 -27.98 0.15
C ASN C 286 -26.06 -28.79 1.40
N GLU C 287 -27.12 -29.08 2.16
CA GLU C 287 -27.04 -29.90 3.36
C GLU C 287 -26.30 -29.24 4.52
N LYS C 288 -25.94 -27.98 4.37
CA LYS C 288 -25.35 -27.22 5.47
C LYS C 288 -26.32 -27.12 6.65
N LYS C 289 -25.79 -27.24 7.86
CA LYS C 289 -26.57 -26.97 9.05
C LYS C 289 -26.70 -25.47 9.29
N CYS C 290 -27.46 -24.82 8.41
CA CYS C 290 -27.65 -23.37 8.52
C CYS C 290 -29.05 -23.05 9.02
N GLY C 291 -29.12 -22.38 10.18
CA GLY C 291 -30.39 -21.92 10.72
C GLY C 291 -30.90 -20.69 10.00
N VAL C 292 -32.22 -20.53 9.96
CA VAL C 292 -32.83 -19.35 9.36
C VAL C 292 -33.79 -18.69 10.35
N TYR C 293 -33.46 -17.46 10.73
CA TYR C 293 -34.23 -16.73 11.74
C TYR C 293 -34.79 -15.44 11.15
N LEU C 294 -36.08 -15.45 10.84
CA LEU C 294 -36.67 -14.37 10.06
C LEU C 294 -37.67 -13.52 10.86
N GLY C 295 -37.35 -12.24 11.01
CA GLY C 295 -38.26 -11.28 11.63
C GLY C 295 -39.39 -10.90 10.70
N ILE C 296 -40.62 -11.13 11.15
CA ILE C 296 -41.81 -10.78 10.38
C ILE C 296 -43.02 -10.60 11.29
N MET C 297 -43.87 -9.64 10.98
CA MET C 297 -44.86 -9.20 11.93
C MET C 297 -46.23 -8.84 11.35
N SER C 298 -46.42 -9.06 10.05
CA SER C 298 -47.68 -8.70 9.41
C SER C 298 -48.18 -9.72 8.39
N ASN C 299 -49.48 -9.72 8.14
CA ASN C 299 -50.15 -10.70 7.31
C ASN C 299 -50.99 -10.12 6.18
N GLU C 300 -50.74 -8.87 5.82
CA GLU C 300 -51.68 -8.08 5.01
C GLU C 300 -52.09 -8.77 3.71
N TYR C 301 -51.11 -9.28 2.98
CA TYR C 301 -51.37 -9.90 1.68
C TYR C 301 -52.25 -11.14 1.78
N GLY C 302 -51.96 -11.99 2.74
CA GLY C 302 -52.78 -13.18 3.01
C GLY C 302 -54.23 -12.84 3.24
N VAL C 303 -54.49 -11.81 4.03
CA VAL C 303 -55.84 -11.35 4.29
C VAL C 303 -56.50 -10.75 3.04
N MET C 304 -55.77 -9.90 2.34
CA MET C 304 -56.23 -9.35 1.06
C MET C 304 -56.73 -10.45 0.12
N LEU C 305 -56.04 -11.59 0.12
CA LEU C 305 -56.40 -12.70 -0.74
C LEU C 305 -57.77 -13.29 -0.40
N ASN C 306 -58.16 -13.20 0.87
CA ASN C 306 -59.48 -13.65 1.29
C ASN C 306 -60.48 -12.52 1.46
N GLY C 315 -49.83 -21.49 2.91
CA GLY C 315 -48.95 -20.82 1.95
C GLY C 315 -48.28 -19.59 2.54
N ASN C 316 -49.07 -18.76 3.22
CA ASN C 316 -48.61 -17.45 3.66
C ASN C 316 -48.43 -17.32 5.17
N SER C 317 -48.20 -18.44 5.85
CA SER C 317 -47.90 -18.44 7.27
C SER C 317 -46.47 -17.99 7.54
N PHE C 318 -46.23 -17.43 8.73
CA PHE C 318 -44.88 -17.08 9.15
C PHE C 318 -43.95 -18.29 9.07
N ALA C 319 -44.50 -19.45 9.40
CA ALA C 319 -43.74 -20.71 9.39
C ALA C 319 -43.19 -21.03 8.01
N ILE C 320 -43.98 -20.77 6.98
CA ILE C 320 -43.55 -20.98 5.61
C ILE C 320 -42.61 -19.88 5.12
N ALA C 321 -42.83 -18.65 5.57
CA ALA C 321 -41.97 -17.54 5.19
C ALA C 321 -40.51 -17.82 5.53
N ALA C 322 -40.30 -18.36 6.72
CA ALA C 322 -38.95 -18.67 7.19
C ALA C 322 -38.36 -19.86 6.44
N ALA C 323 -39.23 -20.75 5.98
CA ALA C 323 -38.82 -22.05 5.45
C ALA C 323 -38.50 -22.04 3.95
N ARG C 324 -38.88 -20.97 3.27
CA ARG C 324 -38.67 -20.86 1.83
C ARG C 324 -37.21 -21.14 1.49
N ILE C 325 -36.31 -20.42 2.16
CA ILE C 325 -34.89 -20.47 1.83
C ILE C 325 -34.27 -21.83 2.13
N PRO C 326 -34.58 -22.41 3.30
CA PRO C 326 -34.15 -23.77 3.58
C PRO C 326 -34.62 -24.77 2.54
N TYR C 327 -35.88 -24.66 2.12
CA TYR C 327 -36.46 -25.54 1.11
C TYR C 327 -35.74 -25.40 -0.23
N PHE C 328 -35.43 -24.16 -0.60
CA PHE C 328 -34.79 -23.89 -1.88
C PHE C 328 -33.34 -24.33 -1.90
N LEU C 329 -32.62 -24.09 -0.81
CA LEU C 329 -31.19 -24.36 -0.76
C LEU C 329 -30.81 -25.66 -0.08
N ASN C 330 -31.81 -26.38 0.43
CA ASN C 330 -31.60 -27.63 1.16
C ASN C 330 -30.73 -27.43 2.40
N LEU C 331 -31.08 -26.41 3.18
CA LEU C 331 -30.43 -26.19 4.47
C LEU C 331 -31.10 -27.06 5.55
N LYS C 332 -30.37 -27.32 6.62
CA LYS C 332 -30.82 -28.32 7.59
C LYS C 332 -30.93 -27.76 9.01
N GLY C 333 -30.52 -26.51 9.20
CA GLY C 333 -30.73 -25.84 10.48
C GLY C 333 -32.17 -25.40 10.66
N PRO C 334 -32.60 -25.21 11.91
CA PRO C 334 -33.99 -24.85 12.17
C PRO C 334 -34.41 -23.59 11.43
N ALA C 335 -35.65 -23.55 10.98
CA ALA C 335 -36.20 -22.36 10.33
C ALA C 335 -37.33 -21.79 11.18
N ILE C 336 -37.07 -20.65 11.80
CA ILE C 336 -37.98 -20.08 12.79
C ILE C 336 -38.31 -18.63 12.47
N PRO C 337 -39.60 -18.31 12.31
CA PRO C 337 -39.98 -16.92 12.18
C PRO C 337 -40.14 -16.28 13.56
N ILE C 338 -39.67 -15.05 13.71
CA ILE C 338 -39.75 -14.33 14.98
C ILE C 338 -40.66 -13.11 14.83
N ASP C 339 -41.79 -13.13 15.53
CA ASP C 339 -42.60 -11.92 15.68
C ASP C 339 -42.52 -11.40 17.12
N THR C 340 -41.53 -10.56 17.38
CA THR C 340 -41.56 -9.71 18.59
C THR C 340 -41.71 -8.25 18.18
N ALA C 341 -42.53 -8.01 17.17
CA ALA C 341 -42.71 -6.68 16.61
C ALA C 341 -41.37 -6.13 16.12
N CYS C 342 -41.00 -4.94 16.58
CA CYS C 342 -39.91 -4.20 15.97
C CYS C 342 -38.53 -4.68 16.40
N SER C 343 -38.49 -5.54 17.40
CA SER C 343 -37.23 -6.12 17.87
C SER C 343 -36.91 -7.42 17.14
N SER C 344 -37.77 -7.77 16.18
CA SER C 344 -37.82 -9.14 15.68
C SER C 344 -36.48 -9.61 15.13
N SER C 345 -35.89 -8.81 14.24
CA SER C 345 -34.67 -9.24 13.57
C SER C 345 -33.48 -9.27 14.52
N LEU C 346 -33.53 -8.46 15.57
CA LEU C 346 -32.46 -8.45 16.55
C LEU C 346 -32.58 -9.59 17.55
N VAL C 347 -33.82 -9.93 17.92
CA VAL C 347 -34.11 -11.16 18.65
C VAL C 347 -33.62 -12.38 17.89
N GLY C 348 -33.91 -12.44 16.59
CA GLY C 348 -33.43 -13.52 15.74
C GLY C 348 -31.92 -13.63 15.75
N THR C 349 -31.25 -12.48 15.75
CA THR C 349 -29.80 -12.42 15.79
C THR C 349 -29.25 -13.03 17.07
N HIS C 350 -29.89 -12.72 18.19
CA HIS C 350 -29.51 -13.28 19.48
C HIS C 350 -29.64 -14.78 19.49
N LEU C 351 -30.73 -15.28 18.94
CA LEU C 351 -31.01 -16.72 18.96
C LEU C 351 -30.06 -17.49 18.06
N ALA C 352 -29.78 -16.95 16.88
CA ALA C 352 -28.80 -17.52 15.98
C ALA C 352 -27.42 -17.57 16.62
N ARG C 353 -27.07 -16.49 17.32
CA ARG C 353 -25.80 -16.39 18.02
C ARG C 353 -25.63 -17.50 19.05
N GLN C 354 -26.66 -17.72 19.86
CA GLN C 354 -26.60 -18.74 20.90
C GLN C 354 -26.56 -20.15 20.32
N ALA C 355 -27.22 -20.33 19.19
CA ALA C 355 -27.22 -21.62 18.50
C ALA C 355 -25.85 -21.94 17.90
N LEU C 356 -25.21 -20.93 17.33
CA LEU C 356 -23.86 -21.07 16.79
C LEU C 356 -22.84 -21.37 17.89
N ILE C 357 -22.93 -20.63 19.00
CA ILE C 357 -22.02 -20.82 20.11
C ILE C 357 -22.18 -22.20 20.74
N ASN C 358 -23.41 -22.69 20.80
CA ASN C 358 -23.68 -24.02 21.32
C ASN C 358 -23.40 -25.11 20.29
N LYS C 359 -22.99 -24.69 19.09
CA LYS C 359 -22.60 -25.62 18.03
C LYS C 359 -23.78 -26.45 17.52
N GLU C 360 -24.98 -25.93 17.66
CA GLU C 360 -26.17 -26.60 17.17
C GLU C 360 -26.32 -26.36 15.67
N ILE C 361 -25.85 -25.22 15.21
CA ILE C 361 -25.76 -24.92 13.78
C ILE C 361 -24.35 -24.46 13.45
N ASP C 362 -24.01 -24.46 12.17
CA ASP C 362 -22.67 -24.05 11.74
C ASP C 362 -22.72 -22.75 10.95
N MET C 363 -23.94 -22.34 10.61
CA MET C 363 -24.18 -21.07 9.92
C MET C 363 -25.59 -20.60 10.25
N ALA C 364 -25.82 -19.30 10.16
CA ALA C 364 -27.16 -18.74 10.37
C ALA C 364 -27.46 -17.62 9.40
N LEU C 365 -28.63 -17.67 8.76
CA LEU C 365 -29.16 -16.53 8.04
C LEU C 365 -30.17 -15.82 8.94
N VAL C 366 -29.86 -14.60 9.33
CA VAL C 366 -30.79 -13.80 10.12
C VAL C 366 -31.28 -12.61 9.31
N GLY C 367 -32.56 -12.26 9.47
CA GLY C 367 -33.12 -11.17 8.67
C GLY C 367 -34.44 -10.65 9.20
N GLY C 368 -34.95 -9.61 8.56
CA GLY C 368 -36.29 -9.11 8.80
C GLY C 368 -36.93 -8.60 7.53
N VAL C 369 -38.26 -8.57 7.49
CA VAL C 369 -38.96 -7.97 6.36
C VAL C 369 -40.27 -7.36 6.80
N SER C 370 -40.50 -6.12 6.39
CA SER C 370 -41.73 -5.43 6.72
C SER C 370 -42.28 -4.59 5.57
N LEU C 371 -43.53 -4.84 5.22
CA LEU C 371 -44.25 -4.02 4.25
C LEU C 371 -45.50 -3.43 4.88
N TYR C 372 -45.95 -2.29 4.36
CA TYR C 372 -47.19 -1.67 4.80
C TYR C 372 -48.14 -1.53 3.60
N LEU C 373 -48.98 -2.54 3.41
CA LEU C 373 -49.71 -2.69 2.17
C LEU C 373 -51.08 -2.03 2.18
N THR C 374 -51.67 -1.90 3.36
CA THR C 374 -53.04 -1.40 3.49
C THR C 374 -53.10 -0.12 4.32
N PRO C 375 -54.10 0.73 4.04
CA PRO C 375 -54.40 1.87 4.90
C PRO C 375 -54.69 1.44 6.33
N GLU C 376 -55.25 0.24 6.50
CA GLU C 376 -55.73 -0.24 7.80
C GLU C 376 -54.58 -0.49 8.77
N SER C 377 -53.52 -1.11 8.28
CA SER C 377 -52.41 -1.53 9.14
C SER C 377 -51.34 -0.49 9.43
N TYR C 378 -50.80 0.11 8.38
CA TYR C 378 -49.97 1.30 8.49
C TYR C 378 -50.71 2.32 9.37
N MET C 379 -52.03 2.32 9.21
CA MET C 379 -52.90 3.28 9.88
C MET C 379 -52.63 3.36 11.37
N SER C 380 -52.82 2.25 12.07
CA SER C 380 -52.97 2.32 13.52
C SER C 380 -51.94 3.37 13.94
N MET C 381 -52.48 4.46 14.47
CA MET C 381 -51.77 5.73 14.59
C MET C 381 -51.07 5.72 15.95
N ALA C 384 -53.94 4.69 17.80
CA ALA C 384 -53.13 4.25 18.93
C ALA C 384 -52.09 5.30 19.31
N GLY C 385 -52.01 6.34 18.48
CA GLY C 385 -51.20 7.52 18.79
C GLY C 385 -49.73 7.37 18.46
N MET C 386 -49.38 6.37 17.66
CA MET C 386 -48.00 5.99 17.45
C MET C 386 -47.28 6.86 16.42
N LEU C 387 -48.01 7.36 15.43
CA LEU C 387 -47.39 8.00 14.28
C LEU C 387 -47.19 9.51 14.44
N SER C 388 -46.22 10.04 13.69
CA SER C 388 -45.96 11.48 13.67
C SER C 388 -46.84 12.14 12.60
N PRO C 389 -47.50 13.25 12.96
CA PRO C 389 -48.28 13.99 11.97
C PRO C 389 -47.42 14.69 10.93
N ASP C 390 -46.13 14.87 11.21
CA ASP C 390 -45.22 15.51 10.26
C ASP C 390 -44.60 14.49 9.30
N GLY C 391 -44.65 13.22 9.69
CA GLY C 391 -44.08 12.14 8.89
C GLY C 391 -42.57 12.06 8.96
N GLN C 392 -42.01 12.32 10.14
CA GLN C 392 -40.58 12.14 10.38
C GLN C 392 -40.32 11.53 11.75
N CYS C 393 -39.38 10.59 11.79
CA CYS C 393 -38.79 10.15 13.05
C CYS C 393 -37.76 11.18 13.51
N LYS C 394 -38.16 12.04 14.45
CA LYS C 394 -37.27 13.08 14.96
C LYS C 394 -36.48 12.59 16.18
N ALA C 395 -35.61 11.62 15.94
CA ALA C 395 -34.93 10.92 17.03
C ALA C 395 -34.11 11.89 17.87
N PHE C 396 -34.35 11.88 19.17
CA PHE C 396 -33.55 12.63 20.15
C PHE C 396 -33.96 14.09 20.24
N ASP C 397 -34.85 14.52 19.34
CA ASP C 397 -35.23 15.92 19.20
C ASP C 397 -36.41 16.27 20.10
N ASN C 398 -36.44 17.50 20.59
CA ASN C 398 -37.52 17.95 21.47
C ASN C 398 -38.87 17.94 20.77
N GLY C 399 -38.85 17.97 19.44
CA GLY C 399 -40.08 17.94 18.65
C GLY C 399 -40.54 16.56 18.27
N ALA C 400 -39.87 15.53 18.80
CA ALA C 400 -40.27 14.14 18.58
C ALA C 400 -41.74 13.93 18.93
N ASN C 401 -42.51 13.39 17.98
CA ASN C 401 -43.95 13.24 18.17
C ASN C 401 -44.53 11.99 17.53
N GLY C 402 -43.71 10.95 17.44
CA GLY C 402 -44.11 9.70 16.80
C GLY C 402 -43.18 9.30 15.66
N PHE C 403 -43.33 8.07 15.18
CA PHE C 403 -42.54 7.58 14.06
C PHE C 403 -43.32 7.59 12.75
N VAL C 404 -42.59 7.60 11.64
CA VAL C 404 -43.18 7.33 10.33
C VAL C 404 -42.84 5.91 9.88
N PRO C 405 -43.86 5.12 9.49
CA PRO C 405 -43.63 3.73 9.11
C PRO C 405 -42.70 3.61 7.91
N GLY C 406 -41.84 2.59 7.95
CA GLY C 406 -40.92 2.31 6.86
C GLY C 406 -41.01 0.86 6.43
N GLU C 407 -40.67 0.61 5.17
CA GLU C 407 -40.56 -0.75 4.66
C GLU C 407 -39.11 -1.15 4.43
N GLY C 408 -38.86 -2.46 4.45
CA GLY C 408 -37.49 -2.95 4.28
C GLY C 408 -37.37 -4.46 4.35
N ALA C 409 -36.29 -4.96 3.75
CA ALA C 409 -35.90 -6.35 3.93
C ALA C 409 -34.38 -6.44 3.98
N GLY C 410 -33.87 -7.12 5.01
CA GLY C 410 -32.43 -7.26 5.20
C GLY C 410 -32.06 -8.69 5.60
N ALA C 411 -30.81 -9.06 5.35
CA ALA C 411 -30.31 -10.35 5.80
C ALA C 411 -28.83 -10.29 6.17
N LEU C 412 -28.43 -11.05 7.17
CA LEU C 412 -27.03 -11.24 7.50
C LEU C 412 -26.69 -12.73 7.48
N VAL C 413 -25.46 -13.05 7.10
CA VAL C 413 -24.94 -14.42 7.22
C VAL C 413 -23.93 -14.49 8.36
N LEU C 414 -24.22 -15.33 9.36
CA LEU C 414 -23.39 -15.38 10.55
C LEU C 414 -22.67 -16.71 10.67
N LYS C 415 -21.42 -16.66 11.14
CA LYS C 415 -20.66 -17.87 11.44
C LYS C 415 -19.89 -17.68 12.75
N ARG C 416 -19.47 -18.76 13.36
CA ARG C 416 -18.45 -18.69 14.42
C ARG C 416 -17.19 -18.09 13.84
N LEU C 417 -16.54 -17.19 14.59
CA LEU C 417 -15.39 -16.47 14.06
C LEU C 417 -14.26 -17.41 13.67
N LYS C 418 -14.04 -18.45 14.46
CA LYS C 418 -13.00 -19.43 14.18
C LYS C 418 -13.19 -20.14 12.85
N ASP C 419 -14.43 -20.47 12.53
CA ASP C 419 -14.76 -21.08 11.25
C ASP C 419 -14.58 -20.09 10.10
N ALA C 420 -15.03 -18.85 10.30
CA ALA C 420 -14.96 -17.82 9.27
C ALA C 420 -13.51 -17.56 8.85
N GLU C 421 -12.59 -17.61 9.80
CA GLU C 421 -11.18 -17.38 9.51
C GLU C 421 -10.54 -18.61 8.84
N ALA C 422 -10.91 -19.80 9.30
CA ALA C 422 -10.41 -21.03 8.69
C ALA C 422 -10.93 -21.20 7.26
N ASP C 423 -12.13 -20.69 7.01
CA ASP C 423 -12.77 -20.85 5.71
C ASP C 423 -12.43 -19.70 4.78
N ARG C 424 -11.69 -18.72 5.30
CA ARG C 424 -11.24 -17.58 4.54
C ARG C 424 -12.39 -16.72 4.02
N ASP C 425 -13.47 -16.64 4.79
CA ASP C 425 -14.57 -15.73 4.49
C ASP C 425 -14.09 -14.29 4.61
N HIS C 426 -14.77 -13.38 3.94
CA HIS C 426 -14.63 -11.96 4.22
C HIS C 426 -15.56 -11.57 5.33
N ILE C 427 -15.06 -10.74 6.24
CA ILE C 427 -15.71 -10.54 7.54
C ILE C 427 -16.01 -9.06 7.76
N TYR C 428 -17.29 -8.74 7.90
CA TYR C 428 -17.75 -7.36 8.04
C TYR C 428 -17.51 -6.82 9.43
N GLY C 429 -17.54 -7.71 10.42
CA GLY C 429 -17.54 -7.31 11.81
C GLY C 429 -17.91 -8.51 12.66
N ILE C 430 -17.72 -8.40 13.98
CA ILE C 430 -18.04 -9.49 14.88
C ILE C 430 -19.02 -9.06 15.98
N ILE C 431 -19.92 -9.95 16.33
CA ILE C 431 -20.80 -9.76 17.48
C ILE C 431 -20.14 -10.34 18.73
N ILE C 432 -19.89 -9.48 19.72
CA ILE C 432 -19.18 -9.87 20.92
C ILE C 432 -20.07 -9.82 22.17
N GLY C 433 -21.34 -9.50 21.97
CA GLY C 433 -22.32 -9.56 23.04
C GLY C 433 -23.74 -9.31 22.56
N SER C 434 -24.70 -10.07 23.10
CA SER C 434 -26.11 -9.84 22.81
C SER C 434 -26.99 -10.30 23.97
N GLY C 435 -28.17 -9.71 24.07
CA GLY C 435 -29.14 -10.09 25.10
C GLY C 435 -30.56 -9.65 24.79
N ILE C 436 -31.53 -10.41 25.28
CA ILE C 436 -32.92 -10.03 25.13
C ILE C 436 -33.63 -10.12 26.49
N ASN C 437 -34.63 -9.28 26.68
CA ASN C 437 -35.47 -9.35 27.88
C ASN C 437 -36.82 -8.70 27.65
N GLN C 438 -37.59 -8.55 28.73
CA GLN C 438 -38.94 -8.03 28.65
C GLN C 438 -39.10 -6.76 29.49
N ASP C 439 -39.99 -5.89 29.05
CA ASP C 439 -40.45 -4.77 29.86
C ASP C 439 -41.23 -5.24 31.09
N GLY C 440 -42.00 -6.30 30.92
CA GLY C 440 -42.92 -6.74 31.96
C GLY C 440 -44.07 -5.77 32.15
N LYS C 441 -44.44 -5.54 33.41
CA LYS C 441 -45.55 -4.64 33.72
C LYS C 441 -45.16 -3.18 33.52
N THR C 442 -45.76 -2.56 32.51
CA THR C 442 -45.58 -1.13 32.28
C THR C 442 -46.93 -0.42 32.40
N ASN C 443 -46.95 0.89 32.24
CA ASN C 443 -48.21 1.63 32.17
C ASN C 443 -48.85 1.55 30.79
N GLY C 444 -49.54 0.46 30.51
CA GLY C 444 -49.96 0.14 29.15
C GLY C 444 -48.95 -0.73 28.45
N ILE C 445 -49.42 -1.75 27.73
CA ILE C 445 -48.56 -2.84 27.29
C ILE C 445 -47.55 -2.39 26.25
N THR C 446 -47.77 -1.21 25.69
CA THR C 446 -46.89 -0.70 24.64
C THR C 446 -45.93 0.37 25.15
N ALA C 447 -46.02 0.67 26.44
CA ALA C 447 -45.09 1.62 27.06
C ALA C 447 -43.75 0.95 27.33
N PRO C 448 -42.66 1.74 27.32
CA PRO C 448 -41.34 1.19 27.59
C PRO C 448 -41.01 1.20 29.08
N SER C 449 -40.05 0.37 29.49
CA SER C 449 -39.58 0.38 30.86
C SER C 449 -38.09 0.74 30.95
N ALA C 450 -37.83 1.89 31.58
CA ALA C 450 -36.46 2.35 31.77
C ALA C 450 -35.65 1.27 32.47
N LYS C 451 -36.25 0.64 33.48
CA LYS C 451 -35.54 -0.34 34.29
C LYS C 451 -35.13 -1.56 33.48
N SER C 452 -36.01 -2.02 32.60
CA SER C 452 -35.72 -3.18 31.76
C SER C 452 -34.61 -2.91 30.75
N GLN C 453 -34.63 -1.73 30.14
CA GLN C 453 -33.58 -1.32 29.21
C GLN C 453 -32.21 -1.26 29.89
N MET C 454 -32.17 -0.69 31.09
CA MET C 454 -30.95 -0.61 31.88
C MET C 454 -30.42 -2.00 32.24
N ASP C 455 -31.30 -2.84 32.80
CA ASP C 455 -30.94 -4.21 33.15
C ASP C 455 -30.40 -4.98 31.94
N LEU C 456 -31.13 -4.91 30.82
CA LEU C 456 -30.67 -5.53 29.59
C LEU C 456 -29.24 -5.12 29.25
N GLU C 457 -28.99 -3.82 29.25
CA GLU C 457 -27.71 -3.27 28.81
C GLU C 457 -26.58 -3.58 29.80
N ARG C 458 -26.87 -3.41 31.08
CA ARG C 458 -25.95 -3.74 32.17
C ARG C 458 -25.54 -5.21 32.12
N ASP C 459 -26.54 -6.09 32.05
CA ASP C 459 -26.30 -7.53 32.08
C ASP C 459 -25.43 -8.00 30.93
N ILE C 460 -25.67 -7.47 29.74
CA ILE C 460 -24.86 -7.79 28.56
C ILE C 460 -23.40 -7.38 28.79
N TYR C 461 -23.20 -6.14 29.21
CA TYR C 461 -21.85 -5.60 29.41
C TYR C 461 -21.09 -6.37 30.48
N GLU C 462 -21.78 -6.72 31.55
CA GLU C 462 -21.19 -7.49 32.65
C GLU C 462 -20.87 -8.92 32.23
N THR C 463 -21.84 -9.59 31.61
CA THR C 463 -21.65 -10.97 31.20
C THR C 463 -20.47 -11.13 30.25
N TYR C 464 -20.33 -10.20 29.31
CA TYR C 464 -19.37 -10.34 28.22
C TYR C 464 -18.15 -9.43 28.37
N GLY C 465 -18.04 -8.80 29.53
CA GLY C 465 -16.85 -8.06 29.92
C GLY C 465 -16.62 -6.88 29.00
N ILE C 466 -17.69 -6.14 28.72
CA ILE C 466 -17.61 -5.00 27.83
C ILE C 466 -17.75 -3.69 28.61
N HIS C 467 -16.71 -2.87 28.58
CA HIS C 467 -16.70 -1.59 29.28
C HIS C 467 -17.30 -0.51 28.42
N PRO C 468 -18.23 0.28 28.99
CA PRO C 468 -18.90 1.32 28.23
C PRO C 468 -17.96 2.32 27.57
N GLU C 469 -16.77 2.50 28.14
CA GLU C 469 -15.77 3.41 27.58
C GLU C 469 -15.28 2.96 26.21
N SER C 470 -15.34 1.66 25.96
CA SER C 470 -14.82 1.08 24.72
C SER C 470 -15.78 1.29 23.55
N ILE C 471 -17.00 1.70 23.87
CA ILE C 471 -18.04 1.85 22.86
C ILE C 471 -18.13 3.30 22.39
N SER C 472 -18.12 3.50 21.08
CA SER C 472 -18.03 4.85 20.54
C SER C 472 -19.23 5.23 19.66
N TYR C 473 -20.07 4.25 19.32
CA TYR C 473 -21.34 4.53 18.67
C TYR C 473 -22.45 3.60 19.15
N VAL C 474 -23.64 4.15 19.32
CA VAL C 474 -24.84 3.33 19.51
C VAL C 474 -25.94 3.71 18.53
N GLU C 475 -26.35 2.74 17.72
CA GLU C 475 -27.56 2.88 16.90
C GLU C 475 -28.81 2.64 17.74
N MET C 476 -29.43 3.74 18.15
CA MET C 476 -30.57 3.68 19.06
C MET C 476 -31.81 3.09 18.37
N HIS C 477 -32.72 2.56 19.17
CA HIS C 477 -34.06 2.27 18.71
C HIS C 477 -34.67 3.53 18.16
N GLY C 478 -34.55 4.61 18.94
CA GLY C 478 -34.67 5.97 18.41
C GLY C 478 -35.79 6.18 17.42
N THR C 479 -37.02 5.92 17.87
CA THR C 479 -38.18 5.94 16.98
C THR C 479 -38.76 7.35 16.86
N GLY C 480 -38.30 8.24 17.72
CA GLY C 480 -38.79 9.62 17.72
C GLY C 480 -40.15 9.79 18.34
N THR C 481 -40.49 8.93 19.30
CA THR C 481 -41.66 9.11 20.14
C THR C 481 -41.33 9.94 21.37
N LYS C 482 -42.29 10.74 21.82
CA LYS C 482 -42.02 11.75 22.84
C LYS C 482 -41.61 11.16 24.19
N GLN C 483 -42.31 10.12 24.64
CA GLN C 483 -41.95 9.50 25.91
C GLN C 483 -40.94 8.37 25.79
N GLY C 484 -40.81 7.81 24.59
CA GLY C 484 -39.87 6.71 24.35
C GLY C 484 -38.43 7.17 24.29
N ASP C 485 -38.18 8.22 23.53
CA ASP C 485 -36.84 8.71 23.26
C ASP C 485 -36.06 9.01 24.54
N PRO C 486 -36.67 9.82 25.43
CA PRO C 486 -36.00 10.24 26.66
C PRO C 486 -35.73 9.07 27.60
N ILE C 487 -36.63 8.08 27.61
CA ILE C 487 -36.44 6.89 28.41
C ILE C 487 -35.24 6.07 27.91
N GLU C 488 -35.13 5.91 26.60
CA GLU C 488 -33.98 5.22 26.03
C GLU C 488 -32.68 5.95 26.34
N LEU C 489 -32.69 7.26 26.17
CA LEU C 489 -31.50 8.07 26.42
C LEU C 489 -31.05 7.95 27.87
N GLU C 490 -32.01 8.10 28.78
CA GLU C 490 -31.71 8.10 30.21
C GLU C 490 -31.18 6.74 30.63
N ALA C 491 -31.84 5.69 30.15
CA ALA C 491 -31.41 4.32 30.43
C ALA C 491 -29.95 4.09 30.05
N LEU C 492 -29.64 4.27 28.76
CA LEU C 492 -28.31 4.03 28.23
C LEU C 492 -27.28 4.91 28.93
N SER C 493 -27.59 6.20 29.04
CA SER C 493 -26.73 7.15 29.72
C SER C 493 -26.40 6.68 31.13
N THR C 494 -27.43 6.27 31.86
CA THR C 494 -27.24 5.83 33.24
C THR C 494 -26.31 4.63 33.36
N VAL C 495 -26.49 3.65 32.48
CA VAL C 495 -25.66 2.45 32.52
C VAL C 495 -24.20 2.76 32.19
N PHE C 496 -24.00 3.65 31.22
CA PHE C 496 -22.65 4.09 30.86
C PHE C 496 -22.00 4.85 32.01
N GLN C 497 -22.77 5.72 32.67
CA GLN C 497 -22.27 6.57 33.72
C GLN C 497 -21.90 5.81 35.00
N GLU C 498 -22.48 4.61 35.15
CA GLU C 498 -22.14 3.75 36.28
C GLU C 498 -20.68 3.30 36.24
N LYS C 499 -20.07 3.39 35.06
CA LYS C 499 -18.76 2.79 34.84
C LYS C 499 -17.70 3.80 34.42
N THR C 500 -18.12 5.03 34.16
CA THR C 500 -17.19 6.06 33.69
C THR C 500 -17.67 7.48 33.95
N ASP C 501 -16.72 8.36 34.24
CA ASP C 501 -17.00 9.79 34.36
C ASP C 501 -16.83 10.52 33.03
N LYS C 502 -16.26 9.81 32.05
CA LYS C 502 -15.94 10.42 30.76
C LYS C 502 -17.23 10.97 30.14
N LYS C 503 -17.10 12.11 29.46
CA LYS C 503 -18.25 12.79 28.89
C LYS C 503 -18.19 12.85 27.37
N GLN C 504 -19.35 12.70 26.74
CA GLN C 504 -19.52 12.91 25.31
C GLN C 504 -18.50 12.18 24.43
N PHE C 505 -18.23 10.93 24.77
CA PHE C 505 -17.34 10.10 23.95
C PHE C 505 -18.10 9.24 22.94
N CYS C 506 -19.35 8.93 23.28
CA CYS C 506 -20.14 7.99 22.48
C CYS C 506 -21.20 8.69 21.65
N ALA C 507 -21.01 8.67 20.33
CA ALA C 507 -22.01 9.19 19.40
C ALA C 507 -23.24 8.29 19.34
N ILE C 508 -24.41 8.92 19.21
CA ILE C 508 -25.65 8.19 19.03
C ILE C 508 -26.37 8.64 17.77
N GLY C 509 -27.05 7.70 17.12
CA GLY C 509 -27.84 8.00 15.93
C GLY C 509 -28.98 7.01 15.76
N SER C 510 -29.81 7.24 14.75
CA SER C 510 -30.87 6.31 14.39
C SER C 510 -31.14 6.43 12.89
N VAL C 511 -30.97 5.33 12.16
CA VAL C 511 -31.22 5.32 10.73
C VAL C 511 -32.70 5.50 10.40
N LYS C 512 -33.55 5.39 11.42
CA LYS C 512 -34.98 5.63 11.25
C LYS C 512 -35.25 7.08 10.86
N SER C 513 -34.31 7.96 11.21
CA SER C 513 -34.33 9.34 10.75
C SER C 513 -34.15 9.46 9.24
N ASN C 514 -33.50 8.47 8.63
CA ASN C 514 -33.31 8.42 7.19
C ASN C 514 -34.44 7.70 6.46
N ILE C 515 -34.77 6.50 6.94
CA ILE C 515 -35.61 5.58 6.18
C ILE C 515 -36.96 5.29 6.84
N GLY C 516 -37.18 5.86 8.01
CA GLY C 516 -38.40 5.59 8.78
C GLY C 516 -38.27 4.33 9.62
N HIS C 517 -39.38 3.90 10.21
CA HIS C 517 -39.39 2.76 11.12
C HIS C 517 -39.70 1.48 10.40
N THR C 518 -38.67 0.75 10.00
CA THR C 518 -38.82 -0.42 9.13
C THR C 518 -39.25 -1.67 9.88
N SER C 519 -39.72 -1.48 11.11
CA SER C 519 -40.43 -2.53 11.84
C SER C 519 -39.62 -3.81 12.03
N ALA C 520 -40.12 -4.92 11.47
CA ALA C 520 -39.48 -6.22 11.66
C ALA C 520 -38.06 -6.21 11.14
N ALA C 521 -37.76 -5.26 10.26
CA ALA C 521 -36.46 -5.18 9.62
C ALA C 521 -35.58 -4.12 10.28
N ALA C 522 -36.09 -3.51 11.34
CA ALA C 522 -35.40 -2.39 11.98
C ALA C 522 -34.01 -2.79 12.47
N GLY C 523 -33.95 -3.92 13.16
CA GLY C 523 -32.72 -4.41 13.76
C GLY C 523 -31.64 -4.63 12.72
N VAL C 524 -32.00 -5.34 11.65
CA VAL C 524 -31.03 -5.67 10.61
C VAL C 524 -30.60 -4.43 9.84
N ALA C 525 -31.50 -3.47 9.72
CA ALA C 525 -31.18 -2.18 9.10
C ALA C 525 -30.11 -1.45 9.89
N GLY C 526 -30.23 -1.49 11.21
CA GLY C 526 -29.30 -0.81 12.10
C GLY C 526 -27.94 -1.48 12.14
N VAL C 527 -27.95 -2.80 12.28
CA VAL C 527 -26.72 -3.57 12.27
C VAL C 527 -25.95 -3.34 10.97
N GLN C 528 -26.67 -3.23 9.86
CA GLN C 528 -26.02 -3.01 8.56
C GLN C 528 -25.43 -1.62 8.46
N LYS C 529 -26.12 -0.63 9.00
CA LYS C 529 -25.55 0.72 9.09
C LYS C 529 -24.23 0.71 9.84
N VAL C 530 -24.23 0.13 11.03
CA VAL C 530 -23.04 0.11 11.87
C VAL C 530 -21.86 -0.59 11.20
N LEU C 531 -22.12 -1.70 10.54
CA LEU C 531 -21.06 -2.44 9.86
C LEU C 531 -20.46 -1.62 8.72
N LEU C 532 -21.31 -0.90 7.99
CA LEU C 532 -20.86 -0.05 6.89
C LEU C 532 -20.02 1.11 7.39
N CYS C 533 -20.47 1.72 8.50
CA CYS C 533 -19.67 2.71 9.20
C CYS C 533 -18.30 2.17 9.57
N MET C 534 -18.25 1.02 10.21
CA MET C 534 -17.00 0.42 10.64
C MET C 534 -16.07 0.17 9.46
N ASN C 535 -16.62 -0.40 8.40
CA ASN C 535 -15.85 -0.73 7.21
C ASN C 535 -15.21 0.50 6.59
N HIS C 536 -15.94 1.61 6.62
CA HIS C 536 -15.49 2.86 6.04
C HIS C 536 -14.86 3.78 7.05
N LYS C 537 -14.76 3.30 8.29
CA LYS C 537 -14.24 4.09 9.39
C LYS C 537 -14.80 5.51 9.42
N THR C 538 -16.12 5.60 9.28
CA THR C 538 -16.83 6.86 9.07
C THR C 538 -18.11 6.85 9.89
N LEU C 539 -18.35 7.93 10.63
CA LEU C 539 -19.66 8.16 11.23
C LEU C 539 -20.48 9.10 10.36
N VAL C 540 -21.77 8.81 10.25
CA VAL C 540 -22.65 9.58 9.38
C VAL C 540 -23.72 10.29 10.19
N PRO C 541 -24.36 11.31 9.59
CA PRO C 541 -25.34 12.12 10.30
C PRO C 541 -26.61 11.34 10.67
N THR C 542 -27.12 11.61 11.86
CA THR C 542 -28.52 11.32 12.17
C THR C 542 -29.36 12.57 11.90
N LEU C 543 -30.57 12.36 11.39
CA LEU C 543 -31.34 13.43 10.78
C LEU C 543 -32.39 14.01 11.71
N ASN C 544 -32.99 15.13 11.30
CA ASN C 544 -34.15 15.72 11.96
C ASN C 544 -33.89 16.20 13.38
N PHE C 545 -32.63 16.48 13.70
CA PHE C 545 -32.22 16.90 15.03
C PHE C 545 -31.88 18.39 15.07
N THR C 546 -32.77 19.18 15.68
CA THR C 546 -32.55 20.61 15.83
C THR C 546 -32.21 20.99 17.27
N THR C 547 -33.08 20.60 18.20
CA THR C 547 -32.89 20.93 19.61
C THR C 547 -33.04 19.68 20.48
N PRO C 548 -32.10 19.47 21.40
CA PRO C 548 -32.14 18.24 22.20
C PRO C 548 -33.44 18.11 23.00
N ASN C 549 -33.94 16.89 23.11
CA ASN C 549 -35.11 16.59 23.93
C ASN C 549 -34.92 17.20 25.32
N GLU C 550 -35.86 18.05 25.71
CA GLU C 550 -35.78 18.77 26.97
C GLU C 550 -35.65 17.82 28.15
N HIS C 551 -36.19 16.60 28.01
CA HIS C 551 -36.25 15.64 29.11
C HIS C 551 -34.97 14.89 29.32
N PHE C 552 -33.90 15.34 28.65
CA PHE C 552 -32.58 14.75 28.82
C PHE C 552 -31.46 15.74 28.61
N GLU C 553 -30.56 15.84 29.58
CA GLU C 553 -29.41 16.72 29.48
C GLU C 553 -28.15 16.01 28.98
N PHE C 554 -27.71 16.44 27.81
CA PHE C 554 -26.61 15.78 27.11
C PHE C 554 -25.25 16.19 27.65
N GLU C 555 -25.17 17.44 28.13
CA GLU C 555 -23.88 18.08 28.36
C GLU C 555 -22.99 17.27 29.29
N HIS C 556 -23.58 16.65 30.30
CA HIS C 556 -22.84 15.87 31.28
C HIS C 556 -23.06 14.40 31.09
N SER C 557 -23.45 14.02 29.89
CA SER C 557 -23.68 12.63 29.51
C SER C 557 -22.46 12.04 28.82
N PRO C 558 -22.31 10.71 28.87
CA PRO C 558 -21.36 10.03 27.97
C PRO C 558 -21.79 10.10 26.51
N LEU C 559 -23.03 10.50 26.26
CA LEU C 559 -23.62 10.48 24.93
C LEU C 559 -23.63 11.86 24.26
N TYR C 560 -23.47 11.87 22.95
CA TYR C 560 -23.73 13.04 22.13
C TYR C 560 -24.37 12.67 20.79
N VAL C 561 -25.29 13.50 20.32
CA VAL C 561 -25.93 13.27 19.03
C VAL C 561 -24.98 13.69 17.91
N ASN C 562 -24.60 12.75 17.06
CA ASN C 562 -23.78 13.07 15.89
C ASN C 562 -24.59 13.47 14.67
N THR C 563 -24.36 14.68 14.20
CA THR C 563 -25.05 15.20 13.02
C THR C 563 -24.07 15.51 11.90
N GLU C 564 -22.83 15.06 12.07
CA GLU C 564 -21.76 15.32 11.13
C GLU C 564 -21.39 14.06 10.34
N LEU C 565 -20.99 14.24 9.08
CA LEU C 565 -20.22 13.21 8.40
C LEU C 565 -18.73 13.38 8.69
N LYS C 566 -18.17 12.44 9.44
CA LYS C 566 -16.81 12.62 9.96
C LYS C 566 -16.10 11.28 10.08
N PRO C 567 -14.77 11.31 10.23
CA PRO C 567 -13.99 10.11 10.51
C PRO C 567 -14.36 9.51 11.87
N TRP C 568 -14.54 8.19 11.90
CA TRP C 568 -14.77 7.46 13.14
C TRP C 568 -13.44 7.17 13.77
N GLU C 569 -13.07 7.98 14.75
CA GLU C 569 -11.74 7.89 15.36
C GLU C 569 -11.68 6.81 16.43
N THR C 570 -10.55 6.12 16.46
CA THR C 570 -10.25 5.18 17.53
C THR C 570 -8.87 5.46 18.12
N ALA C 571 -8.72 5.26 19.41
CA ALA C 571 -7.44 5.49 20.07
C ALA C 571 -6.57 4.25 20.03
N ASP C 572 -5.26 4.45 19.94
CA ASP C 572 -4.29 3.36 20.00
C ASP C 572 -4.57 2.35 18.89
N GLY C 573 -4.43 1.07 19.21
CA GLY C 573 -4.68 0.01 18.24
C GLY C 573 -6.15 -0.38 18.11
N LYS C 574 -6.97 0.15 19.01
CA LYS C 574 -8.19 -0.53 19.42
C LYS C 574 -9.27 -0.58 18.33
N PRO C 575 -9.94 -1.74 18.21
CA PRO C 575 -11.04 -1.84 17.26
C PRO C 575 -12.21 -0.96 17.70
N ARG C 576 -12.91 -0.38 16.74
CA ARG C 576 -14.16 0.31 17.03
C ARG C 576 -15.22 -0.66 17.55
N ARG C 577 -16.01 -0.18 18.51
CA ARG C 577 -17.14 -0.93 19.03
C ARG C 577 -18.42 -0.10 18.97
N ALA C 578 -19.52 -0.75 18.62
CA ALA C 578 -20.83 -0.09 18.58
C ALA C 578 -21.94 -0.99 19.09
N CYS C 579 -23.04 -0.40 19.52
CA CYS C 579 -24.21 -1.14 19.96
C CYS C 579 -25.41 -0.85 19.08
N VAL C 580 -26.31 -1.82 18.96
CA VAL C 580 -27.62 -1.59 18.35
C VAL C 580 -28.72 -2.02 19.30
N SER C 581 -29.68 -1.14 19.50
CA SER C 581 -30.84 -1.42 20.35
C SER C 581 -32.09 -1.57 19.49
N SER C 582 -32.94 -2.54 19.82
CA SER C 582 -34.25 -2.63 19.20
C SER C 582 -35.31 -3.10 20.19
N PHE C 583 -36.32 -2.26 20.40
CA PHE C 583 -37.39 -2.54 21.34
C PHE C 583 -38.74 -2.63 20.64
N GLY C 584 -39.55 -3.60 21.07
CA GLY C 584 -40.83 -3.86 20.41
C GLY C 584 -42.00 -3.31 21.21
N TYR C 585 -43.13 -3.13 20.53
CA TYR C 585 -44.32 -2.64 21.21
C TYR C 585 -44.93 -3.66 22.16
N SER C 586 -44.53 -4.93 22.02
CA SER C 586 -44.99 -5.98 22.92
C SER C 586 -44.10 -6.11 24.15
N GLY C 587 -42.95 -5.44 24.11
CA GLY C 587 -42.12 -5.28 25.30
C GLY C 587 -40.90 -6.19 25.33
N THR C 588 -40.70 -6.92 24.23
CA THR C 588 -39.53 -7.77 24.08
C THR C 588 -38.36 -6.97 23.51
N ASN C 589 -37.31 -6.81 24.30
CA ASN C 589 -36.19 -5.95 23.93
C ASN C 589 -34.99 -6.76 23.43
N ALA C 590 -34.17 -6.12 22.61
CA ALA C 590 -32.89 -6.70 22.20
C ALA C 590 -31.79 -5.65 22.12
N HIS C 591 -30.56 -6.08 22.36
CA HIS C 591 -29.39 -5.22 22.33
C HIS C 591 -28.18 -6.03 22.01
N ILE C 592 -27.44 -5.63 20.98
CA ILE C 592 -26.22 -6.33 20.60
C ILE C 592 -24.99 -5.41 20.57
N VAL C 593 -23.82 -5.98 20.81
CA VAL C 593 -22.56 -5.24 20.71
C VAL C 593 -21.69 -5.78 19.58
N ILE C 594 -21.27 -4.87 18.70
CA ILE C 594 -20.52 -5.20 17.50
C ILE C 594 -19.12 -4.60 17.58
N GLU C 595 -18.11 -5.40 17.24
CA GLU C 595 -16.74 -4.91 17.22
C GLU C 595 -16.11 -5.05 15.85
N GLU C 596 -15.39 -4.01 15.42
CA GLU C 596 -14.74 -3.99 14.12
C GLU C 596 -13.74 -5.15 14.01
N TYR C 597 -13.70 -5.78 12.85
CA TYR C 597 -12.79 -6.89 12.61
C TYR C 597 -11.47 -6.40 12.03
N GLN C 598 -10.37 -6.82 12.65
CA GLN C 598 -9.03 -6.41 12.22
C GLN C 598 -8.23 -7.60 11.71
N PRO C 599 -8.20 -7.79 10.38
CA PRO C 599 -7.54 -8.94 9.77
C PRO C 599 -6.02 -8.83 9.84
N GLU C 600 -5.35 -9.97 9.91
CA GLU C 600 -3.90 -10.02 10.01
C GLU C 600 -3.21 -9.42 8.79
N SER C 612 -2.86 -11.07 -15.87
CA SER C 612 -4.26 -11.11 -16.27
C SER C 612 -5.07 -12.04 -15.36
N ALA C 613 -6.32 -11.66 -15.11
CA ALA C 613 -7.24 -12.53 -14.40
C ALA C 613 -8.42 -12.92 -15.29
N LEU C 614 -9.03 -14.06 -14.96
CA LEU C 614 -10.15 -14.57 -15.74
C LEU C 614 -11.48 -14.28 -15.08
N PHE C 615 -12.25 -13.39 -15.71
CA PHE C 615 -13.56 -12.99 -15.18
C PHE C 615 -14.65 -13.85 -15.82
N VAL C 616 -15.50 -14.42 -14.96
CA VAL C 616 -16.62 -15.23 -15.42
C VAL C 616 -17.94 -14.78 -14.81
N LEU C 617 -18.97 -14.72 -15.64
CA LEU C 617 -20.32 -14.35 -15.18
C LEU C 617 -21.32 -15.36 -15.74
N SER C 618 -22.42 -15.55 -15.03
CA SER C 618 -23.49 -16.42 -15.53
C SER C 618 -24.85 -16.13 -14.90
N ALA C 619 -25.90 -16.38 -15.67
CA ALA C 619 -27.27 -16.18 -15.20
C ALA C 619 -28.21 -17.18 -15.86
N LYS C 620 -29.42 -17.29 -15.32
CA LYS C 620 -30.37 -18.31 -15.76
C LYS C 620 -31.08 -17.91 -17.06
N LYS C 621 -31.03 -16.62 -17.38
CA LYS C 621 -31.51 -16.12 -18.66
C LYS C 621 -30.51 -15.12 -19.21
N GLU C 622 -30.53 -14.90 -20.52
CA GLU C 622 -29.57 -13.99 -21.13
C GLU C 622 -29.79 -12.55 -20.67
N LYS C 623 -31.06 -12.17 -20.53
CA LYS C 623 -31.43 -10.84 -20.07
C LYS C 623 -30.83 -10.50 -18.71
N GLN C 624 -30.81 -11.49 -17.82
CA GLN C 624 -30.24 -11.32 -16.49
C GLN C 624 -28.71 -11.32 -16.51
N LEU C 625 -28.13 -12.08 -17.44
CA LEU C 625 -26.70 -12.02 -17.66
C LEU C 625 -26.28 -10.61 -18.07
N LYS C 626 -27.05 -10.00 -18.96
CA LYS C 626 -26.84 -8.61 -19.36
C LYS C 626 -26.95 -7.67 -18.16
N ALA C 627 -27.97 -7.89 -17.34
CA ALA C 627 -28.14 -7.12 -16.11
C ALA C 627 -26.98 -7.32 -15.15
N TYR C 628 -26.44 -8.53 -15.12
CA TYR C 628 -25.32 -8.86 -14.24
C TYR C 628 -24.06 -8.08 -14.65
N ALA C 629 -23.81 -8.07 -15.96
CA ALA C 629 -22.65 -7.36 -16.51
C ALA C 629 -22.75 -5.86 -16.24
N GLU C 630 -23.97 -5.32 -16.35
CA GLU C 630 -24.21 -3.92 -16.03
C GLU C 630 -23.92 -3.62 -14.56
N ALA C 631 -24.37 -4.52 -13.69
CA ALA C 631 -24.15 -4.35 -12.25
C ALA C 631 -22.67 -4.43 -11.89
N MET C 632 -21.94 -5.35 -12.53
CA MET C 632 -20.51 -5.46 -12.34
C MET C 632 -19.76 -4.22 -12.84
N LYS C 633 -20.16 -3.71 -13.99
CA LYS C 633 -19.54 -2.51 -14.56
C LYS C 633 -19.69 -1.30 -13.65
N ASP C 634 -20.92 -1.05 -13.19
CA ASP C 634 -21.20 0.01 -12.24
C ASP C 634 -20.37 -0.14 -10.98
N PHE C 635 -20.30 -1.38 -10.49
CA PHE C 635 -19.55 -1.68 -9.28
C PHE C 635 -18.07 -1.36 -9.43
N VAL C 636 -17.50 -1.78 -10.56
CA VAL C 636 -16.08 -1.56 -10.85
C VAL C 636 -15.80 -0.08 -11.08
N THR C 637 -16.71 0.57 -11.80
CA THR C 637 -16.65 2.02 -12.01
C THR C 637 -16.66 2.78 -10.70
N SER C 638 -17.52 2.35 -9.77
CA SER C 638 -17.67 3.00 -8.48
C SER C 638 -16.55 2.71 -7.49
N ASN C 639 -15.88 1.58 -7.68
CA ASN C 639 -14.86 1.11 -6.73
C ASN C 639 -13.48 1.04 -7.39
N GLU C 640 -12.77 2.15 -7.38
CA GLU C 640 -11.56 2.29 -8.17
C GLU C 640 -10.41 1.45 -7.61
N ASP C 641 -10.59 0.95 -6.38
CA ASP C 641 -9.53 0.23 -5.70
C ASP C 641 -9.76 -1.27 -5.61
N ILE C 642 -10.68 -1.80 -6.41
CA ILE C 642 -11.01 -3.21 -6.34
C ILE C 642 -9.80 -4.08 -6.68
N ASP C 643 -9.58 -5.13 -5.88
CA ASP C 643 -8.55 -6.11 -6.20
C ASP C 643 -9.03 -7.09 -7.25
N LEU C 644 -8.42 -7.04 -8.43
CA LEU C 644 -8.93 -7.74 -9.60
C LEU C 644 -8.85 -9.25 -9.44
N GLU C 645 -7.79 -9.72 -8.80
CA GLU C 645 -7.60 -11.15 -8.56
C GLU C 645 -8.64 -11.70 -7.59
N ASP C 646 -8.95 -10.93 -6.55
CA ASP C 646 -9.96 -11.30 -5.57
C ASP C 646 -11.32 -11.38 -6.25
N MET C 647 -11.62 -10.38 -7.08
CA MET C 647 -12.91 -10.28 -7.74
C MET C 647 -13.16 -11.47 -8.68
N ALA C 648 -12.17 -11.78 -9.51
CA ALA C 648 -12.24 -12.96 -10.37
C ALA C 648 -12.44 -14.22 -9.52
N TYR C 649 -11.60 -14.35 -8.49
CA TYR C 649 -11.63 -15.54 -7.64
C TYR C 649 -13.01 -15.73 -7.05
N THR C 650 -13.66 -14.64 -6.70
CA THR C 650 -15.02 -14.69 -6.18
C THR C 650 -16.02 -15.10 -7.27
N LEU C 651 -15.83 -14.60 -8.48
CA LEU C 651 -16.71 -14.94 -9.59
C LEU C 651 -16.55 -16.42 -9.96
N GLN C 652 -15.33 -16.92 -9.84
CA GLN C 652 -15.06 -18.33 -10.11
C GLN C 652 -15.67 -19.23 -9.04
N THR C 653 -15.28 -19.03 -7.79
CA THR C 653 -15.57 -20.00 -6.73
C THR C 653 -16.79 -19.62 -5.89
N GLY C 654 -17.24 -18.38 -6.03
CA GLY C 654 -18.22 -17.82 -5.12
C GLY C 654 -19.56 -17.56 -5.81
N ARG C 655 -19.66 -18.02 -7.05
CA ARG C 655 -20.94 -17.99 -7.75
C ARG C 655 -21.24 -19.33 -8.43
N GLU C 656 -22.51 -19.68 -8.50
CA GLU C 656 -22.95 -20.84 -9.26
C GLU C 656 -22.81 -20.58 -10.75
N ALA C 657 -22.20 -21.53 -11.45
CA ALA C 657 -22.14 -21.49 -12.91
C ALA C 657 -23.50 -21.86 -13.51
N MET C 658 -24.22 -20.86 -14.01
CA MET C 658 -25.55 -21.08 -14.57
C MET C 658 -25.48 -21.18 -16.09
N ASP C 659 -26.64 -21.28 -16.74
CA ASP C 659 -26.71 -21.78 -18.11
C ASP C 659 -26.23 -20.80 -19.17
N TYR C 660 -26.47 -19.52 -18.96
CA TYR C 660 -25.97 -18.48 -19.86
C TYR C 660 -24.69 -17.85 -19.32
N ARG C 661 -23.63 -17.93 -20.12
CA ARG C 661 -22.29 -17.63 -19.63
C ARG C 661 -21.54 -16.63 -20.51
N MET C 662 -20.76 -15.78 -19.85
CA MET C 662 -19.73 -14.99 -20.52
C MET C 662 -18.46 -14.95 -19.68
N ALA C 663 -17.33 -14.78 -20.35
CA ALA C 663 -16.04 -14.67 -19.68
C ALA C 663 -15.04 -13.88 -20.53
N PHE C 664 -14.02 -13.35 -19.88
CA PHE C 664 -13.04 -12.48 -20.52
C PHE C 664 -11.82 -12.31 -19.63
N LEU C 665 -10.70 -11.91 -20.24
CA LEU C 665 -9.50 -11.60 -19.50
C LEU C 665 -9.35 -10.10 -19.32
N ALA C 666 -8.77 -9.69 -18.20
CA ALA C 666 -8.37 -8.30 -17.98
C ALA C 666 -7.22 -8.28 -16.99
N ASP C 667 -6.29 -7.34 -17.18
CA ASP C 667 -5.23 -7.12 -16.20
C ASP C 667 -5.33 -5.75 -15.52
N SER C 668 -6.40 -5.03 -15.79
CA SER C 668 -6.59 -3.71 -15.18
C SER C 668 -8.07 -3.34 -15.14
N ARG C 669 -8.40 -2.45 -14.21
CA ARG C 669 -9.74 -1.89 -14.07
C ARG C 669 -10.29 -1.38 -15.39
N GLU C 670 -9.47 -0.62 -16.12
CA GLU C 670 -9.87 -0.01 -17.39
C GLU C 670 -10.18 -1.09 -18.42
N MET C 671 -9.35 -2.12 -18.46
CA MET C 671 -9.54 -3.23 -19.38
C MET C 671 -10.82 -3.99 -19.03
N LEU C 672 -11.03 -4.17 -17.73
CA LEU C 672 -12.23 -4.82 -17.21
C LEU C 672 -13.47 -4.06 -17.63
N ILE C 673 -13.47 -2.75 -17.39
CA ILE C 673 -14.62 -1.91 -17.73
C ILE C 673 -14.91 -1.95 -19.23
N LYS C 674 -13.85 -1.93 -20.03
CA LYS C 674 -13.99 -1.92 -21.48
C LYS C 674 -14.61 -3.23 -21.98
N ALA C 675 -14.13 -4.34 -21.43
CA ALA C 675 -14.65 -5.64 -21.81
C ALA C 675 -16.16 -5.70 -21.58
N LEU C 676 -16.59 -5.24 -20.41
CA LEU C 676 -18.00 -5.29 -20.05
C LEU C 676 -18.81 -4.35 -20.95
N ASP C 677 -18.23 -3.20 -21.27
CA ASP C 677 -18.83 -2.29 -22.22
C ASP C 677 -19.00 -2.96 -23.58
N ASP C 678 -17.91 -3.55 -24.07
CA ASP C 678 -17.92 -4.24 -25.36
C ASP C 678 -18.99 -5.33 -25.38
N TYR C 679 -19.07 -6.09 -24.29
CA TYR C 679 -20.09 -7.13 -24.17
C TYR C 679 -21.48 -6.55 -24.28
N LEU C 680 -21.72 -5.46 -23.55
CA LEU C 680 -23.06 -4.86 -23.48
C LEU C 680 -23.45 -4.22 -24.80
N ALA C 681 -22.48 -3.60 -25.46
CA ALA C 681 -22.72 -2.91 -26.73
C ALA C 681 -22.69 -3.88 -27.91
N GLU C 682 -22.40 -5.15 -27.62
CA GLU C 682 -22.28 -6.18 -28.65
C GLU C 682 -21.23 -5.83 -29.70
N MET C 683 -20.18 -5.15 -29.28
CA MET C 683 -19.12 -4.69 -30.17
C MET C 683 -17.90 -5.61 -30.07
N PRO C 684 -17.46 -6.16 -31.22
CA PRO C 684 -16.53 -7.28 -31.23
C PRO C 684 -15.27 -7.04 -30.40
N ASN C 685 -14.94 -8.05 -29.60
CA ASN C 685 -13.77 -8.02 -28.73
C ASN C 685 -13.23 -9.44 -28.61
N GLY C 686 -12.01 -9.65 -29.09
CA GLY C 686 -11.47 -11.00 -29.27
C GLY C 686 -11.19 -11.72 -27.98
N SER C 687 -11.31 -11.01 -26.87
CA SER C 687 -11.07 -11.58 -25.55
C SER C 687 -12.36 -11.84 -24.78
N ILE C 688 -13.50 -11.64 -25.44
CA ILE C 688 -14.79 -11.93 -24.84
C ILE C 688 -15.40 -13.22 -25.39
N PHE C 689 -15.81 -14.09 -24.48
CA PHE C 689 -16.47 -15.35 -24.84
C PHE C 689 -17.84 -15.46 -24.19
N ALA C 690 -18.78 -16.05 -24.90
CA ALA C 690 -20.16 -16.15 -24.43
C ALA C 690 -20.87 -17.32 -25.11
N ALA C 691 -21.70 -18.01 -24.34
CA ALA C 691 -22.45 -19.15 -24.85
C ALA C 691 -23.63 -19.50 -23.96
N HIS C 692 -24.61 -20.16 -24.55
CA HIS C 692 -25.64 -20.86 -23.79
C HIS C 692 -25.26 -22.31 -23.70
N VAL C 693 -25.15 -22.81 -22.47
CA VAL C 693 -24.52 -24.10 -22.21
C VAL C 693 -25.25 -25.25 -22.88
N LYS C 694 -26.58 -25.13 -22.97
CA LYS C 694 -27.40 -26.21 -23.51
C LYS C 694 -27.18 -26.41 -25.00
N THR C 695 -26.56 -25.42 -25.65
CA THR C 695 -26.37 -25.43 -27.08
C THR C 695 -25.05 -26.11 -27.46
N LYS C 696 -24.16 -26.22 -26.48
CA LYS C 696 -22.75 -26.49 -26.75
C LYS C 696 -22.27 -27.85 -26.25
N LYS C 697 -23.21 -28.74 -25.92
CA LYS C 697 -22.89 -30.00 -25.26
C LYS C 697 -21.89 -30.83 -26.05
N SER C 698 -22.08 -30.88 -27.36
CA SER C 698 -21.24 -31.70 -28.23
C SER C 698 -19.81 -31.18 -28.31
N GLU C 699 -19.66 -29.86 -28.21
CA GLU C 699 -18.36 -29.21 -28.35
C GLU C 699 -17.50 -29.38 -27.11
N ILE C 700 -18.09 -29.94 -26.06
CA ILE C 700 -17.43 -30.06 -24.78
C ILE C 700 -17.14 -31.52 -24.40
N LYS C 701 -17.96 -32.42 -24.91
CA LYS C 701 -17.91 -33.83 -24.51
C LYS C 701 -16.51 -34.42 -24.58
N LEU C 702 -15.75 -34.02 -25.59
CA LEU C 702 -14.38 -34.47 -25.82
C LEU C 702 -13.51 -34.29 -24.57
N PHE C 703 -13.70 -33.17 -23.88
CA PHE C 703 -12.90 -32.86 -22.70
C PHE C 703 -13.43 -33.52 -21.44
N GLU C 704 -14.59 -34.17 -21.55
CA GLU C 704 -15.22 -34.82 -20.41
C GLU C 704 -14.98 -36.32 -20.35
N THR C 705 -14.61 -36.92 -21.48
CA THR C 705 -14.58 -38.37 -21.58
C THR C 705 -13.19 -38.88 -21.94
N ASP C 706 -12.52 -38.17 -22.83
CA ASP C 706 -11.18 -38.54 -23.25
C ASP C 706 -10.16 -38.29 -22.15
N HIS C 707 -9.20 -39.20 -22.01
CA HIS C 707 -8.24 -39.14 -20.93
C HIS C 707 -7.12 -38.15 -21.17
N ASP C 708 -6.67 -38.04 -22.42
CA ASP C 708 -5.60 -37.12 -22.74
C ASP C 708 -6.10 -35.70 -23.02
N ALA C 709 -7.37 -35.57 -23.39
CA ALA C 709 -8.01 -34.27 -23.48
C ALA C 709 -8.14 -33.65 -22.09
N LYS C 710 -8.53 -34.49 -21.13
CA LYS C 710 -8.57 -34.08 -19.73
C LYS C 710 -7.19 -33.68 -19.23
N ALA C 711 -6.19 -34.45 -19.62
CA ALA C 711 -4.81 -34.15 -19.23
C ALA C 711 -4.33 -32.84 -19.84
N LEU C 712 -4.81 -32.54 -21.04
CA LEU C 712 -4.50 -31.28 -21.71
C LEU C 712 -5.21 -30.11 -21.04
N LEU C 713 -6.49 -30.29 -20.74
CA LEU C 713 -7.24 -29.30 -20.00
C LEU C 713 -6.61 -29.02 -18.65
N GLN C 714 -6.19 -30.08 -17.96
CA GLN C 714 -5.56 -29.92 -16.66
C GLN C 714 -4.24 -29.18 -16.78
N THR C 715 -3.49 -29.43 -17.86
CA THR C 715 -2.26 -28.70 -18.11
C THR C 715 -2.51 -27.23 -18.45
N TRP C 716 -3.53 -26.99 -19.26
CA TRP C 716 -3.97 -25.62 -19.54
C TRP C 716 -4.26 -24.84 -18.29
N ILE C 717 -5.02 -25.44 -17.39
CA ILE C 717 -5.34 -24.80 -16.11
C ILE C 717 -4.07 -24.79 -15.28
N GLU C 718 -3.18 -25.73 -15.57
CA GLU C 718 -1.90 -25.84 -14.87
C GLU C 718 -0.89 -24.91 -15.51
N LYS C 719 -0.77 -25.00 -16.84
CA LYS C 719 0.14 -24.14 -17.58
C LYS C 719 -0.46 -22.85 -18.12
N LYS C 720 -1.33 -22.25 -17.32
CA LYS C 720 -1.71 -20.90 -16.91
C LYS C 720 -2.61 -20.23 -17.95
N ARG C 721 -2.76 -20.88 -19.10
CA ARG C 721 -3.58 -20.35 -20.18
C ARG C 721 -5.03 -20.07 -19.76
N LEU C 722 -5.46 -18.83 -19.94
CA LEU C 722 -6.81 -18.42 -19.58
C LEU C 722 -7.82 -18.38 -20.73
N GLU C 723 -7.35 -17.95 -21.90
CA GLU C 723 -8.22 -17.84 -23.06
C GLU C 723 -8.89 -19.19 -23.31
N LYS C 724 -8.09 -20.25 -23.20
CA LYS C 724 -8.55 -21.61 -23.46
C LYS C 724 -9.54 -22.05 -22.39
N VAL C 725 -9.19 -21.80 -21.14
CA VAL C 725 -10.07 -22.12 -20.03
C VAL C 725 -11.39 -21.38 -20.20
N ALA C 726 -11.29 -20.12 -20.63
CA ALA C 726 -12.46 -19.25 -20.79
C ALA C 726 -13.42 -19.80 -21.82
N GLU C 727 -12.91 -20.10 -23.01
CA GLU C 727 -13.73 -20.56 -24.11
C GLU C 727 -14.50 -21.82 -23.71
N LEU C 728 -13.80 -22.72 -23.02
CA LEU C 728 -14.39 -24.00 -22.63
C LEU C 728 -15.42 -23.79 -21.53
N TRP C 729 -15.09 -22.90 -20.58
CA TRP C 729 -15.97 -22.66 -19.45
C TRP C 729 -17.31 -22.15 -19.89
N VAL C 730 -17.33 -21.19 -20.81
CA VAL C 730 -18.59 -20.60 -21.24
C VAL C 730 -19.46 -21.63 -21.96
N LYS C 731 -18.82 -22.66 -22.51
CA LYS C 731 -19.54 -23.69 -23.24
C LYS C 731 -20.09 -24.77 -22.33
N GLY C 732 -19.67 -24.75 -21.07
CA GLY C 732 -20.29 -25.57 -20.04
C GLY C 732 -19.33 -26.52 -19.35
N LEU C 733 -18.07 -26.52 -19.77
CA LEU C 733 -17.06 -27.36 -19.16
C LEU C 733 -16.82 -26.97 -17.71
N GLN C 734 -16.88 -27.96 -16.83
CA GLN C 734 -16.54 -27.76 -15.42
C GLN C 734 -15.04 -27.57 -15.27
N ILE C 735 -14.66 -26.44 -14.68
CA ILE C 735 -13.26 -26.14 -14.43
C ILE C 735 -12.98 -26.33 -12.94
N ASP C 736 -11.82 -26.90 -12.64
CA ASP C 736 -11.35 -26.98 -11.26
C ASP C 736 -10.55 -25.73 -10.90
N TRP C 737 -11.23 -24.74 -10.35
CA TRP C 737 -10.67 -23.39 -10.21
C TRP C 737 -9.50 -23.36 -9.29
N ASN C 738 -9.46 -24.29 -8.35
CA ASN C 738 -8.36 -24.40 -7.39
C ASN C 738 -7.01 -24.58 -8.07
N LYS C 739 -7.00 -25.33 -9.16
CA LYS C 739 -5.76 -25.65 -9.88
C LYS C 739 -5.13 -24.41 -10.51
N LEU C 740 -5.92 -23.36 -10.65
CA LEU C 740 -5.49 -22.10 -11.25
C LEU C 740 -4.52 -21.39 -10.32
N TYR C 741 -4.46 -21.85 -9.08
CA TYR C 741 -3.73 -21.13 -8.04
C TYR C 741 -2.73 -22.05 -7.33
N GLY C 742 -1.51 -21.54 -7.15
CA GLY C 742 -0.44 -22.35 -6.58
C GLY C 742 -0.11 -21.96 -5.15
N GLU C 743 0.95 -21.17 -5.01
CA GLU C 743 1.40 -20.71 -3.70
C GLU C 743 0.46 -19.65 -3.13
N TYR C 744 -0.11 -18.84 -4.04
CA TYR C 744 -0.97 -17.73 -3.67
C TYR C 744 -2.40 -18.01 -4.13
N THR C 745 -3.33 -18.02 -3.16
CA THR C 745 -4.75 -18.10 -3.43
C THR C 745 -5.42 -16.79 -3.02
N PRO C 746 -6.13 -16.13 -3.96
CA PRO C 746 -6.84 -14.90 -3.63
C PRO C 746 -8.06 -15.18 -2.75
N ARG C 747 -8.64 -14.11 -2.20
CA ARG C 747 -9.75 -14.26 -1.25
C ARG C 747 -11.09 -13.81 -1.84
N ARG C 748 -12.15 -14.44 -1.36
CA ARG C 748 -13.50 -14.00 -1.69
C ARG C 748 -13.73 -12.59 -1.16
N ILE C 749 -14.44 -11.78 -1.94
CA ILE C 749 -14.83 -10.44 -1.54
C ILE C 749 -16.30 -10.15 -1.89
N SER C 750 -16.81 -9.05 -1.36
CA SER C 750 -18.19 -8.66 -1.62
C SER C 750 -18.31 -8.17 -3.06
N LEU C 751 -19.25 -8.76 -3.80
CA LEU C 751 -19.61 -8.24 -5.11
C LEU C 751 -21.13 -8.20 -5.23
N PRO C 752 -21.64 -7.43 -6.21
CA PRO C 752 -23.05 -7.45 -6.52
C PRO C 752 -23.59 -8.86 -6.71
N ALA C 753 -24.76 -9.13 -6.15
CA ALA C 753 -25.34 -10.46 -6.22
C ALA C 753 -26.30 -10.54 -7.42
N TYR C 754 -26.89 -11.72 -7.60
CA TYR C 754 -27.76 -11.98 -8.73
C TYR C 754 -28.79 -10.87 -8.97
N PRO C 755 -28.93 -10.44 -10.24
CA PRO C 755 -29.93 -9.45 -10.57
C PRO C 755 -31.23 -10.10 -11.01
N PHE C 756 -32.13 -10.35 -10.07
CA PHE C 756 -33.34 -11.12 -10.36
C PHE C 756 -34.18 -10.46 -11.47
N ALA C 757 -34.83 -11.30 -12.26
CA ALA C 757 -35.83 -10.82 -13.21
C ALA C 757 -36.88 -9.97 -12.50
N GLU C 758 -37.22 -8.83 -13.09
CA GLU C 758 -38.14 -7.90 -12.46
C GLU C 758 -39.56 -8.07 -12.99
N GLU C 759 -40.11 -9.26 -12.80
CA GLU C 759 -41.46 -9.57 -13.26
C GLU C 759 -42.51 -9.20 -12.21
N TYR C 760 -43.62 -8.62 -12.67
CA TYR C 760 -44.67 -8.13 -11.80
C TYR C 760 -45.65 -9.24 -11.44
N TYR C 761 -45.89 -9.45 -10.15
CA TYR C 761 -46.93 -10.35 -9.69
C TYR C 761 -47.69 -9.73 -8.52
N TRP C 762 -49.01 -9.75 -8.63
CA TRP C 762 -49.89 -9.25 -7.57
C TRP C 762 -51.14 -10.09 -7.53
N LEU C 763 -52.17 -9.59 -6.86
CA LEU C 763 -53.35 -10.39 -6.53
C LEU C 763 -53.99 -11.01 -7.78
N PRO C 764 -54.39 -12.28 -7.69
CA PRO C 764 -55.02 -12.95 -8.82
C PRO C 764 -56.47 -12.55 -9.02
N ASP D 176 -27.24 -28.20 32.28
CA ASP D 176 -27.41 -29.68 32.26
C ASP D 176 -28.88 -30.09 32.17
N ALA D 177 -29.42 -30.63 33.25
CA ALA D 177 -30.80 -31.12 33.26
C ALA D 177 -31.80 -30.00 33.54
N ILE D 178 -32.94 -30.04 32.87
CA ILE D 178 -34.00 -29.06 33.10
C ILE D 178 -35.18 -29.74 33.79
N ALA D 179 -35.60 -29.19 34.92
CA ALA D 179 -36.74 -29.74 35.64
C ALA D 179 -38.04 -29.10 35.18
N ILE D 180 -39.07 -29.93 35.03
CA ILE D 180 -40.42 -29.42 34.80
C ILE D 180 -41.19 -29.41 36.12
N VAL D 181 -41.55 -28.21 36.58
CA VAL D 181 -41.94 -28.03 37.98
C VAL D 181 -43.41 -27.62 38.11
N GLY D 182 -44.05 -27.38 36.97
CA GLY D 182 -45.47 -27.09 36.96
C GLY D 182 -46.03 -27.31 35.56
N MET D 183 -47.30 -27.72 35.51
CA MET D 183 -47.99 -27.88 34.25
C MET D 183 -49.46 -27.48 34.36
N SER D 184 -50.03 -27.12 33.22
CA SER D 184 -51.47 -26.93 33.10
C SER D 184 -51.87 -27.20 31.66
N GLY D 185 -53.07 -27.75 31.47
CA GLY D 185 -53.47 -28.24 30.16
C GLY D 185 -54.97 -28.20 29.98
N ARG D 186 -55.41 -27.91 28.76
CA ARG D 186 -56.83 -27.86 28.45
C ARG D 186 -57.04 -28.43 27.05
N TYR D 187 -57.60 -29.63 26.99
CA TYR D 187 -57.64 -30.38 25.73
C TYR D 187 -59.06 -30.90 25.48
N PRO D 188 -59.31 -31.43 24.27
CA PRO D 188 -60.65 -31.96 24.03
C PRO D 188 -61.01 -33.01 25.08
N GLY D 189 -62.14 -32.81 25.76
CA GLY D 189 -62.64 -33.79 26.71
C GLY D 189 -61.99 -33.68 28.08
N ALA D 190 -61.12 -32.69 28.24
CA ALA D 190 -60.35 -32.54 29.48
C ALA D 190 -60.15 -31.06 29.82
N ARG D 191 -60.75 -30.64 30.93
CA ARG D 191 -60.65 -29.25 31.39
C ARG D 191 -59.33 -28.98 32.08
N ASN D 192 -58.70 -30.07 32.55
CA ASN D 192 -57.40 -29.98 33.20
C ASN D 192 -56.61 -31.27 33.05
N VAL D 193 -55.38 -31.25 33.59
CA VAL D 193 -54.43 -32.33 33.41
C VAL D 193 -54.87 -33.60 34.14
N ARG D 194 -55.73 -33.45 35.13
CA ARG D 194 -56.20 -34.59 35.90
C ARG D 194 -57.28 -35.34 35.14
N GLU D 195 -58.15 -34.59 34.45
CA GLU D 195 -59.15 -35.17 33.58
C GLU D 195 -58.50 -35.81 32.35
N TYR D 196 -57.49 -35.11 31.83
CA TYR D 196 -56.66 -35.60 30.73
C TYR D 196 -56.12 -36.98 31.04
N TRP D 197 -55.50 -37.11 32.21
CA TRP D 197 -54.92 -38.38 32.65
C TRP D 197 -55.99 -39.44 32.72
N ASP D 198 -57.12 -39.08 33.33
CA ASP D 198 -58.22 -40.02 33.49
C ASP D 198 -58.70 -40.53 32.14
N ASN D 199 -58.79 -39.62 31.17
CA ASN D 199 -59.25 -39.97 29.82
C ASN D 199 -58.27 -40.91 29.13
N LEU D 200 -56.98 -40.69 29.35
CA LEU D 200 -55.94 -41.50 28.73
C LEU D 200 -55.92 -42.91 29.30
N VAL D 201 -56.04 -43.01 30.62
CA VAL D 201 -56.06 -44.29 31.31
C VAL D 201 -57.25 -45.12 30.84
N HIS D 202 -58.36 -44.44 30.58
CA HIS D 202 -59.60 -45.10 30.16
C HIS D 202 -59.76 -45.13 28.67
N ALA D 203 -58.67 -44.86 27.95
CA ALA D 203 -58.64 -45.01 26.50
C ALA D 203 -59.78 -44.26 25.83
N ARG D 204 -60.07 -43.05 26.31
CA ARG D 204 -61.20 -42.28 25.82
C ARG D 204 -60.87 -41.41 24.61
N ASN D 205 -61.79 -41.38 23.65
CA ASN D 205 -61.62 -40.62 22.42
C ASN D 205 -62.54 -39.41 22.42
N ALA D 206 -61.97 -38.21 22.23
CA ALA D 206 -62.69 -36.98 22.50
C ALA D 206 -63.13 -36.28 21.22
N ILE D 207 -62.89 -36.92 20.07
CA ILE D 207 -63.33 -36.38 18.79
C ILE D 207 -64.84 -36.45 18.66
N ARG D 208 -65.46 -35.31 18.35
CA ARG D 208 -66.90 -35.26 18.11
C ARG D 208 -67.22 -34.61 16.77
N ASP D 209 -68.47 -34.74 16.33
CA ASP D 209 -68.96 -33.99 15.17
C ASP D 209 -68.99 -32.50 15.48
N ILE D 210 -68.59 -31.69 14.51
CA ILE D 210 -68.60 -30.24 14.67
C ILE D 210 -70.04 -29.71 14.68
N PRO D 211 -70.46 -29.10 15.80
CA PRO D 211 -71.84 -28.65 15.91
C PRO D 211 -72.08 -27.34 15.16
N THR D 212 -73.35 -27.01 14.94
CA THR D 212 -73.73 -25.82 14.19
C THR D 212 -73.40 -24.53 14.95
N SER D 213 -73.30 -24.64 16.26
CA SER D 213 -72.92 -23.51 17.10
C SER D 213 -71.50 -23.05 16.82
N ARG D 214 -70.71 -23.91 16.18
CA ARG D 214 -69.38 -23.54 15.72
C ARG D 214 -69.44 -23.07 14.26
N TRP D 215 -69.74 -24.00 13.36
CA TRP D 215 -70.28 -23.67 12.05
C TRP D 215 -71.08 -24.80 11.48
N ASP D 216 -71.83 -24.50 10.42
CA ASP D 216 -72.71 -25.50 9.80
C ASP D 216 -71.96 -26.35 8.77
N VAL D 217 -71.66 -27.58 9.15
CA VAL D 217 -70.90 -28.49 8.30
C VAL D 217 -71.71 -28.92 7.08
N CYS D 233 -64.42 -33.71 5.91
CA CYS D 233 -64.32 -34.02 7.34
C CYS D 233 -65.31 -33.18 8.15
N LYS D 234 -66.06 -33.85 9.02
CA LYS D 234 -67.07 -33.18 9.84
C LYS D 234 -66.75 -33.28 11.33
N SER D 235 -65.51 -33.67 11.63
CA SER D 235 -65.12 -34.00 12.99
C SER D 235 -63.99 -33.11 13.51
N MET D 236 -63.95 -32.92 14.83
CA MET D 236 -62.90 -32.12 15.47
C MET D 236 -62.75 -32.53 16.93
N GLY D 237 -61.51 -32.54 17.41
CA GLY D 237 -61.27 -32.50 18.84
C GLY D 237 -61.45 -31.08 19.36
N MET D 238 -62.59 -30.82 19.99
CA MET D 238 -62.96 -29.46 20.35
C MET D 238 -62.79 -29.15 21.83
N LEU D 239 -62.34 -27.94 22.13
CA LEU D 239 -62.46 -27.39 23.47
C LEU D 239 -63.89 -26.91 23.75
N ASP D 240 -64.28 -26.95 25.02
CA ASP D 240 -65.59 -26.43 25.42
C ASP D 240 -65.48 -24.99 25.90
N ASP D 241 -66.48 -24.19 25.53
CA ASP D 241 -66.62 -22.83 26.04
C ASP D 241 -65.36 -22.00 25.83
N ILE D 242 -64.95 -21.90 24.57
CA ILE D 242 -63.76 -21.15 24.20
C ILE D 242 -63.98 -19.64 24.34
N GLU D 243 -65.23 -19.25 24.56
CA GLU D 243 -65.59 -17.84 24.69
C GLU D 243 -65.38 -17.34 26.11
N HIS D 244 -65.22 -18.26 27.05
CA HIS D 244 -65.19 -17.94 28.47
C HIS D 244 -63.87 -17.36 28.89
N PHE D 245 -63.93 -16.32 29.72
CA PHE D 245 -62.74 -15.61 30.17
C PHE D 245 -63.06 -14.86 31.47
N ASP D 246 -62.04 -14.59 32.27
CA ASP D 246 -62.21 -13.83 33.50
C ASP D 246 -61.37 -12.55 33.45
N PRO D 247 -61.82 -11.56 32.67
CA PRO D 247 -60.99 -10.40 32.36
C PRO D 247 -60.62 -9.58 33.59
N LEU D 248 -61.53 -9.52 34.56
CA LEU D 248 -61.31 -8.76 35.78
C LEU D 248 -60.11 -9.28 36.58
N PHE D 249 -59.96 -10.60 36.60
CA PHE D 249 -58.81 -11.22 37.25
C PHE D 249 -57.51 -10.63 36.70
N PHE D 250 -57.50 -10.37 35.40
CA PHE D 250 -56.27 -9.98 34.71
C PHE D 250 -56.17 -8.48 34.51
N ASN D 251 -56.98 -7.73 35.25
CA ASN D 251 -57.04 -6.27 35.12
C ASN D 251 -57.34 -5.79 33.70
N ILE D 252 -58.14 -6.58 32.97
CA ILE D 252 -58.55 -6.22 31.61
C ILE D 252 -60.01 -5.78 31.65
N PRO D 253 -60.31 -4.62 31.03
CA PRO D 253 -61.69 -4.17 30.93
C PRO D 253 -62.54 -5.15 30.11
N PRO D 254 -63.74 -5.49 30.63
CA PRO D 254 -64.62 -6.46 29.99
C PRO D 254 -64.82 -6.20 28.49
N SER D 255 -64.83 -4.94 28.10
CA SER D 255 -65.04 -4.57 26.70
C SER D 255 -63.85 -4.91 25.81
N GLU D 256 -62.65 -4.92 26.41
CA GLU D 256 -61.44 -5.31 25.70
C GLU D 256 -61.44 -6.81 25.43
N ALA D 257 -62.09 -7.57 26.30
CA ALA D 257 -62.07 -9.03 26.25
C ALA D 257 -62.72 -9.51 24.96
N GLU D 258 -63.74 -8.79 24.51
CA GLU D 258 -64.41 -9.09 23.25
C GLU D 258 -63.45 -8.96 22.07
N LEU D 259 -62.46 -8.08 22.22
CA LEU D 259 -61.55 -7.78 21.13
C LEU D 259 -60.29 -8.63 21.17
N MET D 260 -60.21 -9.54 22.14
CA MET D 260 -59.07 -10.44 22.27
C MET D 260 -59.35 -11.77 21.59
N ASP D 261 -58.41 -12.19 20.75
CA ASP D 261 -58.34 -13.59 20.32
C ASP D 261 -58.50 -14.51 21.53
N PRO D 262 -59.43 -15.47 21.45
CA PRO D 262 -59.61 -16.41 22.53
C PRO D 262 -58.39 -17.30 22.74
N GLN D 263 -57.55 -17.42 21.73
CA GLN D 263 -56.27 -18.09 21.88
C GLN D 263 -55.40 -17.39 22.92
N HIS D 264 -55.39 -16.06 22.89
CA HIS D 264 -54.70 -15.26 23.90
C HIS D 264 -55.30 -15.47 25.26
N ARG D 265 -56.63 -15.38 25.32
CA ARG D 265 -57.36 -15.42 26.58
C ARG D 265 -57.16 -16.76 27.27
N ILE D 266 -57.30 -17.84 26.51
CA ILE D 266 -57.19 -19.18 27.07
C ILE D 266 -55.77 -19.49 27.54
N PHE D 267 -54.77 -19.09 26.76
CA PHE D 267 -53.39 -19.31 27.17
C PHE D 267 -53.04 -18.52 28.43
N LEU D 268 -53.46 -17.26 28.47
CA LEU D 268 -53.29 -16.43 29.65
C LEU D 268 -53.76 -17.18 30.90
N GLN D 269 -54.88 -17.88 30.76
CA GLN D 269 -55.47 -18.62 31.89
C GLN D 269 -54.64 -19.86 32.21
N GLU D 270 -54.34 -20.65 31.19
CA GLU D 270 -53.58 -21.88 31.39
C GLU D 270 -52.15 -21.58 31.84
N GLY D 271 -51.53 -20.57 31.23
CA GLY D 271 -50.20 -20.14 31.61
C GLY D 271 -50.13 -19.76 33.08
N TYR D 272 -51.07 -18.93 33.50
CA TYR D 272 -51.16 -18.54 34.91
C TYR D 272 -51.26 -19.76 35.80
N LYS D 273 -52.13 -20.70 35.41
CA LYS D 273 -52.43 -21.85 36.25
C LYS D 273 -51.23 -22.78 36.37
N ALA D 274 -50.40 -22.82 35.33
CA ALA D 274 -49.19 -23.62 35.38
C ALA D 274 -48.26 -23.10 36.47
N PHE D 275 -48.16 -21.78 36.60
CA PHE D 275 -47.36 -21.19 37.66
C PHE D 275 -47.92 -21.61 39.02
N GLU D 276 -49.23 -21.60 39.17
CA GLU D 276 -49.85 -21.93 40.44
C GLU D 276 -49.69 -23.41 40.75
N ASP D 277 -49.79 -24.24 39.71
CA ASP D 277 -49.53 -25.66 39.85
C ASP D 277 -48.16 -25.87 40.50
N ALA D 278 -47.18 -25.08 40.08
CA ALA D 278 -45.83 -25.20 40.59
C ALA D 278 -45.77 -24.74 42.03
N GLY D 279 -46.72 -23.88 42.40
CA GLY D 279 -46.74 -23.24 43.71
C GLY D 279 -46.10 -21.86 43.72
N TYR D 280 -46.13 -21.18 42.58
CA TYR D 280 -45.68 -19.79 42.50
C TYR D 280 -46.85 -18.83 42.36
N ASN D 281 -46.71 -17.63 42.90
CA ASN D 281 -47.77 -16.63 42.81
C ASN D 281 -47.26 -15.27 42.36
N ALA D 282 -48.17 -14.33 42.15
CA ALA D 282 -47.81 -13.01 41.64
C ALA D 282 -46.67 -12.39 42.44
N ARG D 283 -46.73 -12.53 43.76
CA ARG D 283 -45.71 -11.96 44.64
C ARG D 283 -44.34 -12.58 44.37
N THR D 284 -44.30 -13.90 44.26
CA THR D 284 -43.04 -14.62 44.11
C THR D 284 -42.48 -14.54 42.70
N LEU D 285 -43.32 -14.15 41.74
CA LEU D 285 -42.93 -14.10 40.34
C LEU D 285 -42.54 -12.70 39.90
N ASN D 286 -42.96 -11.70 40.67
CA ASN D 286 -42.61 -10.32 40.39
C ASN D 286 -41.13 -10.13 40.08
N GLU D 287 -40.85 -9.58 38.91
CA GLU D 287 -39.48 -9.27 38.49
C GLU D 287 -38.60 -10.48 38.20
N LYS D 288 -39.15 -11.69 38.25
CA LYS D 288 -38.40 -12.88 37.89
C LYS D 288 -37.94 -12.84 36.43
N LYS D 289 -36.71 -13.27 36.19
CA LYS D 289 -36.23 -13.48 34.82
C LYS D 289 -36.82 -14.75 34.23
N CYS D 290 -38.12 -14.71 33.97
CA CYS D 290 -38.79 -15.86 33.38
C CYS D 290 -39.15 -15.60 31.92
N GLY D 291 -38.59 -16.40 31.02
CA GLY D 291 -38.92 -16.31 29.61
C GLY D 291 -40.26 -16.96 29.32
N VAL D 292 -40.95 -16.44 28.31
CA VAL D 292 -42.21 -17.03 27.84
C VAL D 292 -42.14 -17.39 26.36
N TYR D 293 -42.32 -18.67 26.07
CA TYR D 293 -42.18 -19.16 24.71
C TYR D 293 -43.48 -19.82 24.28
N LEU D 294 -44.22 -19.15 23.40
CA LEU D 294 -45.59 -19.56 23.10
C LEU D 294 -45.73 -20.03 21.66
N GLY D 295 -46.06 -21.31 21.49
CA GLY D 295 -46.44 -21.84 20.19
C GLY D 295 -47.82 -21.39 19.77
N ILE D 296 -47.89 -20.73 18.62
CA ILE D 296 -49.14 -20.19 18.08
C ILE D 296 -49.04 -20.00 16.58
N MET D 297 -50.10 -20.38 15.85
CA MET D 297 -49.98 -20.56 14.41
C MET D 297 -51.18 -20.12 13.59
N SER D 298 -52.11 -19.38 14.19
CA SER D 298 -53.31 -18.93 13.51
C SER D 298 -53.85 -17.58 14.00
N ASN D 299 -54.60 -16.90 13.14
CA ASN D 299 -55.07 -15.54 13.42
C ASN D 299 -56.55 -15.33 13.17
N GLU D 300 -57.35 -16.40 13.29
CA GLU D 300 -58.71 -16.40 12.79
C GLU D 300 -59.57 -15.28 13.37
N TYR D 301 -59.50 -15.10 14.68
CA TYR D 301 -60.31 -14.12 15.39
C TYR D 301 -60.02 -12.69 14.95
N GLY D 302 -58.73 -12.35 14.86
CA GLY D 302 -58.32 -11.03 14.40
C GLY D 302 -58.91 -10.67 13.05
N VAL D 303 -58.88 -11.63 12.13
CA VAL D 303 -59.45 -11.45 10.80
C VAL D 303 -60.97 -11.32 10.88
N MET D 304 -61.60 -12.23 11.62
CA MET D 304 -63.04 -12.16 11.88
C MET D 304 -63.45 -10.77 12.33
N LEU D 305 -62.63 -10.15 13.16
CA LEU D 305 -62.89 -8.80 13.66
C LEU D 305 -62.77 -7.78 12.54
N GLY D 315 -53.55 -5.40 18.91
CA GLY D 315 -54.10 -6.18 20.02
C GLY D 315 -53.86 -7.67 19.85
N ASN D 316 -54.03 -8.16 18.63
CA ASN D 316 -54.10 -9.60 18.39
C ASN D 316 -52.91 -10.17 17.60
N SER D 317 -51.74 -9.56 17.76
CA SER D 317 -50.53 -10.07 17.13
C SER D 317 -49.96 -11.24 17.93
N PHE D 318 -49.17 -12.08 17.27
CA PHE D 318 -48.45 -13.16 17.96
C PHE D 318 -47.55 -12.58 19.04
N ALA D 319 -46.95 -11.44 18.76
CA ALA D 319 -46.06 -10.77 19.70
C ALA D 319 -46.74 -10.41 21.02
N ILE D 320 -47.99 -9.94 20.93
CA ILE D 320 -48.77 -9.59 22.11
C ILE D 320 -49.28 -10.81 22.85
N ALA D 321 -49.64 -11.86 22.12
CA ALA D 321 -50.07 -13.12 22.73
C ALA D 321 -49.04 -13.63 23.72
N ALA D 322 -47.77 -13.54 23.33
CA ALA D 322 -46.67 -14.01 24.16
C ALA D 322 -46.45 -13.11 25.37
N ALA D 323 -46.74 -11.82 25.19
CA ALA D 323 -46.37 -10.81 26.17
C ALA D 323 -47.46 -10.57 27.21
N ARG D 324 -48.63 -11.17 26.99
CA ARG D 324 -49.73 -11.04 27.94
C ARG D 324 -49.30 -11.41 29.35
N ILE D 325 -48.75 -12.61 29.51
CA ILE D 325 -48.37 -13.11 30.82
C ILE D 325 -47.25 -12.31 31.49
N PRO D 326 -46.19 -11.98 30.73
CA PRO D 326 -45.14 -11.13 31.29
C PRO D 326 -45.71 -9.82 31.78
N TYR D 327 -46.63 -9.24 31.02
CA TYR D 327 -47.24 -7.97 31.37
C TYR D 327 -48.03 -8.06 32.66
N PHE D 328 -48.81 -9.13 32.78
CA PHE D 328 -49.64 -9.36 33.96
C PHE D 328 -48.81 -9.60 35.22
N LEU D 329 -47.77 -10.41 35.10
CA LEU D 329 -47.04 -10.86 36.28
C LEU D 329 -45.74 -10.09 36.52
N ASN D 330 -45.42 -9.20 35.58
CA ASN D 330 -44.16 -8.46 35.61
C ASN D 330 -42.96 -9.38 35.50
N LEU D 331 -42.98 -10.26 34.50
CA LEU D 331 -41.82 -11.10 34.19
C LEU D 331 -40.83 -10.35 33.30
N LYS D 332 -39.56 -10.72 33.35
CA LYS D 332 -38.51 -9.94 32.72
C LYS D 332 -37.71 -10.73 31.69
N GLY D 333 -37.96 -12.03 31.60
CA GLY D 333 -37.41 -12.86 30.54
C GLY D 333 -38.10 -12.62 29.22
N PRO D 334 -37.43 -12.96 28.11
CA PRO D 334 -37.95 -12.58 26.81
C PRO D 334 -39.31 -13.22 26.56
N ALA D 335 -40.17 -12.55 25.81
CA ALA D 335 -41.47 -13.10 25.43
C ALA D 335 -41.57 -13.29 23.93
N ILE D 336 -41.45 -14.55 23.48
CA ILE D 336 -41.33 -14.85 22.06
C ILE D 336 -42.40 -15.85 21.60
N PRO D 337 -43.23 -15.45 20.64
CA PRO D 337 -44.14 -16.42 20.03
C PRO D 337 -43.46 -17.25 18.94
N ILE D 338 -43.73 -18.55 18.91
CA ILE D 338 -43.08 -19.44 17.95
C ILE D 338 -44.13 -19.98 16.99
N ASP D 339 -44.01 -19.63 15.71
CA ASP D 339 -44.80 -20.30 14.69
C ASP D 339 -43.94 -21.16 13.78
N THR D 340 -43.71 -22.40 14.19
CA THR D 340 -43.19 -23.40 13.26
C THR D 340 -44.26 -24.46 13.01
N ALA D 341 -45.50 -24.00 12.91
CA ALA D 341 -46.64 -24.88 12.75
C ALA D 341 -46.72 -25.85 13.93
N CYS D 342 -46.75 -27.14 13.62
CA CYS D 342 -47.16 -28.18 14.56
C CYS D 342 -46.04 -28.51 15.55
N SER D 343 -44.83 -28.03 15.26
CA SER D 343 -43.69 -28.30 16.11
C SER D 343 -43.48 -27.15 17.10
N SER D 344 -44.36 -26.16 17.03
CA SER D 344 -44.13 -24.88 17.69
C SER D 344 -43.78 -25.00 19.17
N SER D 345 -44.63 -25.67 19.94
CA SER D 345 -44.44 -25.69 21.39
C SER D 345 -43.20 -26.47 21.79
N LEU D 346 -42.77 -27.39 20.93
CA LEU D 346 -41.59 -28.19 21.24
C LEU D 346 -40.32 -27.42 20.87
N VAL D 347 -40.38 -26.68 19.76
CA VAL D 347 -39.32 -25.75 19.41
C VAL D 347 -39.13 -24.74 20.53
N GLY D 348 -40.25 -24.26 21.08
CA GLY D 348 -40.20 -23.34 22.22
C GLY D 348 -39.51 -23.98 23.41
N THR D 349 -39.83 -25.23 23.67
CA THR D 349 -39.21 -25.96 24.77
C THR D 349 -37.71 -26.06 24.60
N HIS D 350 -37.26 -26.21 23.36
CA HIS D 350 -35.83 -26.27 23.07
C HIS D 350 -35.14 -24.97 23.33
N LEU D 351 -35.73 -23.88 22.85
CA LEU D 351 -35.16 -22.54 23.04
C LEU D 351 -35.10 -22.14 24.51
N ALA D 352 -36.17 -22.45 25.26
CA ALA D 352 -36.21 -22.15 26.69
C ALA D 352 -35.14 -22.93 27.44
N ARG D 353 -34.98 -24.20 27.05
CA ARG D 353 -33.95 -25.06 27.64
C ARG D 353 -32.56 -24.47 27.45
N GLN D 354 -32.27 -24.02 26.23
CA GLN D 354 -30.97 -23.43 25.91
C GLN D 354 -30.72 -22.12 26.65
N ALA D 355 -31.79 -21.33 26.84
CA ALA D 355 -31.68 -20.08 27.57
C ALA D 355 -31.43 -20.33 29.05
N LEU D 356 -32.08 -21.34 29.60
CA LEU D 356 -31.87 -21.76 30.97
C LEU D 356 -30.45 -22.28 31.23
N ILE D 357 -29.99 -23.17 30.37
CA ILE D 357 -28.63 -23.69 30.46
C ILE D 357 -27.57 -22.59 30.35
N ASN D 358 -27.82 -21.61 29.49
CA ASN D 358 -26.90 -20.49 29.34
C ASN D 358 -27.11 -19.38 30.37
N LYS D 359 -28.01 -19.62 31.33
CA LYS D 359 -28.24 -18.71 32.43
C LYS D 359 -28.73 -17.32 32.01
N GLU D 360 -29.36 -17.25 30.84
CA GLU D 360 -29.97 -16.01 30.37
C GLU D 360 -31.30 -15.75 31.07
N ILE D 361 -31.98 -16.82 31.45
CA ILE D 361 -33.18 -16.74 32.29
C ILE D 361 -33.07 -17.72 33.44
N ASP D 362 -33.96 -17.56 34.42
CA ASP D 362 -33.93 -18.41 35.61
C ASP D 362 -35.14 -19.33 35.64
N MET D 363 -36.16 -18.97 34.87
CA MET D 363 -37.37 -19.77 34.74
C MET D 363 -37.92 -19.62 33.32
N ALA D 364 -38.72 -20.58 32.89
CA ALA D 364 -39.37 -20.50 31.59
C ALA D 364 -40.81 -21.02 31.66
N LEU D 365 -41.73 -20.26 31.08
CA LEU D 365 -43.06 -20.76 30.77
C LEU D 365 -43.13 -21.09 29.28
N VAL D 366 -43.21 -22.38 28.96
CA VAL D 366 -43.35 -22.80 27.57
C VAL D 366 -44.74 -23.40 27.34
N GLY D 367 -45.30 -23.14 26.16
CA GLY D 367 -46.65 -23.60 25.87
C GLY D 367 -47.03 -23.50 24.40
N GLY D 368 -48.27 -23.87 24.12
CA GLY D 368 -48.84 -23.73 22.79
C GLY D 368 -50.34 -23.59 22.88
N VAL D 369 -50.95 -22.96 21.89
CA VAL D 369 -52.39 -22.85 21.83
C VAL D 369 -52.87 -22.92 20.39
N SER D 370 -53.93 -23.69 20.17
CA SER D 370 -54.55 -23.80 18.85
C SER D 370 -56.07 -23.95 18.92
N LEU D 371 -56.76 -23.02 18.27
CA LEU D 371 -58.21 -23.12 18.07
C LEU D 371 -58.52 -23.13 16.59
N TYR D 372 -59.63 -23.77 16.23
CA TYR D 372 -60.10 -23.79 14.85
C TYR D 372 -61.48 -23.14 14.73
N LEU D 373 -61.48 -21.85 14.43
CA LEU D 373 -62.65 -21.02 14.60
C LEU D 373 -63.53 -20.92 13.34
N THR D 374 -62.91 -21.11 12.18
CA THR D 374 -63.60 -20.90 10.91
C THR D 374 -63.66 -22.16 10.05
N PRO D 375 -64.75 -22.31 9.27
CA PRO D 375 -64.79 -23.35 8.25
C PRO D 375 -63.65 -23.23 7.25
N GLU D 376 -63.18 -22.01 7.01
CA GLU D 376 -62.18 -21.74 5.98
C GLU D 376 -60.84 -22.41 6.29
N SER D 377 -60.45 -22.38 7.56
CA SER D 377 -59.15 -22.90 7.98
C SER D 377 -59.18 -24.40 8.20
N TYR D 378 -60.07 -25.09 7.48
CA TYR D 378 -60.44 -26.46 7.82
C TYR D 378 -61.27 -27.07 6.70
N GLY D 399 -54.36 -48.28 7.72
CA GLY D 399 -55.67 -47.65 7.85
C GLY D 399 -55.57 -46.13 7.82
N ALA D 400 -54.35 -45.64 7.99
CA ALA D 400 -54.09 -44.21 8.17
C ALA D 400 -54.57 -43.39 6.97
N ASN D 401 -55.26 -42.29 7.25
CA ASN D 401 -56.05 -41.61 6.23
C ASN D 401 -55.96 -40.09 6.28
N GLY D 402 -55.00 -39.58 7.02
CA GLY D 402 -54.97 -38.15 7.36
C GLY D 402 -55.35 -37.93 8.81
N PHE D 403 -55.24 -36.69 9.29
CA PHE D 403 -55.50 -36.38 10.68
C PHE D 403 -56.84 -35.68 10.88
N VAL D 404 -57.33 -35.70 12.11
CA VAL D 404 -58.45 -34.84 12.49
C VAL D 404 -57.93 -33.69 13.36
N PRO D 405 -58.23 -32.44 12.95
CA PRO D 405 -57.78 -31.27 13.69
C PRO D 405 -58.27 -31.25 15.13
N GLY D 406 -57.40 -30.81 16.04
CA GLY D 406 -57.73 -30.71 17.46
C GLY D 406 -57.42 -29.33 18.00
N GLU D 407 -58.13 -28.93 19.04
CA GLU D 407 -57.86 -27.68 19.74
C GLU D 407 -57.29 -27.95 21.13
N GLY D 408 -56.48 -27.02 21.61
CA GLY D 408 -55.85 -27.18 22.93
C GLY D 408 -55.04 -26.00 23.39
N ALA D 409 -54.79 -25.95 24.69
CA ALA D 409 -53.82 -25.01 25.26
C ALA D 409 -53.13 -25.65 26.46
N GLY D 410 -51.80 -25.55 26.48
CA GLY D 410 -51.00 -26.17 27.54
C GLY D 410 -49.77 -25.35 27.86
N ALA D 411 -49.31 -25.47 29.09
CA ALA D 411 -48.10 -24.78 29.52
C ALA D 411 -47.28 -25.62 30.50
N LEU D 412 -45.96 -25.51 30.39
CA LEU D 412 -45.07 -26.10 31.38
C LEU D 412 -44.26 -24.98 32.04
N VAL D 413 -43.85 -25.23 33.27
CA VAL D 413 -42.88 -24.36 33.94
C VAL D 413 -41.53 -25.05 34.09
N LEU D 414 -40.48 -24.42 33.56
CA LEU D 414 -39.15 -25.01 33.49
C LEU D 414 -38.14 -24.26 34.36
N LYS D 415 -37.29 -25.02 35.04
CA LYS D 415 -36.13 -24.47 35.72
C LYS D 415 -34.92 -25.38 35.57
N ARG D 416 -33.73 -24.83 35.77
CA ARG D 416 -32.53 -25.65 35.96
C ARG D 416 -32.72 -26.59 37.15
N LEU D 417 -32.30 -27.84 37.01
CA LEU D 417 -32.61 -28.85 38.00
C LEU D 417 -32.01 -28.50 39.37
N LYS D 418 -30.81 -27.92 39.34
CA LYS D 418 -30.14 -27.47 40.55
C LYS D 418 -30.95 -26.46 41.35
N ASP D 419 -31.56 -25.50 40.65
CA ASP D 419 -32.42 -24.50 41.27
C ASP D 419 -33.69 -25.11 41.84
N ALA D 420 -34.31 -25.99 41.05
CA ALA D 420 -35.54 -26.65 41.46
C ALA D 420 -35.37 -27.47 42.72
N GLU D 421 -34.21 -28.10 42.88
CA GLU D 421 -33.94 -28.89 44.07
C GLU D 421 -33.61 -28.01 45.27
N ALA D 422 -32.91 -26.90 45.01
CA ALA D 422 -32.61 -25.91 46.04
C ALA D 422 -33.86 -25.20 46.53
N ASP D 423 -34.79 -24.91 45.61
CA ASP D 423 -36.01 -24.22 45.96
C ASP D 423 -37.11 -25.16 46.44
N ARG D 424 -36.80 -26.46 46.46
CA ARG D 424 -37.73 -27.48 46.92
C ARG D 424 -39.03 -27.53 46.13
N ASP D 425 -38.94 -27.25 44.83
CA ASP D 425 -40.04 -27.42 43.90
C ASP D 425 -40.42 -28.90 43.81
N HIS D 426 -41.67 -29.17 43.47
CA HIS D 426 -42.07 -30.51 43.05
C HIS D 426 -41.77 -30.70 41.59
N ILE D 427 -41.24 -31.86 41.25
CA ILE D 427 -40.62 -32.07 39.94
C ILE D 427 -41.24 -33.24 39.19
N TYR D 428 -41.86 -32.94 38.06
CA TYR D 428 -42.61 -33.93 37.29
C TYR D 428 -41.68 -34.84 36.50
N GLY D 429 -40.51 -34.31 36.13
CA GLY D 429 -39.57 -35.00 35.25
C GLY D 429 -38.51 -34.04 34.77
N ILE D 430 -37.45 -34.57 34.18
CA ILE D 430 -36.36 -33.72 33.70
C ILE D 430 -36.06 -33.90 32.22
N ILE D 431 -35.81 -32.79 31.53
CA ILE D 431 -35.39 -32.84 30.12
C ILE D 431 -33.88 -33.01 30.05
N ILE D 432 -33.43 -34.11 29.47
CA ILE D 432 -32.01 -34.43 29.41
C ILE D 432 -31.41 -34.32 28.00
N GLY D 433 -32.25 -33.92 27.03
CA GLY D 433 -31.77 -33.72 25.67
C GLY D 433 -32.85 -33.18 24.76
N SER D 434 -32.49 -32.23 23.91
CA SER D 434 -33.41 -31.68 22.93
C SER D 434 -32.65 -31.19 21.69
N GLY D 435 -33.35 -31.13 20.56
CA GLY D 435 -32.77 -30.59 19.34
C GLY D 435 -33.85 -30.21 18.35
N ILE D 436 -33.49 -29.29 17.44
CA ILE D 436 -34.38 -28.96 16.33
C ILE D 436 -33.56 -28.92 15.04
N ASN D 437 -34.22 -29.21 13.92
CA ASN D 437 -33.59 -29.05 12.62
C ASN D 437 -34.63 -28.86 11.52
N GLN D 438 -34.17 -28.83 10.27
CA GLN D 438 -35.05 -28.66 9.12
C GLN D 438 -35.05 -29.87 8.20
N ASP D 439 -36.17 -30.09 7.53
CA ASP D 439 -36.24 -31.08 6.46
C ASP D 439 -35.39 -30.63 5.28
N GLY D 440 -35.36 -29.33 5.02
CA GLY D 440 -34.69 -28.79 3.85
C GLY D 440 -35.49 -29.06 2.59
N LYS D 441 -34.79 -29.37 1.49
CA LYS D 441 -35.46 -29.66 0.23
C LYS D 441 -36.11 -31.04 0.22
N THR D 442 -37.44 -31.04 0.23
CA THR D 442 -38.21 -32.28 0.10
C THR D 442 -39.02 -32.24 -1.19
N ASN D 443 -39.77 -33.30 -1.44
CA ASN D 443 -40.68 -33.33 -2.59
C ASN D 443 -41.99 -32.63 -2.28
N GLY D 444 -41.98 -31.31 -2.37
CA GLY D 444 -43.06 -30.49 -1.84
C GLY D 444 -42.78 -30.07 -0.42
N ILE D 445 -43.08 -28.81 -0.10
CA ILE D 445 -42.60 -28.20 1.13
C ILE D 445 -43.19 -28.80 2.41
N THR D 446 -44.29 -29.53 2.29
CA THR D 446 -44.94 -30.13 3.44
C THR D 446 -44.65 -31.62 3.63
N ALA D 447 -43.87 -32.20 2.72
CA ALA D 447 -43.43 -33.58 2.85
C ALA D 447 -42.34 -33.69 3.90
N PRO D 448 -42.29 -34.83 4.60
CA PRO D 448 -41.23 -35.10 5.57
C PRO D 448 -39.94 -35.65 4.95
N SER D 449 -38.84 -35.51 5.68
CA SER D 449 -37.56 -36.09 5.28
C SER D 449 -37.09 -37.14 6.27
N ALA D 450 -37.03 -38.39 5.82
CA ALA D 450 -36.56 -39.49 6.66
C ALA D 450 -35.17 -39.17 7.20
N LYS D 451 -34.32 -38.63 6.33
CA LYS D 451 -32.93 -38.37 6.68
C LYS D 451 -32.82 -37.33 7.79
N SER D 452 -33.63 -36.28 7.67
CA SER D 452 -33.61 -35.20 8.65
C SER D 452 -34.07 -35.67 10.02
N GLN D 453 -35.12 -36.49 10.05
CA GLN D 453 -35.60 -37.04 11.31
C GLN D 453 -34.54 -37.93 11.95
N MET D 454 -33.84 -38.69 11.13
CA MET D 454 -32.79 -39.58 11.62
C MET D 454 -31.62 -38.77 12.18
N ASP D 455 -31.19 -37.77 11.42
CA ASP D 455 -30.11 -36.91 11.88
C ASP D 455 -30.47 -36.21 13.18
N LEU D 456 -31.69 -35.70 13.25
CA LEU D 456 -32.17 -35.02 14.44
C LEU D 456 -32.01 -35.92 15.66
N GLU D 457 -32.53 -37.14 15.56
CA GLU D 457 -32.56 -38.06 16.69
C GLU D 457 -31.18 -38.59 17.05
N ARG D 458 -30.40 -38.92 16.03
CA ARG D 458 -29.03 -39.37 16.22
C ARG D 458 -28.19 -38.29 16.89
N ASP D 459 -28.29 -37.06 16.37
CA ASP D 459 -27.48 -35.96 16.88
C ASP D 459 -27.80 -35.65 18.34
N ILE D 460 -29.07 -35.73 18.71
CA ILE D 460 -29.46 -35.53 20.09
C ILE D 460 -28.86 -36.60 21.00
N TYR D 461 -29.03 -37.86 20.61
CA TYR D 461 -28.57 -38.98 21.43
C TYR D 461 -27.06 -38.94 21.63
N GLU D 462 -26.34 -38.60 20.57
CA GLU D 462 -24.88 -38.55 20.64
C GLU D 462 -24.40 -37.34 21.43
N THR D 463 -24.98 -36.17 21.17
CA THR D 463 -24.61 -34.96 21.91
C THR D 463 -24.80 -35.13 23.41
N TYR D 464 -25.89 -35.78 23.80
CA TYR D 464 -26.25 -35.86 25.21
C TYR D 464 -26.01 -37.25 25.80
N GLY D 465 -25.30 -38.09 25.05
CA GLY D 465 -24.85 -39.37 25.56
C GLY D 465 -25.99 -40.28 25.97
N ILE D 466 -27.03 -40.32 25.16
CA ILE D 466 -28.22 -41.10 25.48
C ILE D 466 -28.27 -42.35 24.61
N HIS D 467 -28.29 -43.52 25.26
CA HIS D 467 -28.34 -44.79 24.54
C HIS D 467 -29.77 -45.19 24.28
N PRO D 468 -30.10 -45.53 23.03
CA PRO D 468 -31.47 -45.84 22.67
C PRO D 468 -32.07 -46.97 23.49
N GLU D 469 -31.22 -47.86 23.99
CA GLU D 469 -31.70 -48.96 24.84
C GLU D 469 -32.32 -48.45 26.13
N SER D 470 -31.95 -47.25 26.53
CA SER D 470 -32.43 -46.67 27.78
C SER D 470 -33.85 -46.10 27.64
N ILE D 471 -34.32 -46.03 26.40
CA ILE D 471 -35.61 -45.41 26.10
C ILE D 471 -36.68 -46.48 25.96
N SER D 472 -37.80 -46.28 26.65
CA SER D 472 -38.84 -47.30 26.71
C SER D 472 -40.21 -46.82 26.21
N TYR D 473 -40.32 -45.52 25.96
CA TYR D 473 -41.51 -44.99 25.30
C TYR D 473 -41.19 -43.77 24.45
N VAL D 474 -41.78 -43.72 23.26
CA VAL D 474 -41.72 -42.52 22.42
C VAL D 474 -43.13 -42.05 22.06
N GLU D 475 -43.43 -40.80 22.42
CA GLU D 475 -44.65 -40.16 21.96
C GLU D 475 -44.44 -39.59 20.55
N MET D 476 -44.90 -40.33 19.55
CA MET D 476 -44.65 -40.00 18.15
C MET D 476 -45.40 -38.74 17.72
N HIS D 477 -44.91 -38.11 16.66
CA HIS D 477 -45.68 -37.08 15.98
C HIS D 477 -46.97 -37.67 15.50
N GLY D 478 -46.87 -38.79 14.79
CA GLY D 478 -47.97 -39.75 14.66
C GLY D 478 -49.31 -39.12 14.35
N THR D 479 -49.42 -38.49 13.18
CA THR D 479 -50.61 -37.76 12.79
C THR D 479 -51.62 -38.63 12.05
N GLY D 480 -51.22 -39.85 11.72
CA GLY D 480 -52.09 -40.80 11.04
C GLY D 480 -52.20 -40.53 9.55
N THR D 481 -51.11 -40.03 8.97
CA THR D 481 -51.06 -39.78 7.53
C THR D 481 -50.37 -40.93 6.82
N GLY D 484 -46.63 -40.27 6.03
CA GLY D 484 -45.85 -39.66 7.10
C GLY D 484 -45.52 -40.66 8.20
N ASP D 485 -46.51 -41.43 8.61
CA ASP D 485 -46.36 -42.41 9.68
C ASP D 485 -45.20 -43.37 9.43
N PRO D 486 -45.15 -43.96 8.24
CA PRO D 486 -44.15 -44.99 7.98
C PRO D 486 -42.74 -44.42 7.90
N ILE D 487 -42.63 -43.18 7.44
CA ILE D 487 -41.36 -42.47 7.43
C ILE D 487 -40.84 -42.25 8.84
N GLU D 488 -41.72 -41.77 9.72
CA GLU D 488 -41.34 -41.56 11.11
C GLU D 488 -40.92 -42.86 11.79
N LEU D 489 -41.70 -43.91 11.58
CA LEU D 489 -41.40 -45.21 12.16
C LEU D 489 -40.03 -45.71 11.72
N GLU D 490 -39.79 -45.65 10.41
CA GLU D 490 -38.54 -46.18 9.85
C GLU D 490 -37.36 -45.38 10.39
N ALA D 491 -37.52 -44.06 10.44
CA ALA D 491 -36.46 -43.18 10.90
C ALA D 491 -36.03 -43.56 12.31
N LEU D 492 -37.00 -43.58 13.22
CA LEU D 492 -36.71 -43.86 14.62
C LEU D 492 -36.15 -45.27 14.80
N SER D 493 -36.79 -46.24 14.15
CA SER D 493 -36.35 -47.63 14.22
C SER D 493 -34.90 -47.75 13.78
N THR D 494 -34.58 -47.12 12.65
CA THR D 494 -33.23 -47.18 12.09
C THR D 494 -32.20 -46.61 13.07
N VAL D 495 -32.53 -45.48 13.67
CA VAL D 495 -31.61 -44.82 14.60
C VAL D 495 -31.39 -45.68 15.84
N PHE D 496 -32.46 -46.30 16.33
CA PHE D 496 -32.37 -47.20 17.47
C PHE D 496 -31.51 -48.42 17.13
N GLN D 497 -31.73 -48.98 15.94
CA GLN D 497 -31.08 -50.22 15.55
C GLN D 497 -29.57 -50.06 15.32
N GLU D 498 -29.15 -48.84 15.04
CA GLU D 498 -27.73 -48.55 14.87
C GLU D 498 -26.94 -48.82 16.13
N LYS D 499 -27.64 -48.90 17.26
CA LYS D 499 -26.97 -49.01 18.56
C LYS D 499 -27.33 -50.28 19.31
N THR D 500 -28.45 -50.90 18.93
CA THR D 500 -28.93 -52.07 19.66
C THR D 500 -29.63 -53.12 18.80
N ASP D 501 -29.47 -54.37 19.21
CA ASP D 501 -30.11 -55.51 18.55
C ASP D 501 -31.42 -55.86 19.24
N LYS D 502 -31.62 -55.33 20.44
CA LYS D 502 -32.79 -55.65 21.25
C LYS D 502 -34.08 -55.35 20.48
N LYS D 503 -35.09 -56.19 20.67
CA LYS D 503 -36.31 -56.11 19.89
C LYS D 503 -37.52 -55.80 20.76
N GLN D 504 -38.37 -54.90 20.27
CA GLN D 504 -39.66 -54.64 20.89
C GLN D 504 -39.57 -54.23 22.36
N PHE D 505 -38.59 -53.40 22.69
CA PHE D 505 -38.43 -52.93 24.07
C PHE D 505 -39.00 -51.53 24.26
N CYS D 506 -39.26 -50.85 23.15
CA CYS D 506 -39.71 -49.47 23.20
C CYS D 506 -41.15 -49.29 22.70
N ALA D 507 -42.04 -48.98 23.62
CA ALA D 507 -43.44 -48.72 23.29
C ALA D 507 -43.56 -47.39 22.55
N ILE D 508 -44.46 -47.35 21.57
CA ILE D 508 -44.76 -46.11 20.88
C ILE D 508 -46.26 -45.82 20.89
N GLY D 509 -46.60 -44.54 20.88
CA GLY D 509 -48.01 -44.13 20.87
C GLY D 509 -48.15 -42.70 20.38
N SER D 510 -49.40 -42.26 20.23
CA SER D 510 -49.67 -40.86 19.90
C SER D 510 -50.99 -40.44 20.53
N VAL D 511 -50.93 -39.39 21.35
CA VAL D 511 -52.11 -38.86 22.00
C VAL D 511 -53.05 -38.19 20.99
N LYS D 512 -52.57 -38.01 19.77
CA LYS D 512 -53.42 -37.49 18.71
C LYS D 512 -54.55 -38.47 18.39
N SER D 513 -54.33 -39.73 18.73
CA SER D 513 -55.37 -40.76 18.61
C SER D 513 -56.51 -40.52 19.58
N ASN D 514 -56.24 -39.82 20.68
CA ASN D 514 -57.25 -39.51 21.67
C ASN D 514 -57.95 -38.18 21.40
N ILE D 515 -57.16 -37.15 21.11
CA ILE D 515 -57.66 -35.78 21.18
C ILE D 515 -57.52 -35.07 19.85
N GLY D 516 -56.96 -35.75 18.86
CA GLY D 516 -56.76 -35.18 17.54
C GLY D 516 -55.46 -34.41 17.44
N HIS D 517 -55.27 -33.71 16.33
CA HIS D 517 -54.02 -33.00 16.08
C HIS D 517 -54.09 -31.57 16.56
N THR D 518 -53.59 -31.33 17.76
CA THR D 518 -53.79 -30.03 18.40
C THR D 518 -52.78 -28.99 17.95
N SER D 519 -52.12 -29.25 16.82
CA SER D 519 -51.33 -28.26 16.11
C SER D 519 -50.27 -27.59 16.98
N ALA D 520 -50.38 -26.27 17.17
CA ALA D 520 -49.37 -25.54 17.91
C ALA D 520 -49.19 -26.06 19.34
N ALA D 521 -50.23 -26.73 19.84
CA ALA D 521 -50.21 -27.24 21.20
C ALA D 521 -49.81 -28.72 21.25
N ALA D 522 -49.48 -29.28 20.08
CA ALA D 522 -49.27 -30.72 19.95
C ALA D 522 -48.12 -31.18 20.84
N GLY D 523 -47.04 -30.41 20.83
CA GLY D 523 -45.83 -30.77 21.55
C GLY D 523 -46.07 -30.82 23.06
N VAL D 524 -46.72 -29.78 23.57
CA VAL D 524 -46.95 -29.70 25.01
C VAL D 524 -47.97 -30.74 25.47
N ALA D 525 -48.87 -31.12 24.58
CA ALA D 525 -49.86 -32.15 24.88
C ALA D 525 -49.15 -33.49 25.07
N GLY D 526 -48.18 -33.76 24.22
CA GLY D 526 -47.43 -35.01 24.28
C GLY D 526 -46.51 -35.06 25.48
N VAL D 527 -45.83 -33.95 25.75
CA VAL D 527 -44.93 -33.88 26.89
C VAL D 527 -45.70 -34.11 28.18
N GLN D 528 -46.91 -33.57 28.26
CA GLN D 528 -47.73 -33.72 29.45
C GLN D 528 -48.22 -35.15 29.65
N LYS D 529 -48.59 -35.81 28.56
CA LYS D 529 -48.92 -37.23 28.59
C LYS D 529 -47.76 -38.04 29.18
N VAL D 530 -46.56 -37.82 28.64
CA VAL D 530 -45.38 -38.59 29.04
C VAL D 530 -45.06 -38.39 30.52
N LEU D 531 -45.12 -37.15 30.98
CA LEU D 531 -44.87 -36.85 32.39
C LEU D 531 -45.90 -37.54 33.28
N LEU D 532 -47.16 -37.52 32.85
CA LEU D 532 -48.23 -38.14 33.61
C LEU D 532 -48.05 -39.65 33.68
N CYS D 533 -47.69 -40.24 32.55
CA CYS D 533 -47.35 -41.65 32.51
C CYS D 533 -46.24 -41.96 33.51
N MET D 534 -45.17 -41.17 33.47
CA MET D 534 -44.02 -41.39 34.33
C MET D 534 -44.42 -41.29 35.80
N ASN D 535 -45.21 -40.27 36.12
CA ASN D 535 -45.63 -40.03 37.49
C ASN D 535 -46.42 -41.21 38.05
N HIS D 536 -47.23 -41.83 37.18
CA HIS D 536 -48.08 -42.93 37.59
C HIS D 536 -47.48 -44.25 37.23
N LYS D 537 -46.25 -44.23 36.76
CA LYS D 537 -45.55 -45.44 36.33
C LYS D 537 -46.43 -46.37 35.50
N THR D 538 -47.16 -45.77 34.56
CA THR D 538 -48.19 -46.47 33.80
C THR D 538 -48.12 -46.06 32.33
N LEU D 539 -48.11 -47.03 31.42
CA LEU D 539 -48.31 -46.74 30.02
C LEU D 539 -49.78 -46.91 29.65
N VAL D 540 -50.28 -46.00 28.80
CA VAL D 540 -51.69 -46.04 28.38
C VAL D 540 -51.82 -46.41 26.92
N PRO D 541 -53.03 -46.83 26.50
CA PRO D 541 -53.21 -47.30 25.13
C PRO D 541 -53.14 -46.16 24.13
N THR D 542 -52.54 -46.43 22.98
CA THR D 542 -52.77 -45.62 21.79
C THR D 542 -53.94 -46.21 20.99
N LEU D 543 -54.77 -45.34 20.44
CA LEU D 543 -56.08 -45.71 19.92
C LEU D 543 -56.08 -45.91 18.41
N ASN D 544 -57.19 -46.42 17.88
CA ASN D 544 -57.41 -46.56 16.45
C ASN D 544 -56.42 -47.47 15.73
N PHE D 545 -55.81 -48.39 16.47
CA PHE D 545 -54.83 -49.32 15.90
C PHE D 545 -55.38 -50.74 15.87
N THR D 546 -55.67 -51.22 14.67
CA THR D 546 -56.08 -52.61 14.49
C THR D 546 -54.98 -53.44 13.84
N THR D 547 -54.48 -52.99 12.69
CA THR D 547 -53.40 -53.67 11.98
C THR D 547 -52.27 -52.72 11.60
N PRO D 548 -51.02 -53.19 11.74
CA PRO D 548 -49.85 -52.36 11.47
C PRO D 548 -49.80 -51.81 10.06
N ASN D 549 -49.27 -50.60 9.91
CA ASN D 549 -49.00 -50.02 8.60
C ASN D 549 -48.18 -50.97 7.73
N GLU D 550 -48.65 -51.19 6.50
CA GLU D 550 -48.06 -52.18 5.61
C GLU D 550 -46.60 -51.87 5.32
N HIS D 551 -46.27 -50.59 5.37
CA HIS D 551 -44.97 -50.11 4.91
C HIS D 551 -43.92 -50.13 5.98
N PHE D 552 -44.25 -50.70 7.13
CA PHE D 552 -43.28 -50.89 8.20
C PHE D 552 -43.46 -52.24 8.91
N GLU D 553 -42.34 -52.91 9.17
CA GLU D 553 -42.35 -54.23 9.78
C GLU D 553 -41.90 -54.20 11.25
N PHE D 554 -42.85 -54.42 12.15
CA PHE D 554 -42.64 -54.20 13.58
C PHE D 554 -41.86 -55.34 14.24
N GLU D 555 -42.02 -56.55 13.69
CA GLU D 555 -41.65 -57.76 14.40
C GLU D 555 -40.18 -57.76 14.82
N HIS D 556 -39.32 -57.24 13.95
CA HIS D 556 -37.89 -57.20 14.24
C HIS D 556 -37.41 -55.79 14.47
N SER D 557 -38.34 -54.94 14.92
CA SER D 557 -38.02 -53.57 15.30
C SER D 557 -37.81 -53.48 16.81
N PRO D 558 -37.08 -52.44 17.25
CA PRO D 558 -37.02 -52.08 18.66
C PRO D 558 -38.36 -51.57 19.17
N LEU D 559 -39.25 -51.23 18.25
CA LEU D 559 -40.51 -50.55 18.57
C LEU D 559 -41.69 -51.52 18.59
N TYR D 560 -42.64 -51.25 19.48
CA TYR D 560 -43.94 -51.90 19.43
C TYR D 560 -45.06 -50.93 19.82
N VAL D 561 -46.18 -51.01 19.11
CA VAL D 561 -47.34 -50.19 19.43
C VAL D 561 -48.02 -50.71 20.69
N ASN D 562 -48.04 -49.90 21.74
CA ASN D 562 -48.75 -50.29 22.95
C ASN D 562 -50.22 -49.92 22.92
N THR D 563 -51.08 -50.92 23.07
CA THR D 563 -52.52 -50.69 23.09
C THR D 563 -53.13 -51.09 24.42
N GLU D 564 -52.26 -51.33 25.40
CA GLU D 564 -52.67 -51.81 26.71
C GLU D 564 -52.55 -50.71 27.76
N LEU D 565 -53.45 -50.71 28.73
CA LEU D 565 -53.20 -50.03 30.00
C LEU D 565 -52.43 -50.93 30.95
N LYS D 566 -51.15 -50.64 31.14
CA LYS D 566 -50.27 -51.56 31.86
C LYS D 566 -49.22 -50.80 32.66
N PRO D 567 -48.60 -51.48 33.64
CA PRO D 567 -47.46 -50.93 34.35
C PRO D 567 -46.28 -50.62 33.41
N TRP D 568 -45.71 -49.44 33.59
CA TRP D 568 -44.48 -49.07 32.89
C TRP D 568 -43.31 -49.66 33.63
N GLU D 569 -42.80 -50.78 33.12
CA GLU D 569 -41.73 -51.50 33.80
C GLU D 569 -40.35 -50.96 33.47
N THR D 570 -39.49 -50.94 34.48
CA THR D 570 -38.09 -50.54 34.33
C THR D 570 -37.21 -51.56 35.05
N ALA D 571 -35.98 -51.73 34.58
CA ALA D 571 -35.09 -52.73 35.14
C ALA D 571 -34.12 -52.13 36.16
N ASP D 572 -33.92 -52.84 37.26
CA ASP D 572 -33.01 -52.44 38.33
C ASP D 572 -33.01 -50.95 38.64
N GLY D 573 -34.17 -50.42 39.00
CA GLY D 573 -34.28 -49.05 39.48
C GLY D 573 -33.53 -48.03 38.64
N LYS D 574 -33.58 -48.20 37.32
CA LYS D 574 -33.19 -47.15 36.39
C LYS D 574 -34.39 -46.23 36.14
N PRO D 575 -34.14 -44.92 36.01
CA PRO D 575 -35.25 -44.02 35.73
C PRO D 575 -35.82 -44.29 34.34
N ARG D 576 -37.16 -44.25 34.22
CA ARG D 576 -37.80 -44.35 32.93
C ARG D 576 -37.42 -43.18 32.04
N ARG D 577 -37.16 -43.46 30.77
CA ARG D 577 -36.90 -42.42 29.78
C ARG D 577 -37.91 -42.50 28.65
N ALA D 578 -38.30 -41.35 28.12
CA ALA D 578 -39.15 -41.29 26.95
C ALA D 578 -38.75 -40.13 26.03
N CYS D 579 -39.18 -40.22 24.77
CA CYS D 579 -39.00 -39.13 23.82
C CYS D 579 -40.33 -38.57 23.34
N VAL D 580 -40.31 -37.31 22.92
CA VAL D 580 -41.45 -36.73 22.21
C VAL D 580 -40.97 -36.10 20.91
N SER D 581 -41.63 -36.45 19.83
CA SER D 581 -41.35 -35.84 18.53
C SER D 581 -42.48 -34.93 18.09
N SER D 582 -42.11 -33.82 17.45
CA SER D 582 -43.09 -32.94 16.82
C SER D 582 -42.52 -32.36 15.53
N PHE D 583 -43.16 -32.67 14.42
CA PHE D 583 -42.73 -32.18 13.11
C PHE D 583 -43.79 -31.25 12.52
N GLY D 584 -43.33 -30.17 11.91
CA GLY D 584 -44.24 -29.17 11.36
C GLY D 584 -44.33 -29.29 9.85
N TYR D 585 -45.41 -28.74 9.29
CA TYR D 585 -45.60 -28.77 7.85
C TYR D 585 -44.62 -27.89 7.09
N SER D 586 -43.99 -26.96 7.79
CA SER D 586 -43.01 -26.07 7.20
C SER D 586 -41.60 -26.66 7.23
N GLY D 587 -41.45 -27.79 7.91
CA GLY D 587 -40.24 -28.59 7.81
C GLY D 587 -39.30 -28.44 8.99
N THR D 588 -39.71 -27.66 9.99
CA THR D 588 -38.91 -27.47 11.19
C THR D 588 -39.27 -28.51 12.25
N ASN D 589 -38.30 -29.35 12.59
CA ASN D 589 -38.55 -30.51 13.44
C ASN D 589 -38.04 -30.28 14.86
N ALA D 590 -38.64 -30.97 15.82
CA ALA D 590 -38.15 -30.96 17.19
C ALA D 590 -38.30 -32.35 17.84
N HIS D 591 -37.38 -32.65 18.75
CA HIS D 591 -37.38 -33.94 19.43
C HIS D 591 -36.72 -33.77 20.76
N ILE D 592 -37.41 -34.13 21.84
CA ILE D 592 -36.81 -34.05 23.18
C ILE D 592 -36.79 -35.38 23.90
N VAL D 593 -35.87 -35.49 24.86
CA VAL D 593 -35.78 -36.68 25.70
C VAL D 593 -36.07 -36.34 27.16
N ILE D 594 -37.03 -37.06 27.75
CA ILE D 594 -37.44 -36.81 29.12
C ILE D 594 -37.03 -37.98 30.01
N GLU D 595 -36.51 -37.67 31.19
CA GLU D 595 -36.19 -38.69 32.18
C GLU D 595 -37.00 -38.53 33.46
N GLU D 596 -37.55 -39.64 33.95
CA GLU D 596 -38.20 -39.69 35.24
C GLU D 596 -37.31 -39.12 36.33
N TYR D 597 -37.88 -38.26 37.17
CA TYR D 597 -37.16 -37.72 38.32
C TYR D 597 -37.27 -38.64 39.54
N GLN D 598 -36.14 -38.91 40.17
CA GLN D 598 -36.10 -39.79 41.35
C GLN D 598 -35.62 -39.01 42.57
N PRO D 599 -36.56 -38.54 43.40
CA PRO D 599 -36.22 -37.73 44.57
C PRO D 599 -35.61 -38.57 45.68
N GLU D 600 -34.82 -37.94 46.55
CA GLU D 600 -34.21 -38.62 47.69
C GLU D 600 -35.27 -39.06 48.69
N ARG D 611 -52.04 -34.38 64.61
CA ARG D 611 -51.68 -32.97 64.47
C ARG D 611 -52.60 -32.30 63.44
N SER D 612 -53.07 -31.11 63.77
CA SER D 612 -53.93 -30.36 62.86
C SER D 612 -53.10 -29.51 61.88
N ALA D 613 -53.60 -29.39 60.66
CA ALA D 613 -53.00 -28.49 59.68
C ALA D 613 -53.97 -27.36 59.39
N LEU D 614 -53.45 -26.18 59.04
CA LEU D 614 -54.29 -25.03 58.78
C LEU D 614 -54.46 -24.81 57.28
N PHE D 615 -55.70 -25.01 56.81
CA PHE D 615 -55.99 -24.91 55.39
C PHE D 615 -56.56 -23.53 55.07
N VAL D 616 -55.95 -22.84 54.10
CA VAL D 616 -56.45 -21.55 53.65
C VAL D 616 -56.81 -21.55 52.17
N LEU D 617 -57.88 -20.84 51.83
CA LEU D 617 -58.29 -20.62 50.45
C LEU D 617 -58.71 -19.17 50.24
N SER D 618 -58.45 -18.63 49.05
CA SER D 618 -58.88 -17.26 48.74
C SER D 618 -59.12 -17.03 47.25
N ALA D 619 -60.02 -16.11 46.95
CA ALA D 619 -60.38 -15.78 45.58
C ALA D 619 -60.73 -14.30 45.47
N LYS D 620 -60.85 -13.81 44.23
CA LYS D 620 -61.13 -12.39 44.02
C LYS D 620 -62.63 -12.10 44.10
N LYS D 621 -63.45 -13.13 43.95
CA LYS D 621 -64.88 -13.03 44.19
C LYS D 621 -65.37 -14.23 45.01
N GLU D 622 -66.45 -14.05 45.75
CA GLU D 622 -66.97 -15.10 46.62
C GLU D 622 -67.41 -16.31 45.81
N LYS D 623 -68.01 -16.05 44.65
CA LYS D 623 -68.43 -17.11 43.75
C LYS D 623 -67.28 -18.02 43.35
N GLN D 624 -66.11 -17.42 43.16
CA GLN D 624 -64.91 -18.17 42.79
C GLN D 624 -64.28 -18.89 43.98
N LEU D 625 -64.42 -18.30 45.17
CA LEU D 625 -64.02 -18.98 46.38
C LEU D 625 -64.78 -20.28 46.58
N LYS D 626 -66.09 -20.24 46.38
CA LYS D 626 -66.93 -21.43 46.44
C LYS D 626 -66.51 -22.47 45.42
N ALA D 627 -66.26 -22.04 44.19
CA ALA D 627 -65.75 -22.91 43.14
C ALA D 627 -64.39 -23.48 43.51
N TYR D 628 -63.58 -22.69 44.20
CA TYR D 628 -62.27 -23.15 44.67
C TYR D 628 -62.41 -24.27 45.69
N ALA D 629 -63.34 -24.09 46.62
CA ALA D 629 -63.61 -25.09 47.65
C ALA D 629 -64.09 -26.41 47.06
N GLU D 630 -64.97 -26.31 46.06
CA GLU D 630 -65.49 -27.48 45.36
C GLU D 630 -64.38 -28.25 44.66
N ALA D 631 -63.48 -27.52 43.99
CA ALA D 631 -62.35 -28.13 43.30
C ALA D 631 -61.42 -28.84 44.27
N MET D 632 -61.21 -28.25 45.44
CA MET D 632 -60.35 -28.86 46.46
C MET D 632 -60.97 -30.13 47.05
N LYS D 633 -62.28 -30.09 47.29
CA LYS D 633 -63.01 -31.23 47.84
C LYS D 633 -62.96 -32.42 46.89
N ASP D 634 -63.28 -32.18 45.63
CA ASP D 634 -63.14 -33.18 44.58
C ASP D 634 -61.73 -33.76 44.55
N PHE D 635 -60.74 -32.88 44.65
CA PHE D 635 -59.34 -33.32 44.56
C PHE D 635 -58.99 -34.24 45.72
N VAL D 636 -59.40 -33.85 46.92
CA VAL D 636 -59.12 -34.63 48.13
C VAL D 636 -59.87 -35.95 48.10
N THR D 637 -61.12 -35.89 47.66
CA THR D 637 -61.94 -37.08 47.51
C THR D 637 -61.29 -38.08 46.56
N SER D 638 -60.69 -37.59 45.49
CA SER D 638 -60.14 -38.44 44.45
C SER D 638 -58.76 -38.99 44.83
N ASN D 639 -58.11 -38.33 45.78
CA ASN D 639 -56.73 -38.63 46.11
C ASN D 639 -56.59 -39.04 47.57
N GLU D 640 -56.78 -40.34 47.85
CA GLU D 640 -56.87 -40.82 49.22
C GLU D 640 -55.56 -40.73 49.98
N ASP D 641 -54.46 -40.55 49.25
CA ASP D 641 -53.12 -40.57 49.85
C ASP D 641 -52.48 -39.20 49.97
N ILE D 642 -53.27 -38.14 49.83
CA ILE D 642 -52.71 -36.79 49.91
C ILE D 642 -52.08 -36.55 51.28
N ASP D 643 -50.88 -35.99 51.26
CA ASP D 643 -50.23 -35.51 52.47
C ASP D 643 -50.81 -34.19 52.92
N LEU D 644 -51.48 -34.20 54.07
CA LEU D 644 -52.26 -33.04 54.51
C LEU D 644 -51.37 -31.85 54.80
N GLU D 645 -50.18 -32.13 55.33
CA GLU D 645 -49.24 -31.08 55.71
C GLU D 645 -48.67 -30.37 54.49
N ASP D 646 -48.36 -31.17 53.46
CA ASP D 646 -47.90 -30.62 52.19
C ASP D 646 -48.98 -29.74 51.56
N MET D 647 -50.22 -30.24 51.57
CA MET D 647 -51.33 -29.52 50.98
C MET D 647 -51.58 -28.16 51.65
N ALA D 648 -51.66 -28.18 52.97
CA ALA D 648 -51.82 -26.94 53.74
C ALA D 648 -50.69 -25.98 53.41
N TYR D 649 -49.47 -26.51 53.43
CA TYR D 649 -48.26 -25.72 53.18
C TYR D 649 -48.35 -25.03 51.82
N THR D 650 -48.83 -25.77 50.83
CA THR D 650 -48.95 -25.26 49.46
C THR D 650 -49.98 -24.14 49.39
N LEU D 651 -51.09 -24.33 50.10
CA LEU D 651 -52.15 -23.33 50.12
C LEU D 651 -51.67 -22.06 50.83
N GLN D 652 -50.84 -22.25 51.85
CA GLN D 652 -50.26 -21.14 52.59
C GLN D 652 -49.28 -20.36 51.72
N THR D 653 -48.26 -21.08 51.23
CA THR D 653 -47.07 -20.45 50.67
C THR D 653 -47.11 -20.41 49.13
N GLY D 654 -48.00 -21.22 48.56
CA GLY D 654 -48.04 -21.41 47.11
C GLY D 654 -49.22 -20.76 46.42
N ARG D 655 -49.99 -19.95 47.15
CA ARG D 655 -51.10 -19.20 46.59
C ARG D 655 -51.14 -17.77 47.13
N GLU D 656 -51.54 -16.84 46.27
CA GLU D 656 -51.72 -15.44 46.68
C GLU D 656 -52.95 -15.27 47.57
N ALA D 657 -52.78 -14.59 48.70
CA ALA D 657 -53.90 -14.31 49.59
C ALA D 657 -54.78 -13.23 48.97
N MET D 658 -55.93 -13.63 48.46
CA MET D 658 -56.85 -12.68 47.83
C MET D 658 -57.96 -12.23 48.77
N ASP D 659 -58.89 -11.45 48.25
CA ASP D 659 -59.74 -10.60 49.08
C ASP D 659 -60.86 -11.35 49.80
N TYR D 660 -61.42 -12.37 49.15
CA TYR D 660 -62.37 -13.27 49.80
C TYR D 660 -61.68 -14.53 50.32
N ARG D 661 -61.73 -14.75 51.62
CA ARG D 661 -60.94 -15.79 52.25
C ARG D 661 -61.76 -16.74 53.12
N MET D 662 -61.37 -18.00 53.12
CA MET D 662 -61.82 -18.94 54.16
C MET D 662 -60.64 -19.77 54.64
N ALA D 663 -60.74 -20.27 55.87
CA ALA D 663 -59.68 -21.09 56.43
C ALA D 663 -60.28 -22.04 57.46
N PHE D 664 -59.64 -23.20 57.64
CA PHE D 664 -60.13 -24.17 58.62
C PHE D 664 -59.01 -25.11 59.06
N LEU D 665 -59.21 -25.73 60.22
CA LEU D 665 -58.31 -26.76 60.72
C LEU D 665 -58.84 -28.14 60.35
N ALA D 666 -57.92 -29.06 60.10
CA ALA D 666 -58.25 -30.47 59.94
C ALA D 666 -57.04 -31.33 60.29
N ASP D 667 -57.29 -32.46 60.94
CA ASP D 667 -56.22 -33.40 61.28
C ASP D 667 -56.34 -34.73 60.54
N SER D 668 -57.32 -34.84 59.65
CA SER D 668 -57.47 -36.02 58.82
C SER D 668 -58.19 -35.72 57.51
N ARG D 669 -58.02 -36.61 56.54
CA ARG D 669 -58.69 -36.51 55.24
C ARG D 669 -60.20 -36.33 55.42
N GLU D 670 -60.75 -37.09 56.37
CA GLU D 670 -62.19 -37.13 56.58
C GLU D 670 -62.68 -35.80 57.14
N MET D 671 -61.91 -35.25 58.07
CA MET D 671 -62.20 -33.94 58.65
C MET D 671 -62.09 -32.84 57.59
N LEU D 672 -61.07 -32.95 56.74
CA LEU D 672 -60.85 -31.99 55.65
C LEU D 672 -62.04 -31.98 54.71
N ILE D 673 -62.48 -33.17 54.29
CA ILE D 673 -63.62 -33.29 53.39
C ILE D 673 -64.88 -32.74 54.03
N LYS D 674 -65.06 -33.03 55.32
CA LYS D 674 -66.21 -32.57 56.07
C LYS D 674 -66.25 -31.04 56.17
N ALA D 675 -65.11 -30.43 56.47
CA ALA D 675 -65.03 -28.98 56.57
C ALA D 675 -65.47 -28.31 55.27
N LEU D 676 -64.93 -28.77 54.14
CA LEU D 676 -65.25 -28.21 52.84
C LEU D 676 -66.72 -28.42 52.49
N ASP D 677 -67.23 -29.61 52.79
CA ASP D 677 -68.66 -29.88 52.67
C ASP D 677 -69.47 -28.89 53.48
N ASP D 678 -69.13 -28.75 54.75
CA ASP D 678 -69.82 -27.83 55.65
C ASP D 678 -69.82 -26.41 55.09
N TYR D 679 -68.64 -25.98 54.61
CA TYR D 679 -68.52 -24.65 54.03
C TYR D 679 -69.49 -24.46 52.85
N LEU D 680 -69.50 -25.44 51.93
CA LEU D 680 -70.32 -25.35 50.74
C LEU D 680 -71.81 -25.43 51.05
N ALA D 681 -72.18 -26.32 51.97
CA ALA D 681 -73.58 -26.50 52.34
C ALA D 681 -74.05 -25.45 53.35
N GLU D 682 -73.13 -24.59 53.78
CA GLU D 682 -73.42 -23.57 54.78
C GLU D 682 -73.93 -24.14 56.10
N MET D 683 -73.42 -25.30 56.47
CA MET D 683 -73.63 -25.89 57.79
C MET D 683 -72.64 -25.30 58.79
N PRO D 684 -73.14 -24.69 59.86
CA PRO D 684 -72.24 -24.16 60.88
C PRO D 684 -71.23 -25.19 61.37
N ASN D 685 -69.98 -24.75 61.49
CA ASN D 685 -68.86 -25.60 61.86
C ASN D 685 -67.84 -24.72 62.56
N GLY D 686 -67.50 -25.08 63.80
CA GLY D 686 -66.65 -24.23 64.62
C GLY D 686 -65.21 -24.14 64.15
N SER D 687 -64.85 -24.99 63.19
CA SER D 687 -63.49 -25.02 62.67
C SER D 687 -63.33 -24.12 61.45
N ILE D 688 -64.45 -23.58 60.96
CA ILE D 688 -64.45 -22.82 59.71
C ILE D 688 -64.49 -21.32 59.97
N PHE D 689 -63.64 -20.59 59.27
CA PHE D 689 -63.61 -19.13 59.30
C PHE D 689 -63.64 -18.54 57.90
N ALA D 690 -64.40 -17.46 57.72
CA ALA D 690 -64.53 -16.82 56.42
C ALA D 690 -64.68 -15.31 56.61
N ALA D 691 -64.12 -14.54 55.68
CA ALA D 691 -64.30 -13.10 55.68
C ALA D 691 -64.00 -12.47 54.33
N HIS D 692 -64.62 -11.33 54.07
CA HIS D 692 -64.15 -10.42 53.02
C HIS D 692 -63.22 -9.42 53.66
N VAL D 693 -62.00 -9.35 53.14
CA VAL D 693 -60.93 -8.62 53.82
C VAL D 693 -61.19 -7.12 53.94
N LYS D 694 -61.86 -6.56 52.94
CA LYS D 694 -62.13 -5.12 52.90
C LYS D 694 -63.09 -4.67 54.01
N THR D 695 -63.82 -5.63 54.59
CA THR D 695 -64.83 -5.33 55.58
C THR D 695 -64.28 -5.42 57.00
N LYS D 696 -63.06 -5.93 57.12
CA LYS D 696 -62.46 -6.26 58.41
C LYS D 696 -61.12 -5.58 58.61
N LYS D 697 -60.97 -4.38 58.04
CA LYS D 697 -59.76 -3.58 58.21
C LYS D 697 -59.58 -3.13 59.65
N SER D 698 -60.60 -2.45 60.18
CA SER D 698 -60.55 -1.87 61.52
C SER D 698 -60.23 -2.91 62.58
N GLU D 699 -60.55 -4.16 62.28
CA GLU D 699 -60.55 -5.24 63.26
C GLU D 699 -59.17 -5.88 63.41
N ILE D 700 -58.33 -5.70 62.39
CA ILE D 700 -57.01 -6.32 62.37
C ILE D 700 -55.90 -5.30 62.60
N LYS D 701 -56.24 -4.02 62.56
CA LYS D 701 -55.27 -2.96 62.82
C LYS D 701 -54.59 -3.17 64.17
N LEU D 702 -55.34 -3.70 65.13
CA LEU D 702 -54.83 -3.95 66.46
C LEU D 702 -53.58 -4.82 66.47
N PHE D 703 -53.35 -5.57 65.40
CA PHE D 703 -52.27 -6.56 65.36
C PHE D 703 -51.08 -6.19 64.48
N GLU D 704 -51.25 -5.13 63.68
CA GLU D 704 -50.31 -4.83 62.61
C GLU D 704 -49.13 -3.96 63.06
N THR D 705 -49.35 -3.18 64.10
CA THR D 705 -48.43 -2.10 64.45
C THR D 705 -47.87 -2.23 65.87
N ASP D 706 -48.70 -2.75 66.77
CA ASP D 706 -48.29 -2.90 68.16
C ASP D 706 -47.27 -4.02 68.35
N HIS D 707 -46.29 -3.77 69.20
CA HIS D 707 -45.16 -4.67 69.39
C HIS D 707 -45.52 -5.87 70.23
N ASP D 708 -46.45 -5.68 71.16
CA ASP D 708 -46.94 -6.77 72.01
C ASP D 708 -47.98 -7.63 71.30
N ALA D 709 -48.76 -7.01 70.42
CA ALA D 709 -49.75 -7.72 69.61
C ALA D 709 -49.07 -8.65 68.61
N LYS D 710 -48.01 -8.14 67.98
CA LYS D 710 -47.12 -8.95 67.14
C LYS D 710 -46.49 -10.09 67.91
N ALA D 711 -46.04 -9.82 69.13
CA ALA D 711 -45.45 -10.85 69.98
C ALA D 711 -46.46 -11.91 70.38
N LEU D 712 -47.71 -11.49 70.56
CA LEU D 712 -48.78 -12.43 70.88
C LEU D 712 -49.21 -13.25 69.67
N LEU D 713 -49.33 -12.59 68.52
CA LEU D 713 -49.48 -13.28 67.24
C LEU D 713 -48.30 -14.23 66.98
N GLN D 714 -47.09 -13.77 67.23
CA GLN D 714 -45.90 -14.62 67.05
C GLN D 714 -45.90 -15.78 68.03
N THR D 715 -46.37 -15.54 69.25
CA THR D 715 -46.60 -16.61 70.21
C THR D 715 -47.65 -17.61 69.72
N TRP D 716 -48.70 -17.10 69.09
CA TRP D 716 -49.76 -17.94 68.57
C TRP D 716 -49.55 -18.68 67.25
N ILE D 717 -49.22 -17.92 66.21
CA ILE D 717 -48.99 -18.49 64.89
C ILE D 717 -47.69 -19.28 65.00
N GLU D 718 -46.93 -19.03 66.06
CA GLU D 718 -45.67 -19.72 66.28
C GLU D 718 -45.95 -20.88 67.24
N LYS D 719 -46.83 -20.65 68.20
CA LYS D 719 -47.18 -21.67 69.17
C LYS D 719 -48.50 -22.45 69.27
N LYS D 720 -48.75 -23.31 68.30
CA LYS D 720 -49.97 -24.10 68.28
C LYS D 720 -51.37 -23.64 67.91
N ARG D 721 -51.85 -22.61 68.60
CA ARG D 721 -53.18 -22.08 68.35
C ARG D 721 -53.15 -21.83 66.85
N LEU D 722 -54.07 -22.45 66.14
CA LEU D 722 -54.12 -22.38 64.68
C LEU D 722 -55.44 -21.63 64.51
N GLU D 723 -56.40 -21.94 65.38
CA GLU D 723 -57.72 -21.32 65.29
C GLU D 723 -57.59 -19.80 65.25
N LYS D 724 -56.69 -19.28 66.09
CA LYS D 724 -56.48 -17.84 66.22
C LYS D 724 -55.83 -17.26 64.98
N VAL D 725 -54.76 -17.91 64.53
CA VAL D 725 -54.09 -17.56 63.28
C VAL D 725 -55.12 -17.52 62.14
N ALA D 726 -56.00 -18.51 62.15
CA ALA D 726 -57.01 -18.69 61.10
C ALA D 726 -57.98 -17.53 61.06
N GLU D 727 -58.57 -17.21 62.21
CA GLU D 727 -59.49 -16.08 62.34
C GLU D 727 -58.87 -14.80 61.79
N LEU D 728 -57.62 -14.57 62.15
CA LEU D 728 -56.95 -13.31 61.83
C LEU D 728 -56.62 -13.26 60.35
N TRP D 729 -56.15 -14.39 59.83
CA TRP D 729 -55.79 -14.48 58.42
C TRP D 729 -56.94 -14.20 57.50
N VAL D 730 -58.11 -14.79 57.77
CA VAL D 730 -59.27 -14.55 56.93
C VAL D 730 -59.72 -13.10 56.98
N LYS D 731 -59.39 -12.40 58.05
CA LYS D 731 -59.77 -11.00 58.21
C LYS D 731 -58.78 -10.07 57.53
N GLY D 732 -57.62 -10.60 57.15
CA GLY D 732 -56.70 -9.87 56.30
C GLY D 732 -55.32 -9.70 56.91
N LEU D 733 -55.12 -10.24 58.11
CA LEU D 733 -53.82 -10.15 58.75
C LEU D 733 -52.77 -10.97 58.00
N GLN D 734 -51.62 -10.35 57.74
CA GLN D 734 -50.52 -11.04 57.08
C GLN D 734 -49.82 -11.97 58.05
N ILE D 735 -49.72 -13.23 57.69
CA ILE D 735 -49.10 -14.25 58.53
C ILE D 735 -47.77 -14.66 57.94
N ASP D 736 -46.77 -14.84 58.80
CA ASP D 736 -45.47 -15.34 58.38
C ASP D 736 -45.46 -16.86 58.45
N TRP D 737 -45.79 -17.52 57.34
CA TRP D 737 -46.06 -18.94 57.33
C TRP D 737 -44.88 -19.78 57.72
N ASN D 738 -43.69 -19.29 57.41
CA ASN D 738 -42.44 -19.97 57.79
C ASN D 738 -42.36 -20.23 59.28
N LYS D 739 -42.91 -19.32 60.07
CA LYS D 739 -42.85 -19.42 61.52
C LYS D 739 -43.66 -20.59 62.05
N LEU D 740 -44.52 -21.15 61.19
CA LEU D 740 -45.39 -22.25 61.59
C LEU D 740 -44.60 -23.54 61.70
N TYR D 741 -43.39 -23.51 61.17
CA TYR D 741 -42.61 -24.74 60.99
C TYR D 741 -41.21 -24.58 61.60
N GLY D 742 -40.87 -25.51 62.49
CA GLY D 742 -39.53 -25.56 63.07
C GLY D 742 -38.93 -26.40 61.96
N GLU D 743 -37.79 -27.02 62.25
CA GLU D 743 -37.13 -27.86 61.26
C GLU D 743 -37.61 -29.13 60.58
N TYR D 744 -38.89 -29.43 60.72
CA TYR D 744 -39.63 -30.07 59.63
C TYR D 744 -40.44 -29.04 58.87
N THR D 745 -40.07 -28.84 57.61
CA THR D 745 -40.87 -28.06 56.67
C THR D 745 -41.50 -29.01 55.65
N PRO D 746 -42.81 -28.88 55.42
CA PRO D 746 -43.46 -29.66 54.37
C PRO D 746 -43.07 -29.16 52.99
N ARG D 747 -43.59 -29.82 51.95
CA ARG D 747 -43.21 -29.52 50.56
C ARG D 747 -44.40 -29.07 49.72
N ARG D 748 -44.16 -28.12 48.83
CA ARG D 748 -45.18 -27.75 47.84
C ARG D 748 -45.53 -28.96 46.98
N ILE D 749 -46.82 -29.11 46.69
CA ILE D 749 -47.27 -30.17 45.80
C ILE D 749 -48.30 -29.62 44.80
N SER D 750 -48.63 -30.45 43.82
CA SER D 750 -49.63 -30.08 42.82
C SER D 750 -51.02 -30.04 43.46
N LEU D 751 -51.68 -28.90 43.36
CA LEU D 751 -53.09 -28.79 43.70
C LEU D 751 -53.84 -28.07 42.58
N PRO D 752 -55.18 -28.18 42.58
CA PRO D 752 -56.00 -27.43 41.64
C PRO D 752 -55.73 -25.93 41.70
N ALA D 753 -55.71 -25.30 40.53
CA ALA D 753 -55.37 -23.88 40.42
C ALA D 753 -56.64 -23.03 40.41
N TYR D 754 -56.47 -21.72 40.32
CA TYR D 754 -57.60 -20.79 40.39
C TYR D 754 -58.73 -21.20 39.47
N PRO D 755 -59.97 -21.17 39.97
CA PRO D 755 -61.14 -21.43 39.14
C PRO D 755 -61.71 -20.15 38.54
N PHE D 756 -61.26 -19.78 37.34
CA PHE D 756 -61.62 -18.51 36.73
C PHE D 756 -63.12 -18.34 36.58
N ALA D 757 -63.59 -17.11 36.72
CA ALA D 757 -64.97 -16.78 36.38
C ALA D 757 -65.22 -17.16 34.93
N GLU D 758 -66.39 -17.72 34.65
CA GLU D 758 -66.65 -18.30 33.33
C GLU D 758 -67.56 -17.44 32.46
N GLU D 759 -67.09 -16.23 32.16
CA GLU D 759 -67.92 -15.19 31.57
C GLU D 759 -67.77 -15.19 30.06
N TYR D 760 -68.88 -15.01 29.34
CA TYR D 760 -68.90 -15.13 27.88
C TYR D 760 -68.47 -13.84 27.21
N TYR D 761 -67.45 -13.92 26.36
CA TYR D 761 -67.06 -12.79 25.53
C TYR D 761 -66.78 -13.25 24.11
N TRP D 762 -67.44 -12.61 23.15
CA TRP D 762 -67.19 -12.90 21.73
C TRP D 762 -67.23 -11.64 20.92
N LEU D 763 -67.33 -11.78 19.60
CA LEU D 763 -67.28 -10.64 18.70
C LEU D 763 -68.29 -9.56 19.09
N PRO D 764 -67.85 -8.29 19.09
CA PRO D 764 -68.69 -7.20 19.57
C PRO D 764 -69.80 -6.80 18.60
N ASP E 176 52.65 26.10 -10.98
CA ASP E 176 52.63 27.59 -11.06
C ASP E 176 52.27 28.07 -12.46
N ALA E 177 53.23 28.66 -13.15
CA ALA E 177 53.00 29.19 -14.50
C ALA E 177 53.12 28.11 -15.56
N ILE E 178 52.23 28.16 -16.56
CA ILE E 178 52.27 27.21 -17.66
C ILE E 178 52.80 27.91 -18.91
N ALA E 179 53.83 27.33 -19.53
CA ALA E 179 54.39 27.87 -20.76
C ALA E 179 53.66 27.34 -21.99
N ILE E 180 53.40 28.22 -22.94
CA ILE E 180 52.94 27.79 -24.26
C ILE E 180 54.13 27.74 -25.21
N VAL E 181 54.49 26.54 -25.66
CA VAL E 181 55.78 26.32 -26.30
C VAL E 181 55.65 25.96 -27.78
N GLY E 182 54.41 25.83 -28.24
CA GLY E 182 54.16 25.59 -29.66
C GLY E 182 52.72 25.88 -29.99
N MET E 183 52.48 26.31 -31.22
CA MET E 183 51.12 26.59 -31.68
C MET E 183 50.96 26.25 -33.16
N SER E 184 49.73 25.93 -33.55
CA SER E 184 49.37 25.79 -34.95
C SER E 184 47.89 26.15 -35.09
N GLY E 185 47.54 26.77 -36.21
CA GLY E 185 46.20 27.29 -36.36
C GLY E 185 45.78 27.31 -37.82
N ARG E 186 44.47 27.14 -38.05
CA ARG E 186 43.94 27.15 -39.40
C ARG E 186 42.55 27.75 -39.38
N TYR E 187 42.43 28.99 -39.85
CA TYR E 187 41.21 29.77 -39.66
C TYR E 187 40.76 30.35 -41.00
N PRO E 188 39.56 30.94 -41.04
CA PRO E 188 39.11 31.53 -42.29
C PRO E 188 40.11 32.56 -42.80
N GLY E 189 40.57 32.39 -44.04
CA GLY E 189 41.49 33.34 -44.65
C GLY E 189 42.94 33.12 -44.25
N ALA E 190 43.18 32.11 -43.43
CA ALA E 190 44.51 31.89 -42.85
C ALA E 190 44.85 30.40 -42.76
N ARG E 191 45.84 29.98 -43.54
CA ARG E 191 46.25 28.59 -43.59
C ARG E 191 47.19 28.24 -42.43
N ASN E 192 47.83 29.27 -41.89
CA ASN E 192 48.65 29.13 -40.69
C ASN E 192 48.67 30.41 -39.88
N VAL E 193 49.30 30.36 -38.71
CA VAL E 193 49.23 31.46 -37.75
C VAL E 193 49.95 32.70 -38.27
N ARG E 194 50.80 32.50 -39.28
CA ARG E 194 51.56 33.61 -39.85
C ARG E 194 50.67 34.41 -40.79
N GLU E 195 49.83 33.73 -41.54
CA GLU E 195 48.82 34.39 -42.36
C GLU E 195 47.73 35.01 -41.49
N TYR E 196 47.39 34.30 -40.41
CA TYR E 196 46.47 34.78 -39.39
C TYR E 196 46.93 36.14 -38.86
N TRP E 197 48.20 36.23 -38.48
CA TRP E 197 48.77 37.45 -37.94
C TRP E 197 48.69 38.56 -38.95
N ASP E 198 49.08 38.23 -40.18
CA ASP E 198 49.06 39.20 -41.27
C ASP E 198 47.65 39.76 -41.46
N ASN E 199 46.65 38.89 -41.41
CA ASN E 199 45.27 39.29 -41.61
C ASN E 199 44.77 40.22 -40.49
N LEU E 200 45.19 39.92 -39.27
CA LEU E 200 44.80 40.71 -38.11
C LEU E 200 45.41 42.12 -38.15
N VAL E 201 46.69 42.18 -38.51
CA VAL E 201 47.41 43.44 -38.60
C VAL E 201 46.78 44.34 -39.65
N HIS E 202 46.27 43.73 -40.71
CA HIS E 202 45.65 44.47 -41.81
C HIS E 202 44.16 44.62 -41.70
N ALA E 203 43.62 44.28 -40.54
CA ALA E 203 42.19 44.43 -40.27
C ALA E 203 41.34 43.75 -41.33
N ARG E 204 41.77 42.56 -41.76
CA ARG E 204 41.08 41.82 -42.80
C ARG E 204 39.90 41.03 -42.27
N ASN E 205 38.78 41.10 -42.99
CA ASN E 205 37.59 40.33 -42.66
C ASN E 205 37.44 39.14 -43.61
N ALA E 206 37.36 37.94 -43.07
CA ALA E 206 37.44 36.73 -43.88
C ALA E 206 36.08 36.09 -44.12
N ILE E 207 35.02 36.75 -43.67
CA ILE E 207 33.66 36.26 -43.88
C ILE E 207 33.27 36.40 -45.34
N ARG E 208 32.79 35.30 -45.93
CA ARG E 208 32.33 35.28 -47.32
C ARG E 208 30.93 34.71 -47.44
N ASP E 209 30.29 34.96 -48.57
CA ASP E 209 29.04 34.26 -48.92
C ASP E 209 29.30 32.78 -49.12
N ILE E 210 28.39 31.95 -48.61
CA ILE E 210 28.52 30.50 -48.70
C ILE E 210 28.31 30.03 -50.13
N PRO E 211 29.35 29.44 -50.76
CA PRO E 211 29.24 29.03 -52.16
C PRO E 211 28.44 27.74 -52.33
N THR E 212 28.00 27.48 -53.55
CA THR E 212 27.17 26.33 -53.85
C THR E 212 27.93 25.02 -53.72
N SER E 213 29.26 25.11 -53.80
CA SER E 213 30.10 23.94 -53.57
C SER E 213 30.01 23.43 -52.14
N ARG E 214 29.51 24.25 -51.23
CA ARG E 214 29.15 23.80 -49.90
C ARG E 214 27.68 23.40 -49.86
N TRP E 215 26.80 24.40 -49.90
CA TRP E 215 25.39 24.17 -50.19
C TRP E 215 24.79 25.36 -50.87
N ASP E 216 23.61 25.19 -51.45
CA ASP E 216 22.92 26.27 -52.14
C ASP E 216 22.09 27.07 -51.14
N VAL E 217 22.53 28.28 -50.82
CA VAL E 217 21.85 29.11 -49.84
C VAL E 217 20.45 29.53 -50.31
N ASP E 218 20.27 29.61 -51.62
CA ASP E 218 18.99 30.00 -52.23
C ASP E 218 17.89 28.99 -51.91
N LYS E 219 18.29 27.74 -51.72
CA LYS E 219 17.35 26.67 -51.41
C LYS E 219 16.93 26.67 -49.94
N TYR E 220 17.62 27.46 -49.13
CA TYR E 220 17.33 27.51 -47.70
C TYR E 220 17.01 28.92 -47.22
N TYR E 221 17.35 29.91 -48.04
CA TYR E 221 17.24 31.31 -47.64
C TYR E 221 15.81 31.84 -47.58
N ASP E 222 15.46 32.40 -46.44
CA ASP E 222 14.29 33.25 -46.28
C ASP E 222 14.69 34.39 -45.36
N PRO E 223 14.33 35.63 -45.72
CA PRO E 223 14.76 36.80 -44.96
C PRO E 223 14.06 36.98 -43.61
N VAL E 224 12.94 36.31 -43.41
CA VAL E 224 12.10 36.55 -42.23
C VAL E 224 12.59 35.80 -40.99
N LYS E 230 14.36 26.92 -42.69
CA LYS E 230 14.93 27.98 -43.50
C LYS E 230 16.06 28.70 -42.77
N VAL E 231 16.97 29.30 -43.54
CA VAL E 231 18.06 30.09 -42.97
C VAL E 231 17.91 31.56 -43.33
N TYR E 232 18.29 32.45 -42.42
CA TYR E 232 18.28 33.87 -42.71
C TYR E 232 19.68 34.47 -42.80
N CYS E 233 20.69 33.62 -42.67
CA CYS E 233 22.08 34.03 -42.85
C CYS E 233 22.69 33.29 -44.04
N LYS E 234 23.45 34.01 -44.85
CA LYS E 234 24.04 33.44 -46.05
C LYS E 234 25.56 33.55 -46.05
N SER E 235 26.12 33.89 -44.89
CA SER E 235 27.56 34.11 -44.75
C SER E 235 28.21 33.14 -43.77
N MET E 236 29.51 32.93 -43.95
CA MET E 236 30.30 32.06 -43.08
C MET E 236 31.77 32.42 -43.16
N GLY E 237 32.46 32.32 -42.03
CA GLY E 237 33.91 32.23 -42.03
C GLY E 237 34.36 30.81 -42.33
N MET E 238 34.77 30.58 -43.58
CA MET E 238 35.03 29.22 -44.04
C MET E 238 36.52 28.90 -44.11
N LEU E 239 36.84 27.66 -43.74
CA LEU E 239 38.14 27.08 -44.09
C LEU E 239 38.19 26.68 -45.55
N ASP E 240 39.38 26.76 -46.14
CA ASP E 240 39.60 26.23 -47.49
C ASP E 240 40.05 24.78 -47.44
N ASP E 241 39.61 24.02 -48.43
CA ASP E 241 40.11 22.66 -48.65
C ASP E 241 39.93 21.78 -47.42
N ILE E 242 38.70 21.71 -46.92
CA ILE E 242 38.40 20.90 -45.74
C ILE E 242 38.44 19.40 -46.03
N GLU E 243 38.52 19.06 -47.30
CA GLU E 243 38.50 17.66 -47.72
C GLU E 243 39.91 17.09 -47.79
N HIS E 244 40.91 17.96 -47.72
CA HIS E 244 42.30 17.57 -47.94
C HIS E 244 42.87 16.86 -46.75
N PHE E 245 43.62 15.80 -47.01
CA PHE E 245 44.22 15.01 -45.94
C PHE E 245 45.42 14.23 -46.49
N ASP E 246 46.37 13.90 -45.62
CA ASP E 246 47.53 13.11 -46.00
C ASP E 246 47.54 11.80 -45.21
N PRO E 247 46.69 10.85 -45.58
CA PRO E 247 46.46 9.66 -44.78
C PRO E 247 47.71 8.78 -44.64
N LEU E 248 48.51 8.73 -45.70
CA LEU E 248 49.74 7.94 -45.71
C LEU E 248 50.72 8.38 -44.64
N PHE E 249 50.82 9.70 -44.45
CA PHE E 249 51.68 10.25 -43.40
C PHE E 249 51.32 9.64 -42.05
N PHE E 250 50.03 9.41 -41.84
CA PHE E 250 49.54 8.96 -40.53
C PHE E 250 49.30 7.45 -40.51
N ASN E 251 49.88 6.75 -41.49
CA ASN E 251 49.73 5.30 -41.58
C ASN E 251 48.27 4.86 -41.69
N ILE E 252 47.43 5.71 -42.28
CA ILE E 252 46.03 5.42 -42.47
C ILE E 252 45.78 5.04 -43.92
N PRO E 253 45.09 3.91 -44.16
CA PRO E 253 44.71 3.54 -45.53
C PRO E 253 43.83 4.60 -46.17
N PRO E 254 44.17 5.02 -47.40
CA PRO E 254 43.41 6.05 -48.12
C PRO E 254 41.90 5.83 -48.09
N SER E 255 41.47 4.58 -48.07
CA SER E 255 40.04 4.26 -48.07
C SER E 255 39.37 4.55 -46.74
N GLU E 256 40.15 4.47 -45.66
CA GLU E 256 39.66 4.86 -44.34
C GLU E 256 39.47 6.37 -44.24
N ALA E 257 40.24 7.11 -45.02
CA ALA E 257 40.22 8.57 -44.98
C ALA E 257 38.85 9.12 -45.37
N GLU E 258 38.20 8.45 -46.31
CA GLU E 258 36.86 8.84 -46.75
C GLU E 258 35.85 8.69 -45.63
N LEU E 259 36.13 7.79 -44.70
CA LEU E 259 35.21 7.46 -43.62
C LEU E 259 35.46 8.29 -42.37
N MET E 260 36.52 9.10 -42.41
CA MET E 260 36.87 9.94 -41.26
C MET E 260 36.20 11.31 -41.38
N ASP E 261 35.56 11.73 -40.29
CA ASP E 261 35.15 13.12 -40.13
C ASP E 261 36.34 14.04 -40.42
N PRO E 262 36.13 15.05 -41.28
CA PRO E 262 37.21 15.97 -41.62
C PRO E 262 37.67 16.80 -40.43
N GLN E 263 36.81 16.93 -39.42
CA GLN E 263 37.20 17.53 -38.15
C GLN E 263 38.34 16.74 -37.51
N HIS E 264 38.25 15.41 -37.55
CA HIS E 264 39.31 14.53 -37.06
C HIS E 264 40.56 14.69 -37.86
N ARG E 265 40.39 14.69 -39.18
CA ARG E 265 41.52 14.73 -40.11
C ARG E 265 42.29 16.03 -39.96
N ILE E 266 41.56 17.14 -39.91
CA ILE E 266 42.18 18.47 -39.85
C ILE E 266 42.91 18.68 -38.53
N PHE E 267 42.30 18.26 -37.43
CA PHE E 267 42.94 18.40 -36.13
C PHE E 267 44.18 17.53 -36.00
N LEU E 268 44.08 16.29 -36.45
CA LEU E 268 45.24 15.40 -36.54
C LEU E 268 46.41 16.13 -37.17
N GLN E 269 46.12 16.91 -38.20
CA GLN E 269 47.15 17.63 -38.94
C GLN E 269 47.68 18.81 -38.15
N GLU E 270 46.77 19.64 -37.65
CA GLU E 270 47.16 20.83 -36.90
C GLU E 270 47.83 20.46 -35.58
N GLY E 271 47.26 19.46 -34.90
CA GLY E 271 47.83 18.97 -33.65
C GLY E 271 49.27 18.52 -33.84
N TYR E 272 49.50 17.72 -34.87
CA TYR E 272 50.85 17.30 -35.20
C TYR E 272 51.76 18.51 -35.43
N LYS E 273 51.27 19.49 -36.18
CA LYS E 273 52.08 20.63 -36.57
C LYS E 273 52.44 21.52 -35.38
N ALA E 274 51.57 21.56 -34.39
CA ALA E 274 51.85 22.31 -33.17
C ALA E 274 53.08 21.73 -32.46
N PHE E 275 53.17 20.40 -32.44
CA PHE E 275 54.33 19.74 -31.86
C PHE E 275 55.60 20.14 -32.61
N GLU E 276 55.52 20.15 -33.94
CA GLU E 276 56.67 20.50 -34.76
C GLU E 276 57.04 21.96 -34.60
N ASP E 277 56.03 22.81 -34.47
CA ASP E 277 56.26 24.22 -34.18
C ASP E 277 57.14 24.37 -32.94
N ALA E 278 56.86 23.57 -31.92
CA ALA E 278 57.62 23.63 -30.68
C ALA E 278 59.03 23.09 -30.88
N GLY E 279 59.18 22.25 -31.90
CA GLY E 279 60.45 21.57 -32.15
C GLY E 279 60.51 20.17 -31.57
N TYR E 280 59.35 19.52 -31.43
CA TYR E 280 59.29 18.12 -31.02
C TYR E 280 58.90 17.22 -32.18
N ASN E 281 59.42 16.00 -32.20
CA ASN E 281 59.13 15.06 -33.27
C ASN E 281 58.72 13.70 -32.70
N ALA E 282 58.31 12.79 -33.60
CA ALA E 282 57.87 11.47 -33.18
C ALA E 282 58.84 10.81 -32.20
N ARG E 283 60.13 10.92 -32.48
CA ARG E 283 61.17 10.30 -31.65
C ARG E 283 61.14 10.87 -30.23
N THR E 284 61.03 12.19 -30.13
CA THR E 284 61.11 12.85 -28.84
C THR E 284 59.81 12.81 -28.06
N LEU E 285 58.72 12.47 -28.75
CA LEU E 285 57.40 12.43 -28.14
C LEU E 285 56.96 11.02 -27.73
N ASN E 286 57.60 10.01 -28.31
CA ASN E 286 57.36 8.62 -27.96
C ASN E 286 57.29 8.39 -26.45
N GLU E 287 56.17 7.85 -26.00
CA GLU E 287 55.96 7.48 -24.61
C GLU E 287 55.88 8.66 -23.63
N LYS E 288 55.86 9.88 -24.16
CA LYS E 288 55.72 11.05 -23.30
C LYS E 288 54.36 11.06 -22.61
N LYS E 289 54.33 11.44 -21.35
CA LYS E 289 53.07 11.68 -20.64
C LYS E 289 52.44 12.99 -21.08
N CYS E 290 51.95 13.01 -22.32
CA CYS E 290 51.30 14.20 -22.86
C CYS E 290 49.80 14.00 -22.98
N GLY E 291 49.05 14.81 -22.25
CA GLY E 291 47.58 14.80 -22.35
C GLY E 291 47.11 15.50 -23.60
N VAL E 292 45.99 15.06 -24.16
CA VAL E 292 45.36 15.72 -25.29
C VAL E 292 43.92 16.11 -24.97
N TYR E 293 43.64 17.41 -25.05
CA TYR E 293 42.33 17.92 -24.66
C TYR E 293 41.72 18.64 -25.85
N LEU E 294 40.72 18.01 -26.46
CA LEU E 294 40.24 18.48 -27.76
C LEU E 294 38.81 19.00 -27.68
N GLY E 295 38.65 20.29 -27.97
CA GLY E 295 37.33 20.88 -28.12
C GLY E 295 36.65 20.49 -29.43
N ILE E 296 35.47 19.88 -29.31
CA ILE E 296 34.70 19.42 -30.46
C ILE E 296 33.23 19.25 -30.10
N MET E 297 32.35 19.66 -31.00
CA MET E 297 30.95 19.88 -30.65
C MET E 297 29.92 19.47 -31.70
N SER E 298 30.37 18.85 -32.79
CA SER E 298 29.45 18.47 -33.87
C SER E 298 29.79 17.15 -34.54
N ASN E 299 28.80 16.53 -35.15
CA ASN E 299 28.93 15.19 -35.71
C ASN E 299 28.44 15.06 -37.16
N GLU E 300 28.47 16.15 -37.90
CA GLU E 300 27.76 16.22 -39.17
C GLU E 300 28.17 15.12 -40.15
N TYR E 301 29.48 14.91 -40.28
CA TYR E 301 30.00 13.94 -41.24
C TYR E 301 29.56 12.52 -40.92
N GLY E 302 29.66 12.14 -39.65
CA GLY E 302 29.22 10.83 -39.20
C GLY E 302 27.78 10.55 -39.57
N VAL E 303 26.92 11.54 -39.37
CA VAL E 303 25.51 11.44 -39.73
C VAL E 303 25.34 11.35 -41.25
N MET E 304 26.03 12.23 -41.97
CA MET E 304 26.03 12.20 -43.42
C MET E 304 26.33 10.81 -43.95
N LEU E 305 27.24 10.11 -43.29
CA LEU E 305 27.63 8.76 -43.72
C LEU E 305 26.46 7.77 -43.63
N ASN E 306 25.57 7.99 -42.68
CA ASN E 306 24.41 7.13 -42.48
C ASN E 306 23.14 7.69 -43.12
N GLY E 315 34.03 4.87 -35.70
CA GLY E 315 35.24 5.58 -36.11
C GLY E 315 35.18 7.06 -35.78
N ASN E 316 33.97 7.61 -35.73
CA ASN E 316 33.78 9.06 -35.72
C ASN E 316 33.23 9.60 -34.39
N SER E 317 33.54 8.91 -33.31
CA SER E 317 33.17 9.38 -31.97
C SER E 317 34.11 10.50 -31.51
N PHE E 318 33.63 11.31 -30.59
CA PHE E 318 34.45 12.33 -29.95
C PHE E 318 35.64 11.68 -29.27
N ALA E 319 35.42 10.52 -28.68
CA ALA E 319 36.47 9.78 -27.98
C ALA E 319 37.62 9.40 -28.90
N ILE E 320 37.30 9.04 -30.14
CA ILE E 320 38.31 8.67 -31.11
C ILE E 320 39.02 9.88 -31.70
N ALA E 321 38.28 10.97 -31.88
CA ALA E 321 38.86 12.21 -32.36
C ALA E 321 40.04 12.64 -31.50
N ALA E 322 39.86 12.51 -30.19
CA ALA E 322 40.86 12.93 -29.22
C ALA E 322 42.06 11.98 -29.24
N ALA E 323 41.78 10.72 -29.56
CA ALA E 323 42.77 9.67 -29.35
C ALA E 323 43.65 9.46 -30.59
N ARG E 324 43.26 10.07 -31.70
CA ARG E 324 44.02 9.94 -32.94
C ARG E 324 45.49 10.25 -32.72
N ILE E 325 45.77 11.41 -32.16
CA ILE E 325 47.14 11.89 -31.98
C ILE E 325 47.94 11.03 -31.00
N PRO E 326 47.35 10.69 -29.85
CA PRO E 326 48.04 9.80 -28.92
C PRO E 326 48.40 8.48 -29.59
N TYR E 327 47.48 7.96 -30.40
CA TYR E 327 47.68 6.70 -31.09
C TYR E 327 48.83 6.77 -32.09
N PHE E 328 48.87 7.87 -32.84
CA PHE E 328 49.91 8.08 -33.83
C PHE E 328 51.28 8.28 -33.21
N LEU E 329 51.36 9.08 -32.15
CA LEU E 329 52.65 9.46 -31.61
C LEU E 329 53.07 8.62 -30.40
N ASN E 330 52.17 7.75 -29.96
CA ASN E 330 52.39 6.95 -28.76
C ASN E 330 52.52 7.81 -27.52
N LEU E 331 51.56 8.72 -27.33
CA LEU E 331 51.48 9.51 -26.11
C LEU E 331 50.73 8.75 -25.02
N LYS E 332 51.00 9.08 -23.76
CA LYS E 332 50.49 8.28 -22.65
C LYS E 332 49.63 9.06 -21.66
N GLY E 333 49.54 10.38 -21.85
CA GLY E 333 48.63 11.21 -21.07
C GLY E 333 47.21 11.07 -21.55
N PRO E 334 46.23 11.43 -20.72
CA PRO E 334 44.83 11.13 -21.01
C PRO E 334 44.39 11.83 -22.29
N ALA E 335 43.47 11.20 -23.02
CA ALA E 335 42.94 11.78 -24.26
C ALA E 335 41.45 12.03 -24.13
N ILE E 336 41.08 13.29 -23.92
CA ILE E 336 39.72 13.66 -23.55
C ILE E 336 39.13 14.68 -24.52
N PRO E 337 38.01 14.35 -25.18
CA PRO E 337 37.30 15.37 -25.94
C PRO E 337 36.40 16.20 -25.04
N ILE E 338 36.36 17.51 -25.28
CA ILE E 338 35.54 18.39 -24.47
C ILE E 338 34.44 19.01 -25.32
N ASP E 339 33.19 18.69 -25.01
CA ASP E 339 32.07 19.41 -25.60
C ASP E 339 31.35 20.27 -24.58
N THR E 340 31.85 21.49 -24.37
CA THR E 340 31.07 22.51 -23.69
C THR E 340 30.68 23.62 -24.67
N ALA E 341 30.33 23.21 -25.88
CA ALA E 341 30.06 24.15 -26.96
C ALA E 341 31.24 25.08 -27.19
N CYS E 342 30.98 26.38 -27.13
CA CYS E 342 31.92 27.36 -27.66
C CYS E 342 33.05 27.65 -26.69
N SER E 343 32.92 27.13 -25.47
CA SER E 343 33.97 27.33 -24.47
C SER E 343 34.94 26.14 -24.47
N SER E 344 34.68 25.18 -25.35
CA SER E 344 35.31 23.88 -25.26
C SER E 344 36.83 23.94 -25.15
N SER E 345 37.47 24.65 -26.08
CA SER E 345 38.92 24.61 -26.15
C SER E 345 39.56 25.34 -24.98
N LEU E 346 38.82 26.27 -24.39
CA LEU E 346 39.34 27.01 -23.25
C LEU E 346 39.15 26.21 -21.97
N VAL E 347 38.05 25.47 -21.87
CA VAL E 347 37.85 24.54 -20.78
C VAL E 347 38.95 23.48 -20.82
N GLY E 348 39.27 23.00 -22.02
CA GLY E 348 40.34 22.03 -22.19
C GLY E 348 41.66 22.61 -21.70
N THR E 349 41.88 23.89 -21.98
CA THR E 349 43.08 24.58 -21.55
C THR E 349 43.19 24.62 -20.03
N HIS E 350 42.05 24.79 -19.37
CA HIS E 350 42.01 24.82 -17.92
C HIS E 350 42.33 23.48 -17.32
N LEU E 351 41.73 22.43 -17.86
CA LEU E 351 41.98 21.08 -17.37
C LEU E 351 43.42 20.63 -17.57
N ALA E 352 43.99 20.96 -18.73
CA ALA E 352 45.38 20.63 -19.04
C ALA E 352 46.32 21.35 -18.07
N ARG E 353 46.01 22.61 -17.78
CA ARG E 353 46.80 23.38 -16.84
C ARG E 353 46.82 22.73 -15.46
N GLN E 354 45.66 22.27 -15.01
CA GLN E 354 45.54 21.69 -13.68
C GLN E 354 46.23 20.33 -13.59
N ALA E 355 46.15 19.56 -14.67
CA ALA E 355 46.88 18.29 -14.72
C ALA E 355 48.39 18.50 -14.73
N LEU E 356 48.82 19.57 -15.40
CA LEU E 356 50.24 19.92 -15.46
C LEU E 356 50.78 20.36 -14.10
N ILE E 357 50.03 21.26 -13.45
CA ILE E 357 50.41 21.73 -12.13
C ILE E 357 50.42 20.60 -11.10
N ASN E 358 49.45 19.69 -11.20
CA ASN E 358 49.41 18.53 -10.33
C ASN E 358 50.34 17.40 -10.77
N LYS E 359 51.16 17.69 -11.78
CA LYS E 359 52.23 16.78 -12.20
C LYS E 359 51.72 15.43 -12.69
N GLU E 360 50.46 15.38 -13.10
CA GLU E 360 49.85 14.17 -13.64
C GLU E 360 50.31 13.90 -15.07
N ILE E 361 50.53 14.98 -15.81
CA ILE E 361 51.16 14.92 -17.13
C ILE E 361 52.37 15.84 -17.17
N ASP E 362 53.19 15.67 -18.21
CA ASP E 362 54.42 16.45 -18.37
C ASP E 362 54.33 17.37 -19.57
N MET E 363 53.33 17.13 -20.41
CA MET E 363 53.03 18.00 -21.54
C MET E 363 51.55 17.91 -21.85
N ALA E 364 51.02 18.90 -22.57
CA ALA E 364 49.62 18.88 -22.98
C ALA E 364 49.44 19.49 -24.37
N LEU E 365 48.73 18.77 -25.24
CA LEU E 365 48.23 19.36 -26.48
C LEU E 365 46.77 19.73 -26.30
N VAL E 366 46.48 21.02 -26.32
CA VAL E 366 45.10 21.48 -26.21
C VAL E 366 44.66 22.11 -27.52
N GLY E 367 43.40 21.93 -27.87
CA GLY E 367 42.91 22.46 -29.13
C GLY E 367 41.40 22.42 -29.29
N GLY E 368 40.94 22.86 -30.46
CA GLY E 368 39.53 22.76 -30.81
C GLY E 368 39.38 22.72 -32.32
N VAL E 369 38.28 22.12 -32.78
CA VAL E 369 37.95 22.09 -34.19
C VAL E 369 36.46 22.23 -34.42
N SER E 370 36.08 23.09 -35.36
CA SER E 370 34.69 23.25 -35.74
C SER E 370 34.49 23.50 -37.23
N LEU E 371 33.69 22.62 -37.85
CA LEU E 371 33.26 22.79 -39.23
C LEU E 371 31.74 22.88 -39.30
N TYR E 372 31.23 23.58 -40.31
CA TYR E 372 29.80 23.65 -40.58
C TYR E 372 29.47 23.06 -41.95
N LEU E 373 29.15 21.78 -41.96
CA LEU E 373 29.08 21.00 -43.20
C LEU E 373 27.70 21.00 -43.83
N THR E 374 26.66 21.19 -43.02
CA THR E 374 25.28 21.07 -43.50
C THR E 374 24.48 22.35 -43.32
N PRO E 375 23.52 22.59 -44.21
CA PRO E 375 22.55 23.65 -43.99
C PRO E 375 21.80 23.50 -42.67
N GLU E 376 21.65 22.26 -42.20
CA GLU E 376 20.82 21.97 -41.04
C GLU E 376 21.44 22.47 -39.74
N SER E 377 22.74 22.25 -39.59
CA SER E 377 23.44 22.61 -38.36
C SER E 377 23.85 24.07 -38.22
N TYR E 378 24.67 24.54 -39.16
CA TYR E 378 24.95 25.96 -39.33
C TYR E 378 23.64 26.74 -39.18
N MET E 379 22.57 26.13 -39.69
CA MET E 379 21.27 26.78 -39.77
C MET E 379 20.83 27.32 -38.41
N SER E 380 20.75 26.45 -37.41
CA SER E 380 20.03 26.80 -36.20
C SER E 380 20.38 28.26 -35.97
N MET E 381 19.37 29.11 -36.13
CA MET E 381 19.56 30.53 -36.37
C MET E 381 19.67 31.18 -34.99
N ALA E 384 16.33 29.52 -33.68
CA ALA E 384 16.84 29.76 -32.32
C ALA E 384 17.30 31.20 -32.14
N GLY E 385 17.39 31.94 -33.24
CA GLY E 385 17.61 33.38 -33.21
C GLY E 385 19.05 33.82 -33.03
N MET E 386 19.98 32.90 -33.24
CA MET E 386 21.37 33.11 -32.84
C MET E 386 22.16 33.93 -33.85
N LEU E 387 21.82 33.79 -35.12
CA LEU E 387 22.66 34.32 -36.20
C LEU E 387 22.33 35.76 -36.56
N SER E 388 23.31 36.46 -37.11
CA SER E 388 23.11 37.79 -37.66
C SER E 388 22.60 37.69 -39.11
N PRO E 389 21.55 38.47 -39.43
CA PRO E 389 21.10 38.55 -40.82
C PRO E 389 22.08 39.27 -41.74
N ASP E 390 22.97 40.07 -41.17
CA ASP E 390 23.96 40.81 -41.95
C ASP E 390 25.23 39.99 -42.17
N GLY E 391 25.37 38.91 -41.42
CA GLY E 391 26.53 38.04 -41.53
C GLY E 391 27.81 38.62 -40.98
N GLN E 392 27.70 39.40 -39.91
CA GLN E 392 28.86 39.87 -39.17
C GLN E 392 28.66 39.75 -37.66
N CYS E 393 29.71 39.37 -36.96
CA CYS E 393 29.76 39.56 -35.51
C CYS E 393 30.16 40.99 -35.17
N LYS E 394 29.15 41.80 -34.85
CA LYS E 394 29.36 43.19 -34.52
C LYS E 394 29.60 43.31 -33.02
N ALA E 395 30.68 42.70 -32.54
CA ALA E 395 31.06 42.76 -31.14
C ALA E 395 31.11 44.21 -30.62
N PHE E 396 30.41 44.44 -29.52
CA PHE E 396 30.45 45.69 -28.78
C PHE E 396 29.62 46.81 -29.39
N ASP E 397 29.17 46.61 -30.63
CA ASP E 397 28.48 47.64 -31.40
C ASP E 397 26.98 47.65 -31.13
N ASN E 398 26.38 48.82 -31.18
CA ASN E 398 24.94 48.96 -30.90
C ASN E 398 24.09 48.19 -31.91
N GLY E 399 24.67 47.91 -33.07
CA GLY E 399 23.97 47.20 -34.13
C GLY E 399 24.20 45.69 -34.09
N ALA E 400 24.82 45.22 -33.01
CA ALA E 400 24.99 43.80 -32.79
C ALA E 400 23.65 43.08 -32.86
N ASN E 401 23.58 42.02 -33.64
CA ASN E 401 22.33 41.30 -33.86
C ASN E 401 22.49 39.80 -34.10
N GLY E 402 23.51 39.21 -33.49
CA GLY E 402 23.81 37.79 -33.68
C GLY E 402 25.19 37.57 -34.26
N PHE E 403 25.64 36.31 -34.26
CA PHE E 403 26.96 35.98 -34.79
C PHE E 403 26.87 35.34 -36.17
N VAL E 404 27.99 35.38 -36.89
CA VAL E 404 28.15 34.56 -38.09
C VAL E 404 29.04 33.36 -37.80
N PRO E 405 28.56 32.14 -38.11
CA PRO E 405 29.32 30.94 -37.83
C PRO E 405 30.67 30.91 -38.55
N GLY E 406 31.69 30.41 -37.86
CA GLY E 406 33.04 30.31 -38.41
C GLY E 406 33.61 28.92 -38.24
N GLU E 407 34.53 28.54 -39.13
CA GLU E 407 35.19 27.25 -39.02
C GLU E 407 36.67 27.45 -38.67
N GLY E 408 37.24 26.49 -37.95
CA GLY E 408 38.64 26.57 -37.57
C GLY E 408 39.19 25.32 -36.91
N ALA E 409 40.51 25.23 -36.89
CA ALA E 409 41.19 24.23 -36.05
C ALA E 409 42.50 24.81 -35.53
N GLY E 410 42.72 24.66 -34.23
CA GLY E 410 43.89 25.23 -33.58
C GLY E 410 44.39 24.35 -32.46
N ALA E 411 45.69 24.42 -32.19
CA ALA E 411 46.30 23.64 -31.13
C ALA E 411 47.43 24.40 -30.43
N LEU E 412 47.54 24.21 -29.13
CA LEU E 412 48.68 24.74 -28.38
C LEU E 412 49.42 23.59 -27.71
N VAL E 413 50.72 23.77 -27.51
CA VAL E 413 51.52 22.84 -26.73
C VAL E 413 51.88 23.48 -25.38
N LEU E 414 51.49 22.82 -24.30
CA LEU E 414 51.70 23.36 -22.96
C LEU E 414 52.69 22.54 -22.14
N LYS E 415 53.49 23.23 -21.33
CA LYS E 415 54.35 22.59 -20.34
C LYS E 415 54.44 23.48 -19.11
N ARG E 416 54.85 22.91 -17.98
CA ARG E 416 55.21 23.71 -16.82
C ARG E 416 56.39 24.62 -17.16
N LEU E 417 56.36 25.85 -16.67
CA LEU E 417 57.33 26.85 -17.10
C LEU E 417 58.75 26.41 -16.76
N LYS E 418 58.89 25.79 -15.60
CA LYS E 418 60.17 25.29 -15.11
C LYS E 418 60.81 24.27 -16.06
N ASP E 419 60.00 23.34 -16.56
CA ASP E 419 60.45 22.37 -17.56
C ASP E 419 60.82 23.03 -18.88
N ALA E 420 59.95 23.91 -19.36
CA ALA E 420 60.16 24.58 -20.64
C ALA E 420 61.47 25.37 -20.66
N GLU E 421 61.83 25.95 -19.52
CA GLU E 421 63.07 26.71 -19.41
C GLU E 421 64.28 25.79 -19.31
N ALA E 422 64.12 24.69 -18.59
CA ALA E 422 65.13 23.64 -18.50
C ALA E 422 65.40 22.99 -19.85
N ASP E 423 64.34 22.77 -20.61
CA ASP E 423 64.45 22.09 -21.89
C ASP E 423 64.80 23.04 -23.03
N ARG E 424 64.91 24.32 -22.70
CA ARG E 424 65.27 25.36 -23.67
C ARG E 424 64.26 25.49 -24.80
N ASP E 425 62.98 25.27 -24.49
CA ASP E 425 61.90 25.50 -25.42
C ASP E 425 61.81 26.99 -25.75
N HIS E 426 61.27 27.30 -26.94
CA HIS E 426 60.86 28.68 -27.21
C HIS E 426 59.46 28.87 -26.71
N ILE E 427 59.23 30.02 -26.09
CA ILE E 427 58.06 30.23 -25.23
C ILE E 427 57.28 31.44 -25.73
N TYR E 428 56.03 31.22 -26.11
CA TYR E 428 55.20 32.27 -26.67
C TYR E 428 54.64 33.18 -25.58
N GLY E 429 54.48 32.61 -24.38
CA GLY E 429 53.88 33.32 -23.25
C GLY E 429 53.49 32.32 -22.17
N ILE E 430 52.97 32.83 -21.05
CA ILE E 430 52.63 31.96 -19.93
C ILE E 430 51.23 32.18 -19.38
N ILE E 431 50.54 31.09 -19.08
CA ILE E 431 49.24 31.17 -18.43
C ILE E 431 49.41 31.26 -16.92
N ILE E 432 48.96 32.37 -16.34
CA ILE E 432 49.15 32.63 -14.91
C ILE E 432 47.87 32.55 -14.10
N GLY E 433 46.76 32.24 -14.76
CA GLY E 433 45.49 32.01 -14.08
C GLY E 433 44.39 31.55 -15.01
N SER E 434 43.54 30.64 -14.53
CA SER E 434 42.42 30.14 -15.30
C SER E 434 41.32 29.64 -14.38
N GLY E 435 40.09 29.63 -14.88
CA GLY E 435 38.97 29.08 -14.12
C GLY E 435 37.78 28.81 -15.02
N ILE E 436 36.95 27.85 -14.60
CA ILE E 436 35.69 27.60 -15.28
C ILE E 436 34.55 27.57 -14.28
N ASN E 437 33.35 27.94 -14.73
CA ASN E 437 32.15 27.75 -13.93
C ASN E 437 30.88 27.63 -14.78
N GLN E 438 29.73 27.65 -14.12
CA GLN E 438 28.45 27.54 -14.81
C GLN E 438 27.58 28.78 -14.61
N ASP E 439 26.76 29.07 -15.61
CA ASP E 439 25.71 30.07 -15.49
C ASP E 439 24.65 29.64 -14.48
N GLY E 440 24.38 28.33 -14.43
CA GLY E 440 23.28 27.81 -13.64
C GLY E 440 21.92 28.21 -14.21
N LYS E 441 21.00 28.59 -13.34
CA LYS E 441 19.66 28.94 -13.77
C LYS E 441 19.61 30.32 -14.40
N THR E 442 19.33 30.36 -15.70
CA THR E 442 19.15 31.61 -16.42
C THR E 442 17.75 31.67 -17.01
N ASN E 443 17.42 32.77 -17.69
CA ASN E 443 16.15 32.86 -18.40
C ASN E 443 16.23 32.18 -19.76
N GLY E 444 16.07 30.86 -19.75
CA GLY E 444 16.40 30.05 -20.93
C GLY E 444 17.83 29.56 -20.87
N ILE E 445 18.04 28.30 -21.23
CA ILE E 445 19.31 27.63 -20.96
C ILE E 445 20.49 28.19 -21.75
N THR E 446 20.19 28.95 -22.80
CA THR E 446 21.24 29.54 -23.64
C THR E 446 21.50 31.01 -23.35
N ALA E 447 20.77 31.58 -22.39
CA ALA E 447 21.05 32.93 -21.92
C ALA E 447 22.29 32.95 -21.03
N PRO E 448 23.02 34.07 -21.04
CA PRO E 448 24.16 34.25 -20.15
C PRO E 448 23.78 34.78 -18.77
N SER E 449 24.69 34.63 -17.81
CA SER E 449 24.50 35.15 -16.47
C SER E 449 25.59 36.16 -16.12
N ALA E 450 25.18 37.41 -15.88
CA ALA E 450 26.10 38.45 -15.46
C ALA E 450 26.85 38.03 -14.20
N LYS E 451 26.09 37.50 -13.24
CA LYS E 451 26.65 37.17 -11.93
C LYS E 451 27.71 36.08 -12.04
N SER E 452 27.44 35.08 -12.89
CA SER E 452 28.40 33.99 -13.08
C SER E 452 29.68 34.48 -13.72
N GLN E 453 29.55 35.38 -14.70
CA GLN E 453 30.71 35.89 -15.40
C GLN E 453 31.57 36.72 -14.44
N MET E 454 30.92 37.50 -13.59
CA MET E 454 31.61 38.30 -12.60
C MET E 454 32.33 37.41 -11.59
N ASP E 455 31.62 36.41 -11.07
CA ASP E 455 32.20 35.51 -10.10
C ASP E 455 33.43 34.80 -10.69
N LEU E 456 33.27 34.32 -11.92
CA LEU E 456 34.35 33.60 -12.58
C LEU E 456 35.61 34.46 -12.59
N GLU E 457 35.45 35.70 -13.03
CA GLU E 457 36.58 36.59 -13.26
C GLU E 457 37.19 37.06 -11.94
N ARG E 458 36.31 37.39 -10.99
CA ARG E 458 36.74 37.83 -9.67
C ARG E 458 37.51 36.71 -8.97
N ASP E 459 36.96 35.50 -9.02
CA ASP E 459 37.56 34.37 -8.31
C ASP E 459 38.94 34.03 -8.85
N ILE E 460 39.09 34.11 -10.17
CA ILE E 460 40.38 33.90 -10.81
C ILE E 460 41.39 34.94 -10.33
N TYR E 461 41.02 36.21 -10.42
CA TYR E 461 41.94 37.28 -10.06
C TYR E 461 42.37 37.20 -8.60
N GLU E 462 41.43 36.84 -7.72
CA GLU E 462 41.73 36.74 -6.30
C GLU E 462 42.60 35.52 -6.00
N THR E 463 42.21 34.38 -6.56
CA THR E 463 42.96 33.14 -6.33
C THR E 463 44.42 33.27 -6.74
N TYR E 464 44.66 33.92 -7.87
CA TYR E 464 45.99 33.95 -8.46
C TYR E 464 46.69 35.30 -8.26
N GLY E 465 46.10 36.16 -7.45
CA GLY E 465 46.72 37.43 -7.08
C GLY E 465 46.96 38.33 -8.27
N ILE E 466 45.96 38.44 -9.14
CA ILE E 466 46.07 39.23 -10.35
C ILE E 466 45.23 40.50 -10.23
N HIS E 467 45.90 41.66 -10.31
CA HIS E 467 45.21 42.93 -10.20
C HIS E 467 44.75 43.42 -11.54
N PRO E 468 43.48 43.85 -11.64
CA PRO E 468 42.93 44.23 -12.93
C PRO E 468 43.71 45.35 -13.61
N GLU E 469 44.38 46.18 -12.82
CA GLU E 469 45.17 47.27 -13.37
C GLU E 469 46.33 46.73 -14.20
N SER E 470 46.75 45.50 -13.93
CA SER E 470 47.89 44.91 -14.62
C SER E 470 47.53 44.40 -16.01
N ILE E 471 46.23 44.38 -16.30
CA ILE E 471 45.73 43.81 -17.54
C ILE E 471 45.46 44.92 -18.54
N SER E 472 45.97 44.76 -19.76
CA SER E 472 45.86 45.82 -20.76
C SER E 472 45.08 45.42 -22.01
N TYR E 473 44.79 44.14 -22.14
CA TYR E 473 43.91 43.67 -23.21
C TYR E 473 43.08 42.46 -22.81
N VAL E 474 41.81 42.46 -23.20
CA VAL E 474 40.96 41.28 -23.06
C VAL E 474 40.35 40.89 -24.40
N GLU E 475 40.63 39.67 -24.83
CA GLU E 475 39.95 39.06 -25.97
C GLU E 475 38.61 38.51 -25.54
N MET E 476 37.55 39.28 -25.79
CA MET E 476 36.22 38.97 -25.30
C MET E 476 35.62 37.76 -26.02
N HIS E 477 34.65 37.12 -25.39
CA HIS E 477 33.80 36.16 -26.08
C HIS E 477 33.15 36.84 -27.25
N GLY E 478 32.57 38.01 -26.98
CA GLY E 478 32.31 39.01 -28.00
C GLY E 478 31.72 38.46 -29.28
N THR E 479 30.55 37.85 -29.18
CA THR E 479 29.93 37.17 -30.32
C THR E 479 29.05 38.11 -31.14
N GLY E 480 28.81 39.31 -30.62
CA GLY E 480 27.98 40.28 -31.32
C GLY E 480 26.51 39.98 -31.22
N THR E 481 26.10 39.36 -30.11
CA THR E 481 24.68 39.17 -29.80
C THR E 481 24.16 40.33 -28.95
N LYS E 482 22.91 40.72 -29.17
CA LYS E 482 22.42 41.99 -28.64
C LYS E 482 22.34 42.00 -27.12
N GLN E 483 21.88 40.91 -26.53
CA GLN E 483 21.82 40.83 -25.07
C GLN E 483 23.08 40.25 -24.44
N GLY E 484 23.86 39.51 -25.22
CA GLY E 484 25.09 38.89 -24.74
C GLY E 484 26.23 39.86 -24.53
N ASP E 485 26.47 40.71 -25.52
CA ASP E 485 27.57 41.67 -25.48
C ASP E 485 27.55 42.57 -24.25
N PRO E 486 26.42 43.26 -24.01
CA PRO E 486 26.38 44.23 -22.91
C PRO E 486 26.48 43.56 -21.54
N ILE E 487 26.03 42.31 -21.47
CA ILE E 487 26.20 41.54 -20.24
C ILE E 487 27.66 41.24 -19.97
N GLU E 488 28.38 40.81 -21.00
CA GLU E 488 29.81 40.56 -20.88
C GLU E 488 30.57 41.82 -20.49
N LEU E 489 30.31 42.91 -21.19
CA LEU E 489 30.97 44.19 -20.92
C LEU E 489 30.74 44.64 -19.49
N GLU E 490 29.48 44.60 -19.06
CA GLU E 490 29.12 45.11 -17.73
C GLU E 490 29.78 44.25 -16.65
N ALA E 491 29.78 42.94 -16.87
CA ALA E 491 30.42 42.01 -15.95
C ALA E 491 31.89 42.35 -15.77
N LEU E 492 32.62 42.34 -16.88
CA LEU E 492 34.07 42.57 -16.84
C LEU E 492 34.40 43.95 -16.28
N SER E 493 33.68 44.97 -16.74
CA SER E 493 33.87 46.33 -16.26
C SER E 493 33.69 46.40 -14.75
N THR E 494 32.61 45.81 -14.25
CA THR E 494 32.31 45.86 -12.83
C THR E 494 33.41 45.23 -11.98
N VAL E 495 33.92 44.08 -12.43
CA VAL E 495 34.95 43.38 -11.68
C VAL E 495 36.25 44.17 -11.65
N PHE E 496 36.58 44.80 -12.78
CA PHE E 496 37.75 45.68 -12.85
C PHE E 496 37.56 46.89 -11.94
N GLN E 497 36.36 47.46 -11.95
CA GLN E 497 36.10 48.71 -11.22
C GLN E 497 36.09 48.53 -9.71
N GLU E 498 35.86 47.31 -9.25
CA GLU E 498 35.91 47.03 -7.82
C GLU E 498 37.31 47.24 -7.26
N LYS E 499 38.30 47.21 -8.15
CA LYS E 499 39.70 47.20 -7.72
C LYS E 499 40.45 48.47 -8.13
N THR E 500 39.86 49.25 -9.03
CA THR E 500 40.55 50.43 -9.55
C THR E 500 39.62 51.53 -10.05
N ASP E 501 40.04 52.78 -9.87
CA ASP E 501 39.32 53.94 -10.38
C ASP E 501 39.87 54.37 -11.74
N LYS E 502 40.99 53.78 -12.16
CA LYS E 502 41.61 54.11 -13.43
C LYS E 502 40.62 53.86 -14.57
N LYS E 503 40.70 54.68 -15.60
CA LYS E 503 39.73 54.64 -16.68
C LYS E 503 40.40 54.35 -18.02
N GLN E 504 39.74 53.55 -18.84
CA GLN E 504 40.14 53.33 -20.22
C GLN E 504 41.60 52.92 -20.39
N PHE E 505 42.06 52.01 -19.53
CA PHE E 505 43.42 51.49 -19.63
C PHE E 505 43.47 50.13 -20.30
N CYS E 506 42.33 49.45 -20.37
CA CYS E 506 42.30 48.09 -20.90
C CYS E 506 41.56 48.01 -22.23
N ALA E 507 42.29 47.72 -23.30
CA ALA E 507 41.70 47.55 -24.61
C ALA E 507 40.92 46.23 -24.67
N ILE E 508 39.80 46.25 -25.40
CA ILE E 508 39.04 45.02 -25.61
C ILE E 508 38.82 44.80 -27.11
N GLY E 509 38.65 43.54 -27.49
CA GLY E 509 38.37 43.21 -28.88
C GLY E 509 37.87 41.79 -29.00
N SER E 510 37.52 41.38 -30.22
CA SER E 510 37.12 40.01 -30.49
C SER E 510 37.51 39.62 -31.91
N VAL E 511 38.29 38.55 -32.04
CA VAL E 511 38.72 38.07 -33.34
C VAL E 511 37.55 37.49 -34.14
N LYS E 512 36.43 37.28 -33.46
CA LYS E 512 35.21 36.84 -34.14
C LYS E 512 34.74 37.90 -35.14
N SER E 513 35.12 39.15 -34.91
CA SER E 513 34.89 40.23 -35.85
C SER E 513 35.66 40.02 -37.16
N ASN E 514 36.77 39.28 -37.09
CA ASN E 514 37.57 38.99 -38.27
C ASN E 514 37.13 37.70 -38.96
N ILE E 515 36.95 36.64 -38.18
CA ILE E 515 36.90 35.30 -38.73
C ILE E 515 35.59 34.60 -38.42
N GLY E 516 34.71 35.29 -37.70
CA GLY E 516 33.42 34.74 -37.31
C GLY E 516 33.52 33.91 -36.04
N HIS E 517 32.45 33.20 -35.72
CA HIS E 517 32.39 32.44 -34.47
C HIS E 517 32.79 31.02 -34.66
N THR E 518 34.06 30.71 -34.38
CA THR E 518 34.62 29.41 -34.70
C THR E 518 34.29 28.33 -33.68
N SER E 519 33.30 28.60 -32.84
CA SER E 519 32.69 27.59 -31.99
C SER E 519 33.69 26.85 -31.10
N ALA E 520 33.85 25.54 -31.34
CA ALA E 520 34.73 24.73 -30.50
C ALA E 520 36.17 25.22 -30.51
N ALA E 521 36.55 25.93 -31.58
CA ALA E 521 37.92 26.42 -31.74
C ALA E 521 38.05 27.88 -31.32
N ALA E 522 36.97 28.47 -30.81
CA ALA E 522 36.95 29.90 -30.53
C ALA E 522 38.01 30.27 -29.49
N GLY E 523 38.12 29.45 -28.46
CA GLY E 523 39.05 29.71 -27.37
C GLY E 523 40.48 29.72 -27.85
N VAL E 524 40.85 28.71 -28.64
CA VAL E 524 42.23 28.58 -29.08
C VAL E 524 42.57 29.65 -30.11
N ALA E 525 41.57 30.10 -30.85
CA ALA E 525 41.76 31.19 -31.80
C ALA E 525 42.09 32.50 -31.09
N GLY E 526 41.38 32.76 -30.00
CA GLY E 526 41.60 33.97 -29.22
C GLY E 526 42.94 33.96 -28.49
N VAL E 527 43.28 32.82 -27.90
CA VAL E 527 44.55 32.66 -27.23
C VAL E 527 45.70 32.91 -28.20
N GLN E 528 45.56 32.41 -29.43
CA GLN E 528 46.61 32.56 -30.43
C GLN E 528 46.75 34.00 -30.89
N LYS E 529 45.63 34.72 -31.01
CA LYS E 529 45.67 36.13 -31.30
C LYS E 529 46.47 36.89 -30.25
N VAL E 530 46.13 36.67 -28.99
CA VAL E 530 46.77 37.37 -27.88
C VAL E 530 48.27 37.10 -27.84
N LEU E 531 48.66 35.85 -28.05
CA LEU E 531 50.07 35.47 -28.04
C LEU E 531 50.83 36.17 -29.16
N LEU E 532 50.22 36.22 -30.34
CA LEU E 532 50.82 36.90 -31.49
C LEU E 532 50.97 38.39 -31.23
N CYS E 533 49.93 38.99 -30.66
CA CYS E 533 49.99 40.39 -30.24
C CYS E 533 51.16 40.61 -29.30
N MET E 534 51.27 39.77 -28.28
CA MET E 534 52.31 39.90 -27.27
C MET E 534 53.69 39.80 -27.92
N ASN E 535 53.86 38.82 -28.80
CA ASN E 535 55.14 38.57 -29.44
C ASN E 535 55.60 39.77 -30.26
N HIS E 536 54.64 40.43 -30.90
CA HIS E 536 54.92 41.55 -31.79
C HIS E 536 54.73 42.86 -31.10
N LYS E 537 54.42 42.81 -29.80
CA LYS E 537 54.18 44.00 -29.01
C LYS E 537 53.25 44.99 -29.71
N THR E 538 52.17 44.46 -30.28
CA THR E 538 51.26 45.22 -31.12
C THR E 538 49.82 44.84 -30.79
N LEU E 539 48.95 45.84 -30.63
CA LEU E 539 47.52 45.60 -30.62
C LEU E 539 46.89 45.85 -31.98
N VAL E 540 45.92 45.02 -32.34
CA VAL E 540 45.30 45.09 -33.66
C VAL E 540 43.83 45.49 -33.56
N PRO E 541 43.24 45.96 -34.67
CA PRO E 541 41.87 46.47 -34.61
C PRO E 541 40.86 45.35 -34.41
N THR E 542 39.83 45.63 -33.62
CA THR E 542 38.59 44.86 -33.67
C THR E 542 37.63 45.50 -34.67
N LEU E 543 36.92 44.66 -35.41
CA LEU E 543 36.18 45.08 -36.60
C LEU E 543 34.70 45.34 -36.31
N ASN E 544 34.01 45.94 -37.28
CA ASN E 544 32.56 46.10 -37.24
C ASN E 544 32.04 46.98 -36.12
N PHE E 545 32.90 47.87 -35.62
CA PHE E 545 32.53 48.75 -34.51
C PHE E 545 32.38 50.20 -34.97
N THR E 546 31.14 50.65 -35.02
CA THR E 546 30.83 52.04 -35.39
C THR E 546 30.39 52.87 -34.19
N THR E 547 29.36 52.39 -33.50
CA THR E 547 28.81 53.09 -32.34
C THR E 547 28.69 52.14 -31.14
N PRO E 548 29.15 52.58 -29.96
CA PRO E 548 29.11 51.74 -28.78
C PRO E 548 27.71 51.25 -28.44
N ASN E 549 27.60 50.02 -27.93
CA ASN E 549 26.33 49.48 -27.48
C ASN E 549 25.67 50.42 -26.46
N GLU E 550 24.42 50.79 -26.72
CA GLU E 550 23.76 51.81 -25.93
C GLU E 550 23.61 51.37 -24.47
N HIS E 551 23.62 50.07 -24.24
CA HIS E 551 23.38 49.50 -22.91
C HIS E 551 24.63 49.43 -22.08
N PHE E 552 25.70 50.05 -22.57
CA PHE E 552 26.94 50.15 -21.79
C PHE E 552 27.66 51.47 -22.03
N GLU E 553 28.01 52.16 -20.95
CA GLU E 553 28.77 53.41 -21.06
C GLU E 553 30.28 53.22 -20.87
N PHE E 554 31.02 53.49 -21.94
CA PHE E 554 32.45 53.22 -21.96
C PHE E 554 33.26 54.30 -21.24
N GLU E 555 32.77 55.52 -21.26
CA GLU E 555 33.59 56.69 -20.94
C GLU E 555 34.19 56.61 -19.55
N HIS E 556 33.43 56.07 -18.60
CA HIS E 556 33.89 55.95 -17.23
C HIS E 556 34.23 54.54 -16.87
N SER E 557 34.51 53.74 -17.89
CA SER E 557 34.89 52.34 -17.73
C SER E 557 36.41 52.18 -17.76
N PRO E 558 36.92 51.10 -17.16
CA PRO E 558 38.31 50.70 -17.36
C PRO E 558 38.57 50.22 -18.78
N LEU E 559 37.51 49.94 -19.52
CA LEU E 559 37.61 49.33 -20.84
C LEU E 559 37.47 50.36 -21.96
N TYR E 560 38.17 50.12 -23.06
CA TYR E 560 37.90 50.83 -24.31
C TYR E 560 38.04 49.89 -25.51
N VAL E 561 37.18 50.07 -26.50
CA VAL E 561 37.27 49.29 -27.73
C VAL E 561 38.41 49.79 -28.60
N ASN E 562 39.38 48.93 -28.86
CA ASN E 562 40.49 49.31 -29.74
C ASN E 562 40.21 49.00 -31.20
N THR E 563 40.28 50.03 -32.03
CA THR E 563 40.05 49.90 -33.47
C THR E 563 41.28 50.32 -34.25
N GLU E 564 42.39 50.49 -33.53
CA GLU E 564 43.65 50.96 -34.12
C GLU E 564 44.65 49.82 -34.19
N LEU E 565 45.45 49.80 -35.25
CA LEU E 565 46.71 49.07 -35.20
C LEU E 565 47.80 49.96 -34.59
N LYS E 566 48.21 49.61 -33.38
CA LYS E 566 49.12 50.44 -32.61
C LYS E 566 50.09 49.60 -31.79
N PRO E 567 51.17 50.22 -31.29
CA PRO E 567 52.03 49.59 -30.30
C PRO E 567 51.28 49.24 -29.03
N TRP E 568 51.54 48.03 -28.55
CA TRP E 568 51.09 47.61 -27.22
C TRP E 568 52.04 48.13 -26.18
N GLU E 569 51.69 49.24 -25.55
CA GLU E 569 52.57 49.87 -24.57
C GLU E 569 52.48 49.24 -23.19
N THR E 570 53.62 49.13 -22.53
CA THR E 570 53.68 48.69 -21.14
C THR E 570 54.53 49.67 -20.34
N ALA E 571 54.17 49.88 -19.08
CA ALA E 571 54.90 50.80 -18.22
C ALA E 571 56.05 50.09 -17.49
N ASP E 572 57.12 50.83 -17.23
CA ASP E 572 58.26 50.30 -16.49
C ASP E 572 58.81 49.04 -17.14
N GLY E 573 59.16 48.05 -16.34
CA GLY E 573 59.69 46.79 -16.84
C GLY E 573 58.62 45.79 -17.24
N LYS E 574 57.36 46.12 -16.95
CA LYS E 574 56.34 45.12 -16.67
C LYS E 574 55.90 44.31 -17.89
N PRO E 575 55.73 43.00 -17.71
CA PRO E 575 55.25 42.17 -18.80
C PRO E 575 53.81 42.52 -19.14
N ARG E 576 53.48 42.49 -20.43
CA ARG E 576 52.09 42.63 -20.84
C ARG E 576 51.24 41.47 -20.33
N ARG E 577 50.01 41.78 -19.93
CA ARG E 577 49.04 40.77 -19.52
C ARG E 577 47.75 40.92 -20.31
N ALA E 578 47.15 39.79 -20.68
CA ALA E 578 45.86 39.80 -21.34
C ALA E 578 44.97 38.65 -20.86
N CYS E 579 43.65 38.81 -21.06
CA CYS E 579 42.71 37.76 -20.73
C CYS E 579 41.99 37.25 -21.98
N VAL E 580 41.53 36.01 -21.92
CA VAL E 580 40.61 35.51 -22.94
C VAL E 580 39.38 34.89 -22.27
N SER E 581 38.21 35.28 -22.74
CA SER E 581 36.96 34.72 -22.24
C SER E 581 36.32 33.84 -23.32
N SER E 582 35.72 32.74 -22.89
CA SER E 582 34.90 31.93 -23.78
C SER E 582 33.69 31.37 -23.02
N PHE E 583 32.50 31.73 -23.48
CA PHE E 583 31.27 31.25 -22.87
C PHE E 583 30.49 30.39 -23.85
N GLY E 584 29.88 29.32 -23.34
CA GLY E 584 29.17 28.38 -24.19
C GLY E 584 27.66 28.56 -24.08
N TYR E 585 26.93 28.06 -25.06
CA TYR E 585 25.47 28.14 -25.04
C TYR E 585 24.86 27.23 -23.97
N SER E 586 25.64 26.25 -23.50
CA SER E 586 25.19 25.35 -22.44
C SER E 586 25.48 25.91 -21.05
N GLY E 587 26.21 27.02 -21.01
CA GLY E 587 26.35 27.79 -19.78
C GLY E 587 27.63 27.53 -19.02
N THR E 588 28.53 26.75 -19.63
CA THR E 588 29.82 26.50 -19.01
C THR E 588 30.87 27.50 -19.49
N ASN E 589 31.39 28.29 -18.56
CA ASN E 589 32.22 29.44 -18.88
C ASN E 589 33.69 29.16 -18.61
N ALA E 590 34.57 29.84 -19.34
CA ALA E 590 36.00 29.75 -19.07
C ALA E 590 36.66 31.11 -19.28
N HIS E 591 37.73 31.34 -18.52
CA HIS E 591 38.45 32.61 -18.58
C HIS E 591 39.87 32.37 -18.16
N ILE E 592 40.83 32.74 -19.00
CA ILE E 592 42.24 32.60 -18.62
C ILE E 592 43.00 33.91 -18.68
N VAL E 593 44.10 33.98 -17.93
CA VAL E 593 44.97 35.14 -17.94
C VAL E 593 46.35 34.76 -18.47
N ILE E 594 46.81 35.52 -19.46
CA ILE E 594 48.08 35.25 -20.13
C ILE E 594 49.07 36.37 -19.84
N GLU E 595 50.31 35.99 -19.53
CA GLU E 595 51.36 36.97 -19.34
C GLU E 595 52.50 36.79 -20.35
N GLU E 596 52.93 37.92 -20.91
CA GLU E 596 54.11 37.94 -21.77
C GLU E 596 55.31 37.28 -21.10
N TYR E 597 56.04 36.47 -21.87
CA TYR E 597 57.28 35.87 -21.38
C TYR E 597 58.50 36.75 -21.67
N GLN E 598 59.31 36.97 -20.65
CA GLN E 598 60.49 37.82 -20.77
C GLN E 598 61.74 36.99 -20.51
N PRO E 599 62.40 36.52 -21.58
CA PRO E 599 63.58 35.68 -21.46
C PRO E 599 64.80 36.46 -20.99
N GLU E 600 65.73 35.76 -20.33
CA GLU E 600 66.90 36.38 -19.73
C GLU E 600 67.86 36.92 -20.79
N SER E 612 79.18 29.58 -41.51
CA SER E 612 78.19 28.80 -42.23
C SER E 612 77.38 27.90 -41.30
N ALA E 613 76.10 27.71 -41.64
CA ALA E 613 75.27 26.74 -40.93
C ALA E 613 74.78 25.67 -41.89
N LEU E 614 74.52 24.47 -41.37
CA LEU E 614 74.09 23.36 -42.20
C LEU E 614 72.57 23.19 -42.15
N PHE E 615 71.92 23.45 -43.27
CA PHE E 615 70.46 23.39 -43.34
C PHE E 615 70.00 22.04 -43.88
N VAL E 616 69.17 21.34 -43.11
CA VAL E 616 68.62 20.06 -43.56
C VAL E 616 67.10 20.09 -43.64
N LEU E 617 66.56 19.43 -44.66
CA LEU E 617 65.12 19.27 -44.82
C LEU E 617 64.78 17.84 -45.24
N SER E 618 63.61 17.36 -44.85
CA SER E 618 63.18 16.03 -45.23
C SER E 618 61.66 15.87 -45.22
N ALA E 619 61.17 14.96 -46.06
CA ALA E 619 59.74 14.68 -46.18
C ALA E 619 59.51 13.22 -46.54
N LYS E 620 58.26 12.78 -46.47
CA LYS E 620 57.93 11.38 -46.74
C LYS E 620 57.78 11.12 -48.23
N LYS E 621 57.52 12.17 -48.99
CA LYS E 621 57.51 12.11 -50.46
C LYS E 621 58.30 13.28 -51.03
N GLU E 622 58.84 13.11 -52.23
CA GLU E 622 59.65 14.15 -52.85
C GLU E 622 58.82 15.40 -53.12
N LYS E 623 57.55 15.20 -53.49
CA LYS E 623 56.64 16.30 -53.75
C LYS E 623 56.46 17.20 -52.53
N GLN E 624 56.40 16.59 -51.36
CA GLN E 624 56.26 17.32 -50.09
C GLN E 624 57.57 17.97 -49.66
N LEU E 625 58.69 17.34 -50.01
CA LEU E 625 59.99 17.97 -49.80
C LEU E 625 60.09 19.28 -50.58
N LYS E 626 59.65 19.26 -51.83
CA LYS E 626 59.62 20.45 -52.66
C LYS E 626 58.72 21.52 -52.05
N ALA E 627 57.55 21.09 -51.57
CA ALA E 627 56.64 21.98 -50.86
C ALA E 627 57.27 22.53 -49.59
N TYR E 628 58.07 21.71 -48.92
CA TYR E 628 58.76 22.13 -47.70
C TYR E 628 59.77 23.23 -48.00
N ALA E 629 60.57 23.03 -49.04
CA ALA E 629 61.56 24.02 -49.45
C ALA E 629 60.89 25.34 -49.84
N GLU E 630 59.74 25.26 -50.49
CA GLU E 630 58.98 26.44 -50.87
C GLU E 630 58.49 27.20 -49.65
N ALA E 631 57.97 26.48 -48.66
CA ALA E 631 57.50 27.08 -47.43
C ALA E 631 58.64 27.75 -46.66
N MET E 632 59.81 27.12 -46.66
CA MET E 632 60.97 27.67 -45.97
C MET E 632 61.48 28.93 -46.65
N LYS E 633 61.49 28.92 -47.97
CA LYS E 633 61.94 30.08 -48.75
C LYS E 633 61.04 31.28 -48.51
N ASP E 634 59.74 31.06 -48.57
CA ASP E 634 58.75 32.09 -48.25
C ASP E 634 58.98 32.63 -46.84
N PHE E 635 59.21 31.71 -45.91
CA PHE E 635 59.37 32.09 -44.51
C PHE E 635 60.60 32.96 -44.32
N VAL E 636 61.70 32.56 -44.94
CA VAL E 636 62.96 33.31 -44.86
C VAL E 636 62.84 34.65 -45.55
N THR E 637 62.21 34.64 -46.72
CA THR E 637 61.93 35.86 -47.45
C THR E 637 61.14 36.87 -46.62
N SER E 638 60.16 36.40 -45.87
CA SER E 638 59.27 37.28 -45.12
C SER E 638 59.88 37.74 -43.81
N ASN E 639 60.82 36.95 -43.29
CA ASN E 639 61.39 37.19 -41.98
C ASN E 639 62.86 37.55 -42.08
N GLU E 640 63.14 38.83 -42.32
CA GLU E 640 64.48 39.26 -42.69
C GLU E 640 65.48 39.13 -41.53
N ASP E 641 64.96 38.97 -40.31
CA ASP E 641 65.81 38.97 -39.13
C ASP E 641 66.03 37.59 -38.51
N ILE E 642 65.71 36.53 -39.25
CA ILE E 642 65.83 35.18 -38.71
C ILE E 642 67.27 34.85 -38.34
N ASP E 643 67.45 34.28 -37.15
CA ASP E 643 68.74 33.78 -36.71
C ASP E 643 69.06 32.45 -37.41
N LEU E 644 70.05 32.49 -38.29
CA LEU E 644 70.34 31.35 -39.16
C LEU E 644 70.77 30.11 -38.38
N GLU E 645 71.52 30.34 -37.30
CA GLU E 645 72.04 29.25 -36.49
C GLU E 645 70.93 28.55 -35.72
N ASP E 646 70.00 29.35 -35.20
CA ASP E 646 68.82 28.82 -34.52
C ASP E 646 67.99 27.99 -35.49
N MET E 647 67.82 28.53 -36.70
CA MET E 647 67.00 27.87 -37.71
C MET E 647 67.59 26.52 -38.10
N ALA E 648 68.88 26.50 -38.39
CA ALA E 648 69.54 25.24 -38.76
C ALA E 648 69.40 24.23 -37.62
N TYR E 649 69.66 24.70 -36.41
CA TYR E 649 69.60 23.86 -35.23
C TYR E 649 68.23 23.20 -35.09
N THR E 650 67.19 23.99 -35.37
CA THR E 650 65.81 23.52 -35.25
C THR E 650 65.52 22.46 -36.31
N LEU E 651 66.05 22.67 -37.51
CA LEU E 651 65.85 21.72 -38.60
C LEU E 651 66.60 20.43 -38.29
N GLN E 652 67.74 20.57 -37.62
CA GLN E 652 68.55 19.40 -37.25
C GLN E 652 67.84 18.59 -36.17
N THR E 653 67.55 19.26 -35.05
CA THR E 653 67.16 18.58 -33.82
C THR E 653 65.66 18.62 -33.61
N GLY E 654 64.98 19.50 -34.32
CA GLY E 654 63.57 19.77 -34.09
C GLY E 654 62.65 19.19 -35.15
N ARG E 655 63.21 18.42 -36.06
CA ARG E 655 62.44 17.72 -37.08
C ARG E 655 62.88 16.27 -37.24
N GLU E 656 61.92 15.39 -37.51
CA GLU E 656 62.22 14.00 -37.87
C GLU E 656 62.89 13.89 -39.24
N ALA E 657 64.01 13.16 -39.28
CA ALA E 657 64.65 12.87 -40.56
C ALA E 657 63.84 11.84 -41.32
N MET E 658 63.15 12.29 -42.37
CA MET E 658 62.34 11.39 -43.19
C MET E 658 63.08 10.96 -44.45
N ASP E 659 62.39 10.23 -45.33
CA ASP E 659 63.08 9.40 -46.31
C ASP E 659 63.64 10.16 -47.51
N TYR E 660 62.97 11.23 -47.90
CA TYR E 660 63.48 12.12 -48.93
C TYR E 660 64.15 13.35 -48.31
N ARG E 661 65.42 13.54 -48.60
CA ARG E 661 66.23 14.52 -47.89
C ARG E 661 66.99 15.47 -48.81
N MET E 662 67.11 16.72 -48.37
CA MET E 662 68.06 17.66 -48.98
C MET E 662 68.78 18.44 -47.89
N ALA E 663 69.95 18.97 -48.23
CA ALA E 663 70.76 19.73 -47.29
C ALA E 663 71.72 20.66 -48.03
N PHE E 664 72.07 21.77 -47.37
CA PHE E 664 72.95 22.76 -47.97
C PHE E 664 73.57 23.66 -46.90
N LEU E 665 74.67 24.32 -47.27
CA LEU E 665 75.30 25.30 -46.40
C LEU E 665 74.89 26.71 -46.82
N ALA E 666 74.80 27.59 -45.83
CA ALA E 666 74.61 29.02 -46.09
C ALA E 666 75.12 29.80 -44.88
N ASP E 667 75.71 30.96 -45.14
CA ASP E 667 76.15 31.85 -44.07
C ASP E 667 75.41 33.18 -44.08
N SER E 668 74.44 33.33 -44.97
CA SER E 668 73.60 34.52 -45.00
C SER E 668 72.21 34.25 -45.55
N ARG E 669 71.27 35.14 -45.21
CA ARG E 669 69.89 35.03 -45.65
C ARG E 669 69.81 34.91 -47.16
N GLU E 670 70.61 35.72 -47.84
CA GLU E 670 70.62 35.77 -49.30
C GLU E 670 71.10 34.44 -49.87
N MET E 671 72.13 33.88 -49.23
CA MET E 671 72.70 32.60 -49.64
C MET E 671 71.70 31.45 -49.43
N LEU E 672 71.03 31.50 -48.29
CA LEU E 672 69.98 30.53 -47.96
C LEU E 672 68.86 30.54 -48.99
N ILE E 673 68.37 31.74 -49.31
CA ILE E 673 67.30 31.92 -50.28
C ILE E 673 67.72 31.40 -51.65
N LYS E 674 68.95 31.69 -52.04
CA LYS E 674 69.44 31.25 -53.35
C LYS E 674 69.54 29.74 -53.44
N ALA E 675 70.02 29.11 -52.38
CA ALA E 675 70.13 27.65 -52.34
C ALA E 675 68.78 26.99 -52.57
N LEU E 676 67.77 27.46 -51.85
CA LEU E 676 66.41 26.94 -51.98
C LEU E 676 65.85 27.18 -53.37
N ASP E 677 66.13 28.36 -53.91
CA ASP E 677 65.77 28.67 -55.29
C ASP E 677 66.43 27.69 -56.26
N ASP E 678 67.73 27.50 -56.10
CA ASP E 678 68.48 26.58 -56.95
C ASP E 678 67.91 25.16 -56.87
N TYR E 679 67.63 24.72 -55.64
CA TYR E 679 67.00 23.43 -55.43
C TYR E 679 65.67 23.30 -56.17
N LEU E 680 64.79 24.29 -56.00
CA LEU E 680 63.47 24.27 -56.61
C LEU E 680 63.52 24.34 -58.13
N ALA E 681 64.46 25.14 -58.64
CA ALA E 681 64.61 25.32 -60.08
C ALA E 681 65.41 24.19 -60.72
N GLU E 682 65.91 23.30 -59.88
CA GLU E 682 66.77 22.20 -60.32
C GLU E 682 68.02 22.70 -61.06
N MET E 683 68.50 23.87 -60.69
CA MET E 683 69.67 24.46 -61.33
C MET E 683 70.94 24.23 -60.51
N PRO E 684 71.96 23.64 -61.16
CA PRO E 684 73.10 23.07 -60.46
C PRO E 684 73.75 24.02 -59.44
N ASN E 685 73.98 23.49 -58.25
CA ASN E 685 74.58 24.23 -57.16
C ASN E 685 75.42 23.25 -56.34
N GLY E 686 76.73 23.48 -56.30
CA GLY E 686 77.67 22.50 -55.76
C GLY E 686 77.56 22.31 -54.26
N SER E 687 76.78 23.17 -53.60
CA SER E 687 76.63 23.08 -52.16
C SER E 687 75.28 22.49 -51.76
N ILE E 688 74.50 22.07 -52.76
CA ILE E 688 73.23 21.41 -52.49
C ILE E 688 73.36 19.90 -52.62
N PHE E 689 72.85 19.19 -51.61
CA PHE E 689 72.82 17.72 -51.61
C PHE E 689 71.40 17.21 -51.42
N ALA E 690 71.07 16.13 -52.11
CA ALA E 690 69.75 15.52 -52.05
C ALA E 690 69.82 14.02 -52.33
N ALA E 691 69.00 13.25 -51.63
CA ALA E 691 68.88 11.82 -51.89
C ALA E 691 67.58 11.23 -51.36
N HIS E 692 67.17 10.10 -51.93
CA HIS E 692 66.19 9.22 -51.29
C HIS E 692 66.90 8.15 -50.53
N VAL E 693 66.63 8.08 -49.23
CA VAL E 693 67.44 7.28 -48.31
C VAL E 693 67.45 5.80 -48.65
N LYS E 694 66.33 5.32 -49.19
CA LYS E 694 66.17 3.90 -49.51
C LYS E 694 67.08 3.45 -50.64
N THR E 695 67.58 4.42 -51.40
CA THR E 695 68.38 4.14 -52.58
C THR E 695 69.88 4.17 -52.27
N LYS E 696 70.21 4.59 -51.05
CA LYS E 696 71.58 4.92 -50.67
C LYS E 696 72.03 4.17 -49.43
N LYS E 697 71.50 2.95 -49.25
CA LYS E 697 71.90 2.12 -48.11
C LYS E 697 73.34 1.66 -48.18
N SER E 698 73.76 1.14 -49.34
CA SER E 698 75.10 0.61 -49.54
C SER E 698 76.20 1.64 -49.37
N GLU E 699 75.93 2.87 -49.79
CA GLU E 699 76.90 3.95 -49.78
C GLU E 699 77.15 4.48 -48.37
N ILE E 700 76.33 4.03 -47.43
CA ILE E 700 76.36 4.54 -46.06
C ILE E 700 76.88 3.49 -45.09
N LYS E 701 76.73 2.23 -45.47
CA LYS E 701 77.03 1.11 -44.58
C LYS E 701 78.42 1.18 -43.98
N LEU E 702 79.38 1.66 -44.78
CA LEU E 702 80.77 1.80 -44.34
C LEU E 702 80.91 2.63 -43.07
N PHE E 703 80.11 3.69 -42.94
CA PHE E 703 80.20 4.58 -41.80
C PHE E 703 79.42 4.10 -40.58
N GLU E 704 78.66 3.02 -40.77
CA GLU E 704 77.82 2.47 -39.72
C GLU E 704 78.46 1.29 -39.00
N THR E 705 79.40 0.63 -39.66
CA THR E 705 79.94 -0.64 -39.17
C THR E 705 81.44 -0.57 -38.86
N ASP E 706 82.20 0.09 -39.73
CA ASP E 706 83.64 0.25 -39.55
C ASP E 706 83.95 1.18 -38.39
N HIS E 707 84.93 0.81 -37.58
CA HIS E 707 85.30 1.59 -36.40
C HIS E 707 86.07 2.83 -36.72
N ASP E 708 86.88 2.77 -37.77
CA ASP E 708 87.72 3.90 -38.16
C ASP E 708 86.95 4.91 -39.01
N ALA E 709 85.96 4.42 -39.75
CA ALA E 709 85.05 5.27 -40.51
C ALA E 709 84.16 6.08 -39.58
N LYS E 710 83.65 5.43 -38.53
CA LYS E 710 82.93 6.10 -37.46
C LYS E 710 83.77 7.16 -36.77
N ALA E 711 85.03 6.86 -36.51
CA ALA E 711 85.94 7.80 -35.88
C ALA E 711 86.25 9.00 -36.78
N LEU E 712 86.31 8.74 -38.08
CA LEU E 712 86.46 9.80 -39.07
C LEU E 712 85.21 10.66 -39.22
N LEU E 713 84.05 10.03 -39.24
CA LEU E 713 82.78 10.76 -39.21
C LEU E 713 82.66 11.61 -37.95
N GLN E 714 83.04 11.04 -36.80
CA GLN E 714 82.98 11.77 -35.54
C GLN E 714 83.95 12.95 -35.53
N THR E 715 85.13 12.78 -36.11
CA THR E 715 86.06 13.89 -36.27
C THR E 715 85.52 14.98 -37.19
N TRP E 716 84.84 14.57 -38.27
CA TRP E 716 84.24 15.50 -39.22
C TRP E 716 83.23 16.38 -38.53
N ILE E 717 82.31 15.76 -37.79
CA ILE E 717 81.24 16.47 -37.09
C ILE E 717 81.83 17.44 -36.06
N GLU E 718 82.93 17.03 -35.43
CA GLU E 718 83.54 17.79 -34.36
C GLU E 718 84.32 18.98 -34.89
N LYS E 719 84.89 18.84 -36.09
CA LYS E 719 85.62 19.94 -36.71
C LYS E 719 84.75 20.73 -37.68
N LYS E 720 83.46 20.40 -37.74
CA LYS E 720 82.49 21.18 -38.49
C LYS E 720 82.75 21.14 -39.99
N ARG E 721 83.03 19.95 -40.51
CA ARG E 721 83.24 19.76 -41.94
C ARG E 721 81.90 19.54 -42.65
N LEU E 722 81.16 20.63 -42.82
CA LEU E 722 79.72 20.56 -43.00
C LEU E 722 79.34 19.89 -44.32
N GLU E 723 80.13 20.14 -45.36
CA GLU E 723 79.88 19.53 -46.67
C GLU E 723 79.81 18.01 -46.53
N LYS E 724 80.75 17.46 -45.78
CA LYS E 724 80.86 16.02 -45.61
C LYS E 724 79.69 15.47 -44.79
N VAL E 725 79.38 16.15 -43.70
CA VAL E 725 78.22 15.81 -42.88
C VAL E 725 76.95 15.83 -43.71
N ALA E 726 76.83 16.86 -44.55
CA ALA E 726 75.66 17.05 -45.40
C ALA E 726 75.44 15.91 -46.37
N GLU E 727 76.49 15.56 -47.12
CA GLU E 727 76.41 14.49 -48.11
C GLU E 727 75.95 13.18 -47.49
N LEU E 728 76.50 12.87 -46.32
CA LEU E 728 76.18 11.61 -45.65
C LEU E 728 74.77 11.63 -45.10
N TRP E 729 74.39 12.75 -44.50
CA TRP E 729 73.07 12.87 -43.88
C TRP E 729 71.96 12.66 -44.86
N VAL E 730 72.05 13.27 -46.05
CA VAL E 730 71.01 13.11 -47.05
C VAL E 730 70.89 11.68 -47.55
N LYS E 731 71.99 10.92 -47.44
CA LYS E 731 72.00 9.54 -47.90
C LYS E 731 71.47 8.57 -46.84
N GLY E 732 71.32 9.07 -45.62
CA GLY E 732 70.59 8.35 -44.58
C GLY E 732 71.42 8.11 -43.34
N LEU E 733 72.65 8.61 -43.33
CA LEU E 733 73.51 8.43 -42.18
C LEU E 733 72.99 9.20 -40.97
N GLN E 734 72.90 8.53 -39.83
CA GLN E 734 72.53 9.18 -38.59
C GLN E 734 73.66 10.06 -38.08
N ILE E 735 73.33 11.34 -37.89
CA ILE E 735 74.31 12.30 -37.40
C ILE E 735 73.95 12.67 -35.96
N ASP E 736 74.97 12.70 -35.09
CA ASP E 736 74.80 13.18 -33.73
C ASP E 736 74.98 14.70 -33.70
N TRP E 737 73.87 15.42 -33.84
CA TRP E 737 73.89 16.87 -34.04
C TRP E 737 74.49 17.62 -32.90
N ASN E 738 74.32 17.11 -31.69
CA ASN E 738 74.86 17.73 -30.49
C ASN E 738 76.37 17.95 -30.58
N LYS E 739 77.04 17.03 -31.26
CA LYS E 739 78.49 17.08 -31.40
C LYS E 739 78.92 18.27 -32.26
N LEU E 740 77.97 18.85 -32.99
CA LEU E 740 78.26 19.98 -33.88
C LEU E 740 78.51 21.25 -33.08
N TYR E 741 78.17 21.21 -31.80
CA TYR E 741 78.14 22.40 -30.98
C TYR E 741 78.96 22.21 -29.71
N GLY E 742 79.77 23.21 -29.37
CA GLY E 742 80.70 23.11 -28.26
C GLY E 742 80.27 23.93 -27.05
N GLU E 743 80.86 25.12 -26.93
CA GLU E 743 80.54 26.03 -25.83
C GLU E 743 79.17 26.67 -26.05
N TYR E 744 78.84 26.89 -27.32
CA TYR E 744 77.61 27.57 -27.70
C TYR E 744 76.66 26.61 -28.40
N THR E 745 75.47 26.44 -27.82
CA THR E 745 74.37 25.75 -28.48
C THR E 745 73.31 26.78 -28.88
N PRO E 746 72.86 26.72 -30.14
CA PRO E 746 71.74 27.56 -30.55
C PRO E 746 70.42 27.10 -29.93
N ARG E 747 69.33 27.80 -30.25
CA ARG E 747 68.05 27.51 -29.64
C ARG E 747 66.97 27.16 -30.67
N ARG E 748 66.07 26.25 -30.30
CA ARG E 748 64.93 25.93 -31.15
C ARG E 748 64.06 27.17 -31.34
N ILE E 749 63.57 27.37 -32.56
CA ILE E 749 62.64 28.45 -32.83
C ILE E 749 61.48 27.99 -33.71
N SER E 750 60.49 28.86 -33.86
CA SER E 750 59.32 28.55 -34.67
C SER E 750 59.69 28.57 -36.15
N LEU E 751 59.41 27.46 -36.83
CA LEU E 751 59.54 27.41 -38.28
C LEU E 751 58.28 26.78 -38.87
N PRO E 752 58.05 26.94 -40.17
CA PRO E 752 56.98 26.24 -40.86
C PRO E 752 57.02 24.74 -40.62
N ALA E 753 55.85 24.15 -40.40
CA ALA E 753 55.75 22.73 -40.11
C ALA E 753 55.50 21.93 -41.38
N TYR E 754 55.40 20.60 -41.25
CA TYR E 754 55.26 19.73 -42.41
C TYR E 754 54.16 20.20 -43.35
N PRO E 755 54.45 20.17 -44.66
CA PRO E 755 53.43 20.53 -45.65
C PRO E 755 52.70 19.30 -46.19
N PHE E 756 51.60 18.93 -45.53
CA PHE E 756 50.92 17.67 -45.83
C PHE E 756 50.50 17.58 -47.29
N ALA E 757 50.53 16.38 -47.84
CA ALA E 757 49.96 16.13 -49.16
C ALA E 757 48.50 16.58 -49.19
N GLU E 758 48.12 17.25 -50.27
CA GLU E 758 46.80 17.88 -50.32
C GLU E 758 45.78 17.04 -51.09
N GLU E 759 45.58 15.82 -50.61
CA GLU E 759 44.78 14.82 -51.32
C GLU E 759 43.32 14.88 -50.90
N TYR E 760 42.43 14.79 -51.88
CA TYR E 760 41.01 15.01 -51.65
C TYR E 760 40.31 13.72 -51.21
N TYR E 761 39.66 13.75 -50.05
CA TYR E 761 38.85 12.63 -49.61
C TYR E 761 37.51 13.13 -49.10
N TRP E 762 36.44 12.54 -49.61
CA TRP E 762 35.09 12.84 -49.12
C TRP E 762 34.25 11.60 -49.09
N LEU E 763 32.95 11.77 -48.97
CA LEU E 763 32.05 10.65 -48.74
C LEU E 763 32.20 9.55 -49.79
N PRO E 764 32.24 8.28 -49.35
CA PRO E 764 32.42 7.17 -50.28
C PRO E 764 31.16 6.86 -51.07
N ASP F 176 42.74 16.13 -0.02
CA ASP F 176 43.14 14.76 0.39
C ASP F 176 42.10 13.72 -0.01
N ALA F 177 41.31 13.26 0.96
CA ALA F 177 40.31 12.25 0.70
C ALA F 177 39.00 12.87 0.22
N ILE F 178 38.33 12.17 -0.69
CA ILE F 178 37.02 12.61 -1.18
C ILE F 178 35.93 11.68 -0.69
N ALA F 179 34.91 12.25 -0.04
CA ALA F 179 33.79 11.48 0.46
C ALA F 179 32.70 11.35 -0.60
N ILE F 180 32.13 10.15 -0.73
CA ILE F 180 30.93 9.94 -1.52
C ILE F 180 29.71 9.97 -0.60
N VAL F 181 28.89 11.01 -0.73
CA VAL F 181 27.86 11.32 0.26
C VAL F 181 26.44 11.12 -0.27
N GLY F 182 26.34 10.83 -1.57
CA GLY F 182 25.06 10.51 -2.19
C GLY F 182 25.25 9.60 -3.39
N MET F 183 24.30 8.69 -3.61
CA MET F 183 24.30 7.88 -4.82
C MET F 183 22.89 7.55 -5.31
N SER F 184 22.78 7.37 -6.62
CA SER F 184 21.55 6.88 -7.23
C SER F 184 21.91 6.10 -8.47
N GLY F 185 21.13 5.06 -8.76
CA GLY F 185 21.47 4.10 -9.80
C GLY F 185 20.24 3.48 -10.43
N ARG F 186 20.32 3.24 -11.74
CA ARG F 186 19.24 2.60 -12.47
C ARG F 186 19.83 1.70 -13.55
N TYR F 187 19.81 0.40 -13.27
CA TYR F 187 20.53 -0.58 -14.08
C TYR F 187 19.59 -1.72 -14.48
N PRO F 188 20.03 -2.57 -15.42
CA PRO F 188 19.18 -3.68 -15.84
C PRO F 188 18.71 -4.50 -14.64
N GLY F 189 17.40 -4.64 -14.48
CA GLY F 189 16.84 -5.42 -13.39
C GLY F 189 16.77 -4.69 -12.06
N ALA F 190 17.17 -3.42 -12.06
CA ALA F 190 17.25 -2.66 -10.82
C ALA F 190 16.84 -1.21 -11.01
N ARG F 191 15.70 -0.85 -10.43
CA ARG F 191 15.15 0.50 -10.57
C ARG F 191 15.89 1.48 -9.65
N ASN F 192 16.57 0.92 -8.65
CA ASN F 192 17.36 1.73 -7.72
C ASN F 192 18.47 0.90 -7.09
N VAL F 193 19.26 1.56 -6.24
CA VAL F 193 20.49 0.99 -5.70
C VAL F 193 20.22 -0.10 -4.68
N ARG F 194 19.03 -0.08 -4.08
CA ARG F 194 18.62 -1.11 -3.15
C ARG F 194 18.25 -2.42 -3.85
N GLU F 195 17.55 -2.32 -4.96
CA GLU F 195 17.28 -3.47 -5.83
C GLU F 195 18.55 -4.01 -6.48
N TYR F 196 19.43 -3.10 -6.88
CA TYR F 196 20.75 -3.42 -7.41
C TYR F 196 21.51 -4.32 -6.44
N TRP F 197 21.61 -3.87 -5.19
CA TRP F 197 22.26 -4.63 -4.13
C TRP F 197 21.64 -5.98 -3.96
N ASP F 198 20.31 -6.02 -3.88
CA ASP F 198 19.58 -7.26 -3.71
C ASP F 198 19.87 -8.25 -4.84
N ASN F 199 19.89 -7.74 -6.07
CA ASN F 199 20.25 -8.55 -7.24
C ASN F 199 21.66 -9.11 -7.18
N LEU F 200 22.61 -8.30 -6.71
CA LEU F 200 24.00 -8.72 -6.58
C LEU F 200 24.19 -9.79 -5.52
N VAL F 201 23.55 -9.60 -4.36
CA VAL F 201 23.57 -10.57 -3.28
C VAL F 201 23.03 -11.93 -3.71
N HIS F 202 21.99 -11.92 -4.54
CA HIS F 202 21.35 -13.14 -5.00
C HIS F 202 21.89 -13.63 -6.32
N ALA F 203 23.01 -13.07 -6.75
CA ALA F 203 23.69 -13.49 -7.98
C ALA F 203 22.76 -13.53 -9.20
N ARG F 204 21.95 -12.49 -9.35
CA ARG F 204 20.97 -12.45 -10.43
C ARG F 204 21.54 -11.85 -11.71
N ASN F 205 21.16 -12.44 -12.85
CA ASN F 205 21.60 -11.99 -14.16
C ASN F 205 20.46 -11.32 -14.90
N ALA F 206 20.67 -10.08 -15.33
CA ALA F 206 19.57 -9.26 -15.82
C ALA F 206 19.50 -9.22 -17.34
N ILE F 207 20.36 -10.01 -17.98
CA ILE F 207 20.44 -10.04 -19.44
C ILE F 207 19.22 -10.74 -20.02
N ARG F 208 18.53 -10.07 -20.92
CA ARG F 208 17.36 -10.66 -21.59
C ARG F 208 17.47 -10.56 -23.10
N ASP F 209 16.65 -11.35 -23.79
CA ASP F 209 16.48 -11.20 -25.23
C ASP F 209 15.87 -9.85 -25.55
N ILE F 210 16.40 -9.20 -26.59
CA ILE F 210 15.87 -7.93 -27.07
C ILE F 210 14.49 -8.11 -27.67
N PRO F 211 13.46 -7.50 -27.07
CA PRO F 211 12.10 -7.65 -27.57
C PRO F 211 11.86 -6.81 -28.83
N THR F 212 10.75 -7.10 -29.51
CA THR F 212 10.41 -6.43 -30.75
C THR F 212 9.96 -4.98 -30.51
N SER F 213 9.52 -4.70 -29.29
CA SER F 213 9.14 -3.34 -28.90
C SER F 213 10.34 -2.39 -28.91
N ARG F 214 11.54 -2.94 -28.87
CA ARG F 214 12.76 -2.15 -29.05
C ARG F 214 13.19 -2.14 -30.52
N TRP F 215 13.58 -3.31 -31.02
CA TRP F 215 13.60 -3.56 -32.45
C TRP F 215 13.52 -5.05 -32.74
N ASP F 216 13.26 -5.37 -34.00
CA ASP F 216 13.07 -6.76 -34.42
C ASP F 216 14.40 -7.44 -34.75
N VAL F 217 14.87 -8.28 -33.84
CA VAL F 217 16.12 -8.99 -34.02
C VAL F 217 16.00 -10.05 -35.11
N CYS F 233 24.24 -11.22 -32.01
CA CYS F 233 23.79 -11.17 -30.63
C CYS F 233 22.35 -10.65 -30.54
N LYS F 234 21.53 -11.36 -29.78
CA LYS F 234 20.12 -10.99 -29.64
C LYS F 234 19.78 -10.59 -28.20
N SER F 235 20.82 -10.31 -27.42
CA SER F 235 20.67 -10.07 -25.99
C SER F 235 21.14 -8.69 -25.55
N MET F 236 20.53 -8.17 -24.50
CA MET F 236 20.91 -6.88 -23.94
C MET F 236 20.57 -6.79 -22.45
N GLY F 237 21.42 -6.12 -21.69
CA GLY F 237 21.06 -5.62 -20.37
C GLY F 237 20.24 -4.35 -20.50
N MET F 238 18.92 -4.48 -20.38
CA MET F 238 18.01 -3.39 -20.72
C MET F 238 17.43 -2.71 -19.48
N LEU F 239 17.31 -1.39 -19.56
CA LEU F 239 16.44 -0.65 -18.65
C LEU F 239 14.99 -0.82 -19.04
N ASP F 240 14.09 -0.67 -18.07
CA ASP F 240 12.66 -0.68 -18.33
C ASP F 240 12.09 0.73 -18.46
N ASP F 241 11.20 0.91 -19.42
CA ASP F 241 10.45 2.16 -19.57
C ASP F 241 11.35 3.38 -19.72
N ILE F 242 12.21 3.34 -20.73
CA ILE F 242 13.18 4.40 -20.98
C ILE F 242 12.49 5.64 -21.51
N GLU F 243 11.19 5.52 -21.80
CA GLU F 243 10.42 6.63 -22.34
C GLU F 243 9.82 7.50 -21.24
N HIS F 244 9.82 6.98 -20.01
CA HIS F 244 9.13 7.64 -18.91
C HIS F 244 9.89 8.81 -18.37
N PHE F 245 9.20 9.92 -18.13
CA PHE F 245 9.81 11.15 -17.64
C PHE F 245 8.76 11.97 -16.90
N ASP F 246 9.22 12.84 -16.00
CA ASP F 246 8.34 13.75 -15.28
C ASP F 246 8.70 15.21 -15.60
N PRO F 247 8.34 15.69 -16.79
CA PRO F 247 8.86 16.97 -17.28
C PRO F 247 8.37 18.16 -16.45
N LEU F 248 7.16 18.03 -15.89
CA LEU F 248 6.58 19.10 -15.09
C LEU F 248 7.39 19.36 -13.82
N PHE F 249 7.87 18.29 -13.20
CA PHE F 249 8.77 18.40 -12.07
C PHE F 249 9.95 19.31 -12.38
N PHE F 250 10.44 19.23 -13.62
CA PHE F 250 11.66 19.91 -14.01
C PHE F 250 11.38 21.20 -14.77
N ASN F 251 10.14 21.67 -14.68
CA ASN F 251 9.72 22.89 -15.36
C ASN F 251 9.95 22.83 -16.87
N ILE F 252 9.80 21.62 -17.42
CA ILE F 252 9.94 21.40 -18.85
C ILE F 252 8.55 21.18 -19.44
N PRO F 253 8.23 21.91 -20.53
CA PRO F 253 6.96 21.69 -21.24
C PRO F 253 6.87 20.27 -21.77
N PRO F 254 5.74 19.58 -21.54
CA PRO F 254 5.56 18.21 -21.99
C PRO F 254 5.95 17.98 -23.45
N SER F 255 5.75 19.00 -24.28
CA SER F 255 6.06 18.89 -25.70
C SER F 255 7.56 18.91 -25.99
N GLU F 256 8.31 19.58 -25.11
CA GLU F 256 9.78 19.56 -25.20
C GLU F 256 10.34 18.19 -24.83
N ALA F 257 9.62 17.48 -23.98
CA ALA F 257 10.08 16.19 -23.46
C ALA F 257 10.23 15.15 -24.58
N GLU F 258 9.33 15.21 -25.56
CA GLU F 258 9.41 14.35 -26.74
C GLU F 258 10.68 14.61 -27.54
N LEU F 259 11.20 15.84 -27.44
CA LEU F 259 12.35 16.24 -28.23
C LEU F 259 13.67 16.04 -27.47
N MET F 260 13.57 15.50 -26.27
CA MET F 260 14.75 15.25 -25.43
C MET F 260 15.22 13.80 -25.56
N ASP F 261 16.50 13.63 -25.90
CA ASP F 261 17.19 12.36 -25.68
C ASP F 261 16.84 11.80 -24.31
N PRO F 262 16.32 10.56 -24.27
CA PRO F 262 15.97 9.94 -23.00
C PRO F 262 17.18 9.73 -22.10
N GLN F 263 18.37 9.72 -22.70
CA GLN F 263 19.60 9.72 -21.93
C GLN F 263 19.67 10.97 -21.05
N HIS F 264 19.29 12.11 -21.61
CA HIS F 264 19.22 13.35 -20.85
C HIS F 264 18.20 13.25 -19.76
N ARG F 265 17.02 12.74 -20.11
CA ARG F 265 15.88 12.73 -19.23
C ARG F 265 16.15 11.83 -18.02
N ILE F 266 16.67 10.63 -18.30
CA ILE F 266 16.92 9.66 -17.25
C ILE F 266 18.02 10.11 -16.30
N PHE F 267 19.07 10.71 -16.84
CA PHE F 267 20.16 11.20 -15.98
C PHE F 267 19.68 12.35 -15.11
N LEU F 268 18.90 13.25 -15.70
CA LEU F 268 18.29 14.36 -14.96
C LEU F 268 17.59 13.83 -13.72
N GLN F 269 16.89 12.72 -13.89
CA GLN F 269 16.15 12.10 -12.78
C GLN F 269 17.11 11.46 -11.77
N GLU F 270 18.05 10.67 -12.26
CA GLU F 270 18.97 9.95 -11.39
C GLU F 270 19.91 10.90 -10.67
N GLY F 271 20.43 11.89 -11.40
CA GLY F 271 21.25 12.94 -10.81
C GLY F 271 20.52 13.61 -9.65
N TYR F 272 19.29 14.03 -9.90
CA TYR F 272 18.51 14.73 -8.88
C TYR F 272 18.36 13.86 -7.64
N LYS F 273 18.10 12.58 -7.88
CA LYS F 273 17.85 11.62 -6.79
C LYS F 273 19.11 11.37 -5.98
N ALA F 274 20.27 11.48 -6.63
CA ALA F 274 21.55 11.36 -5.93
C ALA F 274 21.69 12.46 -4.89
N PHE F 275 21.31 13.68 -5.26
CA PHE F 275 21.32 14.80 -4.34
C PHE F 275 20.38 14.54 -3.16
N GLU F 276 19.17 14.05 -3.45
CA GLU F 276 18.20 13.77 -2.41
C GLU F 276 18.66 12.64 -1.50
N ASP F 277 19.33 11.66 -2.10
CA ASP F 277 19.94 10.57 -1.33
C ASP F 277 20.92 11.13 -0.29
N ALA F 278 21.75 12.08 -0.71
CA ALA F 278 22.70 12.72 0.19
C ALA F 278 22.00 13.59 1.24
N GLY F 279 20.77 14.01 0.93
CA GLY F 279 19.99 14.80 1.88
C GLY F 279 20.01 16.28 1.58
N TYR F 280 20.25 16.61 0.31
CA TYR F 280 20.24 18.01 -0.13
C TYR F 280 19.04 18.28 -1.02
N ASN F 281 18.55 19.51 -0.98
CA ASN F 281 17.38 19.89 -1.77
C ASN F 281 17.57 21.19 -2.52
N ALA F 282 16.59 21.55 -3.34
CA ALA F 282 16.70 22.70 -4.23
C ALA F 282 17.21 23.92 -3.47
N ARG F 283 16.68 24.10 -2.26
CA ARG F 283 17.02 25.25 -1.44
C ARG F 283 18.49 25.22 -1.05
N THR F 284 18.96 24.07 -0.60
CA THR F 284 20.30 23.95 -0.04
C THR F 284 21.36 23.85 -1.12
N LEU F 285 20.94 23.60 -2.35
CA LEU F 285 21.88 23.50 -3.47
C LEU F 285 21.99 24.81 -4.25
N ASN F 286 20.99 25.68 -4.09
CA ASN F 286 20.95 26.94 -4.81
C ASN F 286 22.28 27.70 -4.72
N GLU F 287 22.88 27.97 -5.87
CA GLU F 287 24.12 28.74 -5.95
C GLU F 287 25.35 28.01 -5.42
N LYS F 288 25.22 26.73 -5.08
CA LYS F 288 26.38 25.94 -4.71
C LYS F 288 27.38 25.80 -5.86
N LYS F 289 28.66 25.85 -5.52
CA LYS F 289 29.72 25.60 -6.48
C LYS F 289 29.87 24.11 -6.74
N CYS F 290 28.85 23.51 -7.33
CA CYS F 290 28.86 22.08 -7.61
C CYS F 290 29.12 21.80 -9.07
N GLY F 291 30.22 21.11 -9.36
CA GLY F 291 30.53 20.67 -10.71
C GLY F 291 29.68 19.47 -11.12
N VAL F 292 29.42 19.37 -12.42
CA VAL F 292 28.69 18.23 -12.97
C VAL F 292 29.51 17.58 -14.07
N TYR F 293 29.90 16.34 -13.86
CA TYR F 293 30.74 15.60 -14.80
C TYR F 293 30.01 14.35 -15.30
N LEU F 294 29.53 14.41 -16.55
CA LEU F 294 28.61 13.40 -17.06
C LEU F 294 29.21 12.56 -18.19
N GLY F 295 29.34 11.26 -17.93
CA GLY F 295 29.79 10.32 -18.94
C GLY F 295 28.68 10.01 -19.91
N ILE F 296 28.94 10.27 -21.20
CA ILE F 296 27.96 10.02 -22.25
C ILE F 296 28.65 9.83 -23.60
N MET F 297 28.16 8.89 -24.40
CA MET F 297 28.93 8.41 -25.54
C MET F 297 28.08 7.98 -26.74
N SER F 298 26.84 8.47 -26.81
CA SER F 298 25.98 8.18 -27.95
C SER F 298 24.93 9.25 -28.22
N ASN F 299 24.47 9.32 -29.47
CA ASN F 299 23.57 10.38 -29.93
C ASN F 299 22.30 9.87 -30.61
N GLU F 300 21.91 8.63 -30.32
CA GLU F 300 20.97 7.91 -31.17
C GLU F 300 19.64 8.65 -31.38
N TYR F 301 19.08 9.16 -30.30
CA TYR F 301 17.78 9.83 -30.33
C TYR F 301 17.79 11.10 -31.19
N GLY F 302 18.80 11.93 -30.99
CA GLY F 302 18.98 13.13 -31.80
C GLY F 302 18.96 12.86 -33.29
N VAL F 303 19.64 11.78 -33.70
CA VAL F 303 19.67 11.38 -35.10
C VAL F 303 18.31 10.85 -35.56
N MET F 304 17.73 9.96 -34.77
CA MET F 304 16.37 9.47 -35.01
C MET F 304 15.41 10.62 -35.30
N LEU F 305 15.52 11.69 -34.53
CA LEU F 305 14.70 12.89 -34.74
C LEU F 305 15.04 13.55 -36.07
N GLY F 315 19.65 21.26 -28.58
CA GLY F 315 18.85 20.59 -27.57
C GLY F 315 19.49 19.31 -27.06
N ASN F 316 19.97 18.48 -27.97
CA ASN F 316 20.42 17.14 -27.63
C ASN F 316 21.94 16.95 -27.72
N SER F 317 22.68 18.03 -27.50
CA SER F 317 24.14 17.95 -27.46
C SER F 317 24.62 17.37 -26.13
N PHE F 318 25.82 16.80 -26.13
CA PHE F 318 26.47 16.39 -24.90
C PHE F 318 26.59 17.56 -23.94
N ALA F 319 26.88 18.74 -24.48
CA ALA F 319 27.07 19.96 -23.69
C ALA F 319 25.82 20.30 -22.88
N ILE F 320 24.66 20.13 -23.49
CA ILE F 320 23.38 20.40 -22.82
C ILE F 320 23.03 19.29 -21.84
N ALA F 321 23.37 18.05 -22.17
CA ALA F 321 23.07 16.91 -21.32
C ALA F 321 23.66 17.12 -19.92
N ALA F 322 24.89 17.63 -19.89
CA ALA F 322 25.57 17.89 -18.63
C ALA F 322 24.98 19.10 -17.92
N ALA F 323 24.41 20.02 -18.70
CA ALA F 323 23.98 21.32 -18.19
C ALA F 323 22.55 21.32 -17.67
N ARG F 324 21.83 20.22 -17.90
CA ARG F 324 20.44 20.13 -17.46
C ARG F 324 20.33 20.37 -15.96
N ILE F 325 21.10 19.62 -15.18
CA ILE F 325 21.00 19.66 -13.73
C ILE F 325 21.43 21.00 -13.14
N PRO F 326 22.56 21.54 -13.59
CA PRO F 326 22.95 22.88 -13.17
C PRO F 326 21.88 23.92 -13.46
N TYR F 327 21.27 23.84 -14.63
CA TYR F 327 20.21 24.76 -15.02
C TYR F 327 19.00 24.64 -14.09
N PHE F 328 18.63 23.41 -13.77
CA PHE F 328 17.46 23.17 -12.94
C PHE F 328 17.68 23.59 -11.48
N LEU F 329 18.87 23.30 -10.97
CA LEU F 329 19.15 23.53 -9.55
C LEU F 329 19.97 24.78 -9.25
N ASN F 330 20.30 25.54 -10.30
CA ASN F 330 21.13 26.72 -10.17
C ASN F 330 22.50 26.44 -9.54
N LEU F 331 23.17 25.42 -10.07
CA LEU F 331 24.53 25.12 -9.64
C LEU F 331 25.52 25.96 -10.44
N LYS F 332 26.71 26.15 -9.89
CA LYS F 332 27.65 27.13 -10.41
C LYS F 332 29.03 26.56 -10.73
N GLY F 333 29.24 25.30 -10.40
CA GLY F 333 30.43 24.58 -10.86
C GLY F 333 30.31 24.21 -12.33
N PRO F 334 31.46 23.99 -12.99
CA PRO F 334 31.46 23.71 -14.42
C PRO F 334 30.60 22.49 -14.73
N ALA F 335 29.96 22.49 -15.90
CA ALA F 335 29.23 21.32 -16.34
C ALA F 335 29.85 20.76 -17.61
N ILE F 336 30.48 19.60 -17.49
CA ILE F 336 31.29 19.02 -18.58
C ILE F 336 30.85 17.60 -18.88
N PRO F 337 30.45 17.34 -20.15
CA PRO F 337 30.24 15.95 -20.54
C PRO F 337 31.55 15.28 -20.92
N ILE F 338 31.71 14.02 -20.55
CA ILE F 338 32.92 13.27 -20.87
C ILE F 338 32.60 12.07 -21.76
N ASP F 339 33.13 12.09 -22.98
CA ASP F 339 33.10 10.92 -23.84
C ASP F 339 34.51 10.35 -24.02
N THR F 340 34.92 9.47 -23.10
CA THR F 340 36.07 8.62 -23.36
C THR F 340 35.61 7.17 -23.49
N ALA F 341 34.46 6.98 -24.14
CA ALA F 341 33.86 5.67 -24.26
C ALA F 341 33.54 5.10 -22.87
N CYS F 342 33.96 3.87 -22.63
CA CYS F 342 33.47 3.11 -21.48
C CYS F 342 34.15 3.53 -20.17
N SER F 343 35.18 4.35 -20.28
CA SER F 343 35.89 4.86 -19.11
C SER F 343 35.30 6.18 -18.64
N SER F 344 34.24 6.62 -19.32
CA SER F 344 33.77 7.99 -19.24
C SER F 344 33.45 8.42 -17.80
N SER F 345 32.62 7.65 -17.12
CA SER F 345 32.18 8.05 -15.78
C SER F 345 33.32 8.02 -14.76
N LEU F 346 34.33 7.19 -15.01
CA LEU F 346 35.46 7.10 -14.10
C LEU F 346 36.46 8.22 -14.36
N VAL F 347 36.65 8.57 -15.63
CA VAL F 347 37.35 9.79 -16.01
C VAL F 347 36.74 11.02 -15.36
N GLY F 348 35.41 11.11 -15.41
CA GLY F 348 34.69 12.20 -14.77
C GLY F 348 34.94 12.26 -13.27
N THR F 349 34.96 11.10 -12.64
CA THR F 349 35.27 10.98 -11.22
C THR F 349 36.65 11.54 -10.88
N HIS F 350 37.62 11.25 -11.72
CA HIS F 350 38.99 11.73 -11.54
C HIS F 350 39.05 13.23 -11.62
N LEU F 351 38.38 13.79 -12.61
CA LEU F 351 38.40 15.23 -12.83
C LEU F 351 37.71 16.00 -11.71
N ALA F 352 36.57 15.47 -11.27
CA ALA F 352 35.84 16.03 -10.14
C ALA F 352 36.69 15.98 -8.87
N ARG F 353 37.37 14.86 -8.68
CA ARG F 353 38.26 14.68 -7.55
C ARG F 353 39.34 15.75 -7.51
N GLN F 354 39.96 16.01 -8.65
CA GLN F 354 41.05 16.98 -8.74
C GLN F 354 40.56 18.42 -8.52
N ALA F 355 39.35 18.70 -9.01
CA ALA F 355 38.76 20.02 -8.83
C ALA F 355 38.40 20.30 -7.38
N LEU F 356 37.90 19.27 -6.69
CA LEU F 356 37.56 19.39 -5.27
C LEU F 356 38.82 19.62 -4.43
N ILE F 357 39.86 18.85 -4.73
CA ILE F 357 41.12 18.95 -4.00
C ILE F 357 41.76 20.32 -4.22
N ASN F 358 41.66 20.84 -5.44
CA ASN F 358 42.17 22.17 -5.73
C ASN F 358 41.24 23.29 -5.25
N LYS F 359 40.10 22.90 -4.71
CA LYS F 359 39.16 23.87 -4.13
C LYS F 359 38.49 24.76 -5.17
N GLU F 360 38.37 24.25 -6.40
CA GLU F 360 37.72 24.99 -7.47
C GLU F 360 36.21 24.81 -7.36
N ILE F 361 35.80 23.66 -6.85
CA ILE F 361 34.40 23.42 -6.52
C ILE F 361 34.31 22.90 -5.09
N ASP F 362 33.10 22.89 -4.54
CA ASP F 362 32.90 22.44 -3.18
C ASP F 362 32.07 21.16 -3.15
N MET F 363 31.55 20.78 -4.32
CA MET F 363 30.78 19.56 -4.47
C MET F 363 30.84 19.15 -5.94
N ALA F 364 30.67 17.86 -6.20
CA ALA F 364 30.59 17.36 -7.57
C ALA F 364 29.52 16.28 -7.72
N LEU F 365 28.70 16.41 -8.75
CA LEU F 365 27.86 15.30 -9.19
C LEU F 365 28.57 14.61 -10.36
N VAL F 366 28.99 13.37 -10.15
CA VAL F 366 29.58 12.58 -11.23
C VAL F 366 28.63 11.46 -11.64
N GLY F 367 28.61 11.14 -12.93
CA GLY F 367 27.69 10.11 -13.41
C GLY F 367 27.93 9.65 -14.83
N GLY F 368 27.18 8.62 -15.22
CA GLY F 368 27.21 8.12 -16.58
C GLY F 368 25.83 7.69 -17.02
N VAL F 369 25.57 7.76 -18.32
CA VAL F 369 24.31 7.26 -18.87
C VAL F 369 24.54 6.66 -20.25
N SER F 370 23.99 5.47 -20.48
CA SER F 370 24.11 4.81 -21.77
C SER F 370 22.85 4.03 -22.14
N LEU F 371 22.26 4.38 -23.27
CA LEU F 371 21.16 3.61 -23.84
C LEU F 371 21.54 3.05 -25.20
N TYR F 372 20.91 1.95 -25.60
CA TYR F 372 21.14 1.37 -26.91
C TYR F 372 19.84 1.31 -27.70
N LEU F 373 19.58 2.36 -28.47
CA LEU F 373 18.24 2.63 -28.97
C LEU F 373 17.99 2.04 -30.36
N THR F 374 19.06 1.85 -31.13
CA THR F 374 18.94 1.43 -32.52
C THR F 374 19.64 0.10 -32.80
N PRO F 375 19.10 -0.67 -33.76
CA PRO F 375 19.80 -1.86 -34.24
C PRO F 375 21.18 -1.54 -34.81
N GLU F 376 21.33 -0.34 -35.36
CA GLU F 376 22.55 0.05 -36.07
C GLU F 376 23.76 0.13 -35.14
N SER F 377 23.54 0.66 -33.94
CA SER F 377 24.61 0.87 -32.98
C SER F 377 24.89 -0.40 -32.17
N TYR F 378 24.67 -1.55 -32.79
CA TYR F 378 24.61 -2.81 -32.06
C TYR F 378 24.60 -3.99 -33.03
N GLY F 399 36.23 -19.34 -21.77
CA GLY F 399 34.86 -19.15 -22.25
C GLY F 399 34.62 -17.79 -22.87
N ALA F 400 35.41 -16.80 -22.45
CA ALA F 400 35.17 -15.40 -22.80
C ALA F 400 35.08 -15.15 -24.30
N ASN F 401 34.02 -14.47 -24.72
CA ASN F 401 33.59 -14.48 -26.10
C ASN F 401 33.19 -13.10 -26.62
N GLY F 402 33.53 -12.06 -25.87
CA GLY F 402 33.01 -10.73 -26.13
C GLY F 402 32.01 -10.31 -25.07
N PHE F 403 31.53 -9.07 -25.13
CA PHE F 403 30.61 -8.56 -24.14
C PHE F 403 29.17 -8.48 -24.65
N VAL F 404 28.21 -8.42 -23.75
CA VAL F 404 26.84 -8.08 -24.10
C VAL F 404 26.54 -6.66 -23.64
N PRO F 405 26.05 -5.82 -24.56
CA PRO F 405 25.77 -4.41 -24.27
C PRO F 405 24.75 -4.25 -23.14
N GLY F 406 25.00 -3.29 -22.26
CA GLY F 406 24.07 -2.98 -21.19
C GLY F 406 23.67 -1.52 -21.19
N GLU F 407 22.49 -1.23 -20.63
CA GLU F 407 22.04 0.14 -20.41
C GLU F 407 22.06 0.50 -18.93
N GLY F 408 22.20 1.79 -18.66
CA GLY F 408 22.26 2.25 -17.28
C GLY F 408 22.40 3.75 -17.13
N ALA F 409 22.05 4.23 -15.94
CA ALA F 409 22.34 5.59 -15.52
C ALA F 409 22.66 5.61 -14.03
N GLY F 410 23.77 6.24 -13.66
CA GLY F 410 24.19 6.32 -12.27
C GLY F 410 24.77 7.68 -11.93
N ALA F 411 24.69 8.05 -10.65
CA ALA F 411 25.31 9.28 -10.18
C ALA F 411 25.85 9.14 -8.76
N LEU F 412 26.98 9.81 -8.50
CA LEU F 412 27.51 9.95 -7.16
C LEU F 412 27.60 11.43 -6.79
N VAL F 413 27.45 11.72 -5.50
CA VAL F 413 27.71 13.06 -4.98
C VAL F 413 29.00 13.09 -4.17
N LEU F 414 29.95 13.93 -4.58
CA LEU F 414 31.27 13.93 -3.97
C LEU F 414 31.55 15.23 -3.23
N LYS F 415 32.23 15.13 -2.10
CA LYS F 415 32.72 16.30 -1.38
C LYS F 415 34.11 16.01 -0.82
N ARG F 416 34.86 17.06 -0.48
CA ARG F 416 36.03 16.91 0.38
C ARG F 416 35.61 16.28 1.70
N LEU F 417 36.41 15.34 2.20
CA LEU F 417 36.04 14.60 3.40
C LEU F 417 35.85 15.50 4.62
N LYS F 418 36.72 16.50 4.75
CA LYS F 418 36.65 17.45 5.86
C LYS F 418 35.32 18.20 5.91
N ASP F 419 34.83 18.61 4.74
CA ASP F 419 33.52 19.24 4.62
C ASP F 419 32.39 18.28 4.95
N ALA F 420 32.49 17.05 4.46
CA ALA F 420 31.44 16.05 4.66
C ALA F 420 31.24 15.75 6.14
N GLU F 421 32.33 15.73 6.90
CA GLU F 421 32.26 15.49 8.33
C GLU F 421 31.77 16.72 9.10
N ALA F 422 32.21 17.91 8.69
CA ALA F 422 31.72 19.14 9.31
C ALA F 422 30.24 19.37 9.03
N ASP F 423 29.78 18.91 7.86
CA ASP F 423 28.40 19.11 7.44
C ASP F 423 27.51 17.95 7.90
N ARG F 424 28.14 16.94 8.50
CA ARG F 424 27.42 15.81 9.06
C ARG F 424 26.67 15.02 8.00
N ASP F 425 27.22 14.97 6.79
CA ASP F 425 26.71 14.11 5.74
C ASP F 425 26.86 12.64 6.12
N HIS F 426 26.05 11.78 5.53
CA HIS F 426 26.31 10.35 5.58
C HIS F 426 27.22 9.95 4.46
N ILE F 427 28.19 9.10 4.78
CA ILE F 427 29.34 8.88 3.91
C ILE F 427 29.46 7.40 3.54
N TYR F 428 29.34 7.12 2.24
CA TYR F 428 29.36 5.75 1.75
C TYR F 428 30.77 5.16 1.74
N GLY F 429 31.76 6.02 1.65
CA GLY F 429 33.15 5.61 1.42
C GLY F 429 33.97 6.78 0.94
N ILE F 430 35.28 6.61 0.88
CA ILE F 430 36.18 7.68 0.46
C ILE F 430 37.11 7.27 -0.67
N ILE F 431 37.29 8.17 -1.63
CA ILE F 431 38.27 7.98 -2.70
C ILE F 431 39.64 8.48 -2.24
N ILE F 432 40.60 7.55 -2.17
CA ILE F 432 41.94 7.86 -1.66
C ILE F 432 43.00 7.85 -2.75
N GLY F 433 42.61 7.55 -3.98
CA GLY F 433 43.53 7.60 -5.11
C GLY F 433 42.84 7.38 -6.45
N SER F 434 43.25 8.13 -7.46
CA SER F 434 42.70 7.96 -8.80
C SER F 434 43.72 8.40 -9.84
N GLY F 435 43.59 7.86 -11.05
CA GLY F 435 44.45 8.25 -12.16
C GLY F 435 43.84 7.96 -13.51
N ILE F 436 44.27 8.69 -14.52
CA ILE F 436 43.90 8.38 -15.90
C ILE F 436 45.14 8.43 -16.79
N ASN F 437 45.15 7.61 -17.83
CA ASN F 437 46.21 7.69 -18.84
C ASN F 437 45.74 7.11 -20.17
N GLN F 438 46.66 6.99 -21.11
CA GLN F 438 46.35 6.50 -22.45
C GLN F 438 47.11 5.21 -22.75
N ASP F 439 46.50 4.39 -23.60
CA ASP F 439 47.20 3.24 -24.18
C ASP F 439 48.31 3.70 -25.12
N GLY F 440 48.08 4.80 -25.82
CA GLY F 440 48.98 5.24 -26.87
C GLY F 440 48.93 4.34 -28.08
N LYS F 441 50.09 4.11 -28.69
CA LYS F 441 50.17 3.27 -29.88
C LYS F 441 50.01 1.80 -29.53
N THR F 442 48.88 1.23 -29.93
CA THR F 442 48.62 -0.20 -29.78
C THR F 442 48.50 -0.84 -31.16
N ASN F 443 48.27 -2.15 -31.20
CA ASN F 443 47.99 -2.84 -32.45
C ASN F 443 46.52 -2.73 -32.86
N GLY F 444 46.16 -1.62 -33.51
CA GLY F 444 44.77 -1.24 -33.66
C GLY F 444 44.28 -0.38 -32.50
N ILE F 445 43.50 0.64 -32.82
CA ILE F 445 43.21 1.70 -31.85
C ILE F 445 42.36 1.23 -30.68
N THR F 446 41.70 0.09 -30.83
CA THR F 446 40.82 -0.42 -29.78
C THR F 446 41.47 -1.53 -28.95
N ALA F 447 42.71 -1.88 -29.27
CA ALA F 447 43.44 -2.88 -28.50
C ALA F 447 43.97 -2.28 -27.20
N PRO F 448 44.07 -3.11 -26.15
CA PRO F 448 44.60 -2.63 -24.87
C PRO F 448 46.12 -2.72 -24.80
N SER F 449 46.71 -1.93 -23.90
CA SER F 449 48.14 -2.00 -23.65
C SER F 449 48.41 -2.43 -22.22
N ALA F 450 49.00 -3.61 -22.08
CA ALA F 450 49.36 -4.14 -20.77
C ALA F 450 50.21 -3.14 -20.02
N LYS F 451 51.14 -2.51 -20.73
CA LYS F 451 52.09 -1.59 -20.12
C LYS F 451 51.41 -0.35 -19.55
N SER F 452 50.47 0.21 -20.30
CA SER F 452 49.73 1.39 -19.84
C SER F 452 48.89 1.11 -18.60
N GLN F 453 48.23 -0.04 -18.58
CA GLN F 453 47.46 -0.46 -17.41
C GLN F 453 48.34 -0.59 -16.17
N MET F 454 49.52 -1.18 -16.34
CA MET F 454 50.47 -1.34 -15.26
C MET F 454 50.96 0.02 -14.76
N ASP F 455 51.41 0.86 -15.69
CA ASP F 455 51.87 2.20 -15.35
C ASP F 455 50.79 3.00 -14.61
N LEU F 456 49.57 2.95 -15.12
CA LEU F 456 48.45 3.61 -14.48
C LEU F 456 48.32 3.19 -13.02
N GLU F 457 48.29 1.88 -12.79
CA GLU F 457 48.06 1.32 -11.46
C GLU F 457 49.24 1.57 -10.51
N ARG F 458 50.44 1.38 -11.03
CA ARG F 458 51.67 1.62 -10.27
C ARG F 458 51.77 3.08 -9.83
N ASP F 459 51.58 3.99 -10.79
CA ASP F 459 51.70 5.42 -10.53
C ASP F 459 50.71 5.91 -9.47
N ILE F 460 49.48 5.40 -9.53
CA ILE F 460 48.47 5.73 -8.54
C ILE F 460 48.89 5.26 -7.14
N TYR F 461 49.30 4.00 -7.06
CA TYR F 461 49.67 3.42 -5.77
C TYR F 461 50.87 4.14 -5.16
N GLU F 462 51.82 4.51 -6.02
CA GLU F 462 53.03 5.21 -5.57
C GLU F 462 52.75 6.66 -5.19
N THR F 463 52.02 7.38 -6.04
CA THR F 463 51.67 8.76 -5.74
C THR F 463 50.94 8.92 -4.42
N TYR F 464 50.04 7.99 -4.12
CA TYR F 464 49.11 8.13 -3.00
C TYR F 464 49.43 7.20 -1.83
N GLY F 465 50.58 6.55 -1.92
CA GLY F 465 51.09 5.72 -0.82
C GLY F 465 50.18 4.56 -0.50
N ILE F 466 49.74 3.85 -1.53
CA ILE F 466 48.84 2.72 -1.34
C ILE F 466 49.54 1.39 -1.62
N HIS F 467 49.62 0.56 -0.60
CA HIS F 467 50.26 -0.75 -0.71
C HIS F 467 49.27 -1.77 -1.22
N PRO F 468 49.64 -2.50 -2.28
CA PRO F 468 48.73 -3.50 -2.85
C PRO F 468 48.21 -4.52 -1.84
N GLU F 469 48.96 -4.78 -0.77
CA GLU F 469 48.52 -5.72 0.24
C GLU F 469 47.27 -5.26 0.97
N SER F 470 47.03 -3.96 0.97
CA SER F 470 45.90 -3.36 1.67
C SER F 470 44.61 -3.52 0.88
N ILE F 471 44.75 -3.88 -0.39
CA ILE F 471 43.59 -3.98 -1.27
C ILE F 471 43.07 -5.41 -1.30
N SER F 472 41.76 -5.55 -1.10
CA SER F 472 41.17 -6.87 -0.94
C SER F 472 40.07 -7.17 -1.97
N TYR F 473 39.67 -6.15 -2.72
CA TYR F 473 38.79 -6.34 -3.88
C TYR F 473 39.13 -5.41 -5.03
N VAL F 474 39.07 -5.93 -6.24
CA VAL F 474 39.12 -5.11 -7.45
C VAL F 474 37.94 -5.40 -8.37
N GLU F 475 37.14 -4.38 -8.62
CA GLU F 475 36.12 -4.43 -9.67
C GLU F 475 36.74 -4.20 -11.04
N MET F 476 36.99 -5.28 -11.76
CA MET F 476 37.70 -5.21 -13.03
C MET F 476 36.85 -4.54 -14.11
N HIS F 477 37.53 -4.02 -15.13
CA HIS F 477 36.86 -3.65 -16.38
C HIS F 477 36.15 -4.85 -16.94
N GLY F 478 36.88 -5.95 -17.08
CA GLY F 478 36.30 -7.29 -17.11
C GLY F 478 35.10 -7.42 -18.03
N THR F 479 35.33 -7.18 -19.32
CA THR F 479 34.24 -7.14 -20.29
C THR F 479 33.97 -8.53 -20.86
N GLY F 480 34.86 -9.47 -20.58
CA GLY F 480 34.72 -10.84 -21.06
C GLY F 480 35.14 -11.00 -22.51
N THR F 481 36.14 -10.24 -22.92
CA THR F 481 36.73 -10.43 -24.25
C THR F 481 37.98 -11.30 -24.14
N GLY F 484 41.58 -9.27 -23.93
CA GLY F 484 41.36 -8.14 -23.03
C GLY F 484 41.39 -8.57 -21.57
N ASP F 485 40.64 -9.61 -21.26
CA ASP F 485 40.58 -10.14 -19.90
C ASP F 485 41.96 -10.53 -19.37
N PRO F 486 42.71 -11.31 -20.17
CA PRO F 486 44.01 -11.82 -19.73
C PRO F 486 45.06 -10.73 -19.57
N ILE F 487 45.00 -9.73 -20.45
CA ILE F 487 45.88 -8.58 -20.33
C ILE F 487 45.62 -7.79 -19.06
N GLU F 488 44.35 -7.55 -18.74
CA GLU F 488 44.00 -6.88 -17.50
C GLU F 488 44.47 -7.67 -16.28
N LEU F 489 44.25 -8.98 -16.30
CA LEU F 489 44.62 -9.84 -15.18
C LEU F 489 46.13 -9.80 -14.94
N GLU F 490 46.89 -9.94 -16.03
CA GLU F 490 48.34 -9.98 -15.95
C GLU F 490 48.89 -8.65 -15.44
N ALA F 491 48.38 -7.56 -15.98
CA ALA F 491 48.80 -6.22 -15.57
C ALA F 491 48.65 -6.02 -14.08
N LEU F 492 47.43 -6.15 -13.58
CA LEU F 492 47.13 -5.93 -12.17
C LEU F 492 47.93 -6.89 -11.29
N SER F 493 47.96 -8.15 -11.69
CA SER F 493 48.72 -9.17 -10.96
C SER F 493 50.19 -8.77 -10.85
N THR F 494 50.77 -8.36 -11.98
CA THR F 494 52.19 -7.99 -12.02
C THR F 494 52.49 -6.82 -11.10
N VAL F 495 51.63 -5.81 -11.11
CA VAL F 495 51.82 -4.64 -10.27
C VAL F 495 51.75 -4.97 -8.78
N PHE F 496 50.78 -5.81 -8.42
CA PHE F 496 50.63 -6.26 -7.04
C PHE F 496 51.86 -7.05 -6.59
N GLN F 497 52.35 -7.91 -7.47
CA GLN F 497 53.43 -8.83 -7.16
C GLN F 497 54.78 -8.13 -6.99
N GLU F 498 54.92 -6.95 -7.59
CA GLU F 498 56.07 -6.09 -7.39
C GLU F 498 56.27 -5.70 -5.94
N LYS F 499 55.21 -5.80 -5.14
CA LYS F 499 55.20 -5.28 -3.77
C LYS F 499 54.89 -6.32 -2.71
N THR F 500 54.40 -7.49 -3.13
CA THR F 500 54.03 -8.53 -2.18
C THR F 500 54.13 -9.95 -2.73
N ASP F 501 54.54 -10.87 -1.86
CA ASP F 501 54.58 -12.29 -2.19
C ASP F 501 53.24 -12.96 -1.88
N LYS F 502 52.39 -12.28 -1.12
CA LYS F 502 51.16 -12.86 -0.61
C LYS F 502 50.29 -13.36 -1.76
N LYS F 503 49.64 -14.50 -1.54
CA LYS F 503 48.88 -15.15 -2.61
C LYS F 503 47.37 -15.13 -2.33
N GLN F 504 46.59 -14.92 -3.38
CA GLN F 504 45.14 -15.06 -3.34
C GLN F 504 44.47 -14.32 -2.19
N PHE F 505 44.95 -13.10 -1.91
CA PHE F 505 44.33 -12.27 -0.89
C PHE F 505 43.27 -11.34 -1.46
N CYS F 506 43.41 -11.02 -2.74
CA CYS F 506 42.55 -10.03 -3.39
C CYS F 506 41.51 -10.65 -4.31
N ALA F 507 40.24 -10.60 -3.90
CA ALA F 507 39.14 -11.01 -4.75
C ALA F 507 38.95 -10.08 -5.94
N ILE F 508 38.59 -10.65 -7.08
CA ILE F 508 38.25 -9.87 -8.27
C ILE F 508 36.87 -10.24 -8.78
N GLY F 509 36.17 -9.25 -9.33
CA GLY F 509 34.85 -9.48 -9.92
C GLY F 509 34.55 -8.46 -11.00
N SER F 510 33.41 -8.65 -11.67
CA SER F 510 32.91 -7.68 -12.63
C SER F 510 31.38 -7.72 -12.67
N VAL F 511 30.76 -6.59 -12.33
CA VAL F 511 29.31 -6.50 -12.35
C VAL F 511 28.74 -6.57 -13.76
N LYS F 512 29.62 -6.49 -14.77
CA LYS F 512 29.22 -6.68 -16.15
C LYS F 512 28.70 -8.10 -16.39
N SER F 513 29.12 -9.02 -15.55
CA SER F 513 28.59 -10.38 -15.54
C SER F 513 27.12 -10.43 -15.11
N ASN F 514 26.68 -9.45 -14.34
CA ASN F 514 25.28 -9.36 -13.93
C ASN F 514 24.42 -8.56 -14.89
N ILE F 515 24.90 -7.38 -15.29
CA ILE F 515 24.05 -6.40 -15.94
C ILE F 515 24.47 -6.09 -17.38
N GLY F 516 25.55 -6.68 -17.83
CA GLY F 516 26.10 -6.38 -19.15
C GLY F 516 27.03 -5.17 -19.12
N HIS F 517 27.50 -4.76 -20.30
CA HIS F 517 28.47 -3.67 -20.41
C HIS F 517 27.79 -2.35 -20.57
N THR F 518 27.62 -1.64 -19.45
CA THR F 518 26.78 -0.45 -19.42
C THR F 518 27.49 0.80 -19.92
N SER F 519 28.61 0.58 -20.62
CA SER F 519 29.25 1.62 -21.42
C SER F 519 29.63 2.86 -20.61
N ALA F 520 29.09 4.02 -20.99
CA ALA F 520 29.42 5.27 -20.33
C ALA F 520 29.15 5.22 -18.84
N ALA F 521 28.27 4.30 -18.43
CA ALA F 521 27.85 4.21 -17.05
C ALA F 521 28.59 3.10 -16.31
N ALA F 522 29.53 2.46 -16.99
CA ALA F 522 30.23 1.30 -16.46
C ALA F 522 30.97 1.62 -15.16
N GLY F 523 31.70 2.72 -15.18
CA GLY F 523 32.50 3.14 -14.04
C GLY F 523 31.65 3.37 -12.80
N VAL F 524 30.56 4.11 -12.97
CA VAL F 524 29.70 4.45 -11.84
C VAL F 524 28.95 3.22 -11.32
N ALA F 525 28.62 2.30 -12.21
CA ALA F 525 27.98 1.05 -11.80
C ALA F 525 28.91 0.24 -10.90
N GLY F 526 30.20 0.23 -11.24
CA GLY F 526 31.19 -0.52 -10.50
C GLY F 526 31.51 0.11 -9.15
N VAL F 527 31.69 1.43 -9.15
CA VAL F 527 31.91 2.16 -7.92
C VAL F 527 30.76 1.96 -6.94
N GLN F 528 29.53 1.95 -7.43
CA GLN F 528 28.35 1.75 -6.58
C GLN F 528 28.30 0.34 -6.01
N LYS F 529 28.63 -0.65 -6.83
CA LYS F 529 28.76 -2.02 -6.34
C LYS F 529 29.74 -2.10 -5.18
N VAL F 530 30.92 -1.52 -5.36
CA VAL F 530 31.97 -1.56 -4.35
C VAL F 530 31.55 -0.90 -3.03
N LEU F 531 30.92 0.26 -3.14
CA LEU F 531 30.43 0.95 -1.96
C LEU F 531 29.38 0.15 -1.21
N LEU F 532 28.49 -0.51 -1.96
CA LEU F 532 27.44 -1.33 -1.37
C LEU F 532 28.02 -2.54 -0.65
N CYS F 533 29.00 -3.16 -1.29
CA CYS F 533 29.79 -4.23 -0.67
C CYS F 533 30.40 -3.78 0.66
N MET F 534 31.10 -2.66 0.65
CA MET F 534 31.73 -2.14 1.86
C MET F 534 30.70 -1.88 2.95
N ASN F 535 29.59 -1.23 2.58
CA ASN F 535 28.54 -0.86 3.52
C ASN F 535 27.97 -2.09 4.23
N HIS F 536 27.84 -3.18 3.50
CA HIS F 536 27.28 -4.41 4.03
C HIS F 536 28.35 -5.37 4.46
N LYS F 537 29.60 -4.92 4.39
CA LYS F 537 30.77 -5.77 4.65
C LYS F 537 30.65 -7.17 4.06
N THR F 538 30.30 -7.22 2.77
CA THR F 538 29.94 -8.45 2.08
C THR F 538 30.52 -8.44 0.67
N LEU F 539 31.16 -9.54 0.28
CA LEU F 539 31.51 -9.74 -1.11
C LEU F 539 30.46 -10.60 -1.81
N VAL F 540 30.15 -10.26 -3.06
CA VAL F 540 29.12 -10.95 -3.80
C VAL F 540 29.73 -11.69 -5.00
N PRO F 541 29.00 -12.67 -5.54
CA PRO F 541 29.51 -13.47 -6.65
C PRO F 541 29.69 -12.67 -7.93
N THR F 542 30.78 -12.92 -8.64
CA THR F 542 30.85 -12.61 -10.06
C THR F 542 30.38 -13.81 -10.86
N LEU F 543 29.70 -13.56 -11.97
CA LEU F 543 28.92 -14.60 -12.63
C LEU F 543 29.63 -15.21 -13.84
N ASN F 544 29.05 -16.27 -14.38
CA ASN F 544 29.47 -16.86 -15.65
C ASN F 544 30.89 -17.43 -15.63
N PHE F 545 31.40 -17.72 -14.44
CA PHE F 545 32.75 -18.24 -14.29
C PHE F 545 32.75 -19.72 -13.93
N THR F 546 33.14 -20.57 -14.87
CA THR F 546 33.30 -21.99 -14.60
C THR F 546 34.77 -22.41 -14.51
N THR F 547 35.56 -22.05 -15.52
CA THR F 547 36.98 -22.37 -15.54
C THR F 547 37.82 -21.15 -15.91
N PRO F 548 38.96 -20.97 -15.22
CA PRO F 548 39.81 -19.80 -15.44
C PRO F 548 40.29 -19.66 -16.88
N ASN F 549 40.39 -18.42 -17.35
CA ASN F 549 41.02 -18.13 -18.63
C ASN F 549 42.39 -18.81 -18.71
N GLU F 550 42.59 -19.56 -19.78
CA GLU F 550 43.79 -20.36 -19.99
C GLU F 550 45.03 -19.47 -19.95
N HIS F 551 44.88 -18.21 -20.37
CA HIS F 551 46.01 -17.31 -20.58
C HIS F 551 46.47 -16.65 -19.32
N PHE F 552 45.91 -17.06 -18.18
CA PHE F 552 46.35 -16.54 -16.89
C PHE F 552 46.30 -17.57 -15.78
N GLU F 553 47.36 -17.60 -14.97
CA GLU F 553 47.50 -18.60 -13.91
C GLU F 553 47.27 -18.01 -12.53
N PHE F 554 46.14 -18.41 -11.93
CA PHE F 554 45.64 -17.77 -10.72
C PHE F 554 46.35 -18.27 -9.47
N GLU F 555 46.80 -19.52 -9.53
CA GLU F 555 47.18 -20.25 -8.32
C GLU F 555 48.25 -19.53 -7.52
N HIS F 556 49.19 -18.90 -8.23
CA HIS F 556 50.29 -18.18 -7.60
C HIS F 556 50.19 -16.70 -7.79
N SER F 557 48.96 -16.23 -8.01
CA SER F 557 48.65 -14.82 -8.14
C SER F 557 48.15 -14.24 -6.82
N PRO F 558 48.24 -12.91 -6.66
CA PRO F 558 47.59 -12.22 -5.54
C PRO F 558 46.09 -12.26 -5.68
N LEU F 559 45.62 -12.58 -6.88
CA LEU F 559 44.22 -12.49 -7.26
C LEU F 559 43.49 -13.83 -7.20
N TYR F 560 42.22 -13.79 -6.84
CA TYR F 560 41.32 -14.93 -6.99
C TYR F 560 39.93 -14.47 -7.36
N VAL F 561 39.27 -15.22 -8.25
CA VAL F 561 37.92 -14.90 -8.66
C VAL F 561 36.93 -15.32 -7.57
N ASN F 562 36.24 -14.36 -6.98
CA ASN F 562 35.21 -14.67 -5.99
C ASN F 562 33.86 -15.01 -6.62
N THR F 563 33.37 -16.21 -6.35
CA THR F 563 32.08 -16.66 -6.86
C THR F 563 31.12 -16.96 -5.71
N GLU F 564 31.51 -16.53 -4.50
CA GLU F 564 30.72 -16.78 -3.30
C GLU F 564 30.05 -15.49 -2.80
N LEU F 565 28.85 -15.63 -2.23
CA LEU F 565 28.32 -14.62 -1.32
C LEU F 565 28.87 -14.87 0.08
N LYS F 566 29.79 -14.00 0.52
CA LYS F 566 30.47 -14.22 1.79
C LYS F 566 30.77 -12.92 2.51
N PRO F 567 31.11 -13.01 3.81
CA PRO F 567 31.60 -11.85 4.54
C PRO F 567 32.92 -11.34 3.99
N TRP F 568 33.01 -10.02 3.81
CA TRP F 568 34.23 -9.36 3.38
C TRP F 568 35.11 -9.15 4.58
N GLU F 569 36.11 -10.01 4.74
CA GLU F 569 36.92 -10.02 5.96
C GLU F 569 38.08 -9.02 5.90
N THR F 570 38.33 -8.38 7.04
CA THR F 570 39.45 -7.48 7.18
C THR F 570 40.21 -7.81 8.48
N ALA F 571 41.51 -7.50 8.49
CA ALA F 571 42.35 -7.86 9.62
C ALA F 571 42.58 -6.67 10.55
N ASP F 572 42.54 -6.94 11.84
CA ASP F 572 42.68 -5.93 12.89
C ASP F 572 42.07 -4.57 12.57
N GLY F 573 40.76 -4.55 12.32
CA GLY F 573 40.02 -3.30 12.15
C GLY F 573 40.71 -2.30 11.26
N LYS F 574 41.34 -2.80 10.19
CA LYS F 574 41.75 -1.96 9.07
C LYS F 574 40.57 -1.75 8.14
N PRO F 575 40.47 -0.55 7.57
CA PRO F 575 39.34 -0.31 6.66
C PRO F 575 39.53 -1.13 5.39
N ARG F 576 38.44 -1.68 4.88
CA ARG F 576 38.47 -2.35 3.58
C ARG F 576 38.83 -1.37 2.47
N ARG F 577 39.67 -1.84 1.55
CA ARG F 577 40.02 -1.06 0.36
C ARG F 577 39.73 -1.86 -0.91
N ALA F 578 39.23 -1.16 -1.92
CA ALA F 578 38.97 -1.77 -3.23
C ALA F 578 39.38 -0.82 -4.36
N CYS F 579 39.53 -1.39 -5.55
CA CYS F 579 39.82 -0.60 -6.75
C CYS F 579 38.74 -0.81 -7.80
N VAL F 580 38.50 0.21 -8.62
CA VAL F 580 37.67 0.05 -9.82
C VAL F 580 38.49 0.46 -11.04
N SER F 581 38.50 -0.41 -12.05
CA SER F 581 39.15 -0.11 -13.33
C SER F 581 38.12 0.10 -14.43
N SER F 582 38.35 1.08 -15.28
CA SER F 582 37.54 1.27 -16.48
C SER F 582 38.36 1.72 -17.67
N PHE F 583 38.36 0.90 -18.72
CA PHE F 583 39.17 1.15 -19.91
C PHE F 583 38.30 1.34 -21.15
N GLY F 584 38.62 2.36 -21.93
CA GLY F 584 37.80 2.74 -23.08
C GLY F 584 38.37 2.22 -24.38
N TYR F 585 37.52 2.09 -25.39
CA TYR F 585 37.96 1.60 -26.70
C TYR F 585 38.84 2.61 -27.43
N SER F 586 38.80 3.86 -26.99
CA SER F 586 39.65 4.90 -27.55
C SER F 586 41.01 4.99 -26.85
N GLY F 587 41.16 4.22 -25.78
CA GLY F 587 42.48 4.02 -25.17
C GLY F 587 42.70 4.84 -23.92
N THR F 588 41.68 5.60 -23.53
CA THR F 588 41.74 6.41 -22.32
C THR F 588 41.32 5.58 -21.10
N ASN F 589 42.24 5.37 -20.18
CA ASN F 589 42.02 4.48 -19.05
C ASN F 589 41.76 5.25 -17.76
N ALA F 590 41.07 4.60 -16.83
CA ALA F 590 40.90 5.15 -15.48
C ALA F 590 40.92 4.05 -14.42
N HIS F 591 41.32 4.43 -13.22
CA HIS F 591 41.47 3.50 -12.10
C HIS F 591 41.34 4.30 -10.84
N ILE F 592 40.44 3.90 -9.94
CA ILE F 592 40.32 4.59 -8.66
C ILE F 592 40.44 3.64 -7.47
N VAL F 593 40.92 4.15 -6.35
CA VAL F 593 41.01 3.38 -5.11
C VAL F 593 40.06 3.93 -4.03
N ILE F 594 39.18 3.06 -3.56
CA ILE F 594 38.14 3.43 -2.61
C ILE F 594 38.42 2.77 -1.25
N GLU F 595 38.29 3.54 -0.18
CA GLU F 595 38.46 3.02 1.18
C GLU F 595 37.17 3.13 1.99
N GLU F 596 36.84 2.06 2.70
CA GLU F 596 35.69 2.06 3.61
C GLU F 596 35.82 3.19 4.62
N TYR F 597 34.72 3.90 4.87
CA TYR F 597 34.70 4.98 5.85
C TYR F 597 34.35 4.45 7.23
N GLN F 598 35.13 4.84 8.23
CA GLN F 598 34.92 4.39 9.60
C GLN F 598 34.58 5.57 10.51
N PRO F 599 33.27 5.76 10.78
CA PRO F 599 32.81 6.90 11.56
C PRO F 599 33.11 6.73 13.05
N GLU F 600 33.26 7.84 13.77
CA GLU F 600 33.47 7.79 15.21
C GLU F 600 32.25 7.23 15.94
N ARG F 611 9.74 7.97 22.83
CA ARG F 611 9.71 9.32 22.29
C ARG F 611 9.16 9.30 20.85
N SER F 612 8.23 10.21 20.57
CA SER F 612 7.62 10.29 19.25
C SER F 612 8.47 11.16 18.32
N ALA F 613 8.59 10.73 17.07
CA ALA F 613 9.20 11.57 16.04
C ALA F 613 8.14 12.05 15.06
N LEU F 614 8.45 13.15 14.37
CA LEU F 614 7.53 13.72 13.42
C LEU F 614 7.95 13.45 11.98
N PHE F 615 7.17 12.62 11.31
CA PHE F 615 7.48 12.22 9.93
C PHE F 615 6.71 13.10 8.95
N VAL F 616 7.44 13.65 7.98
CA VAL F 616 6.82 14.49 6.96
C VAL F 616 7.18 14.02 5.55
N LEU F 617 6.19 14.08 4.67
CA LEU F 617 6.38 13.74 3.26
C LEU F 617 5.71 14.81 2.41
N SER F 618 6.21 15.03 1.20
CA SER F 618 5.55 15.92 0.27
C SER F 618 5.92 15.61 -1.17
N ALA F 619 5.01 15.91 -2.08
CA ALA F 619 5.25 15.77 -3.52
C ALA F 619 4.45 16.80 -4.31
N LYS F 620 4.80 16.97 -5.58
CA LYS F 620 4.23 18.02 -6.41
C LYS F 620 2.83 17.68 -6.93
N LYS F 621 2.48 16.40 -6.87
CA LYS F 621 1.11 15.96 -7.12
C LYS F 621 0.72 14.91 -6.09
N GLU F 622 -0.59 14.77 -5.85
CA GLU F 622 -1.06 13.84 -4.83
C GLU F 622 -0.71 12.40 -5.16
N LYS F 623 -0.81 12.06 -6.45
CA LYS F 623 -0.44 10.74 -6.95
C LYS F 623 0.98 10.35 -6.57
N GLN F 624 1.89 11.31 -6.66
CA GLN F 624 3.30 11.08 -6.32
C GLN F 624 3.53 11.04 -4.81
N LEU F 625 2.72 11.78 -4.06
CA LEU F 625 2.76 11.68 -2.61
C LEU F 625 2.41 10.26 -2.17
N LYS F 626 1.39 9.69 -2.80
CA LYS F 626 0.97 8.31 -2.53
C LYS F 626 2.09 7.32 -2.84
N ALA F 627 2.72 7.49 -4.00
CA ALA F 627 3.86 6.68 -4.38
C ALA F 627 5.03 6.87 -3.41
N TYR F 628 5.21 8.09 -2.90
CA TYR F 628 6.27 8.38 -1.95
C TYR F 628 6.03 7.61 -0.65
N ALA F 629 4.78 7.61 -0.20
CA ALA F 629 4.41 6.91 1.02
C ALA F 629 4.62 5.41 0.89
N GLU F 630 4.29 4.86 -0.27
CA GLU F 630 4.51 3.44 -0.53
C GLU F 630 5.99 3.09 -0.52
N ALA F 631 6.81 3.94 -1.12
CA ALA F 631 8.25 3.75 -1.15
C ALA F 631 8.85 3.77 0.25
N MET F 632 8.36 4.66 1.10
CA MET F 632 8.82 4.74 2.48
C MET F 632 8.41 3.53 3.30
N LYS F 633 7.18 3.06 3.11
CA LYS F 633 6.69 1.88 3.81
C LYS F 633 7.50 0.63 3.47
N ASP F 634 7.71 0.40 2.18
CA ASP F 634 8.57 -0.68 1.71
C ASP F 634 9.95 -0.59 2.32
N PHE F 635 10.50 0.61 2.37
CA PHE F 635 11.84 0.84 2.90
C PHE F 635 11.93 0.49 4.38
N VAL F 636 10.95 0.95 5.15
CA VAL F 636 10.91 0.69 6.58
C VAL F 636 10.64 -0.79 6.89
N THR F 637 9.73 -1.39 6.12
CA THR F 637 9.49 -2.83 6.18
C THR F 637 10.76 -3.64 5.92
N SER F 638 11.54 -3.24 4.92
CA SER F 638 12.75 -3.95 4.53
C SER F 638 13.92 -3.74 5.50
N ASN F 639 13.84 -2.68 6.30
CA ASN F 639 14.96 -2.27 7.15
C ASN F 639 14.58 -2.19 8.62
N GLU F 640 14.69 -3.32 9.31
CA GLU F 640 14.16 -3.47 10.66
C GLU F 640 14.94 -2.64 11.67
N ASP F 641 16.13 -2.20 11.26
CA ASP F 641 17.03 -1.50 12.18
C ASP F 641 17.11 0.00 11.91
N ILE F 642 16.15 0.54 11.16
CA ILE F 642 16.15 1.97 10.87
C ILE F 642 16.07 2.79 12.17
N ASP F 643 16.91 3.81 12.27
CA ASP F 643 16.79 4.80 13.34
C ASP F 643 15.70 5.81 13.03
N LEU F 644 14.62 5.77 13.82
CA LEU F 644 13.44 6.56 13.53
C LEU F 644 13.69 8.06 13.59
N GLU F 645 14.53 8.48 14.53
CA GLU F 645 14.86 9.89 14.70
C GLU F 645 15.66 10.43 13.51
N ASP F 646 16.61 9.62 13.04
CA ASP F 646 17.40 9.97 11.86
C ASP F 646 16.50 10.11 10.63
N MET F 647 15.58 9.18 10.46
CA MET F 647 14.70 9.16 9.30
C MET F 647 13.80 10.40 9.25
N ALA F 648 13.13 10.68 10.36
CA ALA F 648 12.33 11.89 10.49
C ALA F 648 13.18 13.12 10.19
N TYR F 649 14.36 13.18 10.79
CA TYR F 649 15.27 14.30 10.63
C TYR F 649 15.60 14.53 9.16
N THR F 650 15.83 13.43 8.45
CA THR F 650 16.12 13.51 7.01
C THR F 650 14.90 13.99 6.22
N LEU F 651 13.71 13.55 6.62
CA LEU F 651 12.49 13.97 5.95
C LEU F 651 12.21 15.44 6.20
N GLN F 652 12.51 15.90 7.41
CA GLN F 652 12.39 17.30 7.76
C GLN F 652 13.37 18.18 6.99
N THR F 653 14.66 17.91 7.16
CA THR F 653 15.71 18.84 6.72
C THR F 653 16.30 18.49 5.36
N GLY F 654 16.06 17.28 4.88
CA GLY F 654 16.76 16.76 3.72
C GLY F 654 15.85 16.56 2.53
N ARG F 655 14.63 17.09 2.63
CA ARG F 655 13.71 17.11 1.51
C ARG F 655 13.01 18.46 1.39
N GLU F 656 12.74 18.88 0.16
CA GLU F 656 12.00 20.11 -0.10
C GLU F 656 10.52 19.89 0.27
N ALA F 657 9.98 20.81 1.05
CA ALA F 657 8.55 20.80 1.35
C ALA F 657 7.76 21.31 0.16
N MET F 658 7.11 20.39 -0.55
CA MET F 658 6.36 20.73 -1.75
C MET F 658 4.86 20.84 -1.43
N ASP F 659 4.04 20.99 -2.47
CA ASP F 659 2.68 21.49 -2.33
C ASP F 659 1.70 20.52 -1.69
N TYR F 660 1.84 19.23 -2.00
CA TYR F 660 1.00 18.19 -1.40
C TYR F 660 1.72 17.53 -0.23
N ARG F 661 1.10 17.61 0.94
CA ARG F 661 1.79 17.27 2.18
C ARG F 661 1.02 16.26 3.03
N MET F 662 1.77 15.35 3.64
CA MET F 662 1.25 14.57 4.76
C MET F 662 2.29 14.50 5.86
N ALA F 663 1.83 14.39 7.11
CA ALA F 663 2.70 14.22 8.25
C ALA F 663 2.02 13.38 9.33
N PHE F 664 2.83 12.77 10.20
CA PHE F 664 2.30 11.92 11.26
C PHE F 664 3.34 11.71 12.34
N LEU F 665 2.87 11.36 13.53
CA LEU F 665 3.77 10.96 14.62
C LEU F 665 3.88 9.45 14.67
N ALA F 666 5.04 8.96 15.07
CA ALA F 666 5.21 7.55 15.45
C ALA F 666 6.31 7.48 16.50
N ASP F 667 6.19 6.51 17.41
CA ASP F 667 7.27 6.24 18.36
C ASP F 667 7.90 4.87 18.20
N SER F 668 7.52 4.16 17.14
CA SER F 668 8.09 2.84 16.85
C SER F 668 7.95 2.48 15.38
N ARG F 669 8.81 1.56 14.94
CA ARG F 669 8.74 1.02 13.58
C ARG F 669 7.33 0.56 13.23
N GLU F 670 6.68 -0.09 14.18
CA GLU F 670 5.37 -0.70 13.97
C GLU F 670 4.31 0.38 13.77
N MET F 671 4.37 1.40 14.59
CA MET F 671 3.47 2.55 14.49
C MET F 671 3.69 3.28 13.17
N LEU F 672 4.96 3.44 12.81
CA LEU F 672 5.34 4.08 11.55
C LEU F 672 4.74 3.35 10.36
N ILE F 673 4.91 2.03 10.33
CA ILE F 673 4.40 1.22 9.24
C ILE F 673 2.88 1.30 9.22
N LYS F 674 2.27 1.30 10.40
CA LYS F 674 0.82 1.36 10.53
C LYS F 674 0.29 2.68 9.97
N ALA F 675 0.97 3.77 10.31
CA ALA F 675 0.55 5.09 9.87
C ALA F 675 0.53 5.14 8.35
N LEU F 676 1.61 4.66 7.73
CA LEU F 676 1.73 4.74 6.28
C LEU F 676 0.70 3.84 5.61
N ASP F 677 0.45 2.68 6.22
CA ASP F 677 -0.60 1.79 5.77
C ASP F 677 -1.96 2.50 5.82
N ASP F 678 -2.27 3.05 6.99
CA ASP F 678 -3.52 3.79 7.19
C ASP F 678 -3.70 4.88 6.14
N TYR F 679 -2.63 5.65 5.91
CA TYR F 679 -2.67 6.71 4.91
C TYR F 679 -3.04 6.17 3.54
N LEU F 680 -2.37 5.07 3.16
CA LEU F 680 -2.53 4.51 1.82
C LEU F 680 -3.91 3.86 1.66
N ALA F 681 -4.36 3.20 2.71
CA ALA F 681 -5.65 2.51 2.70
C ALA F 681 -6.81 3.46 3.00
N GLU F 682 -6.49 4.72 3.28
CA GLU F 682 -7.49 5.72 3.63
C GLU F 682 -8.31 5.34 4.86
N MET F 683 -7.67 4.65 5.81
CA MET F 683 -8.25 4.36 7.11
C MET F 683 -7.99 5.51 8.07
N PRO F 684 -9.06 6.14 8.59
CA PRO F 684 -8.85 7.26 9.50
C PRO F 684 -7.92 6.91 10.66
N ASN F 685 -7.01 7.83 10.95
CA ASN F 685 -5.98 7.66 11.97
C ASN F 685 -5.65 9.03 12.54
N GLY F 686 -5.82 9.18 13.85
CA GLY F 686 -5.75 10.49 14.50
C GLY F 686 -4.35 11.08 14.51
N SER F 687 -3.37 10.28 14.11
CA SER F 687 -1.98 10.71 14.05
C SER F 687 -1.57 11.21 12.66
N ILE F 688 -2.50 11.15 11.72
CA ILE F 688 -2.19 11.46 10.33
C ILE F 688 -2.81 12.78 9.87
N PHE F 689 -1.98 13.63 9.25
CA PHE F 689 -2.42 14.91 8.72
C PHE F 689 -2.01 15.08 7.27
N ALA F 690 -2.92 15.63 6.46
CA ALA F 690 -2.64 15.79 5.04
C ALA F 690 -3.38 17.01 4.50
N ALA F 691 -2.74 17.73 3.58
CA ALA F 691 -3.34 18.91 2.96
C ALA F 691 -2.64 19.28 1.67
N HIS F 692 -3.37 19.98 0.80
CA HIS F 692 -2.76 20.69 -0.32
C HIS F 692 -2.57 22.13 0.09
N VAL F 693 -1.32 22.60 0.00
CA VAL F 693 -0.92 23.85 0.64
C VAL F 693 -1.65 25.05 0.07
N LYS F 694 -1.96 25.00 -1.23
CA LYS F 694 -2.59 26.12 -1.91
C LYS F 694 -4.02 26.37 -1.41
N THR F 695 -4.57 25.38 -0.70
CA THR F 695 -5.96 25.41 -0.29
C THR F 695 -6.12 26.01 1.10
N LYS F 696 -5.00 26.12 1.81
CA LYS F 696 -5.02 26.38 3.25
C LYS F 696 -4.34 27.69 3.63
N LYS F 697 -4.12 28.55 2.64
CA LYS F 697 -3.39 29.80 2.83
C LYS F 697 -3.97 30.66 3.95
N SER F 698 -5.27 30.88 3.86
CA SER F 698 -5.97 31.79 4.77
C SER F 698 -5.84 31.28 6.20
N GLU F 699 -5.59 29.98 6.33
CA GLU F 699 -5.69 29.29 7.62
C GLU F 699 -4.38 29.36 8.40
N ILE F 700 -3.28 29.60 7.70
CA ILE F 700 -1.98 29.65 8.34
C ILE F 700 -1.42 31.07 8.48
N LYS F 701 -2.05 32.04 7.82
CA LYS F 701 -1.64 33.44 7.93
C LYS F 701 -1.56 33.88 9.39
N LEU F 702 -2.47 33.36 10.20
CA LEU F 702 -2.56 33.74 11.61
C LEU F 702 -1.24 33.53 12.33
N PHE F 703 -0.37 32.72 11.74
CA PHE F 703 0.86 32.29 12.41
C PHE F 703 2.12 32.92 11.85
N GLU F 704 2.01 33.51 10.66
CA GLU F 704 3.19 33.91 9.90
C GLU F 704 3.73 35.28 10.27
N THR F 705 2.88 36.13 10.83
CA THR F 705 3.22 37.54 10.98
C THR F 705 3.12 38.02 12.42
N ASP F 706 2.20 37.45 13.18
CA ASP F 706 2.02 37.89 14.55
C ASP F 706 3.11 37.37 15.47
N HIS F 707 3.45 38.18 16.47
CA HIS F 707 4.62 37.95 17.30
C HIS F 707 4.36 36.93 18.37
N ASP F 708 3.15 36.91 18.89
CA ASP F 708 2.80 35.95 19.93
C ASP F 708 2.36 34.61 19.35
N ALA F 709 1.90 34.62 18.10
CA ALA F 709 1.58 33.39 17.39
C ALA F 709 2.86 32.62 17.08
N LYS F 710 3.87 33.37 16.65
CA LYS F 710 5.21 32.82 16.48
C LYS F 710 5.77 32.30 17.79
N ALA F 711 5.53 33.04 18.88
CA ALA F 711 5.95 32.61 20.21
C ALA F 711 5.25 31.33 20.65
N LEU F 712 4.00 31.19 20.23
CA LEU F 712 3.20 30.00 20.55
C LEU F 712 3.68 28.79 19.74
N LEU F 713 3.86 29.03 18.44
CA LEU F 713 4.47 28.05 17.56
C LEU F 713 5.87 27.67 18.05
N GLN F 714 6.66 28.65 18.44
CA GLN F 714 7.99 28.38 18.98
C GLN F 714 7.93 27.60 20.29
N THR F 715 6.93 27.91 21.12
CA THR F 715 6.70 27.11 22.32
C THR F 715 6.26 25.68 21.98
N TRP F 716 5.40 25.54 20.98
CA TRP F 716 5.03 24.21 20.49
C TRP F 716 6.24 23.48 19.98
N ILE F 717 6.99 24.12 19.10
CA ILE F 717 8.18 23.51 18.52
C ILE F 717 9.39 23.72 19.43
N GLU F 718 9.15 24.28 20.62
CA GLU F 718 10.22 24.53 21.58
C GLU F 718 9.50 24.25 22.90
N LYS F 719 9.27 22.98 23.23
CA LYS F 719 9.13 21.96 22.17
C LYS F 719 8.33 20.79 21.63
N LYS F 720 7.37 20.30 22.43
CA LYS F 720 6.81 18.95 22.51
C LYS F 720 5.65 18.60 21.60
N ARG F 721 4.51 19.25 21.82
CA ARG F 721 3.32 19.00 21.02
C ARG F 721 4.07 18.87 19.69
N LEU F 722 3.69 17.88 18.90
CA LEU F 722 4.33 17.64 17.61
C LEU F 722 3.07 17.62 16.74
N GLU F 723 1.98 17.14 17.30
CA GLU F 723 0.71 17.07 16.58
C GLU F 723 0.36 18.44 15.99
N LYS F 724 0.58 19.47 16.78
CA LYS F 724 0.28 20.84 16.37
C LYS F 724 1.22 21.30 15.26
N VAL F 725 2.52 21.07 15.44
CA VAL F 725 3.50 21.39 14.42
C VAL F 725 3.12 20.68 13.12
N ALA F 726 2.68 19.43 13.25
CA ALA F 726 2.32 18.60 12.10
C ALA F 726 1.16 19.20 11.33
N GLU F 727 0.08 19.52 12.03
CA GLU F 727 -1.11 20.08 11.40
C GLU F 727 -0.75 21.33 10.62
N LEU F 728 0.06 22.18 11.23
CA LEU F 728 0.40 23.47 10.64
C LEU F 728 1.31 23.26 9.45
N TRP F 729 2.27 22.34 9.59
CA TRP F 729 3.22 22.10 8.52
C TRP F 729 2.56 21.64 7.26
N VAL F 730 1.61 20.71 7.37
CA VAL F 730 0.95 20.19 6.19
C VAL F 730 0.10 21.25 5.51
N LYS F 731 -0.30 22.27 6.26
CA LYS F 731 -1.11 23.35 5.74
C LYS F 731 -0.27 24.43 5.06
N GLY F 732 1.04 24.39 5.30
CA GLY F 732 1.98 25.23 4.55
C GLY F 732 2.88 26.09 5.40
N LEU F 733 2.69 26.02 6.72
CA LEU F 733 3.51 26.82 7.63
C LEU F 733 4.96 26.35 7.60
N GLN F 734 5.87 27.31 7.41
CA GLN F 734 7.30 27.00 7.47
C GLN F 734 7.75 26.77 8.91
N ILE F 735 8.38 25.62 9.13
CA ILE F 735 8.84 25.24 10.46
C ILE F 735 10.36 25.36 10.51
N ASP F 736 10.88 25.81 11.64
CA ASP F 736 12.32 25.84 11.88
C ASP F 736 12.75 24.53 12.54
N TRP F 737 13.13 23.55 11.72
CA TRP F 737 13.30 22.19 12.20
C TRP F 737 14.40 22.07 13.22
N ASN F 738 15.35 23.01 13.17
CA ASN F 738 16.46 23.02 14.12
C ASN F 738 15.98 23.15 15.56
N LYS F 739 14.92 23.93 15.75
CA LYS F 739 14.42 24.22 17.09
C LYS F 739 13.85 22.98 17.78
N LEU F 740 13.58 21.94 17.01
CA LEU F 740 13.02 20.70 17.53
C LEU F 740 14.07 19.95 18.33
N TYR F 741 15.33 20.35 18.17
CA TYR F 741 16.46 19.59 18.71
C TYR F 741 17.33 20.46 19.59
N GLY F 742 17.53 20.03 20.83
CA GLY F 742 18.41 20.72 21.77
C GLY F 742 19.49 19.71 21.46
N GLU F 743 20.57 19.72 22.21
CA GLU F 743 21.92 19.26 21.87
C GLU F 743 22.18 17.79 21.64
N TYR F 744 21.12 17.00 21.49
CA TYR F 744 21.14 15.86 20.58
C TYR F 744 20.46 16.21 19.26
N THR F 745 21.25 16.25 18.19
CA THR F 745 20.73 16.39 16.84
C THR F 745 20.98 15.09 16.08
N PRO F 746 19.92 14.51 15.48
CA PRO F 746 20.07 13.30 14.69
C PRO F 746 20.77 13.58 13.36
N ARG F 747 21.09 12.53 12.62
CA ARG F 747 21.84 12.68 11.37
C ARG F 747 21.00 12.31 10.14
N ARG F 748 21.29 12.99 9.03
CA ARG F 748 20.72 12.61 7.75
C ARG F 748 21.16 11.19 7.39
N ILE F 749 20.25 10.41 6.83
CA ILE F 749 20.55 9.08 6.31
C ILE F 749 19.98 8.88 4.92
N SER F 750 20.37 7.78 4.29
CA SER F 750 19.86 7.43 2.96
C SER F 750 18.39 7.02 3.08
N LEU F 751 17.54 7.67 2.30
CA LEU F 751 16.15 7.26 2.17
C LEU F 751 15.75 7.24 0.70
N PRO F 752 14.65 6.57 0.37
CA PRO F 752 14.06 6.64 -0.97
C PRO F 752 13.88 8.08 -1.43
N ALA F 753 14.21 8.33 -2.69
CA ALA F 753 14.13 9.68 -3.23
C ALA F 753 12.80 9.86 -3.97
N TYR F 754 12.61 11.04 -4.54
CA TYR F 754 11.35 11.37 -5.21
C TYR F 754 10.91 10.27 -6.19
N PRO F 755 9.62 9.91 -6.11
CA PRO F 755 9.06 8.97 -7.08
C PRO F 755 8.45 9.69 -8.28
N PHE F 756 9.25 9.92 -9.32
CA PHE F 756 8.80 10.72 -10.45
C PHE F 756 7.55 10.16 -11.09
N ALA F 757 6.67 11.04 -11.57
CA ALA F 757 5.57 10.64 -12.42
C ALA F 757 6.09 9.86 -13.62
N GLU F 758 5.39 8.80 -13.98
CA GLU F 758 5.89 7.89 -15.02
C GLU F 758 5.17 8.07 -16.35
N GLU F 759 5.32 9.27 -16.93
CA GLU F 759 4.63 9.62 -18.16
C GLU F 759 5.44 9.27 -19.40
N TYR F 760 4.77 8.77 -20.42
CA TYR F 760 5.41 8.32 -21.65
C TYR F 760 5.67 9.47 -22.60
N TYR F 761 6.92 9.63 -23.02
CA TYR F 761 7.29 10.56 -24.09
C TYR F 761 8.28 9.92 -25.04
N TRP F 762 7.98 9.99 -26.34
CA TRP F 762 8.87 9.48 -27.36
C TRP F 762 8.78 10.36 -28.58
N LEU F 763 9.28 9.87 -29.71
CA LEU F 763 9.40 10.67 -30.92
C LEU F 763 8.06 11.29 -31.31
N PRO F 764 8.07 12.58 -31.70
CA PRO F 764 6.84 13.31 -32.00
C PRO F 764 6.26 12.96 -33.36
N ASP G 176 -36.26 51.84 48.16
CA ASP G 176 -36.48 53.29 47.86
C ASP G 176 -36.91 53.49 46.41
N ALA G 177 -36.01 54.05 45.60
CA ALA G 177 -36.31 54.34 44.20
C ALA G 177 -36.11 53.11 43.32
N ILE G 178 -36.99 52.95 42.34
CA ILE G 178 -36.83 51.89 41.34
C ILE G 178 -36.44 52.48 40.00
N ALA G 179 -35.33 51.99 39.46
CA ALA G 179 -34.82 52.44 38.17
C ALA G 179 -35.45 51.63 37.05
N ILE G 180 -35.81 52.31 35.96
CA ILE G 180 -36.20 51.63 34.73
C ILE G 180 -35.02 51.61 33.76
N VAL G 181 -34.47 50.43 33.51
CA VAL G 181 -33.17 50.32 32.86
C VAL G 181 -33.27 49.71 31.46
N GLY G 182 -34.49 49.32 31.09
CA GLY G 182 -34.73 48.79 29.76
C GLY G 182 -36.20 48.87 29.39
N MET G 183 -36.48 49.14 28.13
CA MET G 183 -37.85 49.14 27.63
C MET G 183 -37.94 48.57 26.22
N SER G 184 -39.12 48.07 25.88
CA SER G 184 -39.43 47.68 24.51
C SER G 184 -40.94 47.83 24.33
N GLY G 185 -41.35 48.32 23.17
CA GLY G 185 -42.76 48.64 22.93
C GLY G 185 -43.15 48.31 21.51
N ARG G 186 -44.40 47.90 21.33
CA ARG G 186 -44.96 47.63 20.01
C ARG G 186 -46.43 48.04 20.04
N TYR G 187 -46.72 49.17 19.40
CA TYR G 187 -48.06 49.75 19.47
C TYR G 187 -48.57 50.09 18.07
N PRO G 188 -49.84 50.45 17.95
CA PRO G 188 -50.37 50.80 16.64
C PRO G 188 -49.54 51.90 15.98
N GLY G 189 -49.06 51.62 14.77
CA GLY G 189 -48.28 52.59 14.01
C GLY G 189 -46.81 52.64 14.40
N ALA G 190 -46.41 51.81 15.35
CA ALA G 190 -45.05 51.87 15.88
C ALA G 190 -44.50 50.48 16.22
N ARG G 191 -43.51 50.05 15.46
CA ARG G 191 -42.91 48.72 15.63
C ARG G 191 -41.94 48.68 16.80
N ASN G 192 -41.50 49.85 17.22
CA ASN G 192 -40.63 49.99 18.39
C ASN G 192 -40.78 51.37 19.01
N VAL G 193 -40.14 51.59 20.15
CA VAL G 193 -40.37 52.78 20.94
C VAL G 193 -39.81 54.02 20.26
N ARG G 194 -38.93 53.81 19.29
CA ARG G 194 -38.36 54.91 18.53
C ARG G 194 -39.36 55.45 17.50
N GLU G 195 -40.08 54.54 16.86
CA GLU G 195 -41.19 54.93 15.98
C GLU G 195 -42.35 55.51 16.78
N TYR G 196 -42.62 54.91 17.93
CA TYR G 196 -43.58 55.44 18.90
C TYR G 196 -43.31 56.90 19.21
N TRP G 197 -42.07 57.21 19.58
CA TRP G 197 -41.69 58.57 19.91
C TRP G 197 -41.92 59.50 18.74
N ASP G 198 -41.50 59.06 17.56
CA ASP G 198 -41.64 59.85 16.35
C ASP G 198 -43.11 60.19 16.09
N ASN G 199 -43.96 59.18 16.23
CA ASN G 199 -45.39 59.37 16.04
C ASN G 199 -45.99 60.36 17.04
N LEU G 200 -45.51 60.31 18.27
CA LEU G 200 -46.01 61.18 19.34
C LEU G 200 -45.62 62.63 19.09
N VAL G 201 -44.35 62.81 18.73
CA VAL G 201 -43.82 64.13 18.42
C VAL G 201 -44.59 64.77 17.27
N HIS G 202 -44.98 63.95 16.29
CA HIS G 202 -45.68 64.41 15.10
C HIS G 202 -47.17 64.32 15.24
N ALA G 203 -47.65 64.14 16.47
CA ALA G 203 -49.08 64.10 16.76
C ALA G 203 -49.87 63.21 15.82
N ARG G 204 -49.31 62.04 15.52
CA ARG G 204 -49.95 61.09 14.60
C ARG G 204 -50.99 60.23 15.29
N ASN G 205 -52.12 60.05 14.60
CA ASN G 205 -53.18 59.16 15.05
C ASN G 205 -53.15 57.83 14.29
N ALA G 206 -53.10 56.72 15.03
CA ALA G 206 -52.80 55.42 14.44
C ALA G 206 -54.04 54.55 14.25
N ILE G 207 -55.20 55.10 14.61
CA ILE G 207 -56.47 54.40 14.49
C ILE G 207 -56.88 54.25 13.04
N ARG G 208 -57.16 53.03 12.62
CA ARG G 208 -57.61 52.75 11.25
C ARG G 208 -58.93 51.99 11.24
N ASP G 209 -59.62 52.02 10.10
CA ASP G 209 -60.73 51.11 9.86
C ASP G 209 -60.28 49.66 9.87
N ILE G 210 -61.06 48.79 10.50
CA ILE G 210 -60.76 47.37 10.59
C ILE G 210 -60.86 46.68 9.23
N PRO G 211 -59.74 46.16 8.71
CA PRO G 211 -59.79 45.54 7.40
C PRO G 211 -60.41 44.14 7.44
N THR G 212 -60.81 43.65 6.27
CA THR G 212 -61.50 42.36 6.16
C THR G 212 -60.56 41.19 6.46
N SER G 213 -59.25 41.43 6.35
CA SER G 213 -58.25 40.45 6.73
C SER G 213 -58.27 40.14 8.22
N ARG G 214 -58.88 41.01 9.01
CA ARG G 214 -59.16 40.73 10.41
C ARG G 214 -60.56 40.14 10.58
N TRP G 215 -61.57 41.00 10.40
CA TRP G 215 -62.92 40.53 10.15
C TRP G 215 -63.69 41.53 9.33
N ASP G 216 -64.83 41.10 8.79
CA ASP G 216 -65.67 41.96 7.97
C ASP G 216 -66.62 42.76 8.85
N VAL G 217 -66.34 44.06 8.99
CA VAL G 217 -67.16 44.92 9.84
C VAL G 217 -68.58 45.05 9.34
N ASP G 218 -68.77 44.89 8.03
CA ASP G 218 -70.08 45.02 7.41
C ASP G 218 -71.03 43.92 7.86
N LYS G 219 -70.45 42.77 8.23
CA LYS G 219 -71.24 41.65 8.71
C LYS G 219 -71.66 41.80 10.18
N TYR G 220 -71.07 42.79 10.86
CA TYR G 220 -71.37 43.01 12.27
C TYR G 220 -71.91 44.42 12.53
N TYR G 221 -71.69 45.32 11.58
CA TYR G 221 -71.99 46.73 11.78
C TYR G 221 -73.47 47.06 11.80
N ASP G 222 -73.90 47.69 12.89
CA ASP G 222 -75.19 48.39 12.96
C ASP G 222 -74.95 49.72 13.68
N PRO G 223 -75.48 50.81 13.13
CA PRO G 223 -75.22 52.13 13.70
C PRO G 223 -75.95 52.43 15.02
N VAL G 224 -76.99 51.66 15.33
CA VAL G 224 -77.83 51.98 16.49
C VAL G 224 -77.24 51.50 17.81
N LYS G 230 -74.27 42.77 17.33
CA LYS G 230 -73.83 43.77 16.36
C LYS G 230 -72.82 44.74 16.97
N VAL G 231 -71.97 45.31 16.13
CA VAL G 231 -71.00 46.32 16.54
C VAL G 231 -71.38 47.70 15.99
N TYR G 232 -71.13 48.75 16.78
CA TYR G 232 -71.33 50.11 16.31
C TYR G 232 -70.03 50.90 16.18
N CYS G 233 -68.91 50.21 16.30
CA CYS G 233 -67.59 50.78 16.04
C CYS G 233 -66.87 49.95 14.98
N LYS G 234 -66.24 50.63 14.03
CA LYS G 234 -65.56 49.96 12.92
C LYS G 234 -64.06 50.27 12.91
N SER G 235 -63.58 50.86 13.99
CA SER G 235 -62.21 51.33 14.06
C SER G 235 -61.41 50.61 15.14
N MET G 236 -60.10 50.55 14.95
CA MET G 236 -59.19 49.93 15.92
C MET G 236 -57.77 50.48 15.77
N GLY G 237 -57.10 50.67 16.90
CA GLY G 237 -55.64 50.79 16.90
C GLY G 237 -54.99 49.42 16.80
N MET G 238 -54.51 49.10 15.60
CA MET G 238 -54.09 47.74 15.29
C MET G 238 -52.58 47.58 15.20
N LEU G 239 -52.08 46.48 15.76
CA LEU G 239 -50.73 46.02 15.46
C LEU G 239 -50.65 45.40 14.08
N ASP G 240 -49.50 45.57 13.44
CA ASP G 240 -49.21 44.87 12.18
C ASP G 240 -48.59 43.51 12.46
N ASP G 241 -48.89 42.55 11.60
CA ASP G 241 -48.19 41.27 11.57
C ASP G 241 -48.24 40.57 12.91
N ILE G 242 -49.45 40.40 13.45
CA ILE G 242 -49.62 39.76 14.74
C ILE G 242 -49.39 38.25 14.67
N GLU G 243 -49.22 37.75 13.45
CA GLU G 243 -49.04 36.32 13.22
C GLU G 243 -47.56 35.93 13.16
N HIS G 244 -46.69 36.92 13.12
CA HIS G 244 -45.26 36.69 12.93
C HIS G 244 -44.60 36.26 14.20
N PHE G 245 -43.73 35.27 14.11
CA PHE G 245 -43.02 34.73 15.27
C PHE G 245 -41.71 34.07 14.82
N ASP G 246 -40.74 34.03 15.71
CA ASP G 246 -39.48 33.36 15.42
C ASP G 246 -39.25 32.19 16.39
N PRO G 247 -39.98 31.09 16.17
CA PRO G 247 -40.05 30.04 17.19
C PRO G 247 -38.71 29.35 17.41
N LEU G 248 -37.91 29.26 16.34
CA LEU G 248 -36.59 28.64 16.44
C LEU G 248 -35.66 29.37 17.39
N PHE G 249 -35.72 30.69 17.41
CA PHE G 249 -34.96 31.50 18.35
C PHE G 249 -35.22 31.06 19.78
N PHE G 250 -36.47 30.71 20.07
CA PHE G 250 -36.89 30.38 21.42
C PHE G 250 -36.88 28.88 21.70
N ASN G 251 -36.26 28.12 20.81
CA ASN G 251 -36.22 26.66 20.92
C ASN G 251 -37.61 26.03 20.93
N ILE G 252 -38.53 26.64 20.19
CA ILE G 252 -39.90 26.13 20.09
C ILE G 252 -40.10 25.52 18.70
N PRO G 253 -40.64 24.30 18.64
CA PRO G 253 -40.94 23.68 17.36
C PRO G 253 -41.97 24.49 16.58
N PRO G 254 -41.69 24.75 15.29
CA PRO G 254 -42.56 25.53 14.42
C PRO G 254 -44.04 25.15 14.52
N SER G 255 -44.31 23.87 14.69
CA SER G 255 -45.68 23.37 14.77
C SER G 255 -46.35 23.77 16.08
N GLU G 256 -45.55 23.95 17.13
CA GLU G 256 -46.07 24.40 18.41
C GLU G 256 -46.44 25.88 18.34
N ALA G 257 -45.79 26.60 17.44
CA ALA G 257 -46.05 28.03 17.24
C ALA G 257 -47.48 28.31 16.82
N GLU G 258 -48.03 27.43 15.98
CA GLU G 258 -49.41 27.56 15.51
C GLU G 258 -50.41 27.45 16.66
N LEU G 259 -50.01 26.74 17.71
CA LEU G 259 -50.89 26.44 18.83
C LEU G 259 -50.77 27.48 19.95
N MET G 260 -49.84 28.42 19.79
CA MET G 260 -49.62 29.47 20.78
C MET G 260 -50.45 30.70 20.48
N ASP G 261 -51.19 31.18 21.49
CA ASP G 261 -51.76 32.52 21.49
C ASP G 261 -50.70 33.53 21.04
N PRO G 262 -51.02 34.34 20.02
CA PRO G 262 -50.09 35.35 19.54
C PRO G 262 -49.77 36.41 20.59
N GLN G 263 -50.65 36.56 21.58
CA GLN G 263 -50.35 37.37 22.76
C GLN G 263 -49.11 36.86 23.49
N HIS G 264 -49.01 35.55 23.64
CA HIS G 264 -47.83 34.91 24.22
C HIS G 264 -46.60 35.13 23.39
N ARG G 265 -46.75 34.91 22.08
CA ARG G 265 -45.63 34.98 21.15
C ARG G 265 -45.07 36.40 21.10
N ILE G 266 -45.95 37.38 21.03
CA ILE G 266 -45.56 38.77 20.88
C ILE G 266 -44.87 39.28 22.14
N PHE G 267 -45.42 38.92 23.30
CA PHE G 267 -44.78 39.32 24.55
C PHE G 267 -43.44 38.65 24.76
N LEU G 268 -43.35 37.35 24.45
CA LEU G 268 -42.07 36.64 24.46
C LEU G 268 -41.00 37.42 23.69
N GLN G 269 -41.38 37.99 22.56
CA GLN G 269 -40.45 38.78 21.76
C GLN G 269 -40.10 40.12 22.40
N GLU G 270 -41.13 40.89 22.76
CA GLU G 270 -40.93 42.21 23.34
C GLU G 270 -40.21 42.14 24.68
N GLY G 271 -40.64 41.21 25.53
CA GLY G 271 -39.99 40.99 26.82
C GLY G 271 -38.50 40.73 26.64
N TYR G 272 -38.17 39.82 25.73
CA TYR G 272 -36.78 39.51 25.42
C TYR G 272 -36.05 40.79 25.01
N LYS G 273 -36.70 41.59 24.17
CA LYS G 273 -36.06 42.76 23.59
C LYS G 273 -35.83 43.86 24.62
N ALA G 274 -36.71 43.93 25.61
CA ALA G 274 -36.51 44.82 26.73
C ALA G 274 -35.21 44.51 27.46
N PHE G 275 -34.93 43.23 27.68
CA PHE G 275 -33.69 42.84 28.34
C PHE G 275 -32.48 43.28 27.52
N GLU G 276 -32.56 43.07 26.20
CA GLU G 276 -31.49 43.47 25.30
C GLU G 276 -31.35 44.99 25.24
N ASP G 277 -32.47 45.69 25.30
CA ASP G 277 -32.44 47.15 25.40
C ASP G 277 -31.61 47.58 26.60
N ALA G 278 -31.78 46.90 27.72
CA ALA G 278 -31.03 47.21 28.92
C ALA G 278 -29.56 46.83 28.79
N GLY G 279 -29.27 45.90 27.89
CA GLY G 279 -27.91 45.42 27.70
C GLY G 279 -27.62 44.14 28.46
N TYR G 280 -28.67 43.35 28.67
CA TYR G 280 -28.55 42.05 29.33
C TYR G 280 -28.80 40.94 28.32
N ASN G 281 -28.07 39.83 28.45
CA ASN G 281 -28.23 38.70 27.54
C ASN G 281 -28.44 37.39 28.29
N ALA G 282 -28.73 36.32 27.55
CA ALA G 282 -29.01 35.03 28.15
C ALA G 282 -27.97 34.66 29.22
N ARG G 283 -26.70 34.89 28.91
CA ARG G 283 -25.61 34.54 29.82
C ARG G 283 -25.73 35.31 31.14
N THR G 284 -26.00 36.61 31.04
CA THR G 284 -26.00 37.47 32.22
C THR G 284 -27.29 37.37 33.01
N LEU G 285 -28.32 36.80 32.39
CA LEU G 285 -29.62 36.66 33.04
C LEU G 285 -29.82 35.29 33.68
N ASN G 286 -29.01 34.32 33.26
CA ASN G 286 -29.06 32.96 33.80
C ASN G 286 -29.10 32.93 35.32
N GLU G 287 -30.14 32.31 35.88
CA GLU G 287 -30.30 32.15 37.31
C GLU G 287 -30.57 33.43 38.10
N LYS G 288 -30.75 34.54 37.39
CA LYS G 288 -31.09 35.81 38.04
C LYS G 288 -32.45 35.72 38.73
N LYS G 289 -32.54 36.32 39.92
CA LYS G 289 -33.80 36.43 40.62
C LYS G 289 -34.65 37.55 40.01
N CYS G 290 -35.09 37.33 38.78
CA CYS G 290 -35.94 38.29 38.08
C CYS G 290 -37.39 37.85 38.04
N GLY G 291 -38.25 38.63 38.69
CA GLY G 291 -39.69 38.40 38.60
C GLY G 291 -40.23 38.86 37.27
N VAL G 292 -41.27 38.18 36.79
CA VAL G 292 -41.99 38.61 35.59
C VAL G 292 -43.46 38.80 35.87
N TYR G 293 -43.95 40.02 35.70
CA TYR G 293 -45.33 40.38 35.99
C TYR G 293 -46.04 40.88 34.74
N LEU G 294 -46.95 40.06 34.22
CA LEU G 294 -47.47 40.24 32.88
C LEU G 294 -48.95 40.57 32.88
N GLY G 295 -49.28 41.77 32.40
CA GLY G 295 -50.68 42.17 32.21
C GLY G 295 -51.30 41.49 31.01
N ILE G 296 -52.40 40.78 31.24
CA ILE G 296 -53.09 40.04 30.18
C ILE G 296 -54.52 39.74 30.60
N MET G 297 -55.45 39.88 29.65
CA MET G 297 -56.87 39.92 30.00
C MET G 297 -57.82 39.21 29.04
N SER G 298 -57.29 38.50 28.06
CA SER G 298 -58.13 37.86 27.05
C SER G 298 -57.61 36.51 26.56
N ASN G 299 -58.51 35.67 26.07
CA ASN G 299 -58.18 34.29 25.71
C ASN G 299 -58.61 33.88 24.31
N GLU G 300 -58.78 34.85 23.42
CA GLU G 300 -59.47 34.63 22.15
C GLU G 300 -58.90 33.47 21.34
N TYR G 301 -57.58 33.42 21.20
CA TYR G 301 -56.92 32.42 20.37
C TYR G 301 -57.15 31.00 20.90
N GLY G 302 -57.03 30.83 22.21
CA GLY G 302 -57.29 29.55 22.86
C GLY G 302 -58.69 29.03 22.55
N VAL G 303 -59.67 29.91 22.65
CA VAL G 303 -61.05 29.57 22.31
C VAL G 303 -61.20 29.25 20.83
N MET G 304 -60.61 30.08 19.98
CA MET G 304 -60.62 29.86 18.54
C MET G 304 -60.12 28.46 18.20
N LEU G 305 -59.12 28.00 18.93
CA LEU G 305 -58.56 26.67 18.71
C LEU G 305 -59.56 25.54 18.97
N ASN G 306 -60.48 25.75 19.91
CA ASN G 306 -61.52 24.79 20.21
C ASN G 306 -62.85 25.11 19.54
N GLY G 315 -51.67 24.95 27.07
CA GLY G 315 -50.54 25.77 26.64
C GLY G 315 -50.83 27.25 26.72
N ASN G 316 -52.11 27.61 26.66
CA ASN G 316 -52.50 29.00 26.46
C ASN G 316 -53.12 29.64 27.70
N SER G 317 -52.70 29.15 28.86
CA SER G 317 -53.15 29.72 30.12
C SER G 317 -52.39 31.03 30.40
N PHE G 318 -53.00 31.90 31.19
CA PHE G 318 -52.31 33.09 31.66
C PHE G 318 -51.02 32.71 32.38
N ALA G 319 -51.08 31.60 33.12
CA ALA G 319 -49.96 31.16 33.95
C ALA G 319 -48.75 30.84 33.08
N ILE G 320 -49.00 30.23 31.93
CA ILE G 320 -47.93 29.90 31.01
C ILE G 320 -47.45 31.10 30.22
N ALA G 321 -48.36 32.02 29.90
CA ALA G 321 -47.99 33.26 29.22
C ALA G 321 -46.88 33.99 29.98
N ALA G 322 -47.04 34.05 31.30
CA ALA G 322 -46.07 34.71 32.17
C ALA G 322 -44.78 33.92 32.26
N ALA G 323 -44.88 32.59 32.17
CA ALA G 323 -43.76 31.72 32.48
C ALA G 323 -42.84 31.49 31.27
N ARG G 324 -43.29 31.93 30.10
CA ARG G 324 -42.53 31.68 28.87
C ARG G 324 -41.11 32.20 29.01
N ILE G 325 -40.99 33.45 29.45
CA ILE G 325 -39.70 34.13 29.48
C ILE G 325 -38.77 33.55 30.54
N PRO G 326 -39.29 33.31 31.76
CA PRO G 326 -38.47 32.68 32.78
C PRO G 326 -37.94 31.33 32.33
N TYR G 327 -38.79 30.55 31.65
CA TYR G 327 -38.42 29.22 31.18
C TYR G 327 -37.30 29.31 30.15
N PHE G 328 -37.41 30.29 29.26
CA PHE G 328 -36.43 30.47 28.20
C PHE G 328 -35.08 30.93 28.75
N LEU G 329 -35.11 31.90 29.67
CA LEU G 329 -33.89 32.56 30.12
C LEU G 329 -33.35 31.97 31.42
N ASN G 330 -34.11 31.06 32.00
CA ASN G 330 -33.78 30.50 33.32
C ASN G 330 -33.77 31.56 34.42
N LEU G 331 -34.84 32.35 34.49
CA LEU G 331 -34.99 33.29 35.58
C LEU G 331 -35.67 32.61 36.77
N LYS G 332 -35.50 33.18 37.95
CA LYS G 332 -35.82 32.48 39.18
C LYS G 332 -36.80 33.26 40.07
N GLY G 333 -37.12 34.48 39.67
CA GLY G 333 -38.14 35.26 40.36
C GLY G 333 -39.53 34.81 39.95
N PRO G 334 -40.54 35.11 40.77
CA PRO G 334 -41.89 34.63 40.47
C PRO G 334 -42.38 35.07 39.10
N ALA G 335 -43.16 34.24 38.43
CA ALA G 335 -43.77 34.65 37.17
C ALA G 335 -45.29 34.66 37.30
N ILE G 336 -45.87 35.85 37.34
CA ILE G 336 -47.28 36.02 37.68
C ILE G 336 -48.00 36.78 36.58
N PRO G 337 -49.10 36.22 36.04
CA PRO G 337 -49.94 37.03 35.18
C PRO G 337 -50.93 37.87 35.99
N ILE G 338 -51.20 39.08 35.53
CA ILE G 338 -52.15 39.96 36.21
C ILE G 338 -53.30 40.33 35.27
N ASP G 339 -54.52 39.92 35.62
CA ASP G 339 -55.70 40.41 34.94
C ASP G 339 -56.57 41.27 35.84
N THR G 340 -56.25 42.56 35.89
CA THR G 340 -57.18 43.53 36.46
C THR G 340 -57.73 44.42 35.35
N ALA G 341 -58.01 43.80 34.21
CA ALA G 341 -58.42 44.53 33.02
C ALA G 341 -57.38 45.58 32.65
N CYS G 342 -57.81 46.83 32.56
CA CYS G 342 -57.03 47.87 31.90
C CYS G 342 -55.92 48.43 32.77
N SER G 343 -55.95 48.10 34.06
CA SER G 343 -54.93 48.60 34.98
C SER G 343 -53.81 47.58 35.13
N SER G 344 -53.90 46.49 34.37
CA SER G 344 -53.12 45.29 34.64
C SER G 344 -51.63 45.56 34.72
N SER G 345 -51.09 46.22 33.68
CA SER G 345 -49.66 46.37 33.55
C SER G 345 -49.11 47.35 34.59
N LEU G 346 -49.96 48.26 35.04
CA LEU G 346 -49.56 49.18 36.11
C LEU G 346 -49.62 48.50 37.48
N VAL G 347 -50.62 47.66 37.67
CA VAL G 347 -50.71 46.85 38.89
C VAL G 347 -49.49 45.97 39.03
N GLY G 348 -49.10 45.33 37.93
CA GLY G 348 -47.88 44.53 37.89
C GLY G 348 -46.66 45.34 38.29
N THR G 349 -46.60 46.58 37.79
CA THR G 349 -45.50 47.47 38.09
C THR G 349 -45.42 47.74 39.59
N HIS G 350 -46.58 47.87 40.22
CA HIS G 350 -46.62 48.09 41.66
C HIS G 350 -46.10 46.90 42.41
N LEU G 351 -46.51 45.71 41.99
CA LEU G 351 -46.13 44.49 42.68
C LEU G 351 -44.63 44.23 42.53
N ALA G 352 -44.11 44.52 41.35
CA ALA G 352 -42.68 44.34 41.07
C ALA G 352 -41.88 45.30 41.94
N ARG G 353 -42.38 46.53 42.04
CA ARG G 353 -41.72 47.56 42.85
C ARG G 353 -41.60 47.12 44.30
N GLN G 354 -42.68 46.58 44.84
CA GLN G 354 -42.70 46.16 46.24
C GLN G 354 -41.81 44.95 46.48
N ALA G 355 -41.75 44.03 45.53
CA ALA G 355 -40.88 42.87 45.65
C ALA G 355 -39.42 43.29 45.57
N LEU G 356 -39.14 44.30 44.75
CA LEU G 356 -37.78 44.81 44.62
C LEU G 356 -37.32 45.55 45.87
N ILE G 357 -38.18 46.40 46.41
CA ILE G 357 -37.89 47.10 47.66
C ILE G 357 -37.71 46.15 48.84
N ASN G 358 -38.53 45.11 48.91
CA ASN G 358 -38.41 44.09 49.94
C ASN G 358 -37.31 43.07 49.66
N LYS G 359 -36.56 43.28 48.58
CA LYS G 359 -35.39 42.47 48.26
C LYS G 359 -35.71 41.02 47.98
N GLU G 360 -36.96 40.73 47.62
CA GLU G 360 -37.37 39.38 47.26
C GLU G 360 -36.90 38.99 45.87
N ILE G 361 -36.79 39.98 44.99
CA ILE G 361 -36.19 39.81 43.67
C ILE G 361 -35.12 40.88 43.46
N ASP G 362 -34.26 40.67 42.46
CA ASP G 362 -33.16 41.58 42.20
C ASP G 362 -33.35 42.28 40.85
N MET G 363 -34.42 41.90 40.15
CA MET G 363 -34.79 42.49 38.87
C MET G 363 -36.24 42.11 38.57
N ALA G 364 -36.89 42.90 37.71
CA ALA G 364 -38.29 42.64 37.38
C ALA G 364 -38.54 42.97 35.91
N LEU G 365 -39.16 42.05 35.18
CA LEU G 365 -39.72 42.36 33.87
C LEU G 365 -41.23 42.54 34.02
N VAL G 366 -41.69 43.78 33.84
CA VAL G 366 -43.12 44.06 33.88
C VAL G 366 -43.60 44.47 32.50
N GLY G 367 -44.84 44.11 32.18
CA GLY G 367 -45.40 44.43 30.88
C GLY G 367 -46.89 44.16 30.77
N GLY G 368 -47.44 44.46 29.61
CA GLY G 368 -48.79 44.03 29.24
C GLY G 368 -48.89 43.71 27.76
N VAL G 369 -49.89 42.90 27.41
CA VAL G 369 -50.18 42.61 26.01
C VAL G 369 -51.69 42.48 25.80
N SER G 370 -52.20 43.16 24.78
CA SER G 370 -53.60 43.02 24.39
C SER G 370 -53.81 42.96 22.88
N LEU G 371 -54.54 41.94 22.43
CA LEU G 371 -54.97 41.86 21.04
C LEU G 371 -56.49 41.72 21.00
N TYR G 372 -57.08 42.17 19.89
CA TYR G 372 -58.51 42.02 19.64
C TYR G 372 -58.79 41.20 18.39
N LEU G 373 -58.92 39.89 18.57
CA LEU G 373 -58.85 38.94 17.46
C LEU G 373 -60.22 38.62 16.87
N THR G 374 -61.28 38.77 17.65
CA THR G 374 -62.61 38.39 17.20
C THR G 374 -63.58 39.57 17.22
N PRO G 375 -64.59 39.53 16.34
CA PRO G 375 -65.69 40.48 16.39
C PRO G 375 -66.41 40.45 17.73
N GLU G 376 -66.42 39.28 18.37
CA GLU G 376 -67.20 39.05 19.58
C GLU G 376 -66.65 39.82 20.77
N SER G 377 -65.32 39.81 20.92
CA SER G 377 -64.68 40.41 22.08
C SER G 377 -64.46 41.92 21.99
N TYR G 378 -63.72 42.34 20.97
CA TYR G 378 -63.63 43.75 20.60
C TYR G 378 -65.02 44.35 20.65
N MET G 379 -66.01 43.53 20.27
CA MET G 379 -67.40 43.95 20.15
C MET G 379 -67.90 44.65 21.42
N SER G 380 -67.85 43.96 22.55
CA SER G 380 -68.61 44.40 23.72
C SER G 380 -68.47 45.91 23.72
N MET G 381 -69.60 46.58 23.47
CA MET G 381 -69.61 47.97 23.02
C MET G 381 -69.59 48.80 24.29
N ALA G 384 -72.74 46.87 25.91
CA ALA G 384 -72.23 47.37 27.19
C ALA G 384 -71.96 48.87 27.16
N GLY G 385 -71.98 49.45 25.96
CA GLY G 385 -71.97 50.90 25.80
C GLY G 385 -70.60 51.56 25.89
N MET G 386 -69.55 50.76 25.79
CA MET G 386 -68.20 51.20 26.11
C MET G 386 -67.54 51.98 24.97
N LEU G 387 -67.84 51.61 23.73
CA LEU G 387 -67.09 52.11 22.59
C LEU G 387 -67.64 53.41 22.01
N SER G 388 -66.77 54.17 21.35
CA SER G 388 -67.17 55.37 20.63
C SER G 388 -67.62 55.01 19.22
N PRO G 389 -68.76 55.56 18.78
CA PRO G 389 -69.21 55.37 17.41
C PRO G 389 -68.34 56.07 16.37
N ASP G 390 -67.55 57.06 16.80
CA ASP G 390 -66.67 57.80 15.91
C ASP G 390 -65.29 57.16 15.80
N GLY G 391 -65.02 56.19 16.67
CA GLY G 391 -63.75 55.47 16.65
C GLY G 391 -62.56 56.29 17.10
N GLN G 392 -62.79 57.18 18.07
CA GLN G 392 -61.71 57.93 18.70
C GLN G 392 -61.88 58.02 20.21
N CYS G 393 -60.76 57.95 20.93
CA CYS G 393 -60.72 58.35 22.33
C CYS G 393 -60.54 59.86 22.47
N LYS G 394 -61.66 60.55 22.69
CA LYS G 394 -61.67 62.00 22.76
C LYS G 394 -61.42 62.46 24.20
N ALA G 395 -60.20 62.24 24.67
CA ALA G 395 -59.87 62.45 26.07
C ALA G 395 -60.09 63.91 26.45
N PHE G 396 -60.79 64.12 27.56
CA PHE G 396 -60.95 65.45 28.15
C PHE G 396 -61.91 66.34 27.37
N ASP G 397 -62.34 65.88 26.19
CA ASP G 397 -63.17 66.67 25.29
C ASP G 397 -64.66 66.51 25.61
N ASN G 398 -65.42 67.56 25.38
CA ASN G 398 -66.86 67.54 25.66
C ASN G 398 -67.61 66.54 24.79
N GLY G 399 -67.02 66.18 23.65
CA GLY G 399 -67.62 65.21 22.75
C GLY G 399 -67.20 63.78 23.02
N ALA G 400 -66.53 63.56 24.14
CA ALA G 400 -66.16 62.21 24.56
C ALA G 400 -67.39 61.30 24.61
N ASN G 401 -67.29 60.15 23.98
CA ASN G 401 -68.42 59.23 23.88
C ASN G 401 -68.03 57.76 23.85
N GLY G 402 -66.92 57.43 24.49
CA GLY G 402 -66.43 56.05 24.53
C GLY G 402 -65.03 55.93 23.97
N PHE G 403 -64.41 54.77 24.17
CA PHE G 403 -63.06 54.53 23.68
C PHE G 403 -63.02 53.69 22.40
N VAL G 404 -61.91 53.77 21.68
CA VAL G 404 -61.65 52.86 20.58
C VAL G 404 -60.61 51.84 21.01
N PRO G 405 -60.94 50.55 20.92
CA PRO G 405 -60.01 49.49 21.31
C PRO G 405 -58.68 49.59 20.57
N GLY G 406 -57.59 49.40 21.31
CA GLY G 406 -56.25 49.36 20.71
C GLY G 406 -55.50 48.10 21.10
N GLU G 407 -54.55 47.70 20.25
CA GLU G 407 -53.69 46.57 20.58
C GLU G 407 -52.32 47.12 20.98
N GLY G 408 -51.57 46.33 21.75
CA GLY G 408 -50.24 46.74 22.19
C GLY G 408 -49.52 45.67 22.98
N ALA G 409 -48.19 45.72 22.96
CA ALA G 409 -47.35 44.89 23.81
C ALA G 409 -46.11 45.67 24.25
N GLY G 410 -45.93 45.79 25.56
CA GLY G 410 -44.86 46.61 26.10
C GLY G 410 -44.24 46.02 27.37
N ALA G 411 -42.94 46.21 27.52
CA ALA G 411 -42.22 45.66 28.66
C ALA G 411 -41.26 46.71 29.25
N LEU G 412 -41.04 46.63 30.55
CA LEU G 412 -40.02 47.42 31.21
C LEU G 412 -39.08 46.51 31.98
N VAL G 413 -37.83 46.93 32.14
CA VAL G 413 -36.89 46.26 33.03
C VAL G 413 -36.64 47.12 34.27
N LEU G 414 -36.95 46.58 35.45
CA LEU G 414 -36.83 47.33 36.69
C LEU G 414 -35.77 46.76 37.64
N LYS G 415 -35.04 47.65 38.30
CA LYS G 415 -34.09 47.28 39.34
C LYS G 415 -34.14 48.33 40.44
N ARG G 416 -33.63 48.00 41.61
CA ARG G 416 -33.36 49.01 42.64
C ARG G 416 -32.35 50.01 42.11
N LEU G 417 -32.56 51.29 42.40
CA LEU G 417 -31.72 52.34 41.82
C LEU G 417 -30.26 52.17 42.21
N LYS G 418 -30.02 51.78 43.46
CA LYS G 418 -28.67 51.54 43.98
C LYS G 418 -27.92 50.49 43.18
N ASP G 419 -28.62 49.40 42.82
CA ASP G 419 -28.03 48.33 42.01
C ASP G 419 -27.76 48.82 40.60
N ALA G 420 -28.71 49.54 40.04
CA ALA G 420 -28.61 50.03 38.67
C ALA G 420 -27.41 50.96 38.50
N GLU G 421 -27.12 51.76 39.53
CA GLU G 421 -25.99 52.68 39.49
C GLU G 421 -24.66 51.96 39.69
N ALA G 422 -24.66 50.98 40.58
CA ALA G 422 -23.50 50.12 40.79
C ALA G 422 -23.18 49.28 39.56
N ASP G 423 -24.22 48.83 38.85
CA ASP G 423 -24.03 47.98 37.68
C ASP G 423 -23.81 48.78 36.41
N ARG G 424 -23.90 50.11 36.52
CA ARG G 424 -23.66 51.01 35.40
C ARG G 424 -24.67 50.80 34.27
N ASP G 425 -25.89 50.43 34.62
CA ASP G 425 -27.00 50.38 33.68
C ASP G 425 -27.26 51.78 33.15
N HIS G 426 -27.87 51.87 31.97
CA HIS G 426 -28.49 53.12 31.56
C HIS G 426 -29.91 53.20 32.04
N ILE G 427 -30.28 54.37 32.55
CA ILE G 427 -31.49 54.52 33.36
C ILE G 427 -32.43 55.52 32.69
N TYR G 428 -33.64 55.08 32.38
CA TYR G 428 -34.61 55.92 31.68
C TYR G 428 -35.27 56.90 32.65
N GLY G 429 -35.39 56.49 33.89
CA GLY G 429 -36.14 57.25 34.90
C GLY G 429 -36.33 56.40 36.13
N ILE G 430 -36.88 56.99 37.19
CA ILE G 430 -37.07 56.29 38.45
C ILE G 430 -38.48 56.37 38.98
N ILE G 431 -38.99 55.25 39.50
CA ILE G 431 -40.29 55.21 40.14
C ILE G 431 -40.17 55.54 41.62
N ILE G 432 -40.74 56.68 42.02
CA ILE G 432 -40.59 57.16 43.38
C ILE G 432 -41.86 56.97 44.22
N GLY G 433 -42.91 56.45 43.59
CA GLY G 433 -44.12 56.12 44.31
C GLY G 433 -45.13 55.35 43.47
N SER G 434 -45.89 54.47 44.11
CA SER G 434 -46.95 53.74 43.44
C SER G 434 -47.96 53.24 44.46
N GLY G 435 -49.20 53.02 44.01
CA GLY G 435 -50.25 52.50 44.87
C GLY G 435 -51.37 51.92 44.05
N ILE G 436 -52.08 50.94 44.61
CA ILE G 436 -53.25 50.38 43.96
C ILE G 436 -54.40 50.30 44.96
N ASN G 437 -55.62 50.47 44.48
CA ASN G 437 -56.79 50.26 45.32
C ASN G 437 -58.04 49.85 44.54
N GLN G 438 -59.18 49.81 45.22
CA GLN G 438 -60.42 49.38 44.60
C GLN G 438 -61.49 50.48 44.63
N ASP G 439 -62.35 50.50 43.62
CA ASP G 439 -63.50 51.37 43.59
C ASP G 439 -64.50 50.97 44.68
N GLY G 440 -64.58 49.67 44.93
CA GLY G 440 -65.60 49.12 45.82
C GLY G 440 -66.98 49.24 45.22
N LYS G 441 -67.96 49.62 46.04
CA LYS G 441 -69.34 49.70 45.60
C LYS G 441 -69.59 50.96 44.79
N THR G 442 -69.86 50.76 43.50
CA THR G 442 -70.20 51.86 42.60
C THR G 442 -71.60 51.63 42.03
N ASN G 443 -72.08 52.57 41.23
CA ASN G 443 -73.34 52.38 40.53
C ASN G 443 -73.15 51.51 39.28
N GLY G 444 -73.11 50.20 39.49
CA GLY G 444 -72.70 49.28 38.43
C GLY G 444 -71.21 49.01 38.50
N ILE G 445 -70.82 47.76 38.32
CA ILE G 445 -69.48 47.31 38.69
C ILE G 445 -68.40 47.92 37.81
N THR G 446 -68.79 48.47 36.67
CA THR G 446 -67.83 49.06 35.74
C THR G 446 -67.79 50.58 35.82
N ALA G 447 -68.59 51.17 36.69
CA ALA G 447 -68.55 52.61 36.92
C ALA G 447 -67.37 52.99 37.82
N PRO G 448 -66.86 54.22 37.67
CA PRO G 448 -65.69 54.64 38.43
C PRO G 448 -66.09 55.32 39.74
N SER G 449 -65.16 55.40 40.68
CA SER G 449 -65.39 56.07 41.94
C SER G 449 -64.46 57.27 42.11
N ALA G 450 -65.03 58.47 42.15
CA ALA G 450 -64.28 59.68 42.43
C ALA G 450 -63.48 59.54 43.71
N LYS G 451 -64.15 59.07 44.76
CA LYS G 451 -63.57 59.00 46.09
C LYS G 451 -62.36 58.06 46.13
N SER G 452 -62.48 56.91 45.45
CA SER G 452 -61.39 55.94 45.40
C SER G 452 -60.18 56.51 44.67
N GLN G 453 -60.44 57.24 43.59
CA GLN G 453 -59.36 57.81 42.79
C GLN G 453 -58.61 58.87 43.58
N MET G 454 -59.36 59.69 44.33
CA MET G 454 -58.76 60.70 45.19
C MET G 454 -57.93 60.03 46.29
N ASP G 455 -58.51 59.03 46.95
CA ASP G 455 -57.83 58.35 48.04
C ASP G 455 -56.53 57.73 47.56
N LEU G 456 -56.60 57.00 46.46
CA LEU G 456 -55.42 56.40 45.87
C LEU G 456 -54.31 57.42 45.69
N GLU G 457 -54.64 58.55 45.07
CA GLU G 457 -53.65 59.55 44.70
C GLU G 457 -53.13 60.28 45.94
N ARG G 458 -54.05 60.59 46.86
CA ARG G 458 -53.71 61.30 48.09
C ARG G 458 -52.78 60.43 48.93
N ASP G 459 -53.13 59.16 49.06
CA ASP G 459 -52.36 58.25 49.89
C ASP G 459 -50.94 58.05 49.37
N ILE G 460 -50.82 57.95 48.04
CA ILE G 460 -49.51 57.81 47.42
C ILE G 460 -48.64 59.03 47.71
N TYR G 461 -49.19 60.22 47.47
CA TYR G 461 -48.42 61.45 47.63
C TYR G 461 -47.99 61.63 49.09
N GLU G 462 -48.88 61.28 50.02
CA GLU G 462 -48.58 61.41 51.44
C GLU G 462 -47.56 60.37 51.89
N THR G 463 -47.76 59.13 51.48
CA THR G 463 -46.87 58.05 51.88
C THR G 463 -45.43 58.33 51.45
N TYR G 464 -45.28 58.88 50.25
CA TYR G 464 -43.94 59.00 49.66
C TYR G 464 -43.44 60.44 49.65
N GLY G 465 -44.17 61.32 50.32
CA GLY G 465 -43.74 62.71 50.49
C GLY G 465 -43.62 63.45 49.18
N ILE G 466 -44.62 63.30 48.33
CA ILE G 466 -44.64 63.93 47.01
C ILE G 466 -45.63 65.09 46.99
N HIS G 467 -45.14 66.29 46.75
CA HIS G 467 -46.00 67.46 46.68
C HIS G 467 -46.51 67.67 45.28
N PRO G 468 -47.82 67.89 45.14
CA PRO G 468 -48.42 68.00 43.80
C PRO G 468 -47.81 69.11 42.95
N GLU G 469 -47.28 70.14 43.58
CA GLU G 469 -46.62 71.22 42.86
C GLU G 469 -45.38 70.73 42.12
N SER G 470 -44.80 69.63 42.58
CA SER G 470 -43.59 69.08 41.97
C SER G 470 -43.88 68.29 40.70
N ILE G 471 -45.16 68.07 40.41
CA ILE G 471 -45.57 67.28 39.25
C ILE G 471 -45.98 68.19 38.11
N SER G 472 -45.46 67.91 36.91
CA SER G 472 -45.71 68.80 35.78
C SER G 472 -46.43 68.13 34.61
N TYR G 473 -46.54 66.81 34.65
CA TYR G 473 -47.34 66.09 33.67
C TYR G 473 -48.03 64.87 34.27
N VAL G 474 -49.26 64.62 33.85
CA VAL G 474 -49.96 63.39 34.22
C VAL G 474 -50.51 62.70 32.98
N GLU G 475 -50.04 61.48 32.74
CA GLU G 475 -50.63 60.63 31.71
C GLU G 475 -51.91 59.99 32.25
N MET G 476 -53.05 60.57 31.91
CA MET G 476 -54.32 60.14 32.46
C MET G 476 -54.75 58.78 31.92
N HIS G 477 -55.67 58.13 32.64
CA HIS G 477 -56.36 56.97 32.11
C HIS G 477 -57.07 57.37 30.85
N GLY G 478 -57.78 58.50 30.95
CA GLY G 478 -58.16 59.30 29.79
C GLY G 478 -58.67 58.47 28.63
N THR G 479 -59.74 57.73 28.84
CA THR G 479 -60.26 56.80 27.85
C THR G 479 -61.27 57.45 26.91
N GLY G 480 -61.68 58.67 27.24
CA GLY G 480 -62.61 59.43 26.40
C GLY G 480 -64.05 58.96 26.56
N THR G 481 -64.37 58.47 27.74
CA THR G 481 -65.76 58.15 28.10
C THR G 481 -66.40 59.35 28.78
N LYS G 482 -67.70 59.51 28.55
CA LYS G 482 -68.39 60.73 28.94
C LYS G 482 -68.44 60.93 30.45
N GLN G 483 -68.76 59.89 31.20
CA GLN G 483 -68.82 60.02 32.65
C GLN G 483 -67.49 59.74 33.33
N GLY G 484 -66.61 59.02 32.64
CA GLY G 484 -65.32 58.63 33.20
C GLY G 484 -64.32 59.77 33.24
N ASP G 485 -64.21 60.49 32.12
CA ASP G 485 -63.25 61.58 31.99
C ASP G 485 -63.38 62.65 33.06
N PRO G 486 -64.60 63.20 33.25
CA PRO G 486 -64.79 64.27 34.21
C PRO G 486 -64.55 63.84 35.65
N ILE G 487 -64.85 62.56 35.94
CA ILE G 487 -64.58 62.01 37.26
C ILE G 487 -63.08 61.94 37.53
N GLU G 488 -62.32 61.46 36.56
CA GLU G 488 -60.86 61.45 36.68
C GLU G 488 -60.31 62.85 36.89
N LEU G 489 -60.75 63.80 36.05
CA LEU G 489 -60.26 65.16 36.11
C LEU G 489 -60.55 65.79 37.47
N GLU G 490 -61.80 65.63 37.91
CA GLU G 490 -62.23 66.23 39.17
C GLU G 490 -61.44 65.65 40.34
N ALA G 491 -61.25 64.33 40.32
CA ALA G 491 -60.49 63.66 41.36
C ALA G 491 -59.07 64.23 41.48
N LEU G 492 -58.33 64.17 40.38
CA LEU G 492 -56.93 64.59 40.37
C LEU G 492 -56.82 66.07 40.72
N SER G 493 -57.66 66.88 40.09
CA SER G 493 -57.68 68.32 40.35
C SER G 493 -57.88 68.57 41.84
N THR G 494 -58.85 67.89 42.43
CA THR G 494 -59.17 68.10 43.84
C THR G 494 -58.00 67.78 44.75
N VAL G 495 -57.32 66.67 44.48
CA VAL G 495 -56.21 66.24 45.32
C VAL G 495 -55.04 67.21 45.24
N PHE G 496 -54.76 67.70 44.04
CA PHE G 496 -53.75 68.72 43.79
C PHE G 496 -54.11 70.01 44.51
N GLN G 497 -55.38 70.41 44.42
CA GLN G 497 -55.82 71.70 44.96
C GLN G 497 -55.82 71.73 46.48
N GLU G 498 -55.82 70.56 47.10
CA GLU G 498 -55.76 70.46 48.55
C GLU G 498 -54.42 70.96 49.06
N LYS G 499 -53.42 70.96 48.19
CA LYS G 499 -52.05 71.25 48.62
C LYS G 499 -51.53 72.57 48.07
N THR G 500 -52.13 73.03 46.98
CA THR G 500 -51.63 74.23 46.29
C THR G 500 -52.72 75.11 45.68
N ASP G 501 -52.46 76.41 45.67
CA ASP G 501 -53.33 77.37 45.00
C ASP G 501 -52.87 77.65 43.57
N LYS G 502 -51.66 77.18 43.23
CA LYS G 502 -51.10 77.41 41.90
C LYS G 502 -52.03 76.86 40.82
N LYS G 503 -52.09 77.55 39.69
CA LYS G 503 -53.03 77.22 38.63
C LYS G 503 -52.30 76.85 37.34
N GLN G 504 -52.86 75.87 36.63
CA GLN G 504 -52.42 75.48 35.30
C GLN G 504 -50.91 75.25 35.16
N PHE G 505 -50.34 74.55 36.13
CA PHE G 505 -48.92 74.22 36.11
C PHE G 505 -48.67 72.78 35.65
N CYS G 506 -49.71 71.96 35.69
CA CYS G 506 -49.56 70.54 35.39
C CYS G 506 -50.29 70.15 34.11
N ALA G 507 -49.53 69.80 33.08
CA ALA G 507 -50.11 69.36 31.82
C ALA G 507 -50.71 67.96 31.97
N ILE G 508 -51.82 67.72 31.29
CA ILE G 508 -52.40 66.39 31.23
C ILE G 508 -52.55 65.94 29.78
N GLY G 509 -52.52 64.62 29.58
CA GLY G 509 -52.68 64.05 28.25
C GLY G 509 -53.01 62.58 28.32
N SER G 510 -53.27 61.97 27.16
CA SER G 510 -53.51 60.53 27.10
C SER G 510 -53.09 60.02 25.73
N VAL G 511 -52.16 59.07 25.72
CA VAL G 511 -51.70 58.45 24.49
C VAL G 511 -52.78 57.62 23.81
N LYS G 512 -53.86 57.33 24.53
CA LYS G 512 -54.99 56.60 23.96
C LYS G 512 -55.61 57.42 22.84
N SER G 513 -55.42 58.73 22.90
CA SER G 513 -55.81 59.63 21.83
C SER G 513 -55.02 59.35 20.55
N ASN G 514 -53.83 58.77 20.71
CA ASN G 514 -52.99 58.43 19.57
C ASN G 514 -53.21 57.01 19.07
N ILE G 515 -53.25 56.04 19.98
CA ILE G 515 -53.13 54.64 19.61
C ILE G 515 -54.34 53.82 20.04
N GLY G 516 -55.30 54.48 20.69
CA GLY G 516 -56.48 53.79 21.20
C GLY G 516 -56.24 53.21 22.58
N HIS G 517 -57.22 52.47 23.07
CA HIS G 517 -57.17 51.93 24.43
C HIS G 517 -56.57 50.55 24.44
N THR G 518 -55.28 50.48 24.73
CA THR G 518 -54.54 49.23 24.56
C THR G 518 -54.69 48.28 25.75
N SER G 519 -55.69 48.54 26.57
CA SER G 519 -56.19 47.56 27.55
C SER G 519 -55.11 47.10 28.52
N ALA G 520 -54.80 45.80 28.49
CA ALA G 520 -53.82 45.24 29.41
C ALA G 520 -52.44 45.89 29.27
N ALA G 521 -52.17 46.46 28.10
CA ALA G 521 -50.89 47.12 27.85
C ALA G 521 -50.96 48.64 27.99
N ALA G 522 -52.11 49.15 28.42
CA ALA G 522 -52.33 50.58 28.52
C ALA G 522 -51.32 51.26 29.44
N GLY G 523 -51.09 50.67 30.61
CA GLY G 523 -50.20 51.24 31.60
C GLY G 523 -48.78 51.38 31.09
N VAL G 524 -48.25 50.30 30.51
CA VAL G 524 -46.86 50.30 30.04
C VAL G 524 -46.70 51.25 28.86
N ALA G 525 -47.76 51.39 28.08
CA ALA G 525 -47.76 52.35 26.97
C ALA G 525 -47.62 53.76 27.52
N GLY G 526 -48.32 54.02 28.63
CA GLY G 526 -48.34 55.35 29.23
C GLY G 526 -47.03 55.69 29.92
N VAL G 527 -46.51 54.74 30.68
CA VAL G 527 -45.19 54.89 31.30
C VAL G 527 -44.10 55.16 30.27
N GLN G 528 -44.15 54.45 29.14
CA GLN G 528 -43.13 54.57 28.11
C GLN G 528 -43.19 55.94 27.44
N LYS G 529 -44.39 56.45 27.23
CA LYS G 529 -44.57 57.80 26.72
C LYS G 529 -43.89 58.81 27.65
N VAL G 530 -44.17 58.71 28.95
CA VAL G 530 -43.63 59.67 29.90
C VAL G 530 -42.11 59.61 29.98
N LEU G 531 -41.55 58.41 29.95
CA LEU G 531 -40.10 58.24 29.98
C LEU G 531 -39.44 58.86 28.76
N LEU G 532 -40.03 58.65 27.59
CA LEU G 532 -39.55 59.24 26.35
C LEU G 532 -39.65 60.76 26.38
N CYS G 533 -40.76 61.27 26.90
CA CYS G 533 -40.92 62.70 27.12
C CYS G 533 -39.81 63.24 28.01
N MET G 534 -39.56 62.56 29.12
CA MET G 534 -38.51 62.96 30.05
C MET G 534 -37.13 62.98 29.39
N ASN G 535 -36.81 61.89 28.67
CA ASN G 535 -35.51 61.75 28.04
C ASN G 535 -35.22 62.88 27.05
N HIS G 536 -36.25 63.31 26.34
CA HIS G 536 -36.11 64.33 25.31
C HIS G 536 -36.49 65.70 25.81
N LYS G 537 -36.83 65.76 27.09
CA LYS G 537 -37.24 67.02 27.71
C LYS G 537 -38.31 67.75 26.91
N THR G 538 -39.32 67.01 26.46
CA THR G 538 -40.31 67.49 25.52
C THR G 538 -41.70 66.98 25.90
N LEU G 539 -42.68 67.88 25.92
CA LEU G 539 -44.08 67.48 26.03
C LEU G 539 -44.72 67.41 24.65
N VAL G 540 -45.56 66.40 24.43
CA VAL G 540 -46.15 66.20 23.12
C VAL G 540 -47.66 66.41 23.18
N PRO G 541 -48.31 66.59 22.02
CA PRO G 541 -49.74 66.88 22.03
C PRO G 541 -50.58 65.68 22.44
N THR G 542 -51.66 65.94 23.17
CA THR G 542 -52.77 64.99 23.23
C THR G 542 -53.79 65.35 22.15
N LEU G 543 -54.38 64.32 21.54
CA LEU G 543 -55.18 64.52 20.34
C LEU G 543 -56.68 64.59 20.61
N ASN G 544 -57.44 64.92 19.57
CA ASN G 544 -58.90 64.91 19.60
C ASN G 544 -59.53 65.85 20.62
N PHE G 545 -58.79 66.89 21.02
CA PHE G 545 -59.28 67.85 22.00
C PHE G 545 -59.67 69.17 21.34
N THR G 546 -60.96 69.44 21.27
CA THR G 546 -61.48 70.68 20.69
C THR G 546 -62.03 71.60 21.76
N THR G 547 -62.99 71.10 22.53
CA THR G 547 -63.63 71.89 23.58
C THR G 547 -63.60 71.13 24.91
N PRO G 548 -63.20 71.80 25.99
CA PRO G 548 -63.14 71.12 27.29
C PRO G 548 -64.47 70.51 27.69
N ASN G 549 -64.42 69.33 28.31
CA ASN G 549 -65.60 68.72 28.92
C ASN G 549 -66.34 69.71 29.79
N GLU G 550 -67.64 69.88 29.51
CA GLU G 550 -68.44 70.88 30.21
C GLU G 550 -68.52 70.66 31.71
N HIS G 551 -68.35 69.41 32.13
CA HIS G 551 -68.54 69.02 33.53
C HIS G 551 -67.32 69.28 34.37
N PHE G 552 -66.31 69.91 33.76
CA PHE G 552 -65.11 70.29 34.49
C PHE G 552 -64.58 71.66 34.06
N GLU G 553 -64.27 72.50 35.02
CA GLU G 553 -63.70 73.81 34.73
C GLU G 553 -62.18 73.88 34.91
N PHE G 554 -61.48 74.10 33.81
CA PHE G 554 -60.03 74.03 33.77
C PHE G 554 -59.37 75.31 34.31
N GLU G 555 -60.04 76.44 34.12
CA GLU G 555 -59.40 77.74 34.25
C GLU G 555 -58.78 77.96 35.64
N HIS G 556 -59.46 77.46 36.66
CA HIS G 556 -59.01 77.62 38.04
C HIS G 556 -58.44 76.33 38.59
N SER G 557 -58.04 75.45 37.69
CA SER G 557 -57.49 74.14 38.04
C SER G 557 -55.96 74.19 38.01
N PRO G 558 -55.31 73.29 38.74
CA PRO G 558 -53.87 73.08 38.58
C PRO G 558 -53.54 72.45 37.23
N LEU G 559 -54.56 71.93 36.55
CA LEU G 559 -54.36 71.14 35.35
C LEU G 559 -54.66 71.97 34.09
N TYR G 560 -53.94 71.66 33.02
CA TYR G 560 -54.32 72.13 31.69
C TYR G 560 -54.02 71.06 30.64
N VAL G 561 -54.88 70.99 29.62
CA VAL G 561 -54.68 70.06 28.53
C VAL G 561 -53.59 70.58 27.59
N ASN G 562 -52.51 69.82 27.45
CA ASN G 562 -51.48 70.18 26.48
C ASN G 562 -51.75 69.62 25.09
N THR G 563 -51.85 70.52 24.11
CA THR G 563 -52.07 70.15 22.73
C THR G 563 -50.90 70.61 21.86
N GLU G 564 -49.82 71.03 22.52
CA GLU G 564 -48.66 71.60 21.84
C GLU G 564 -47.45 70.66 21.91
N LEU G 565 -46.69 70.60 20.82
CA LEU G 565 -45.30 70.15 20.89
C LEU G 565 -44.42 71.27 21.44
N LYS G 566 -43.89 71.08 22.63
CA LYS G 566 -43.16 72.13 23.32
C LYS G 566 -42.11 71.56 24.28
N PRO G 567 -41.10 72.36 24.63
CA PRO G 567 -40.12 71.92 25.62
C PRO G 567 -40.72 71.72 27.01
N TRP G 568 -40.34 70.62 27.66
CA TRP G 568 -40.74 70.35 29.03
C TRP G 568 -39.88 71.17 29.94
N GLU G 569 -40.42 72.28 30.42
CA GLU G 569 -39.65 73.19 31.26
C GLU G 569 -39.66 72.76 32.73
N THR G 570 -38.51 72.90 33.37
CA THR G 570 -38.40 72.70 34.81
C THR G 570 -37.69 73.88 35.45
N ALA G 571 -38.07 74.19 36.70
CA ALA G 571 -37.49 75.31 37.41
C ALA G 571 -36.25 74.88 38.18
N ASP G 572 -35.29 75.80 38.32
CA ASP G 572 -34.09 75.55 39.11
C ASP G 572 -33.36 74.30 38.63
N GLY G 573 -32.88 73.50 39.57
CA GLY G 573 -32.18 72.27 39.23
C GLY G 573 -33.10 71.08 39.02
N LYS G 574 -34.39 71.27 39.31
CA LYS G 574 -35.24 70.17 39.75
C LYS G 574 -35.56 69.16 38.66
N PRO G 575 -35.52 67.86 38.99
CA PRO G 575 -35.90 66.83 38.03
C PRO G 575 -37.39 66.89 37.71
N ARG G 576 -37.74 66.62 36.45
CA ARG G 576 -39.14 66.56 36.06
C ARG G 576 -39.83 65.38 36.75
N ARG G 577 -41.08 65.59 37.12
CA ARG G 577 -41.90 64.52 37.69
C ARG G 577 -43.23 64.39 36.96
N ALA G 578 -43.66 63.14 36.79
CA ALA G 578 -44.93 62.86 36.12
C ALA G 578 -45.65 61.68 36.78
N CYS G 579 -46.97 61.63 36.59
CA CYS G 579 -47.75 60.49 37.05
C CYS G 579 -48.38 59.74 35.88
N VAL G 580 -48.70 58.47 36.12
CA VAL G 580 -49.52 57.69 35.20
C VAL G 580 -50.65 57.05 35.98
N SER G 581 -51.88 57.23 35.49
CA SER G 581 -53.04 56.57 36.08
C SER G 581 -53.52 55.46 35.15
N SER G 582 -53.98 54.36 35.75
CA SER G 582 -54.66 53.33 34.98
C SER G 582 -55.75 52.69 35.82
N PHE G 583 -56.98 52.77 35.31
CA PHE G 583 -58.13 52.21 35.99
C PHE G 583 -58.76 51.10 35.15
N GLY G 584 -59.20 50.03 35.82
CA GLY G 584 -59.80 48.89 35.13
C GLY G 584 -61.31 48.92 35.25
N TYR G 585 -61.99 48.18 34.38
CA TYR G 585 -63.44 48.07 34.42
C TYR G 585 -63.93 47.28 35.64
N SER G 586 -63.05 46.48 36.21
CA SER G 586 -63.38 45.69 37.40
C SER G 586 -63.16 46.51 38.68
N GLY G 587 -62.61 47.70 38.54
CA GLY G 587 -62.57 48.66 39.64
C GLY G 587 -61.25 48.69 40.39
N THR G 588 -60.26 47.94 39.89
CA THR G 588 -58.94 47.95 40.50
C THR G 588 -58.06 49.03 39.88
N ASN G 589 -57.67 49.99 40.69
CA ASN G 589 -56.99 51.20 40.22
C ASN G 589 -55.49 51.18 40.51
N ALA G 590 -54.74 51.89 39.68
CA ALA G 590 -53.30 52.02 39.86
C ALA G 590 -52.86 53.44 39.55
N HIS G 591 -51.80 53.87 40.22
CA HIS G 591 -51.23 55.20 39.99
C HIS G 591 -49.80 55.22 40.40
N ILE G 592 -48.90 55.57 39.48
CA ILE G 592 -47.48 55.65 39.82
C ILE G 592 -46.89 57.04 39.58
N VAL G 593 -45.82 57.34 40.29
CA VAL G 593 -45.11 58.60 40.13
C VAL G 593 -43.69 58.37 39.62
N ILE G 594 -43.34 59.03 38.52
CA ILE G 594 -42.05 58.84 37.90
C ILE G 594 -41.23 60.12 37.97
N GLU G 595 -39.94 59.98 38.28
CA GLU G 595 -39.04 61.12 38.32
C GLU G 595 -37.88 60.98 37.34
N GLU G 596 -37.59 62.06 36.62
CA GLU G 596 -36.43 62.12 35.74
C GLU G 596 -35.16 61.73 36.47
N TYR G 597 -34.32 60.95 35.81
CA TYR G 597 -33.02 60.58 36.37
C TYR G 597 -31.94 61.55 35.92
N GLN G 598 -31.16 62.04 36.88
CA GLN G 598 -30.14 63.05 36.61
C GLN G 598 -28.76 62.50 36.94
N PRO G 599 -28.04 62.00 35.92
CA PRO G 599 -26.79 61.30 36.14
C PRO G 599 -25.67 62.27 36.48
N GLU G 600 -24.69 61.80 37.26
CA GLU G 600 -23.59 62.65 37.73
C GLU G 600 -22.70 63.13 36.58
N SER G 612 -10.47 54.52 16.90
CA SER G 612 -11.30 53.48 16.29
C SER G 612 -11.89 52.51 17.31
N ALA G 613 -13.17 52.22 17.14
CA ALA G 613 -13.86 51.25 18.00
C ALA G 613 -14.24 50.02 17.20
N LEU G 614 -14.41 48.90 17.90
CA LEU G 614 -14.69 47.63 17.26
C LEU G 614 -16.16 47.23 17.36
N PHE G 615 -16.84 47.26 16.22
CA PHE G 615 -18.26 46.96 16.18
C PHE G 615 -18.49 45.50 15.82
N VAL G 616 -19.29 44.82 16.65
CA VAL G 616 -19.59 43.41 16.43
C VAL G 616 -21.10 43.15 16.44
N LEU G 617 -21.54 42.35 15.47
CA LEU G 617 -22.95 41.99 15.37
C LEU G 617 -23.06 40.48 15.19
N SER G 618 -24.18 39.92 15.60
CA SER G 618 -24.41 38.49 15.44
C SER G 618 -25.90 38.16 15.49
N ALA G 619 -26.28 37.08 14.82
CA ALA G 619 -27.64 36.57 14.90
C ALA G 619 -27.64 35.06 14.69
N LYS G 620 -28.80 34.44 14.86
CA LYS G 620 -28.91 32.99 14.79
C LYS G 620 -29.03 32.50 13.35
N LYS G 621 -29.40 33.39 12.44
CA LYS G 621 -29.43 33.10 11.01
C LYS G 621 -28.80 34.25 10.24
N GLU G 622 -28.24 33.98 9.06
CA GLU G 622 -27.63 35.02 8.26
C GLU G 622 -28.63 36.10 7.85
N LYS G 623 -29.85 35.68 7.54
CA LYS G 623 -30.88 36.61 7.11
C LYS G 623 -31.20 37.65 8.18
N GLN G 624 -31.20 37.22 9.43
CA GLN G 624 -31.44 38.09 10.57
C GLN G 624 -30.24 39.00 10.87
N LEU G 625 -29.04 38.47 10.61
CA LEU G 625 -27.83 39.30 10.68
C LEU G 625 -27.92 40.47 9.71
N LYS G 626 -28.37 40.20 8.49
CA LYS G 626 -28.57 41.26 7.50
C LYS G 626 -29.63 42.25 7.98
N ALA G 627 -30.70 41.73 8.57
CA ALA G 627 -31.73 42.57 9.15
C ALA G 627 -31.19 43.40 10.33
N TYR G 628 -30.29 42.82 11.11
CA TYR G 628 -29.67 43.51 12.24
C TYR G 628 -28.82 44.69 11.77
N ALA G 629 -28.00 44.46 10.75
CA ALA G 629 -27.14 45.50 10.20
C ALA G 629 -27.96 46.64 9.63
N GLU G 630 -29.08 46.32 8.99
CA GLU G 630 -30.00 47.32 8.46
C GLU G 630 -30.59 48.17 9.58
N ALA G 631 -31.00 47.53 10.67
CA ALA G 631 -31.57 48.24 11.81
C ALA G 631 -30.53 49.15 12.48
N MET G 632 -29.30 48.69 12.58
CA MET G 632 -28.23 49.51 13.14
C MET G 632 -27.89 50.70 12.26
N LYS G 633 -27.87 50.48 10.94
CA LYS G 633 -27.60 51.56 10.00
C LYS G 633 -28.67 52.65 10.09
N ASP G 634 -29.93 52.24 10.11
CA ASP G 634 -31.04 53.19 10.29
C ASP G 634 -30.89 53.95 11.60
N PHE G 635 -30.56 53.23 12.67
CA PHE G 635 -30.42 53.85 13.98
C PHE G 635 -29.31 54.91 14.00
N VAL G 636 -28.16 54.57 13.44
CA VAL G 636 -27.02 55.47 13.42
C VAL G 636 -27.31 56.66 12.51
N THR G 637 -27.95 56.39 11.38
CA THR G 637 -28.40 57.43 10.47
C THR G 637 -29.32 58.43 11.17
N SER G 638 -30.23 57.91 12.00
CA SER G 638 -31.24 58.74 12.65
C SER G 638 -30.70 59.47 13.87
N ASN G 639 -29.65 58.92 14.47
CA ASN G 639 -29.12 59.43 15.72
C ASN G 639 -27.70 59.97 15.53
N GLU G 640 -27.60 61.24 15.13
CA GLU G 640 -26.34 61.79 14.65
C GLU G 640 -25.34 61.97 15.80
N ASP G 641 -25.83 61.91 17.03
CA ASP G 641 -25.01 62.20 18.20
C ASP G 641 -24.60 60.97 19.00
N ILE G 642 -24.75 59.78 18.42
CA ILE G 642 -24.48 58.55 19.14
C ILE G 642 -23.01 58.48 19.55
N ASP G 643 -22.77 58.06 20.79
CA ASP G 643 -21.41 57.83 21.27
C ASP G 643 -20.88 56.50 20.74
N LEU G 644 -19.87 56.55 19.87
CA LEU G 644 -19.42 55.38 19.15
C LEU G 644 -18.79 54.33 20.07
N GLU G 645 -18.09 54.79 21.10
CA GLU G 645 -17.45 53.89 22.06
C GLU G 645 -18.46 53.17 22.93
N ASP G 646 -19.48 53.90 23.39
CA ASP G 646 -20.58 53.30 24.15
C ASP G 646 -21.30 52.25 23.32
N MET G 647 -21.57 52.59 22.06
CA MET G 647 -22.31 51.70 21.18
C MET G 647 -21.55 50.39 20.97
N ALA G 648 -20.27 50.51 20.67
CA ALA G 648 -19.43 49.34 20.44
C ALA G 648 -19.39 48.49 21.70
N TYR G 649 -19.19 49.16 22.83
CA TYR G 649 -19.13 48.48 24.12
C TYR G 649 -20.41 47.69 24.39
N THR G 650 -21.54 48.27 24.00
CA THR G 650 -22.84 47.63 24.21
C THR G 650 -23.00 46.39 23.34
N LEU G 651 -22.53 46.48 22.10
CA LEU G 651 -22.58 45.35 21.18
C LEU G 651 -21.66 44.24 21.66
N GLN G 652 -20.54 44.62 22.26
CA GLN G 652 -19.57 43.65 22.76
C GLN G 652 -20.13 42.91 23.97
N THR G 653 -20.52 43.68 24.99
CA THR G 653 -20.78 43.12 26.32
C THR G 653 -22.26 42.89 26.58
N GLY G 654 -23.12 43.55 25.80
CA GLY G 654 -24.54 43.59 26.10
C GLY G 654 -25.38 42.86 25.08
N ARG G 655 -24.71 42.12 24.20
CA ARG G 655 -25.41 41.22 23.29
C ARG G 655 -24.75 39.85 23.32
N GLU G 656 -25.58 38.81 23.19
CA GLU G 656 -25.08 37.44 23.06
C GLU G 656 -24.39 37.24 21.71
N ALA G 657 -23.19 36.66 21.76
CA ALA G 657 -22.51 36.25 20.54
C ALA G 657 -23.19 35.01 19.97
N MET G 658 -23.93 35.18 18.89
CA MET G 658 -24.58 34.05 18.23
C MET G 658 -23.77 33.57 17.02
N ASP G 659 -24.35 32.66 16.24
CA ASP G 659 -23.55 31.81 15.37
C ASP G 659 -23.10 32.50 14.07
N TYR G 660 -23.94 33.39 13.56
CA TYR G 660 -23.57 34.19 12.39
C TYR G 660 -23.09 35.58 12.77
N ARG G 661 -21.84 35.88 12.40
CA ARG G 661 -21.12 37.03 12.93
C ARG G 661 -20.58 37.95 11.84
N MET G 662 -20.63 39.25 12.09
CA MET G 662 -19.82 40.22 11.36
C MET G 662 -19.25 41.26 12.30
N ALA G 663 -18.11 41.84 11.91
CA ALA G 663 -17.45 42.87 12.71
C ALA G 663 -16.67 43.83 11.82
N PHE G 664 -16.42 45.02 12.35
CA PHE G 664 -15.66 46.03 11.62
C PHE G 664 -15.15 47.14 12.54
N LEU G 665 -14.16 47.89 12.06
CA LEU G 665 -13.69 49.07 12.77
C LEU G 665 -14.33 50.32 12.20
N ALA G 666 -14.52 51.32 13.04
CA ALA G 666 -14.90 52.66 12.58
C ALA G 666 -14.51 53.67 13.64
N ASP G 667 -14.09 54.86 13.21
CA ASP G 667 -13.75 55.92 14.14
C ASP G 667 -14.71 57.11 13.98
N SER G 668 -15.68 56.97 13.10
CA SER G 668 -16.69 58.01 12.91
C SER G 668 -18.04 57.45 12.48
N ARG G 669 -19.09 58.23 12.71
CA ARG G 669 -20.42 57.91 12.25
C ARG G 669 -20.46 57.59 10.77
N GLU G 670 -19.79 58.41 9.97
CA GLU G 670 -19.76 58.24 8.51
C GLU G 670 -19.09 56.92 8.12
N MET G 671 -17.97 56.62 8.78
CA MET G 671 -17.25 55.38 8.57
C MET G 671 -18.08 54.17 8.98
N LEU G 672 -18.74 54.27 10.13
CA LEU G 672 -19.67 53.25 10.59
C LEU G 672 -20.76 52.96 9.56
N ILE G 673 -21.43 54.02 9.09
CA ILE G 673 -22.52 53.87 8.14
C ILE G 673 -22.04 53.24 6.84
N LYS G 674 -20.86 53.66 6.38
CA LYS G 674 -20.31 53.12 5.15
C LYS G 674 -19.98 51.64 5.29
N ALA G 675 -19.45 51.25 6.44
CA ALA G 675 -19.12 49.84 6.69
C ALA G 675 -20.36 48.97 6.56
N LEU G 676 -21.44 49.41 7.20
CA LEU G 676 -22.71 48.68 7.16
C LEU G 676 -23.28 48.64 5.74
N ASP G 677 -23.20 49.76 5.04
CA ASP G 677 -23.61 49.81 3.65
C ASP G 677 -22.82 48.81 2.81
N ASP G 678 -21.50 48.82 2.95
CA ASP G 678 -20.62 47.88 2.26
C ASP G 678 -21.01 46.44 2.55
N TYR G 679 -21.22 46.13 3.83
CA TYR G 679 -21.66 44.79 4.22
C TYR G 679 -22.96 44.41 3.54
N LEU G 680 -23.94 45.31 3.59
CA LEU G 680 -25.26 45.03 3.03
C LEU G 680 -25.21 44.90 1.51
N ALA G 681 -24.39 45.72 0.86
CA ALA G 681 -24.27 45.70 -0.59
C ALA G 681 -23.30 44.63 -1.08
N GLU G 682 -22.70 43.91 -0.15
CA GLU G 682 -21.69 42.90 -0.44
C GLU G 682 -20.53 43.44 -1.29
N MET G 683 -20.22 44.71 -1.11
CA MET G 683 -19.13 45.34 -1.85
C MET G 683 -17.86 45.39 -0.99
N PRO G 684 -16.75 44.88 -1.55
CA PRO G 684 -15.53 44.58 -0.80
C PRO G 684 -15.05 45.74 0.07
N ASN G 685 -14.73 45.42 1.32
CA ASN G 685 -14.24 46.39 2.30
C ASN G 685 -13.30 45.64 3.24
N GLY G 686 -12.03 46.02 3.23
CA GLY G 686 -11.00 45.22 3.89
C GLY G 686 -11.08 45.24 5.40
N SER G 687 -11.93 46.12 5.92
CA SER G 687 -12.09 46.27 7.37
C SER G 687 -13.34 45.54 7.84
N ILE G 688 -14.01 44.84 6.93
CA ILE G 688 -15.20 44.06 7.28
C ILE G 688 -14.89 42.57 7.37
N PHE G 689 -15.25 41.97 8.49
CA PHE G 689 -15.08 40.53 8.69
C PHE G 689 -16.42 39.87 8.99
N ALA G 690 -16.60 38.64 8.50
CA ALA G 690 -17.86 37.92 8.66
C ALA G 690 -17.68 36.41 8.48
N ALA G 691 -18.24 35.64 9.40
CA ALA G 691 -18.16 34.18 9.32
C ALA G 691 -19.37 33.51 9.97
N HIS G 692 -19.60 32.25 9.59
CA HIS G 692 -20.44 31.35 10.37
C HIS G 692 -19.58 30.51 11.28
N VAL G 693 -19.84 30.58 12.58
CA VAL G 693 -18.93 30.06 13.59
C VAL G 693 -18.71 28.56 13.48
N LYS G 694 -19.76 27.84 13.06
CA LYS G 694 -19.71 26.38 12.98
C LYS G 694 -18.74 25.92 11.89
N THR G 695 -18.38 26.83 11.00
CA THR G 695 -17.60 26.51 9.82
C THR G 695 -16.10 26.64 10.09
N LYS G 696 -15.76 27.31 11.18
CA LYS G 696 -14.41 27.85 11.37
C LYS G 696 -13.68 27.22 12.55
N LYS G 697 -14.25 26.16 13.10
CA LYS G 697 -13.81 25.64 14.40
C LYS G 697 -12.31 25.33 14.42
N SER G 698 -11.82 24.76 13.32
CA SER G 698 -10.42 24.40 13.22
C SER G 698 -9.51 25.62 13.21
N GLU G 699 -9.95 26.71 12.60
CA GLU G 699 -9.14 27.91 12.45
C GLU G 699 -8.98 28.67 13.76
N ILE G 700 -9.68 28.22 14.79
CA ILE G 700 -9.75 28.92 16.07
C ILE G 700 -9.11 28.11 17.20
N LYS G 701 -9.08 26.79 17.04
CA LYS G 701 -8.67 25.88 18.11
C LYS G 701 -7.29 26.21 18.67
N LEU G 702 -6.40 26.66 17.79
CA LEU G 702 -5.05 27.08 18.15
C LEU G 702 -5.02 28.11 19.28
N PHE G 703 -5.90 29.10 19.21
CA PHE G 703 -5.93 30.16 20.22
C PHE G 703 -6.64 29.72 21.49
N GLU G 704 -7.20 28.52 21.47
CA GLU G 704 -8.02 28.02 22.56
C GLU G 704 -7.26 27.04 23.46
N THR G 705 -6.21 26.44 22.91
CA THR G 705 -5.53 25.34 23.60
C THR G 705 -4.08 25.69 23.88
N ASP G 706 -3.43 26.33 22.93
CA ASP G 706 -2.01 26.64 23.08
C ASP G 706 -1.79 27.80 24.05
N HIS G 707 -0.72 27.71 24.83
CA HIS G 707 -0.41 28.68 25.87
C HIS G 707 0.15 29.98 25.37
N ASP G 708 1.00 29.91 24.35
CA ASP G 708 1.60 31.12 23.79
C ASP G 708 0.67 31.87 22.84
N ALA G 709 -0.28 31.15 22.25
CA ALA G 709 -1.26 31.74 21.35
C ALA G 709 -2.26 32.57 22.14
N LYS G 710 -2.74 31.99 23.23
CA LYS G 710 -3.52 32.71 24.24
C LYS G 710 -2.81 33.98 24.74
N ALA G 711 -1.53 33.86 25.03
CA ALA G 711 -0.73 34.98 25.49
C ALA G 711 -0.58 36.05 24.41
N LEU G 712 -0.50 35.63 23.16
CA LEU G 712 -0.55 36.53 22.01
C LEU G 712 -1.91 37.21 21.85
N LEU G 713 -2.97 36.40 21.91
CA LEU G 713 -4.32 36.92 21.86
C LEU G 713 -4.57 37.92 22.98
N GLN G 714 -4.13 37.57 24.19
CA GLN G 714 -4.27 38.47 25.32
C GLN G 714 -3.49 39.76 25.12
N THR G 715 -2.31 39.67 24.52
CA THR G 715 -1.52 40.86 24.23
C THR G 715 -2.19 41.71 23.15
N TRP G 716 -2.77 41.04 22.16
CA TRP G 716 -3.50 41.73 21.09
C TRP G 716 -4.62 42.54 21.66
N ILE G 717 -5.40 41.92 22.53
CA ILE G 717 -6.55 42.56 23.15
C ILE G 717 -6.11 43.72 24.01
N GLU G 718 -4.97 43.57 24.66
CA GLU G 718 -4.47 44.58 25.59
C GLU G 718 -3.87 45.79 24.88
N LYS G 719 -3.32 45.56 23.69
CA LYS G 719 -2.72 46.63 22.90
C LYS G 719 -3.69 47.12 21.82
N LYS G 720 -4.93 46.66 21.89
CA LYS G 720 -6.01 47.18 21.07
C LYS G 720 -5.76 46.93 19.59
N ARG G 721 -5.27 45.73 19.26
CA ARG G 721 -5.07 45.36 17.87
C ARG G 721 -6.38 44.85 17.27
N LEU G 722 -7.25 45.80 16.93
CA LEU G 722 -8.67 45.52 16.75
C LEU G 722 -8.95 44.64 15.54
N GLU G 723 -8.20 44.84 14.46
CA GLU G 723 -8.36 44.02 13.26
C GLU G 723 -8.21 42.55 13.61
N LYS G 724 -7.19 42.24 14.41
CA LYS G 724 -6.87 40.87 14.78
C LYS G 724 -7.95 40.27 15.68
N VAL G 725 -8.36 41.04 16.68
CA VAL G 725 -9.45 40.63 17.56
C VAL G 725 -10.72 40.38 16.75
N ALA G 726 -10.99 41.26 15.79
CA ALA G 726 -12.21 41.17 14.98
C ALA G 726 -12.25 39.90 14.16
N GLU G 727 -11.15 39.61 13.45
CA GLU G 727 -11.08 38.44 12.58
C GLU G 727 -11.35 37.17 13.37
N LEU G 728 -10.77 37.10 14.57
CA LEU G 728 -10.88 35.91 15.40
C LEU G 728 -12.28 35.80 15.99
N TRP G 729 -12.83 36.93 16.43
CA TRP G 729 -14.15 36.91 17.05
C TRP G 729 -15.23 36.41 16.14
N VAL G 730 -15.22 36.86 14.89
CA VAL G 730 -16.25 36.45 13.94
C VAL G 730 -16.17 34.95 13.67
N LYS G 731 -14.98 34.39 13.85
CA LYS G 731 -14.77 32.96 13.61
C LYS G 731 -15.19 32.12 14.81
N GLY G 732 -15.43 32.77 15.94
CA GLY G 732 -16.02 32.08 17.10
C GLY G 732 -15.18 32.12 18.35
N LEU G 733 -14.00 32.71 18.27
CA LEU G 733 -13.11 32.84 19.43
C LEU G 733 -13.74 33.74 20.49
N GLN G 734 -13.76 33.24 21.73
CA GLN G 734 -14.25 34.03 22.86
C GLN G 734 -13.28 35.13 23.24
N ILE G 735 -13.75 36.37 23.23
CA ILE G 735 -12.92 37.51 23.61
C ILE G 735 -13.33 38.03 24.98
N ASP G 736 -12.34 38.23 25.85
CA ASP G 736 -12.56 38.91 27.12
C ASP G 736 -12.60 40.43 26.95
N TRP G 737 -13.80 40.97 26.73
CA TRP G 737 -13.94 42.34 26.26
C TRP G 737 -13.45 43.35 27.25
N ASN G 738 -13.50 42.99 28.52
CA ASN G 738 -13.05 43.86 29.59
C ASN G 738 -11.58 44.27 29.45
N LYS G 739 -10.79 43.37 28.88
CA LYS G 739 -9.36 43.60 28.69
C LYS G 739 -9.10 44.73 27.68
N LEU G 740 -10.11 45.03 26.87
CA LEU G 740 -10.00 46.05 25.84
C LEU G 740 -9.93 47.45 26.47
N TYR G 741 -10.22 47.53 27.77
CA TYR G 741 -10.44 48.80 28.43
C TYR G 741 -9.64 48.94 29.71
N GLY G 742 -8.96 50.06 29.87
CA GLY G 742 -8.05 50.27 30.99
C GLY G 742 -8.58 51.23 32.04
N GLU G 743 -8.15 52.49 31.96
CA GLU G 743 -8.60 53.52 32.88
C GLU G 743 -10.04 53.94 32.59
N TYR G 744 -10.42 53.88 31.32
CA TYR G 744 -11.74 54.33 30.89
C TYR G 744 -12.56 53.16 30.34
N THR G 745 -13.70 52.89 30.98
CA THR G 745 -14.66 51.92 30.46
C THR G 745 -15.91 52.65 29.99
N PRO G 746 -16.33 52.38 28.74
CA PRO G 746 -17.55 53.01 28.24
C PRO G 746 -18.78 52.40 28.89
N ARG G 747 -19.95 52.94 28.56
CA ARG G 747 -21.18 52.53 29.21
C ARG G 747 -22.17 51.92 28.22
N ARG G 748 -22.92 50.93 28.67
CA ARG G 748 -24.01 50.37 27.88
C ARG G 748 -25.06 51.44 27.58
N ILE G 749 -25.58 51.42 26.36
CA ILE G 749 -26.68 52.31 25.98
C ILE G 749 -27.76 51.54 25.26
N SER G 750 -28.90 52.21 25.06
CA SER G 750 -30.00 51.65 24.28
C SER G 750 -29.61 51.55 22.81
N LEU G 751 -29.74 50.34 22.26
CA LEU G 751 -29.62 50.14 20.82
C LEU G 751 -30.78 49.28 20.35
N PRO G 752 -31.01 49.22 19.03
CA PRO G 752 -32.01 48.30 18.50
C PRO G 752 -31.73 46.86 18.95
N ALA G 753 -32.80 46.13 19.27
CA ALA G 753 -32.67 44.76 19.75
C ALA G 753 -32.85 43.77 18.60
N TYR G 754 -32.81 42.48 18.92
CA TYR G 754 -32.79 41.44 17.90
C TYR G 754 -33.93 41.62 16.91
N PRO G 755 -33.64 41.47 15.60
CA PRO G 755 -34.70 41.52 14.61
C PRO G 755 -35.23 40.13 14.28
N PHE G 756 -36.22 39.68 15.04
CA PHE G 756 -36.72 38.31 14.92
C PHE G 756 -37.14 38.01 13.48
N ALA G 757 -36.93 36.76 13.07
CA ALA G 757 -37.49 36.26 11.82
C ALA G 757 -38.98 36.49 11.77
N GLU G 758 -39.46 36.94 10.62
CA GLU G 758 -40.87 37.27 10.46
C GLU G 758 -41.64 36.15 9.78
N GLU G 759 -41.80 35.04 10.50
CA GLU G 759 -42.43 33.84 9.97
C GLU G 759 -43.89 33.74 10.43
N TYR G 760 -44.77 33.43 9.49
CA TYR G 760 -46.21 33.49 9.72
C TYR G 760 -46.72 32.20 10.34
N TYR G 761 -47.34 32.31 11.51
CA TYR G 761 -48.00 31.17 12.13
C TYR G 761 -49.40 31.54 12.61
N TRP G 762 -50.39 30.74 12.22
CA TRP G 762 -51.75 30.94 12.66
C TRP G 762 -52.40 29.60 12.89
N LEU G 763 -53.72 29.59 12.98
CA LEU G 763 -54.45 28.39 13.39
C LEU G 763 -54.13 27.20 12.49
N PRO G 764 -53.94 26.01 13.10
CA PRO G 764 -53.59 24.82 12.33
C PRO G 764 -54.78 24.24 11.57
N ASP H 176 -44.49 42.22 60.47
CA ASP H 176 -44.01 40.98 61.14
C ASP H 176 -44.96 39.81 60.94
N ALA H 177 -45.72 39.47 61.97
CA ALA H 177 -46.59 38.29 61.93
C ALA H 177 -47.95 38.64 61.33
N ILE H 178 -48.52 37.70 60.60
CA ILE H 178 -49.86 37.89 60.05
C ILE H 178 -50.86 36.90 60.63
N ALA H 179 -51.91 37.43 61.25
CA ALA H 179 -52.92 36.61 61.93
C ALA H 179 -54.01 36.20 60.95
N ILE H 180 -54.36 34.92 60.97
CA ILE H 180 -55.50 34.44 60.21
C ILE H 180 -56.72 34.42 61.14
N VAL H 181 -57.68 35.30 60.88
CA VAL H 181 -58.75 35.59 61.83
C VAL H 181 -60.11 35.06 61.39
N GLY H 182 -60.18 34.58 60.15
CA GLY H 182 -61.41 34.02 59.60
C GLY H 182 -61.13 33.02 58.50
N MET H 183 -61.95 31.97 58.43
CA MET H 183 -61.81 30.97 57.38
C MET H 183 -63.16 30.37 56.98
N SER H 184 -63.26 30.04 55.70
CA SER H 184 -64.40 29.30 55.19
C SER H 184 -63.93 28.39 54.05
N GLY H 185 -64.51 27.21 53.95
CA GLY H 185 -64.04 26.20 53.03
C GLY H 185 -65.17 25.32 52.51
N ARG H 186 -65.04 24.89 51.26
CA ARG H 186 -66.02 24.02 50.63
C ARG H 186 -65.32 23.04 49.69
N TYR H 187 -65.13 21.81 50.18
CA TYR H 187 -64.29 20.83 49.48
C TYR H 187 -65.09 19.55 49.27
N PRO H 188 -64.56 18.62 48.46
CA PRO H 188 -65.25 17.36 48.24
C PRO H 188 -65.57 16.67 49.57
N GLY H 189 -66.84 16.34 49.78
CA GLY H 189 -67.26 15.63 50.99
C GLY H 189 -67.44 16.52 52.20
N ALA H 190 -67.23 17.82 52.04
CA ALA H 190 -67.32 18.76 53.15
C ALA H 190 -67.91 20.11 52.74
N ARG H 191 -69.09 20.41 53.26
CA ARG H 191 -69.82 21.63 52.96
C ARG H 191 -69.22 22.83 53.70
N ASN H 192 -68.47 22.53 54.75
CA ASN H 192 -67.81 23.58 55.53
C ASN H 192 -66.56 23.03 56.22
N VAL H 193 -65.88 23.90 56.95
CA VAL H 193 -64.59 23.58 57.55
C VAL H 193 -64.71 22.60 58.72
N ARG H 194 -65.90 22.55 59.33
CA ARG H 194 -66.16 21.63 60.42
C ARG H 194 -66.35 20.19 59.95
N GLU H 195 -67.08 20.02 58.84
CA GLU H 195 -67.16 18.73 58.16
C GLU H 195 -65.80 18.28 57.60
N TYR H 196 -65.08 19.23 57.03
CA TYR H 196 -63.72 19.02 56.52
C TYR H 196 -62.84 18.40 57.59
N TRP H 197 -62.78 19.06 58.75
CA TRP H 197 -62.06 18.55 59.90
C TRP H 197 -62.49 17.16 60.29
N ASP H 198 -63.80 16.95 60.38
CA ASP H 198 -64.34 15.65 60.74
C ASP H 198 -63.88 14.57 59.75
N ASN H 199 -63.92 14.91 58.47
CA ASN H 199 -63.46 14.00 57.43
C ASN H 199 -61.97 13.65 57.53
N LEU H 200 -61.16 14.64 57.89
CA LEU H 200 -59.71 14.43 58.04
C LEU H 200 -59.40 13.51 59.22
N VAL H 201 -60.04 13.80 60.34
CA VAL H 201 -59.92 13.01 61.56
C VAL H 201 -60.23 11.54 61.33
N HIS H 202 -61.26 11.29 60.54
CA HIS H 202 -61.76 9.93 60.29
C HIS H 202 -61.13 9.33 59.07
N ALA H 203 -60.12 10.00 58.53
CA ALA H 203 -59.38 9.50 57.38
C ALA H 203 -60.27 9.18 56.18
N ARG H 204 -61.20 10.08 55.87
CA ARG H 204 -62.18 9.82 54.83
C ARG H 204 -61.69 10.30 53.46
N ASN H 205 -61.96 9.49 52.44
CA ASN H 205 -61.60 9.83 51.06
C ASN H 205 -62.85 10.21 50.28
N ALA H 206 -62.83 11.36 49.63
CA ALA H 206 -64.03 11.95 49.05
C ALA H 206 -64.12 11.73 47.55
N ILE H 207 -63.14 11.00 47.00
CA ILE H 207 -63.05 10.77 45.57
C ILE H 207 -64.16 9.81 45.11
N ARG H 208 -64.99 10.27 44.17
CA ARG H 208 -66.06 9.43 43.61
C ARG H 208 -65.92 9.31 42.10
N ASP H 209 -66.61 8.33 41.52
CA ASP H 209 -66.77 8.24 40.08
C ASP H 209 -67.58 9.43 39.57
N ILE H 210 -67.19 9.94 38.39
CA ILE H 210 -67.88 11.05 37.77
C ILE H 210 -69.26 10.61 37.26
N PRO H 211 -70.33 11.23 37.78
CA PRO H 211 -71.66 10.83 37.33
C PRO H 211 -72.00 11.39 35.96
N THR H 212 -73.02 10.83 35.33
CA THR H 212 -73.48 11.28 34.01
C THR H 212 -74.12 12.66 34.07
N SER H 213 -74.60 13.04 35.25
CA SER H 213 -75.16 14.38 35.46
C SER H 213 -74.11 15.47 35.30
N ARG H 214 -72.84 15.07 35.40
CA ARG H 214 -71.73 15.98 35.12
C ARG H 214 -71.28 15.87 33.67
N TRP H 215 -70.76 14.70 33.30
CA TRP H 215 -70.72 14.25 31.92
C TRP H 215 -70.60 12.76 31.82
N ASP H 216 -70.83 12.22 30.62
CA ASP H 216 -70.78 10.79 30.41
C ASP H 216 -69.35 10.30 30.16
N VAL H 217 -68.75 9.71 31.19
CA VAL H 217 -67.40 9.17 31.07
C VAL H 217 -67.34 7.98 30.11
N CYS H 233 -59.09 8.20 33.29
CA CYS H 233 -59.56 8.51 34.64
C CYS H 233 -61.04 8.82 34.66
N LYS H 234 -61.78 8.13 35.53
CA LYS H 234 -63.21 8.32 35.66
C LYS H 234 -63.60 8.89 37.01
N SER H 235 -62.62 9.41 37.74
CA SER H 235 -62.81 9.82 39.13
C SER H 235 -62.49 11.30 39.35
N MET H 236 -63.16 11.90 40.32
CA MET H 236 -62.96 13.30 40.67
C MET H 236 -63.36 13.54 42.12
N GLY H 237 -62.61 14.41 42.79
CA GLY H 237 -63.09 15.02 44.03
C GLY H 237 -64.07 16.14 43.72
N MET H 238 -65.36 15.87 43.84
CA MET H 238 -66.37 16.80 43.36
C MET H 238 -67.01 17.59 44.51
N LEU H 239 -67.35 18.85 44.24
CA LEU H 239 -68.32 19.55 45.05
C LEU H 239 -69.74 19.12 44.70
N ASP H 240 -70.66 19.23 45.66
CA ASP H 240 -72.07 18.99 45.41
C ASP H 240 -72.80 20.29 45.10
N ASP H 241 -73.78 20.22 44.22
CA ASP H 241 -74.67 21.34 43.93
C ASP H 241 -73.90 22.63 43.60
N ILE H 242 -73.03 22.53 42.61
CA ILE H 242 -72.27 23.69 42.14
C ILE H 242 -73.15 24.70 41.42
N GLU H 243 -74.41 24.34 41.19
CA GLU H 243 -75.34 25.22 40.50
C GLU H 243 -76.05 26.16 41.47
N HIS H 244 -75.94 25.88 42.76
CA HIS H 244 -76.72 26.59 43.77
C HIS H 244 -76.10 27.92 44.11
N PHE H 245 -76.96 28.94 44.25
CA PHE H 245 -76.54 30.31 44.51
C PHE H 245 -77.70 31.08 45.13
N ASP H 246 -77.39 32.12 45.89
CA ASP H 246 -78.40 32.99 46.48
C ASP H 246 -78.25 34.42 45.97
N PRO H 247 -78.66 34.68 44.71
CA PRO H 247 -78.35 35.92 44.04
C PRO H 247 -79.00 37.14 44.72
N LEU H 248 -80.17 36.93 45.31
CA LEU H 248 -80.90 38.01 45.96
C LEU H 248 -80.15 38.56 47.18
N PHE H 249 -79.52 37.66 47.93
CA PHE H 249 -78.65 38.08 49.03
C PHE H 249 -77.62 39.09 48.54
N PHE H 250 -77.12 38.89 47.32
CA PHE H 250 -76.00 39.67 46.81
C PHE H 250 -76.45 40.77 45.87
N ASN H 251 -77.74 41.11 45.90
CA ASN H 251 -78.31 42.15 45.05
C ASN H 251 -78.08 41.89 43.58
N ILE H 252 -78.03 40.60 43.23
CA ILE H 252 -77.88 40.18 41.84
C ILE H 252 -79.23 39.69 41.31
N PRO H 253 -79.67 40.23 40.16
CA PRO H 253 -80.87 39.72 39.53
C PRO H 253 -80.74 38.24 39.16
N PRO H 254 -81.74 37.43 39.55
CA PRO H 254 -81.77 36.00 39.25
C PRO H 254 -81.35 35.63 37.83
N SER H 255 -81.68 36.47 36.86
CA SER H 255 -81.36 36.19 35.46
C SER H 255 -79.87 36.38 35.16
N GLU H 256 -79.23 37.27 35.90
CA GLU H 256 -77.78 37.46 35.79
C GLU H 256 -77.02 36.26 36.35
N ALA H 257 -77.63 35.57 37.31
CA ALA H 257 -76.99 34.45 37.99
C ALA H 257 -76.69 33.30 37.03
N GLU H 258 -77.59 33.07 36.09
CA GLU H 258 -77.38 32.07 35.05
C GLU H 258 -76.14 32.37 34.21
N LEU H 259 -75.78 33.65 34.11
CA LEU H 259 -74.70 34.05 33.22
C LEU H 259 -73.38 34.13 33.97
N MET H 260 -73.43 33.86 35.26
CA MET H 260 -72.24 33.90 36.10
C MET H 260 -71.56 32.53 36.15
N ASP H 261 -70.27 32.49 35.84
CA ASP H 261 -69.43 31.35 36.19
C ASP H 261 -69.70 30.92 37.63
N PRO H 262 -70.00 29.63 37.86
CA PRO H 262 -70.24 29.15 39.22
C PRO H 262 -69.02 29.26 40.12
N GLN H 263 -67.83 29.35 39.54
CA GLN H 263 -66.62 29.64 40.31
C GLN H 263 -66.74 30.99 41.03
N HIS H 264 -67.25 31.99 40.33
CA HIS H 264 -67.51 33.30 40.93
C HIS H 264 -68.55 33.26 42.01
N ARG H 265 -69.67 32.61 41.72
CA ARG H 265 -70.80 32.51 42.64
C ARG H 265 -70.38 31.81 43.93
N ILE H 266 -69.69 30.68 43.77
CA ILE H 266 -69.24 29.87 44.89
C ILE H 266 -68.22 30.59 45.78
N PHE H 267 -67.26 31.27 45.15
CA PHE H 267 -66.31 32.06 45.93
C PHE H 267 -66.97 33.23 46.63
N LEU H 268 -67.87 33.91 45.93
CA LEU H 268 -68.66 34.99 46.51
C LEU H 268 -69.30 34.58 47.83
N GLN H 269 -69.87 33.38 47.87
CA GLN H 269 -70.45 32.83 49.09
C GLN H 269 -69.40 32.50 50.14
N GLU H 270 -68.39 31.74 49.74
CA GLU H 270 -67.34 31.30 50.66
C GLU H 270 -66.51 32.45 51.22
N GLY H 271 -66.10 33.38 50.35
CA GLY H 271 -65.52 34.63 50.80
C GLY H 271 -66.37 35.32 51.86
N TYR H 272 -67.65 35.50 51.57
CA TYR H 272 -68.53 36.25 52.46
C TYR H 272 -68.56 35.57 53.83
N LYS H 273 -68.64 34.25 53.81
CA LYS H 273 -68.74 33.47 55.05
C LYS H 273 -67.46 33.53 55.87
N ALA H 274 -66.32 33.64 55.19
CA ALA H 274 -65.02 33.81 55.85
C ALA H 274 -65.00 35.07 56.72
N PHE H 275 -65.50 36.17 56.18
CA PHE H 275 -65.68 37.40 56.94
C PHE H 275 -66.58 37.15 58.15
N GLU H 276 -67.69 36.45 57.93
CA GLU H 276 -68.64 36.20 59.01
C GLU H 276 -68.04 35.27 60.07
N ASP H 277 -67.25 34.32 59.61
CA ASP H 277 -66.49 33.46 60.53
C ASP H 277 -65.63 34.31 61.46
N ALA H 278 -64.97 35.32 60.90
CA ALA H 278 -64.12 36.21 61.68
C ALA H 278 -64.92 37.10 62.63
N GLY H 279 -66.19 37.33 62.29
CA GLY H 279 -67.07 38.14 63.12
C GLY H 279 -67.24 39.55 62.58
N TYR H 280 -67.03 39.70 61.28
CA TYR H 280 -67.21 40.97 60.61
C TYR H 280 -68.45 40.94 59.72
N ASN H 281 -69.14 42.07 59.60
CA ASN H 281 -70.34 42.16 58.78
C ASN H 281 -70.31 43.36 57.85
N ALA H 282 -71.34 43.48 57.03
CA ALA H 282 -71.39 44.51 55.99
C ALA H 282 -71.07 45.89 56.54
N ARG H 283 -71.67 46.21 57.68
CA ARG H 283 -71.47 47.49 58.34
C ARG H 283 -70.01 47.70 58.69
N THR H 284 -69.40 46.67 59.29
CA THR H 284 -68.06 46.81 59.85
C THR H 284 -66.98 46.71 58.79
N LEU H 285 -67.36 46.25 57.60
CA LEU H 285 -66.42 46.12 56.51
C LEU H 285 -66.47 47.29 55.52
N ASN H 286 -67.58 48.03 55.57
CA ASN H 286 -67.77 49.17 54.69
C ASN H 286 -66.57 50.10 54.65
N GLU H 287 -66.02 50.29 53.44
CA GLU H 287 -64.91 51.19 53.21
C GLU H 287 -63.58 50.70 53.80
N LYS H 288 -63.57 49.48 54.33
CA LYS H 288 -62.32 48.91 54.82
C LYS H 288 -61.30 48.72 53.70
N LYS H 289 -60.05 49.06 54.00
CA LYS H 289 -58.93 48.83 53.08
C LYS H 289 -58.55 47.35 53.01
N CYS H 290 -59.50 46.53 52.57
CA CYS H 290 -59.29 45.09 52.48
C CYS H 290 -58.97 44.66 51.05
N GLY H 291 -57.77 44.10 50.85
CA GLY H 291 -57.41 43.51 49.58
C GLY H 291 -58.07 42.17 49.35
N VAL H 292 -58.32 41.83 48.09
CA VAL H 292 -58.88 40.54 47.73
C VAL H 292 -57.97 39.85 46.70
N TYR H 293 -57.41 38.71 47.10
CA TYR H 293 -56.49 37.97 46.23
C TYR H 293 -57.00 36.56 45.96
N LEU H 294 -57.50 36.36 44.74
CA LEU H 294 -58.23 35.14 44.40
C LEU H 294 -57.49 34.25 43.42
N GLY H 295 -57.14 33.04 43.86
CA GLY H 295 -56.59 32.02 42.97
C GLY H 295 -57.67 31.43 42.09
N ILE H 296 -57.48 31.52 40.78
CA ILE H 296 -58.45 31.04 39.78
C ILE H 296 -57.72 30.77 38.48
N MET H 297 -58.04 29.67 37.80
CA MET H 297 -57.21 29.21 36.69
C MET H 297 -57.96 28.64 35.49
N SER H 298 -59.28 28.78 35.46
CA SER H 298 -60.09 28.20 34.40
C SER H 298 -61.30 29.04 34.02
N ASN H 299 -61.79 28.86 32.80
CA ASN H 299 -62.86 29.69 32.24
C ASN H 299 -64.08 28.94 31.72
N GLU H 300 -64.18 27.65 32.04
CA GLU H 300 -65.05 26.72 31.33
C GLU H 300 -66.45 27.26 31.06
N TYR H 301 -67.08 27.84 32.08
CA TYR H 301 -68.46 28.28 32.00
C TYR H 301 -68.64 29.39 30.97
N GLY H 302 -67.74 30.37 31.00
CA GLY H 302 -67.73 31.45 30.03
C GLY H 302 -67.72 30.94 28.60
N VAL H 303 -66.89 29.94 28.35
CA VAL H 303 -66.79 29.29 27.04
C VAL H 303 -68.08 28.56 26.68
N MET H 304 -68.56 27.73 27.59
CA MET H 304 -69.84 27.06 27.43
C MET H 304 -70.93 28.02 26.99
N LEU H 305 -70.94 29.21 27.61
CA LEU H 305 -71.90 30.25 27.28
C LEU H 305 -71.72 30.74 25.85
N GLY H 315 -68.39 39.79 31.87
CA GLY H 315 -68.98 39.34 33.13
C GLY H 315 -68.14 38.29 33.81
N ASN H 316 -67.53 37.41 33.00
CA ASN H 316 -66.87 36.22 33.51
C ASN H 316 -65.35 36.23 33.37
N SER H 317 -64.75 37.41 33.41
CA SER H 317 -63.29 37.55 33.45
C SER H 317 -62.74 37.27 34.84
N PHE H 318 -61.47 36.88 34.90
CA PHE H 318 -60.78 36.73 36.19
C PHE H 318 -60.84 38.03 36.99
N ALA H 319 -60.74 39.16 36.30
CA ALA H 319 -60.72 40.47 36.93
C ALA H 319 -62.01 40.73 37.71
N ILE H 320 -63.14 40.31 37.14
CA ILE H 320 -64.44 40.51 37.77
C ILE H 320 -64.69 39.53 38.91
N ALA H 321 -64.22 38.30 38.75
CA ALA H 321 -64.30 37.29 39.80
C ALA H 321 -63.73 37.79 41.12
N ALA H 322 -62.55 38.41 41.06
CA ALA H 322 -61.91 38.95 42.25
C ALA H 322 -62.65 40.16 42.81
N ALA H 323 -63.38 40.85 41.93
CA ALA H 323 -63.97 42.15 42.22
C ALA H 323 -65.38 42.06 42.79
N ARG H 324 -65.99 40.88 42.66
CA ARG H 324 -67.33 40.64 43.17
C ARG H 324 -67.48 41.08 44.62
N ILE H 325 -66.62 40.54 45.48
CA ILE H 325 -66.71 40.76 46.92
C ILE H 325 -66.48 42.22 47.30
N PRO H 326 -65.43 42.84 46.75
CA PRO H 326 -65.23 44.27 46.99
C PRO H 326 -66.44 45.10 46.58
N TYR H 327 -67.03 44.77 45.44
CA TYR H 327 -68.21 45.49 44.95
C TYR H 327 -69.39 45.35 45.89
N PHE H 328 -69.60 44.13 46.40
CA PHE H 328 -70.72 43.85 47.29
C PHE H 328 -70.55 44.55 48.64
N LEU H 329 -69.33 44.50 49.18
CA LEU H 329 -69.08 44.92 50.55
C LEU H 329 -68.46 46.31 50.63
N ASN H 330 -68.20 46.90 49.47
CA ASN H 330 -67.58 48.22 49.40
C ASN H 330 -66.19 48.22 50.02
N LEU H 331 -65.38 47.23 49.65
CA LEU H 331 -63.98 47.17 50.07
C LEU H 331 -63.12 48.03 49.15
N LYS H 332 -61.97 48.48 49.66
CA LYS H 332 -61.21 49.51 48.96
C LYS H 332 -59.77 49.07 48.66
N GLY H 333 -59.39 47.91 49.19
CA GLY H 333 -58.12 47.30 48.84
C GLY H 333 -58.16 46.69 47.45
N PRO H 334 -56.99 46.55 46.81
CA PRO H 334 -56.96 46.08 45.43
C PRO H 334 -57.59 44.69 45.32
N ALA H 335 -58.24 44.44 44.19
CA ALA H 335 -58.83 43.13 43.92
C ALA H 335 -58.14 42.47 42.73
N ILE H 336 -57.32 41.47 43.00
CA ILE H 336 -56.46 40.88 41.98
C ILE H 336 -56.67 39.36 41.89
N PRO H 337 -57.02 38.85 40.70
CA PRO H 337 -57.00 37.41 40.48
C PRO H 337 -55.59 36.89 40.20
N ILE H 338 -55.26 35.73 40.76
CA ILE H 338 -53.94 35.14 40.57
C ILE H 338 -54.06 33.79 39.85
N ASP H 339 -53.52 33.71 38.65
CA ASP H 339 -53.42 32.42 37.95
C ASP H 339 -51.97 32.00 37.79
N THR H 340 -51.43 31.34 38.80
CA THR H 340 -50.18 30.59 38.66
C THR H 340 -50.43 29.08 38.73
N ALA H 341 -51.53 28.66 38.14
CA ALA H 341 -52.00 27.28 38.27
C ALA H 341 -52.23 26.89 39.72
N CYS H 342 -51.63 25.76 40.13
CA CYS H 342 -51.95 25.14 41.40
C CYS H 342 -51.32 25.83 42.62
N SER H 343 -50.41 26.76 42.37
CA SER H 343 -49.82 27.55 43.45
C SER H 343 -50.61 28.83 43.72
N SER H 344 -51.71 29.00 43.00
CA SER H 344 -52.40 30.28 42.93
C SER H 344 -52.79 30.89 44.27
N SER H 345 -53.51 30.13 45.09
CA SER H 345 -53.98 30.66 46.37
C SER H 345 -52.86 30.94 47.36
N LEU H 346 -51.76 30.21 47.24
CA LEU H 346 -50.61 30.44 48.10
C LEU H 346 -49.76 31.64 47.68
N VAL H 347 -49.64 31.87 46.38
CA VAL H 347 -49.03 33.09 45.88
C VAL H 347 -49.85 34.30 46.30
N GLY H 348 -51.17 34.20 46.23
CA GLY H 348 -52.06 35.24 46.72
C GLY H 348 -51.83 35.55 48.19
N THR H 349 -51.65 34.50 48.99
CA THR H 349 -51.38 34.65 50.41
C THR H 349 -50.10 35.43 50.64
N HIS H 350 -49.08 35.15 49.82
CA HIS H 350 -47.80 35.84 49.94
C HIS H 350 -47.93 37.30 49.63
N LEU H 351 -48.67 37.61 48.56
CA LEU H 351 -48.87 38.99 48.14
C LEU H 351 -49.69 39.77 49.16
N ALA H 352 -50.73 39.15 49.70
CA ALA H 352 -51.54 39.78 50.74
C ALA H 352 -50.69 40.06 51.98
N ARG H 353 -49.81 39.13 52.31
CA ARG H 353 -48.93 39.26 53.46
C ARG H 353 -48.00 40.47 53.32
N GLN H 354 -47.39 40.60 52.16
CA GLN H 354 -46.47 41.71 51.88
C GLN H 354 -47.16 43.06 51.89
N ALA H 355 -48.40 43.10 51.38
CA ALA H 355 -49.19 44.32 51.40
C ALA H 355 -49.57 44.71 52.82
N LEU H 356 -49.93 43.73 53.63
CA LEU H 356 -50.27 43.96 55.03
C LEU H 356 -49.06 44.47 55.81
N ILE H 357 -47.92 43.84 55.59
CA ILE H 357 -46.68 44.25 56.26
C ILE H 357 -46.26 45.65 55.84
N ASN H 358 -46.46 45.98 54.56
CA ASN H 358 -46.12 47.30 54.05
C ASN H 358 -47.20 48.34 54.36
N LYS H 359 -48.27 47.92 55.03
CA LYS H 359 -49.31 48.83 55.46
C LYS H 359 -50.10 49.45 54.31
N GLU H 360 -50.10 48.76 53.16
CA GLU H 360 -50.89 49.21 52.02
C GLU H 360 -52.37 48.84 52.20
N ILE H 361 -52.63 47.74 52.89
CA ILE H 361 -53.99 47.35 53.26
C ILE H 361 -54.03 47.06 54.75
N ASP H 362 -55.24 46.95 55.31
CA ASP H 362 -55.41 46.70 56.74
C ASP H 362 -56.00 45.30 56.96
N MET H 363 -56.43 44.68 55.87
CA MET H 363 -57.05 43.37 55.92
C MET H 363 -56.93 42.75 54.53
N ALA H 364 -56.86 41.43 54.47
CA ALA H 364 -56.89 40.73 53.20
C ALA H 364 -57.85 39.54 53.24
N LEU H 365 -58.63 39.38 52.17
CA LEU H 365 -59.31 38.12 51.90
C LEU H 365 -58.52 37.37 50.83
N VAL H 366 -57.89 36.26 51.22
CA VAL H 366 -57.17 35.43 50.27
C VAL H 366 -57.88 34.09 50.08
N GLY H 367 -57.85 33.58 48.85
CA GLY H 367 -58.58 32.36 48.55
C GLY H 367 -58.25 31.76 47.20
N GLY H 368 -59.00 30.71 46.86
CA GLY H 368 -58.89 30.07 45.55
C GLY H 368 -60.17 29.29 45.27
N VAL H 369 -60.44 29.07 43.99
CA VAL H 369 -61.60 28.31 43.57
C VAL H 369 -61.26 27.53 42.30
N SER H 370 -61.65 26.26 42.27
CA SER H 370 -61.50 25.46 41.06
C SER H 370 -62.67 24.51 40.86
N LEU H 371 -63.27 24.57 39.67
CA LEU H 371 -64.25 23.57 39.26
C LEU H 371 -63.79 22.90 37.98
N TYR H 372 -64.25 21.67 37.76
CA TYR H 372 -63.95 20.96 36.52
C TYR H 372 -65.24 20.62 35.78
N LEU H 373 -65.63 21.49 34.86
CA LEU H 373 -66.99 21.51 34.35
C LEU H 373 -67.15 20.70 33.07
N THR H 374 -66.06 20.51 32.35
CA THR H 374 -66.12 19.89 31.04
C THR H 374 -65.27 18.62 30.94
N PRO H 375 -65.69 17.66 30.10
CA PRO H 375 -64.85 16.52 29.78
C PRO H 375 -63.54 16.94 29.13
N GLU H 376 -63.56 18.07 28.42
CA GLU H 376 -62.41 18.54 27.65
C GLU H 376 -61.22 18.89 28.55
N SER H 377 -61.50 19.52 29.68
CA SER H 377 -60.46 20.05 30.56
C SER H 377 -59.92 18.96 31.49
N TYR H 378 -60.02 17.72 31.05
CA TYR H 378 -59.90 16.57 31.94
C TYR H 378 -59.77 15.27 31.16
N GLY H 399 -46.35 3.73 44.72
CA GLY H 399 -47.45 3.38 43.72
C GLY H 399 -47.89 4.59 42.94
N ALA H 400 -47.22 5.72 43.17
CA ALA H 400 -47.65 7.03 42.69
C ALA H 400 -47.81 7.06 41.17
N ASN H 401 -48.94 7.55 40.71
CA ASN H 401 -49.41 7.27 39.36
C ASN H 401 -50.05 8.47 38.65
N GLY H 402 -49.85 9.66 39.22
CA GLY H 402 -50.57 10.85 38.76
C GLY H 402 -51.59 11.29 39.80
N PHE H 403 -52.19 12.45 39.57
CA PHE H 403 -53.18 12.98 40.52
C PHE H 403 -54.60 12.79 40.01
N VAL H 404 -55.56 12.84 40.93
CA VAL H 404 -56.97 12.93 40.57
C VAL H 404 -57.44 14.36 40.81
N PRO H 405 -58.07 14.96 39.78
CA PRO H 405 -58.57 16.33 39.89
C PRO H 405 -59.58 16.50 41.02
N GLY H 406 -59.52 17.64 41.70
CA GLY H 406 -60.46 17.96 42.76
C GLY H 406 -61.04 19.35 42.56
N GLU H 407 -62.25 19.56 43.04
CA GLU H 407 -62.84 20.90 43.09
C GLU H 407 -62.83 21.41 44.53
N GLY H 408 -62.81 22.73 44.69
CA GLY H 408 -62.76 23.30 46.03
C GLY H 408 -62.78 24.82 45.97
N ALA H 409 -63.35 25.44 46.99
CA ALA H 409 -63.29 26.88 47.16
C ALA H 409 -63.02 27.16 48.63
N GLY H 410 -62.02 27.99 48.90
CA GLY H 410 -61.63 28.32 50.27
C GLY H 410 -61.14 29.73 50.43
N ALA H 411 -61.41 30.33 51.58
CA ALA H 411 -61.01 31.70 51.85
C ALA H 411 -60.39 31.82 53.25
N LEU H 412 -59.41 32.72 53.38
CA LEU H 412 -58.92 33.14 54.69
C LEU H 412 -59.03 34.65 54.85
N VAL H 413 -59.21 35.09 56.09
CA VAL H 413 -59.12 36.52 56.37
C VAL H 413 -57.85 36.81 57.16
N LEU H 414 -57.04 37.74 56.65
CA LEU H 414 -55.74 38.00 57.23
C LEU H 414 -55.71 39.41 57.82
N LYS H 415 -54.96 39.56 58.91
CA LYS H 415 -54.65 40.88 59.44
C LYS H 415 -53.23 40.87 60.02
N ARG H 416 -52.64 42.05 60.18
CA ARG H 416 -51.47 42.20 61.02
C ARG H 416 -51.80 41.75 62.45
N LEU H 417 -50.87 41.00 63.06
CA LEU H 417 -51.13 40.39 64.35
C LEU H 417 -51.47 41.42 65.42
N LYS H 418 -50.72 42.52 65.43
CA LYS H 418 -50.95 43.60 66.37
C LYS H 418 -52.36 44.14 66.29
N ASP H 419 -52.88 44.25 65.07
CA ASP H 419 -54.25 44.73 64.85
C ASP H 419 -55.26 43.69 65.33
N ALA H 420 -54.99 42.42 65.02
CA ALA H 420 -55.87 41.32 65.40
C ALA H 420 -56.02 41.26 66.92
N GLU H 421 -54.92 41.56 67.62
CA GLU H 421 -54.92 41.50 69.08
C GLU H 421 -55.61 42.72 69.71
N ALA H 422 -55.40 43.89 69.11
CA ALA H 422 -56.05 45.10 69.57
C ALA H 422 -57.56 45.05 69.31
N ASP H 423 -57.94 44.39 68.22
CA ASP H 423 -59.34 44.31 67.81
C ASP H 423 -60.04 43.11 68.44
N ARG H 424 -59.29 42.29 69.15
CA ARG H 424 -59.85 41.17 69.90
C ARG H 424 -60.49 40.16 68.96
N ASP H 425 -59.95 40.05 67.76
CA ASP H 425 -60.29 38.96 66.86
C ASP H 425 -59.93 37.61 67.47
N HIS H 426 -60.63 36.57 67.04
CA HIS H 426 -60.16 35.21 67.30
C HIS H 426 -59.17 34.79 66.24
N ILE H 427 -58.09 34.15 66.67
CA ILE H 427 -56.93 33.93 65.84
C ILE H 427 -56.60 32.45 65.68
N TYR H 428 -56.69 31.95 64.45
CA TYR H 428 -56.48 30.54 64.14
C TYR H 428 -55.01 30.17 64.19
N GLY H 429 -54.14 31.14 63.92
CA GLY H 429 -52.73 30.89 63.68
C GLY H 429 -52.08 32.10 63.05
N ILE H 430 -50.75 32.10 62.99
CA ILE H 430 -50.00 33.21 62.42
C ILE H 430 -49.02 32.79 61.34
N ILE H 431 -48.98 33.56 60.25
CA ILE H 431 -48.00 33.37 59.20
C ILE H 431 -46.72 34.13 59.54
N ILE H 432 -45.63 33.38 59.69
CA ILE H 432 -44.36 33.92 60.17
C ILE H 432 -43.29 33.94 59.08
N GLY H 433 -43.61 33.36 57.92
CA GLY H 433 -42.72 33.40 56.77
C GLY H 433 -43.37 32.90 55.50
N SER H 434 -43.07 33.57 54.39
CA SER H 434 -43.57 33.13 53.08
C SER H 434 -42.60 33.57 51.99
N GLY H 435 -42.61 32.83 50.88
CA GLY H 435 -41.86 33.21 49.69
C GLY H 435 -42.35 32.53 48.43
N ILE H 436 -42.09 33.17 47.29
CA ILE H 436 -42.42 32.60 45.99
C ILE H 436 -41.23 32.72 45.05
N ASN H 437 -41.07 31.75 44.16
CA ASN H 437 -40.06 31.82 43.12
C ASN H 437 -40.43 31.02 41.88
N GLN H 438 -39.49 30.92 40.93
CA GLN H 438 -39.71 30.18 39.69
C GLN H 438 -38.78 28.98 39.55
N ASP H 439 -39.27 27.96 38.86
CA ASP H 439 -38.44 26.83 38.45
C ASP H 439 -37.39 27.29 37.44
N GLY H 440 -37.77 28.26 36.61
CA GLY H 440 -36.93 28.67 35.49
C GLY H 440 -36.88 27.62 34.40
N LYS H 441 -35.70 27.44 33.81
CA LYS H 441 -35.52 26.45 32.75
C LYS H 441 -35.46 25.05 33.34
N THR H 442 -36.51 24.28 33.07
CA THR H 442 -36.53 22.86 33.42
C THR H 442 -36.55 22.00 32.16
N ASN H 443 -36.58 20.69 32.36
CA ASN H 443 -36.79 19.75 31.27
C ASN H 443 -38.28 19.61 30.97
N GLY H 444 -38.80 20.52 30.16
CA GLY H 444 -40.24 20.64 29.93
C GLY H 444 -40.82 21.67 30.89
N ILE H 445 -41.69 22.54 30.39
CA ILE H 445 -42.14 23.68 31.20
C ILE H 445 -42.94 23.26 32.43
N THR H 446 -43.41 22.02 32.44
CA THR H 446 -44.24 21.51 33.54
C THR H 446 -43.46 20.63 34.52
N ALA H 447 -42.17 20.41 34.25
CA ALA H 447 -41.33 19.65 35.16
C ALA H 447 -40.89 20.52 36.34
N PRO H 448 -40.67 19.89 37.50
CA PRO H 448 -40.22 20.63 38.68
C PRO H 448 -38.70 20.76 38.73
N SER H 449 -38.22 21.72 39.53
CA SER H 449 -36.80 21.91 39.76
C SER H 449 -36.45 21.72 41.23
N ALA H 450 -35.68 20.68 41.52
CA ALA H 450 -35.26 20.38 42.88
C ALA H 450 -34.55 21.59 43.47
N LYS H 451 -33.72 22.23 42.65
CA LYS H 451 -32.90 23.35 43.09
C LYS H 451 -33.75 24.55 43.49
N SER H 452 -34.77 24.85 42.68
CA SER H 452 -35.65 25.97 42.96
C SER H 452 -36.44 25.78 44.26
N GLN H 453 -36.91 24.55 44.49
CA GLN H 453 -37.64 24.24 45.70
C GLN H 453 -36.75 24.39 46.93
N MET H 454 -35.50 23.94 46.82
CA MET H 454 -34.54 24.06 47.90
C MET H 454 -34.22 25.52 48.22
N ASP H 455 -33.91 26.29 47.17
CA ASP H 455 -33.67 27.71 47.32
C ASP H 455 -34.86 28.42 47.97
N LEU H 456 -36.06 28.14 47.46
CA LEU H 456 -37.27 28.75 48.00
C LEU H 456 -37.36 28.54 49.51
N GLU H 457 -37.21 27.29 49.93
CA GLU H 457 -37.37 26.93 51.34
C GLU H 457 -36.23 27.48 52.18
N ARG H 458 -35.00 27.38 51.66
CA ARG H 458 -33.82 27.87 52.36
C ARG H 458 -33.90 29.38 52.56
N ASP H 459 -34.25 30.09 51.50
CA ASP H 459 -34.34 31.55 51.55
C ASP H 459 -35.39 32.05 52.54
N ILE H 460 -36.53 31.36 52.57
CA ILE H 460 -37.58 31.67 53.54
C ILE H 460 -37.08 31.50 54.98
N TYR H 461 -36.50 30.34 55.27
CA TYR H 461 -36.04 30.03 56.61
C TYR H 461 -34.94 30.99 57.07
N GLU H 462 -34.04 31.33 56.17
CA GLU H 462 -32.95 32.26 56.49
C GLU H 462 -33.43 33.69 56.65
N THR H 463 -34.28 34.15 55.74
CA THR H 463 -34.79 35.52 55.84
C THR H 463 -35.55 35.76 57.14
N TYR H 464 -36.30 34.76 57.57
CA TYR H 464 -37.23 34.95 58.69
C TYR H 464 -36.74 34.31 59.98
N GLY H 465 -35.53 33.77 59.95
CA GLY H 465 -34.92 33.18 61.14
C GLY H 465 -35.67 31.98 61.66
N ILE H 466 -36.01 31.07 60.77
CA ILE H 466 -36.75 29.85 61.12
C ILE H 466 -35.81 28.65 61.05
N HIS H 467 -35.66 27.96 62.17
CA HIS H 467 -34.85 26.74 62.22
C HIS H 467 -35.68 25.54 61.85
N PRO H 468 -35.19 24.71 60.93
CA PRO H 468 -35.96 23.54 60.51
C PRO H 468 -36.36 22.60 61.64
N GLU H 469 -35.58 22.60 62.71
CA GLU H 469 -35.89 21.76 63.87
C GLU H 469 -37.18 22.18 64.56
N SER H 470 -37.58 23.43 64.36
CA SER H 470 -38.80 23.97 64.96
C SER H 470 -40.06 23.54 64.22
N ILE H 471 -39.89 22.96 63.04
CA ILE H 471 -41.00 22.54 62.20
C ILE H 471 -41.32 21.06 62.41
N SER H 472 -42.59 20.77 62.66
CA SER H 472 -43.02 19.41 63.00
C SER H 472 -44.04 18.81 62.03
N TYR H 473 -44.58 19.63 61.14
CA TYR H 473 -45.43 19.11 60.07
C TYR H 473 -45.26 19.95 58.81
N VAL H 474 -45.24 19.27 57.67
CA VAL H 474 -45.28 19.95 56.37
C VAL H 474 -46.44 19.42 55.53
N GLU H 475 -47.35 20.29 55.13
CA GLU H 475 -48.33 19.93 54.12
C GLU H 475 -47.72 20.04 52.73
N MET H 476 -47.27 18.91 52.19
CA MET H 476 -46.61 18.87 50.89
C MET H 476 -47.55 19.25 49.75
N HIS H 477 -46.96 19.68 48.64
CA HIS H 477 -47.67 19.75 47.36
C HIS H 477 -48.20 18.39 47.01
N GLY H 478 -47.34 17.38 47.06
CA GLY H 478 -47.75 15.99 47.21
C GLY H 478 -48.91 15.58 46.33
N THR H 479 -48.72 15.67 45.02
CA THR H 479 -49.78 15.41 44.06
C THR H 479 -49.87 13.94 43.67
N GLY H 480 -48.86 13.17 44.06
CA GLY H 480 -48.82 11.74 43.78
C GLY H 480 -48.37 11.41 42.37
N THR H 481 -47.43 12.21 41.86
CA THR H 481 -46.82 11.95 40.57
C THR H 481 -45.44 11.31 40.72
N GLY H 484 -42.40 13.73 40.63
CA GLY H 484 -42.68 14.99 41.33
C GLY H 484 -42.58 14.83 42.83
N ASP H 485 -43.18 13.75 43.34
CA ASP H 485 -43.11 13.43 44.77
C ASP H 485 -41.68 13.33 45.28
N PRO H 486 -40.83 12.53 44.62
CA PRO H 486 -39.49 12.25 45.12
C PRO H 486 -38.61 13.49 45.09
N ILE H 487 -38.82 14.34 44.08
CA ILE H 487 -38.09 15.60 44.01
C ILE H 487 -38.47 16.53 45.16
N GLU H 488 -39.75 16.61 45.46
CA GLU H 488 -40.20 17.42 46.60
C GLU H 488 -39.61 16.91 47.91
N LEU H 489 -39.69 15.60 48.10
CA LEU H 489 -39.20 14.96 49.32
C LEU H 489 -37.71 15.23 49.53
N GLU H 490 -36.93 15.02 48.46
CA GLU H 490 -35.49 15.20 48.51
C GLU H 490 -35.15 16.66 48.82
N ALA H 491 -35.82 17.57 48.12
CA ALA H 491 -35.58 19.00 48.30
C ALA H 491 -35.74 19.40 49.76
N LEU H 492 -36.92 19.12 50.32
CA LEU H 492 -37.25 19.51 51.69
C LEU H 492 -36.30 18.83 52.67
N SER H 493 -36.10 17.53 52.49
CA SER H 493 -35.20 16.75 53.33
C SER H 493 -33.81 17.39 53.33
N THR H 494 -33.30 17.70 52.15
CA THR H 494 -31.96 18.27 52.01
C THR H 494 -31.83 19.59 52.77
N VAL H 495 -32.84 20.44 52.64
CA VAL H 495 -32.82 21.75 53.30
C VAL H 495 -32.84 21.63 54.82
N PHE H 496 -33.68 20.73 55.33
CA PHE H 496 -33.75 20.47 56.76
C PHE H 496 -32.41 19.94 57.28
N GLN H 497 -31.81 19.03 56.52
CA GLN H 497 -30.61 18.33 56.93
C GLN H 497 -29.37 19.21 56.98
N GLU H 498 -29.40 20.31 56.22
CA GLU H 498 -28.33 21.30 56.27
C GLU H 498 -28.19 21.93 57.65
N LYS H 499 -29.23 21.80 58.46
CA LYS H 499 -29.32 22.52 59.72
C LYS H 499 -29.43 21.61 60.94
N THR H 500 -29.82 20.36 60.71
CA THR H 500 -30.07 19.41 61.78
C THR H 500 -29.75 17.97 61.45
N ASP H 501 -29.26 17.24 62.46
CA ASP H 501 -29.02 15.80 62.34
C ASP H 501 -30.24 15.01 62.79
N LYS H 502 -31.16 15.68 63.48
CA LYS H 502 -32.32 15.01 64.07
C LYS H 502 -33.11 14.25 63.02
N LYS H 503 -33.59 13.06 63.39
CA LYS H 503 -34.22 12.15 62.43
C LYS H 503 -35.70 11.98 62.73
N GLN H 504 -36.52 11.96 61.68
CA GLN H 504 -37.93 11.61 61.77
C GLN H 504 -38.70 12.40 62.81
N PHE H 505 -38.43 13.70 62.86
CA PHE H 505 -39.13 14.59 63.77
C PHE H 505 -40.29 15.32 63.10
N CYS H 506 -40.22 15.45 61.77
CA CYS H 506 -41.19 16.23 61.01
C CYS H 506 -42.14 15.35 60.21
N ALA H 507 -43.41 15.34 60.61
CA ALA H 507 -44.45 14.62 59.88
C ALA H 507 -44.75 15.32 58.55
N ILE H 508 -45.00 14.52 57.52
CA ILE H 508 -45.45 15.06 56.24
C ILE H 508 -46.75 14.40 55.79
N GLY H 509 -47.61 15.19 55.14
CA GLY H 509 -48.88 14.70 54.62
C GLY H 509 -49.33 15.49 53.41
N SER H 510 -50.42 15.04 52.79
CA SER H 510 -51.06 15.81 51.73
C SER H 510 -52.55 15.54 51.72
N VAL H 511 -53.34 16.60 51.92
CA VAL H 511 -54.78 16.48 51.91
C VAL H 511 -55.33 16.13 50.53
N LYS H 512 -54.48 16.20 49.52
CA LYS H 512 -54.86 15.77 48.18
C LYS H 512 -55.17 14.29 48.17
N SER H 513 -54.61 13.57 49.13
CA SER H 513 -54.93 12.15 49.32
C SER H 513 -56.37 11.95 49.79
N ASN H 514 -56.95 12.99 50.39
CA ASN H 514 -58.35 12.94 50.82
C ASN H 514 -59.33 13.44 49.78
N ILE H 515 -59.03 14.60 49.19
CA ILE H 515 -60.02 15.36 48.42
C ILE H 515 -59.66 15.52 46.95
N GLY H 516 -58.48 15.01 46.57
CA GLY H 516 -57.98 15.21 45.22
C GLY H 516 -57.20 16.50 45.08
N HIS H 517 -56.75 16.79 43.87
CA HIS H 517 -55.96 17.98 43.59
C HIS H 517 -56.82 19.15 43.22
N THR H 518 -57.10 20.00 44.21
CA THR H 518 -58.09 21.06 44.04
C THR H 518 -57.53 22.30 43.36
N SER H 519 -56.37 22.15 42.72
CA SER H 519 -55.88 23.10 41.74
C SER H 519 -55.65 24.50 42.32
N ALA H 520 -56.38 25.50 41.82
CA ALA H 520 -56.24 26.86 42.33
C ALA H 520 -56.54 26.99 43.82
N ALA H 521 -57.35 26.08 44.34
CA ALA H 521 -57.74 26.10 45.75
C ALA H 521 -56.84 25.22 46.62
N ALA H 522 -55.79 24.68 46.02
CA ALA H 522 -54.97 23.68 46.68
C ALA H 522 -54.26 24.25 47.91
N GLY H 523 -53.68 25.44 47.74
CA GLY H 523 -52.97 26.13 48.80
C GLY H 523 -53.85 26.41 50.02
N VAL H 524 -55.03 26.97 49.80
CA VAL H 524 -55.93 27.31 50.89
C VAL H 524 -56.49 26.09 51.62
N ALA H 525 -56.76 25.02 50.87
CA ALA H 525 -57.20 23.77 51.48
C ALA H 525 -56.12 23.21 52.40
N GLY H 526 -54.86 23.33 51.98
CA GLY H 526 -53.73 22.88 52.80
C GLY H 526 -53.51 23.72 54.05
N VAL H 527 -53.59 25.03 53.90
CA VAL H 527 -53.43 25.93 55.03
C VAL H 527 -54.54 25.73 56.07
N GLN H 528 -55.77 25.55 55.60
CA GLN H 528 -56.90 25.30 56.48
C GLN H 528 -56.79 23.98 57.24
N LYS H 529 -56.32 22.93 56.57
CA LYS H 529 -56.00 21.68 57.24
C LYS H 529 -55.02 21.91 58.39
N VAL H 530 -53.93 22.62 58.11
CA VAL H 530 -52.88 22.84 59.09
C VAL H 530 -53.37 23.65 60.29
N LEU H 531 -54.13 24.70 60.02
CA LEU H 531 -54.72 25.48 61.10
C LEU H 531 -55.67 24.66 61.95
N LEU H 532 -56.45 23.78 61.32
CA LEU H 532 -57.36 22.90 62.03
C LEU H 532 -56.60 21.90 62.91
N CYS H 533 -55.51 21.37 62.36
CA CYS H 533 -54.61 20.49 63.12
C CYS H 533 -54.08 21.20 64.36
N MET H 534 -53.53 22.40 64.18
CA MET H 534 -53.03 23.17 65.30
C MET H 534 -54.09 23.47 66.36
N ASN H 535 -55.27 23.91 65.92
CA ASN H 535 -56.37 24.23 66.81
C ASN H 535 -56.75 23.06 67.73
N HIS H 536 -56.75 21.86 67.17
CA HIS H 536 -57.12 20.65 67.89
C HIS H 536 -55.93 19.90 68.40
N LYS H 537 -54.75 20.49 68.25
CA LYS H 537 -53.48 19.86 68.60
C LYS H 537 -53.38 18.40 68.19
N THR H 538 -53.71 18.13 66.93
CA THR H 538 -53.92 16.78 66.43
C THR H 538 -53.34 16.64 65.03
N LEU H 539 -52.55 15.61 64.80
CA LEU H 539 -52.16 15.25 63.44
C LEU H 539 -53.10 14.18 62.89
N VAL H 540 -53.45 14.31 61.61
CA VAL H 540 -54.36 13.36 60.98
C VAL H 540 -53.64 12.54 59.92
N PRO H 541 -54.21 11.38 59.55
CA PRO H 541 -53.55 10.50 58.60
C PRO H 541 -53.49 11.11 57.20
N THR H 542 -52.38 10.87 56.50
CA THR H 542 -52.35 10.99 55.05
C THR H 542 -52.66 9.63 54.42
N LEU H 543 -53.43 9.63 53.34
CA LEU H 543 -54.04 8.40 52.83
C LEU H 543 -53.24 7.76 51.70
N ASN H 544 -53.67 6.56 51.30
CA ASN H 544 -53.16 5.90 50.11
C ASN H 544 -51.68 5.55 50.19
N PHE H 545 -51.14 5.52 51.41
CA PHE H 545 -49.73 5.23 51.61
C PHE H 545 -49.52 3.82 52.18
N THR H 546 -49.01 2.91 51.35
CA THR H 546 -48.66 1.58 51.81
C THR H 546 -47.15 1.39 51.94
N THR H 547 -46.41 1.72 50.88
CA THR H 547 -44.97 1.57 50.87
C THR H 547 -44.28 2.82 50.32
N PRO H 548 -43.15 3.21 50.92
CA PRO H 548 -42.48 4.45 50.55
C PRO H 548 -42.04 4.44 49.09
N ASN H 549 -42.10 5.60 48.44
CA ASN H 549 -41.51 5.79 47.12
C ASN H 549 -40.06 5.29 47.09
N GLU H 550 -39.76 4.46 46.11
CA GLU H 550 -38.45 3.81 46.02
C GLU H 550 -37.31 4.82 45.91
N HIS H 551 -37.60 5.99 45.36
CA HIS H 551 -36.57 6.96 45.01
C HIS H 551 -36.22 7.89 46.13
N PHE H 552 -36.79 7.63 47.31
CA PHE H 552 -36.44 8.39 48.50
C PHE H 552 -36.36 7.49 49.74
N GLU H 553 -35.33 7.74 50.55
CA GLU H 553 -35.08 6.94 51.75
C GLU H 553 -35.40 7.71 53.05
N PHE H 554 -36.46 7.26 53.72
CA PHE H 554 -37.05 7.99 54.83
C PHE H 554 -36.28 7.79 56.13
N GLU H 555 -35.66 6.62 56.27
CA GLU H 555 -35.19 6.13 57.56
C GLU H 555 -34.22 7.10 58.22
N HIS H 556 -33.36 7.73 57.41
CA HIS H 556 -32.39 8.68 57.93
C HIS H 556 -32.71 10.09 57.52
N SER H 557 -34.00 10.33 57.28
CA SER H 557 -34.52 11.65 56.94
C SER H 557 -35.07 12.35 58.18
N PRO H 558 -35.11 13.69 58.16
CA PRO H 558 -35.87 14.42 59.17
C PRO H 558 -37.37 14.21 59.02
N LEU H 559 -37.78 13.61 57.90
CA LEU H 559 -39.19 13.49 57.57
C LEU H 559 -39.73 12.08 57.82
N TYR H 560 -41.00 12.00 58.19
CA TYR H 560 -41.72 10.73 58.19
C TYR H 560 -43.17 10.94 57.78
N VAL H 561 -43.70 10.00 57.00
CA VAL H 561 -45.10 10.06 56.60
C VAL H 561 -46.00 9.66 57.77
N ASN H 562 -46.84 10.58 58.22
CA ASN H 562 -47.80 10.25 59.27
C ASN H 562 -49.10 9.65 58.72
N THR H 563 -49.42 8.45 59.21
CA THR H 563 -50.63 7.75 58.79
C THR H 563 -51.56 7.49 59.97
N GLU H 564 -51.23 8.09 61.11
CA GLU H 564 -51.99 7.91 62.34
C GLU H 564 -52.83 9.15 62.66
N LEU H 565 -54.01 8.94 63.23
CA LEU H 565 -54.67 9.97 64.02
C LEU H 565 -54.05 10.00 65.42
N LYS H 566 -53.32 11.06 65.72
CA LYS H 566 -52.58 11.14 66.97
C LYS H 566 -52.44 12.56 67.48
N PRO H 567 -52.13 12.71 68.78
CA PRO H 567 -51.78 14.01 69.35
C PRO H 567 -50.58 14.64 68.65
N TRP H 568 -50.71 15.92 68.32
CA TRP H 568 -49.59 16.72 67.84
C TRP H 568 -48.75 17.17 69.00
N GLU H 569 -47.64 16.49 69.23
CA GLU H 569 -46.81 16.76 70.40
C GLU H 569 -45.80 17.88 70.16
N THR H 570 -45.63 18.72 71.19
CA THR H 570 -44.63 19.77 71.19
C THR H 570 -43.83 19.77 72.50
N ALA H 571 -42.60 20.23 72.44
CA ALA H 571 -41.70 20.19 73.58
C ALA H 571 -41.68 21.51 74.35
N ASP H 572 -41.69 21.41 75.68
CA ASP H 572 -41.69 22.55 76.58
C ASP H 572 -42.49 23.78 76.10
N GLY H 573 -43.78 23.59 75.87
CA GLY H 573 -44.66 24.70 75.51
C GLY H 573 -44.11 25.65 74.47
N LYS H 574 -43.45 25.09 73.46
CA LYS H 574 -43.17 25.80 72.21
C LYS H 574 -44.40 25.72 71.31
N PRO H 575 -44.75 26.83 70.64
CA PRO H 575 -45.84 26.73 69.67
C PRO H 575 -45.49 25.82 68.51
N ARG H 576 -46.46 25.00 68.08
CA ARG H 576 -46.28 24.16 66.91
C ARG H 576 -46.08 25.00 65.66
N ARG H 577 -45.17 24.55 64.79
CA ARG H 577 -44.97 25.18 63.50
C ARG H 577 -45.16 24.17 62.36
N ALA H 578 -45.70 24.66 61.25
CA ALA H 578 -45.89 23.83 60.07
C ALA H 578 -45.66 24.66 58.81
N CYS H 579 -45.31 23.99 57.71
CA CYS H 579 -45.22 24.65 56.41
C CYS H 579 -46.25 24.09 55.43
N VAL H 580 -46.63 24.92 54.46
CA VAL H 580 -47.42 24.46 53.32
C VAL H 580 -46.67 24.79 52.04
N SER H 581 -46.53 23.81 51.16
CA SER H 581 -45.93 24.02 49.85
C SER H 581 -47.00 23.91 48.76
N SER H 582 -46.87 24.74 47.73
CA SER H 582 -47.73 24.62 46.56
C SER H 582 -46.95 24.99 45.30
N PHE H 583 -46.85 24.03 44.39
CA PHE H 583 -46.11 24.24 43.15
C PHE H 583 -47.02 24.16 41.93
N GLY H 584 -46.82 25.09 40.99
CA GLY H 584 -47.66 25.17 39.81
C GLY H 584 -47.05 24.46 38.62
N TYR H 585 -47.87 24.11 37.65
CA TYR H 585 -47.37 23.52 36.42
C TYR H 585 -46.60 24.52 35.56
N SER H 586 -46.78 25.81 35.81
CA SER H 586 -46.11 26.85 35.03
C SER H 586 -44.77 27.23 35.66
N GLY H 587 -44.49 26.66 36.83
CA GLY H 587 -43.17 26.79 37.43
C GLY H 587 -43.07 27.81 38.54
N THR H 588 -44.18 28.47 38.87
CA THR H 588 -44.17 29.41 39.97
C THR H 588 -44.52 28.74 41.29
N ASN H 589 -43.59 28.81 42.23
CA ASN H 589 -43.67 28.07 43.49
C ASN H 589 -44.01 28.98 44.67
N ALA H 590 -44.65 28.41 45.69
CA ALA H 590 -44.91 29.12 46.93
C ALA H 590 -44.77 28.21 48.15
N HIS H 591 -44.40 28.81 49.28
CA HIS H 591 -44.08 28.07 50.50
C HIS H 591 -44.24 29.00 51.68
N ILE H 592 -45.18 28.67 52.55
CA ILE H 592 -45.41 29.48 53.76
C ILE H 592 -45.15 28.72 55.06
N VAL H 593 -44.82 29.47 56.10
CA VAL H 593 -44.62 28.89 57.42
C VAL H 593 -45.64 29.44 58.41
N ILE H 594 -46.37 28.53 59.04
CA ILE H 594 -47.44 28.89 59.98
C ILE H 594 -47.06 28.51 61.40
N GLU H 595 -47.31 29.41 62.34
CA GLU H 595 -47.07 29.11 63.76
C GLU H 595 -48.37 29.12 64.55
N GLU H 596 -48.53 28.14 65.44
CA GLU H 596 -49.63 28.12 66.39
C GLU H 596 -49.69 29.43 67.17
N TYR H 597 -50.88 29.98 67.33
CA TYR H 597 -51.08 31.16 68.17
C TYR H 597 -51.36 30.77 69.62
N GLN H 598 -50.66 31.41 70.54
CA GLN H 598 -50.83 31.13 71.97
C GLN H 598 -51.34 32.35 72.73
N PRO H 599 -52.65 32.41 72.95
CA PRO H 599 -53.27 33.58 73.57
C PRO H 599 -52.96 33.65 75.07
N GLU H 600 -52.92 34.87 75.61
CA GLU H 600 -52.73 35.08 77.04
C GLU H 600 -53.86 34.46 77.86
N ARG H 611 -76.42 33.13 85.10
CA ARG H 611 -76.55 34.34 84.30
C ARG H 611 -77.03 34.03 82.89
N SER H 612 -78.09 34.70 82.47
CA SER H 612 -78.66 34.50 81.13
C SER H 612 -77.95 35.33 80.07
N ALA H 613 -77.77 34.74 78.90
CA ALA H 613 -77.21 35.46 77.75
C ALA H 613 -78.24 35.55 76.62
N LEU H 614 -78.26 36.68 75.93
CA LEU H 614 -79.29 36.96 74.94
C LEU H 614 -78.82 36.57 73.54
N PHE H 615 -79.47 35.56 72.97
CA PHE H 615 -79.08 35.06 71.66
C PHE H 615 -79.96 35.65 70.56
N VAL H 616 -79.32 36.14 69.51
CA VAL H 616 -80.01 36.77 68.38
C VAL H 616 -79.58 36.22 67.02
N LEU H 617 -80.57 35.87 66.20
CA LEU H 617 -80.35 35.36 64.86
C LEU H 617 -81.22 36.13 63.87
N SER H 618 -80.70 36.34 62.67
CA SER H 618 -81.46 37.00 61.61
C SER H 618 -81.05 36.57 60.21
N ALA H 619 -82.01 36.56 59.29
CA ALA H 619 -81.73 36.28 57.88
C ALA H 619 -82.67 37.08 56.97
N LYS H 620 -82.39 37.02 55.67
CA LYS H 620 -83.10 37.86 54.71
C LYS H 620 -84.45 37.30 54.30
N LYS H 621 -84.62 35.98 54.49
CA LYS H 621 -85.90 35.31 54.34
C LYS H 621 -86.15 34.35 55.49
N GLU H 622 -87.41 34.09 55.80
CA GLU H 622 -87.75 33.28 56.96
C GLU H 622 -87.22 31.86 56.83
N LYS H 623 -87.21 31.35 55.61
CA LYS H 623 -86.70 30.01 55.33
C LYS H 623 -85.24 29.88 55.76
N GLN H 624 -84.48 30.94 55.50
CA GLN H 624 -83.06 30.96 55.81
C GLN H 624 -82.80 31.15 57.30
N LEU H 625 -83.71 31.86 57.98
CA LEU H 625 -83.63 31.97 59.44
C LEU H 625 -83.79 30.59 60.06
N LYS H 626 -84.74 29.82 59.54
CA LYS H 626 -84.96 28.46 60.03
C LYS H 626 -83.73 27.59 59.82
N ALA H 627 -83.11 27.75 58.67
CA ALA H 627 -81.86 27.06 58.35
C ALA H 627 -80.73 27.49 59.28
N TYR H 628 -80.71 28.78 59.61
CA TYR H 628 -79.69 29.34 60.49
C TYR H 628 -79.84 28.76 61.89
N ALA H 629 -81.08 28.64 62.36
CA ALA H 629 -81.35 28.06 63.67
C ALA H 629 -80.94 26.59 63.75
N GLU H 630 -81.18 25.84 62.68
CA GLU H 630 -80.75 24.46 62.59
C GLU H 630 -79.24 24.32 62.65
N ALA H 631 -78.52 25.17 61.91
CA ALA H 631 -77.07 25.14 61.90
C ALA H 631 -76.48 25.42 63.27
N MET H 632 -77.12 26.35 64.00
CA MET H 632 -76.64 26.73 65.32
C MET H 632 -76.88 25.60 66.32
N LYS H 633 -78.05 24.97 66.22
CA LYS H 633 -78.40 23.86 67.11
C LYS H 633 -77.44 22.70 66.95
N ASP H 634 -77.17 22.33 65.70
CA ASP H 634 -76.19 21.31 65.39
C ASP H 634 -74.81 21.68 65.93
N PHE H 635 -74.42 22.94 65.76
CA PHE H 635 -73.15 23.42 66.26
C PHE H 635 -73.05 23.31 67.78
N VAL H 636 -74.11 23.73 68.48
CA VAL H 636 -74.11 23.71 69.94
C VAL H 636 -74.15 22.27 70.46
N THR H 637 -74.92 21.43 69.78
CA THR H 637 -74.96 20.00 70.08
C THR H 637 -73.59 19.36 69.94
N SER H 638 -72.87 19.73 68.87
CA SER H 638 -71.58 19.13 68.56
C SER H 638 -70.45 19.62 69.45
N ASN H 639 -70.67 20.77 70.09
CA ASN H 639 -69.61 21.45 70.83
C ASN H 639 -70.01 21.67 72.28
N GLU H 640 -69.72 20.68 73.13
CA GLU H 640 -70.22 20.67 74.49
C GLU H 640 -69.57 21.73 75.38
N ASP H 641 -68.45 22.29 74.91
CA ASP H 641 -67.69 23.24 75.71
C ASP H 641 -67.86 24.71 75.28
N ILE H 642 -68.84 24.98 74.44
CA ILE H 642 -69.03 26.35 73.94
C ILE H 642 -69.26 27.33 75.09
N ASP H 643 -68.54 28.45 75.04
CA ASP H 643 -68.80 29.57 75.95
C ASP H 643 -70.04 30.33 75.49
N LEU H 644 -71.10 30.27 76.30
CA LEU H 644 -72.38 30.86 75.93
C LEU H 644 -72.32 32.37 75.78
N GLU H 645 -71.53 33.02 76.63
CA GLU H 645 -71.39 34.47 76.58
C GLU H 645 -70.67 34.97 75.33
N ASP H 646 -69.61 34.26 74.95
CA ASP H 646 -68.91 34.55 73.70
C ASP H 646 -69.84 34.37 72.50
N MET H 647 -70.60 33.29 72.49
CA MET H 647 -71.47 32.98 71.36
C MET H 647 -72.55 34.03 71.16
N ALA H 648 -73.25 34.38 72.23
CA ALA H 648 -74.23 35.46 72.17
C ALA H 648 -73.58 36.75 71.71
N TYR H 649 -72.43 37.08 72.28
CA TYR H 649 -71.68 38.27 71.90
C TYR H 649 -71.39 38.28 70.41
N THR H 650 -71.03 37.12 69.87
CA THR H 650 -70.73 36.97 68.45
C THR H 650 -71.97 37.16 67.59
N LEU H 651 -73.10 36.66 68.06
CA LEU H 651 -74.36 36.83 67.34
C LEU H 651 -74.83 38.28 67.38
N GLN H 652 -74.60 38.94 68.51
CA GLN H 652 -74.93 40.35 68.68
C GLN H 652 -74.06 41.25 67.78
N THR H 653 -72.76 41.19 67.96
CA THR H 653 -71.87 42.20 67.39
C THR H 653 -71.21 41.79 66.07
N GLY H 654 -71.27 40.51 65.74
CA GLY H 654 -70.50 39.99 64.61
C GLY H 654 -71.37 39.42 63.51
N ARG H 655 -72.67 39.74 63.57
CA ARG H 655 -73.59 39.43 62.49
C ARG H 655 -74.47 40.63 62.20
N GLU H 656 -74.78 40.82 60.92
CA GLU H 656 -75.69 41.88 60.49
C GLU H 656 -77.12 41.54 60.91
N ALA H 657 -77.78 42.48 61.58
CA ALA H 657 -79.20 42.37 61.87
C ALA H 657 -80.00 42.54 60.59
N MET H 658 -80.53 41.43 60.07
CA MET H 658 -81.34 41.47 58.86
C MET H 658 -82.82 41.46 59.19
N ASP H 659 -83.67 41.28 58.18
CA ASP H 659 -85.08 41.64 58.28
C ASP H 659 -85.92 40.63 59.06
N TYR H 660 -85.58 39.35 58.95
CA TYR H 660 -86.29 38.31 59.68
C TYR H 660 -85.51 37.91 60.93
N ARG H 661 -86.12 38.08 62.09
CA ARG H 661 -85.39 38.02 63.35
C ARG H 661 -86.00 37.04 64.33
N MET H 662 -85.12 36.36 65.08
CA MET H 662 -85.54 35.71 66.31
C MET H 662 -84.50 35.93 67.42
N ALA H 663 -84.95 35.90 68.66
CA ALA H 663 -84.03 36.02 69.79
C ALA H 663 -84.59 35.24 70.98
N PHE H 664 -83.72 34.91 71.92
CA PHE H 664 -84.13 34.18 73.11
C PHE H 664 -83.06 34.27 74.20
N LEU H 665 -83.48 34.05 75.43
CA LEU H 665 -82.57 33.96 76.57
C LEU H 665 -82.24 32.50 76.83
N ALA H 666 -81.03 32.28 77.34
CA ALA H 666 -80.64 30.96 77.82
C ALA H 666 -79.52 31.13 78.85
N ASP H 667 -79.56 30.34 79.91
CA ASP H 667 -78.47 30.37 80.89
C ASP H 667 -77.64 29.09 80.89
N SER H 668 -77.91 28.19 79.95
CA SER H 668 -77.17 26.94 79.85
C SER H 668 -77.24 26.33 78.45
N ARG H 669 -76.28 25.48 78.14
CA ARG H 669 -76.27 24.75 76.87
C ARG H 669 -77.60 24.03 76.61
N GLU H 670 -78.14 23.43 77.67
CA GLU H 670 -79.35 22.63 77.56
C GLU H 670 -80.56 23.50 77.24
N MET H 671 -80.64 24.64 77.91
CA MET H 671 -81.68 25.65 77.66
C MET H 671 -81.56 26.20 76.24
N LEU H 672 -80.34 26.49 75.81
CA LEU H 672 -80.05 26.97 74.46
C LEU H 672 -80.54 25.99 73.40
N ILE H 673 -80.17 24.72 73.56
CA ILE H 673 -80.60 23.69 72.62
C ILE H 673 -82.12 23.55 72.61
N LYS H 674 -82.71 23.64 73.80
CA LYS H 674 -84.16 23.51 73.95
C LYS H 674 -84.88 24.65 73.21
N ALA H 675 -84.38 25.87 73.40
CA ALA H 675 -85.00 27.03 72.78
C ALA H 675 -85.02 26.89 71.26
N LEU H 676 -83.87 26.52 70.70
CA LEU H 676 -83.74 26.40 69.25
C LEU H 676 -84.62 25.26 68.74
N ASP H 677 -84.67 24.18 69.51
CA ASP H 677 -85.60 23.09 69.23
C ASP H 677 -87.03 23.60 69.21
N ASP H 678 -87.42 24.31 70.27
CA ASP H 678 -88.77 24.85 70.38
C ASP H 678 -89.10 25.75 69.19
N TYR H 679 -88.15 26.61 68.84
CA TYR H 679 -88.32 27.51 67.70
C TYR H 679 -88.62 26.70 66.43
N LEU H 680 -87.81 25.68 66.19
CA LEU H 680 -87.90 24.92 64.95
C LEU H 680 -89.17 24.07 64.91
N ALA H 681 -89.52 23.49 66.06
CA ALA H 681 -90.69 22.64 66.16
C ALA H 681 -91.97 23.44 66.34
N GLU H 682 -91.83 24.77 66.46
CA GLU H 682 -92.96 25.66 66.68
C GLU H 682 -93.74 25.33 67.95
N MET H 683 -93.01 24.86 68.97
CA MET H 683 -93.57 24.70 70.31
C MET H 683 -93.46 26.00 71.09
N PRO H 684 -94.60 26.53 71.58
CA PRO H 684 -94.55 27.80 72.28
C PRO H 684 -93.57 27.78 73.44
N ASN H 685 -92.79 28.86 73.56
CA ASN H 685 -91.75 28.98 74.56
C ASN H 685 -91.65 30.45 74.95
N GLY H 686 -91.77 30.75 76.23
CA GLY H 686 -91.88 32.13 76.70
C GLY H 686 -90.59 32.93 76.59
N SER H 687 -89.50 32.22 76.30
CA SER H 687 -88.19 32.82 76.14
C SER H 687 -87.87 33.20 74.70
N ILE H 688 -88.75 32.82 73.78
CA ILE H 688 -88.49 32.99 72.35
C ILE H 688 -89.30 34.10 71.70
N PHE H 689 -88.60 34.98 70.98
CA PHE H 689 -89.23 36.09 70.28
C PHE H 689 -88.87 36.07 68.80
N ALA H 690 -89.83 36.40 67.95
CA ALA H 690 -89.59 36.40 66.51
C ALA H 690 -90.52 37.37 65.78
N ALA H 691 -89.98 38.02 64.75
CA ALA H 691 -90.73 39.01 63.99
C ALA H 691 -90.06 39.30 62.66
N HIS H 692 -90.86 39.74 61.70
CA HIS H 692 -90.36 40.37 60.49
C HIS H 692 -90.38 41.87 60.64
N VAL H 693 -89.23 42.50 60.49
CA VAL H 693 -88.99 43.88 60.92
C VAL H 693 -89.89 44.89 60.22
N LYS H 694 -90.19 44.62 58.94
CA LYS H 694 -90.99 45.52 58.13
C LYS H 694 -92.43 45.63 58.61
N THR H 695 -92.83 44.70 59.47
CA THR H 695 -94.21 44.57 59.91
C THR H 695 -94.45 45.33 61.21
N LYS H 696 -93.36 45.74 61.86
CA LYS H 696 -93.40 46.19 63.24
C LYS H 696 -92.93 47.63 63.42
N LYS H 697 -92.81 48.37 62.32
CA LYS H 697 -92.24 49.72 62.34
C LYS H 697 -92.94 50.67 63.32
N SER H 698 -94.26 50.73 63.20
CA SER H 698 -95.05 51.66 64.00
C SER H 698 -94.91 51.36 65.49
N GLU H 699 -94.55 50.11 65.80
CA GLU H 699 -94.55 49.61 67.17
C GLU H 699 -93.26 49.94 67.91
N ILE H 700 -92.21 50.27 67.15
CA ILE H 700 -90.90 50.57 67.72
C ILE H 700 -90.55 52.05 67.66
N LYS H 701 -91.35 52.82 66.92
CA LYS H 701 -91.14 54.26 66.82
C LYS H 701 -91.14 54.92 68.19
N LEU H 702 -91.94 54.40 69.10
CA LEU H 702 -92.06 54.95 70.45
C LEU H 702 -90.71 55.02 71.17
N PHE H 703 -89.74 54.23 70.71
CA PHE H 703 -88.47 54.09 71.40
C PHE H 703 -87.30 54.78 70.72
N GLU H 704 -87.49 55.21 69.48
CA GLU H 704 -86.39 55.67 68.65
C GLU H 704 -86.04 57.14 68.84
N THR H 705 -87.01 57.93 69.29
CA THR H 705 -86.90 59.38 69.25
C THR H 705 -87.09 60.06 70.59
N ASP H 706 -87.96 59.49 71.43
CA ASP H 706 -88.22 60.03 72.75
C ASP H 706 -87.03 59.85 73.70
N HIS H 707 -86.79 60.87 74.51
CA HIS H 707 -85.63 60.91 75.39
C HIS H 707 -85.80 60.05 76.61
N ASP H 708 -87.04 59.89 77.05
CA ASP H 708 -87.35 59.07 78.22
C ASP H 708 -87.47 57.59 77.84
N ALA H 709 -87.90 57.32 76.61
CA ALA H 709 -87.99 55.97 76.09
C ALA H 709 -86.59 55.38 75.92
N LYS H 710 -85.69 56.15 75.34
CA LYS H 710 -84.29 55.78 75.23
C LYS H 710 -83.67 55.54 76.60
N ALA H 711 -84.04 56.37 77.58
CA ALA H 711 -83.57 56.23 78.95
C ALA H 711 -84.11 54.98 79.63
N LEU H 712 -85.34 54.60 79.29
CA LEU H 712 -85.93 53.36 79.77
C LEU H 712 -85.32 52.13 79.10
N LEU H 713 -85.13 52.21 77.78
CA LEU H 713 -84.39 51.20 77.05
C LEU H 713 -82.95 51.07 77.55
N GLN H 714 -82.27 52.20 77.73
CA GLN H 714 -80.92 52.20 78.27
C GLN H 714 -80.88 51.64 79.70
N THR H 715 -81.93 51.94 80.46
CA THR H 715 -82.15 51.33 81.77
C THR H 715 -82.29 49.82 81.67
N TRP H 716 -83.01 49.36 80.65
CA TRP H 716 -83.23 47.93 80.44
C TRP H 716 -81.93 47.23 80.05
N ILE H 717 -81.27 47.74 79.01
CA ILE H 717 -80.02 47.18 78.54
C ILE H 717 -79.08 46.88 79.69
N GLU H 718 -79.27 47.59 80.80
CA GLU H 718 -78.47 47.41 82.00
C GLU H 718 -79.36 46.97 83.15
N LYS H 719 -80.67 47.08 82.95
CA LYS H 719 -81.64 46.69 83.96
C LYS H 719 -81.69 45.20 84.26
N LYS H 720 -80.97 44.41 83.46
CA LYS H 720 -80.91 42.97 83.63
C LYS H 720 -82.18 42.41 82.99
N ARG H 721 -82.89 43.26 82.24
CA ARG H 721 -84.12 42.82 81.58
C ARG H 721 -83.87 42.48 80.12
N LEU H 722 -83.26 41.33 79.88
CA LEU H 722 -82.95 40.89 78.53
C LEU H 722 -84.21 40.60 77.72
N GLU H 723 -85.24 40.08 78.37
CA GLU H 723 -86.49 39.75 77.69
C GLU H 723 -87.01 40.96 76.92
N LYS H 724 -86.95 42.13 77.55
CA LYS H 724 -87.43 43.37 76.96
C LYS H 724 -86.59 43.81 75.76
N VAL H 725 -85.27 43.84 75.95
CA VAL H 725 -84.34 44.12 74.86
C VAL H 725 -84.61 43.18 73.69
N ALA H 726 -84.90 41.92 74.02
CA ALA H 726 -85.12 40.88 73.03
C ALA H 726 -86.36 41.15 72.18
N GLU H 727 -87.48 41.42 72.84
CA GLU H 727 -88.72 41.69 72.13
C GLU H 727 -88.54 42.87 71.17
N LEU H 728 -87.86 43.90 71.65
CA LEU H 728 -87.70 45.13 70.88
C LEU H 728 -86.75 44.92 69.70
N TRP H 729 -85.67 44.19 69.94
CA TRP H 729 -84.69 43.94 68.90
C TRP H 729 -85.26 43.20 67.72
N VAL H 730 -86.07 42.16 67.99
CA VAL H 730 -86.66 41.38 66.92
C VAL H 730 -87.65 42.21 66.11
N LYS H 731 -88.22 43.24 66.74
CA LYS H 731 -89.15 44.12 66.05
C LYS H 731 -88.46 45.20 65.23
N GLY H 732 -87.15 45.36 65.44
CA GLY H 732 -86.35 46.24 64.58
C GLY H 732 -85.61 47.36 65.30
N LEU H 733 -85.77 47.44 66.61
CA LEU H 733 -85.08 48.47 67.39
C LEU H 733 -83.58 48.21 67.40
N GLN H 734 -82.81 49.24 67.11
CA GLN H 734 -81.35 49.14 67.15
C GLN H 734 -80.85 49.15 68.59
N ILE H 735 -80.06 48.13 68.94
CA ILE H 735 -79.57 47.99 70.30
C ILE H 735 -78.07 48.24 70.38
N ASP H 736 -77.65 49.10 71.29
CA ASP H 736 -76.23 49.34 71.51
C ASP H 736 -75.65 48.23 72.38
N TRP H 737 -75.12 47.20 71.72
CA TRP H 737 -74.75 45.97 72.40
C TRP H 737 -73.67 46.15 73.42
N ASN H 738 -72.80 47.12 73.18
CA ASN H 738 -71.72 47.43 74.11
C ASN H 738 -72.23 47.78 75.51
N LYS H 739 -73.42 48.36 75.58
CA LYS H 739 -74.01 48.77 76.85
C LYS H 739 -74.39 47.57 77.72
N LEU H 740 -74.46 46.39 77.11
CA LEU H 740 -74.80 45.17 77.81
C LEU H 740 -73.66 44.70 78.72
N TYR H 741 -72.47 45.26 78.52
CA TYR H 741 -71.27 44.76 79.16
C TYR H 741 -70.51 45.86 79.89
N GLY H 742 -70.24 45.63 81.17
CA GLY H 742 -69.47 46.58 81.98
C GLY H 742 -67.97 46.68 81.83
N GLU H 743 -67.25 45.70 82.35
CA GLU H 743 -65.79 45.67 82.21
C GLU H 743 -65.33 44.21 82.16
N TYR H 744 -66.28 43.28 82.17
CA TYR H 744 -66.10 42.03 81.42
C TYR H 744 -66.83 42.07 80.09
N THR H 745 -66.05 42.07 79.00
CA THR H 745 -66.60 41.94 77.66
C THR H 745 -66.18 40.59 77.08
N PRO H 746 -67.15 39.81 76.57
CA PRO H 746 -66.87 38.54 75.91
C PRO H 746 -66.17 38.73 74.58
N ARG H 747 -65.70 37.62 74.00
CA ARG H 747 -64.94 37.67 72.76
C ARG H 747 -65.67 37.01 71.60
N ARG H 748 -65.48 37.55 70.40
CA ARG H 748 -65.99 36.92 69.19
C ARG H 748 -65.36 35.55 69.01
N ILE H 749 -66.17 34.58 68.58
CA ILE H 749 -65.67 33.25 68.25
C ILE H 749 -66.22 32.77 66.91
N SER H 750 -65.64 31.67 66.41
CA SER H 750 -66.14 31.03 65.20
C SER H 750 -67.52 30.43 65.41
N LEU H 751 -68.48 30.85 64.59
CA LEU H 751 -69.80 30.25 64.57
C LEU H 751 -70.18 29.96 63.12
N PRO H 752 -71.20 29.10 62.92
CA PRO H 752 -71.80 28.88 61.61
C PRO H 752 -72.17 30.20 60.93
N ALA H 753 -71.87 30.30 59.64
CA ALA H 753 -72.13 31.53 58.88
C ALA H 753 -73.46 31.43 58.17
N TYR H 754 -73.82 32.48 57.44
CA TYR H 754 -75.10 32.55 56.76
C TYR H 754 -75.38 31.29 55.95
N PRO H 755 -76.60 30.76 56.08
CA PRO H 755 -77.02 29.61 55.29
C PRO H 755 -77.73 30.06 54.01
N PHE H 756 -76.97 30.26 52.94
CA PHE H 756 -77.53 30.82 51.71
C PHE H 756 -78.69 30.00 51.18
N ALA H 757 -79.68 30.68 50.59
CA ALA H 757 -80.71 30.03 49.80
C ALA H 757 -80.08 29.15 48.73
N GLU H 758 -80.62 27.94 48.54
CA GLU H 758 -80.00 26.96 47.66
C GLU H 758 -80.72 26.81 46.32
N GLU H 759 -80.75 27.91 45.57
CA GLU H 759 -81.51 27.99 44.33
C GLU H 759 -80.63 27.61 43.14
N TYR H 760 -81.22 26.87 42.21
CA TYR H 760 -80.50 26.33 41.06
C TYR H 760 -80.40 27.37 39.95
N TYR H 761 -79.17 27.63 39.48
CA TYR H 761 -78.96 28.43 38.28
C TYR H 761 -77.91 27.81 37.38
N TRP H 762 -78.23 27.68 36.10
CA TRP H 762 -77.28 27.16 35.13
C TRP H 762 -77.47 27.84 33.80
N LEU H 763 -76.88 27.27 32.76
CA LEU H 763 -76.89 27.87 31.43
C LEU H 763 -78.31 28.23 30.99
N PRO H 764 -78.50 29.45 30.47
CA PRO H 764 -79.82 29.93 30.07
C PRO H 764 -80.28 29.37 28.73
#